data_9IKZ
#
_entry.id   9IKZ
#
_cell.length_a   1.00
_cell.length_b   1.00
_cell.length_c   1.00
_cell.angle_alpha   90.00
_cell.angle_beta   90.00
_cell.angle_gamma   90.00
#
_symmetry.space_group_name_H-M   'P 1'
#
loop_
_entity.id
_entity.type
_entity.pdbx_description
1 polymer 'RNA-directed RNA polymerase nsp12'
2 polymer 'Non-structural protein 8'
3 polymer 'Non-structural protein 7'
4 polymer 'Helicase nsp13'
5 polymer 'Viral protein genome-linked nsp9'
6 polymer 'RNA (25-MER)'
7 polymer 'RNA (27-MER)'
8 non-polymer 'ZINC ION'
9 non-polymer "GUANOSINE-5'-DIPHOSPHATE"
10 non-polymer 'BERYLLIUM TRIFLUORIDE ION'
11 non-polymer 'MAGNESIUM ION'
#
loop_
_entity_poly.entity_id
_entity_poly.type
_entity_poly.pdbx_seq_one_letter_code
_entity_poly.pdbx_strand_id
1 'polypeptide(L)'
;SADAQSFLNRVCGVSAARLTPCGTGTSTDVVYRAFDIYNDKVAGFAKFLKTNCCRFQEKDEDDNLIDSYFVVKRHTFSNY
QHEETIYNLLKDCPAVAKHDFFKFRIDGDMVPHISRQRLTKYTMADLVYALRHFDEGNCDTLKEILVTYNCCDDDYFNKK
DWYDFVENPDILRVYANLGERVRQALLKTVQFCDAMRNAGIVGVLTLDNQDLNGNWYDFGDFIQTTPGSGVPVVDSYYSL
LMPILTLTRALTAESHVDTDLTKPYIKWDLLKYDFTEERLKLFDRYFKYWDQTYHPNCVNCLDDRCILHCANFNVLFSTV
FPPTSFGPLVRKIFVDGVPFVVSTGYHFRELGVVHNQDVNLHSSRLSFKELLVYAADPAMHAASGNLLLDKRTTCFSVAA
LTNNVAFQTVKPGNFNKDFYDFAVSKGFFKEGSSVELKHFFFAQDGNAAISDYDYYRYNLPTMCDIRQLLFVVEVVDKYF
DCYDGGCINANQVIVNNLDKSAGFPFNKWGKARLYYDSMSYEDQDALFAYTKRNVIPTITQMNLKYAISAKNRARTVAGV
SICSTMTNRQFHQKLLKSIAATRGATVVIGTSKFYGGWHNMLKTVYSDVENPHLMGWDYPKCDRAMPNMLRIMASLVLAR
KHTTCCSLSHRFYRLANECAQVLSEMVMCGGSLYVKPGGTSSGDATTAYANSVFNICQAVTANVNALLSTDGNKIADKYV
RNLQHRLYECLYRNRDVDTDFVNEFYAYLRKHFSMMILSDDAVVCFNSTYASQGLVASIKNFKSVLYYQNNVFMSEAKCW
TETDLTKGPHEFCSQHTMLVKQGDDYVYLPYPDPSRILGAGCFVDDIVKTDGTLMIERFVSLAIDAYPLTKHPNQEYADV
FHLYLQYIRKLHDELTGHMLDMYSVMLTNDNTSRYWEPEFYEAMYTPHTVL
;
A
2 'polypeptide(L)'
;FSSLPSYAAFATAQEAYEQAVANGDSEVVLKKLKKSLNVAKSEFDRDAAMQRKLEKMADQAMTQMYKQARSEDKRAKVTS
AMQTMLFTMLRKLDNDALNNIINNARDGCVPLNIIPLTTAAKLMVVIPDYNTYKNTCDGTTFTYASALWEIQQVVDADSK
IVQLSEISMDNSPNLAWPLIVTALRAN
;
B,D
3 'polypeptide(L)' SKMSDVKCTSVVLLSVLQQLRVESSSKLWAQCVQLHNDILLAKDTTEAFEKMVSLLSVLLSMQGAVDINKLCEEMLDN C
4 'polypeptide(L)'
;AVGACVLCNSQTSLRCGACIRRPFLCCKCCYDHVISTSHKLVLSVNPYVCNAPGCDVTDVTQLYLGGMSYYCKSHKPPIS
FPLCANGQVFGLYKNTCVGSDNVTDFNAIATCDWTNAGDYILANTCTERLKLFAAETLKATEETFKLSYGIATVREVLSD
RELHLSWEVGKPRPPLNRNYVFTGYRVTKNSKVQIGEYTFEKGDYGDAVVYRGTTTYKLNVGDYFVLTSHTVMPLSAPTL
VPQEHYVRITGLYPTLNISDEFSSNVANYQKVGMQKYSTLQGPPGTGKSHFAIGLALYYPSARIVYTACSHAAVDALCEK
ALKYLPIDKCSRIIPARARVECFDKFKVNSTLEQYVFCTVNALPETTADIVVFDEISMATNYDLSVVNARLRAKHYVYIG
DPAQLPAPRTLLTKGTLEPEYFNSVCRLMKTIGPDMFLGTCRRCPAEIVDTVSALVYDNKLKAHKDKSAQCFKMFYKGVI
THDVSSAINRPQIGVVREFLTRNPAWRKAVFISPYNSQNAVASKILGLPTQTVDSSQGSEYDYVIFTQTTETAHSCNVNR
FNVAITRAKVGILCIMSDRDLYDKLQFTSLEIP
;
E,F
5 'polypeptide(L)'
;NNELSPVALRQMSCAAGTTQTACTDDNALAYYNTTKGGRFVLALLSDLQDLKWARFPKSDGTGTIYTELEPPCRFVTDTP
KGPKVKYLYFIKGLNNLNRGMVLGSLAATVRLQ
;
G
6 'polyribonucleotide' GCGGUAGUAGCAUGCUAGGGAGCAG I
7 'polyribonucleotide' UGACUGCUCCCUAGCAUGCUACUACCG J
#
# COMPACT_ATOMS: atom_id res chain seq x y z
N SER A 1 -36.58 84.70 27.70
CA SER A 1 -35.21 84.22 27.59
C SER A 1 -34.53 84.77 26.35
N ALA A 2 -34.61 84.01 25.25
CA ALA A 2 -34.08 84.37 23.94
C ALA A 2 -32.55 84.33 23.91
N ASP A 3 -31.94 84.04 25.06
CA ASP A 3 -30.48 83.93 25.13
C ASP A 3 -30.07 82.50 24.82
N ALA A 4 -31.04 81.62 24.59
CA ALA A 4 -30.75 80.23 24.24
C ALA A 4 -31.04 79.97 22.78
N GLN A 5 -32.14 80.53 22.28
CA GLN A 5 -32.49 80.33 20.87
C GLN A 5 -31.60 81.21 20.00
N SER A 6 -30.90 82.17 20.58
CA SER A 6 -29.92 82.93 19.81
C SER A 6 -28.65 82.13 19.54
N PHE A 7 -28.26 81.26 20.47
CA PHE A 7 -27.13 80.37 20.24
C PHE A 7 -27.40 79.42 19.07
N LEU A 8 -28.63 78.90 19.00
CA LEU A 8 -29.01 77.98 17.94
C LEU A 8 -28.98 78.69 16.59
N ASN A 9 -29.06 80.03 16.61
CA ASN A 9 -29.01 80.82 15.39
C ASN A 9 -27.61 81.33 15.05
N ARG A 10 -26.69 81.37 16.01
CA ARG A 10 -25.31 81.72 15.70
C ARG A 10 -24.47 80.51 15.35
N VAL A 11 -24.83 79.34 15.88
CA VAL A 11 -24.17 78.10 15.46
C VAL A 11 -24.38 77.87 13.98
N CYS A 12 -25.59 78.11 13.50
CA CYS A 12 -25.90 78.10 12.08
C CYS A 12 -25.19 79.27 11.40
N GLY A 13 -25.41 79.40 10.09
CA GLY A 13 -24.75 80.43 9.33
C GLY A 13 -25.19 80.47 7.88
N VAL A 14 -24.21 80.52 6.97
CA VAL A 14 -24.53 80.55 5.55
C VAL A 14 -25.28 79.30 5.09
N SER A 15 -25.13 78.18 5.79
CA SER A 15 -25.85 76.96 5.44
C SER A 15 -27.31 77.06 5.90
N ALA A 16 -28.12 76.10 5.44
CA ALA A 16 -29.50 76.05 5.87
C ALA A 16 -29.58 75.56 7.30
N ALA A 17 -29.22 74.29 7.52
CA ALA A 17 -28.93 73.76 8.86
C ALA A 17 -30.05 74.02 9.86
N ARG A 18 -31.20 73.40 9.66
CA ARG A 18 -32.33 73.52 10.59
C ARG A 18 -32.03 72.63 11.79
N LEU A 19 -31.34 73.20 12.77
CA LEU A 19 -30.83 72.44 13.90
C LEU A 19 -31.88 72.27 14.99
N THR A 20 -31.66 71.26 15.82
CA THR A 20 -32.47 71.01 17.00
C THR A 20 -31.48 70.86 18.15
N PRO A 21 -31.71 71.52 19.28
CA PRO A 21 -30.77 71.41 20.40
C PRO A 21 -30.80 70.03 21.03
N CYS A 22 -29.67 69.66 21.61
CA CYS A 22 -29.54 68.37 22.29
C CYS A 22 -28.97 68.47 23.70
N GLY A 23 -28.50 69.65 24.12
CA GLY A 23 -27.89 69.79 25.42
C GLY A 23 -28.68 70.63 26.41
N THR A 24 -29.98 70.78 26.15
CA THR A 24 -30.87 71.54 27.03
C THR A 24 -30.41 72.98 27.21
N GLY A 25 -30.46 73.76 26.13
CA GLY A 25 -30.10 75.16 26.24
C GLY A 25 -28.68 75.44 25.80
N THR A 26 -28.08 76.42 26.47
CA THR A 26 -26.72 76.86 26.17
C THR A 26 -25.66 76.06 26.92
N SER A 27 -26.03 74.90 27.44
CA SER A 27 -25.11 74.06 28.21
C SER A 27 -24.51 72.98 27.32
N THR A 28 -23.49 72.32 27.86
CA THR A 28 -22.78 71.29 27.12
C THR A 28 -23.54 69.98 27.13
N ASP A 29 -22.89 68.90 26.68
CA ASP A 29 -23.51 67.58 26.67
C ASP A 29 -22.46 66.55 27.05
N VAL A 30 -22.81 65.66 27.97
CA VAL A 30 -21.88 64.67 28.52
C VAL A 30 -22.07 63.35 27.77
N VAL A 31 -20.96 62.79 27.29
CA VAL A 31 -21.00 61.54 26.53
C VAL A 31 -19.92 60.60 27.06
N TYR A 32 -20.09 59.31 26.77
CA TYR A 32 -19.13 58.27 27.12
C TYR A 32 -18.58 57.70 25.81
N ARG A 33 -17.33 58.04 25.49
CA ARG A 33 -16.79 57.74 24.17
C ARG A 33 -15.38 57.19 24.29
N ALA A 34 -14.95 56.48 23.26
CA ALA A 34 -13.62 55.87 23.23
C ALA A 34 -12.58 56.86 22.73
N PHE A 35 -11.40 56.83 23.35
CA PHE A 35 -10.31 57.75 23.06
C PHE A 35 -8.99 56.99 23.11
N ASP A 36 -8.00 57.59 22.47
CA ASP A 36 -6.63 57.09 22.43
C ASP A 36 -5.75 58.20 22.99
N ILE A 37 -5.26 58.02 24.22
CA ILE A 37 -4.65 59.10 24.98
C ILE A 37 -3.16 58.83 25.18
N TYR A 38 -2.38 59.91 25.21
CA TYR A 38 -1.01 59.87 25.69
C TYR A 38 -0.57 61.27 26.13
N ASN A 39 -0.63 61.58 27.42
CA ASN A 39 -0.31 62.94 27.84
C ASN A 39 0.47 63.05 29.15
N ASP A 40 1.49 62.22 29.34
CA ASP A 40 2.44 62.37 30.44
C ASP A 40 1.78 61.97 31.78
N LYS A 41 0.46 61.81 31.78
CA LYS A 41 -0.21 61.34 32.98
C LYS A 41 -0.92 60.03 32.67
N VAL A 42 -1.70 60.01 31.58
CA VAL A 42 -2.46 58.84 31.20
C VAL A 42 -1.93 58.31 29.88
N ALA A 43 -2.31 57.08 29.53
CA ALA A 43 -2.02 56.47 28.24
C ALA A 43 -2.92 55.26 28.09
N GLY A 44 -3.45 55.08 26.90
CA GLY A 44 -4.24 53.88 26.62
C GLY A 44 -5.36 54.17 25.64
N PHE A 45 -6.00 53.10 25.23
CA PHE A 45 -7.17 53.13 24.34
C PHE A 45 -8.36 52.74 25.19
N ALA A 46 -9.10 53.72 25.69
CA ALA A 46 -10.10 53.46 26.72
C ALA A 46 -11.30 54.35 26.52
N LYS A 47 -12.40 54.01 27.18
CA LYS A 47 -13.64 54.77 27.11
C LYS A 47 -13.66 55.79 28.25
N PHE A 48 -13.54 57.06 27.90
CA PHE A 48 -13.57 58.15 28.86
C PHE A 48 -14.89 58.92 28.75
N LEU A 49 -15.06 59.99 29.50
CA LEU A 49 -16.28 60.81 29.47
C LEU A 49 -16.03 62.25 29.04
N LYS A 50 -16.74 62.77 28.04
CA LYS A 50 -16.48 64.11 27.52
C LYS A 50 -17.44 65.15 28.01
N THR A 51 -16.97 66.36 28.25
CA THR A 51 -17.82 67.38 28.85
C THR A 51 -17.75 68.77 28.28
N ASN A 52 -16.88 69.03 27.33
CA ASN A 52 -16.72 70.36 26.79
C ASN A 52 -17.46 70.61 25.49
N CYS A 53 -18.38 69.76 25.09
CA CYS A 53 -19.00 69.89 23.78
C CYS A 53 -20.50 69.91 23.72
N CYS A 54 -21.10 70.87 23.02
CA CYS A 54 -22.54 71.00 22.82
C CYS A 54 -22.89 70.48 21.43
N ARG A 55 -23.87 69.59 21.37
CA ARG A 55 -24.23 68.91 20.13
C ARG A 55 -25.59 69.40 19.66
N PHE A 56 -25.68 69.72 18.36
CA PHE A 56 -26.94 70.11 17.73
C PHE A 56 -27.18 69.20 16.55
N GLN A 57 -28.29 68.45 16.56
CA GLN A 57 -28.58 67.59 15.44
C GLN A 57 -29.15 68.41 14.29
N GLU A 58 -29.69 67.75 13.28
CA GLU A 58 -30.15 68.45 12.09
C GLU A 58 -31.24 67.63 11.41
N LYS A 59 -32.28 68.31 10.97
CA LYS A 59 -33.40 67.67 10.28
C LYS A 59 -33.48 68.19 8.85
N ASP A 60 -33.93 67.33 7.94
CA ASP A 60 -34.06 67.71 6.54
C ASP A 60 -35.35 68.49 6.33
N GLU A 61 -35.64 68.75 5.04
CA GLU A 61 -36.85 69.50 4.69
C GLU A 61 -38.11 68.78 5.15
N ASP A 62 -38.12 67.45 4.98
CA ASP A 62 -39.28 66.65 5.35
C ASP A 62 -39.40 66.50 6.87
N ASP A 63 -38.54 67.20 7.60
CA ASP A 63 -38.58 67.25 9.06
C ASP A 63 -38.31 65.88 9.67
N ASN A 64 -37.30 65.19 9.15
CA ASN A 64 -36.79 63.96 9.72
C ASN A 64 -35.35 64.18 10.16
N LEU A 65 -35.00 63.63 11.31
CA LEU A 65 -33.67 63.78 11.85
C LEU A 65 -32.68 62.93 11.06
N ILE A 66 -31.58 63.54 10.63
CA ILE A 66 -30.58 62.85 9.83
C ILE A 66 -29.26 62.77 10.57
N ASP A 67 -28.26 62.14 9.95
CA ASP A 67 -26.95 61.94 10.55
C ASP A 67 -26.07 63.16 10.28
N SER A 68 -26.33 64.23 11.03
CA SER A 68 -25.56 65.45 10.88
C SER A 68 -25.58 66.19 12.22
N TYR A 69 -24.41 66.36 12.81
CA TYR A 69 -24.30 66.97 14.13
C TYR A 69 -23.28 68.10 14.09
N PHE A 70 -23.67 69.25 14.64
CA PHE A 70 -22.77 70.36 14.86
C PHE A 70 -22.28 70.28 16.29
N VAL A 71 -20.97 70.14 16.47
CA VAL A 71 -20.37 69.90 17.78
C VAL A 71 -19.54 71.13 18.12
N VAL A 72 -20.14 72.06 18.84
CA VAL A 72 -19.44 73.28 19.24
C VAL A 72 -18.71 73.04 20.56
N LYS A 73 -17.48 73.55 20.65
CA LYS A 73 -16.59 73.20 21.74
C LYS A 73 -16.16 74.45 22.49
N ARG A 74 -16.21 74.39 23.82
CA ARG A 74 -15.69 75.46 24.66
C ARG A 74 -14.34 75.06 25.23
N HIS A 75 -13.39 76.00 25.19
CA HIS A 75 -12.05 75.74 25.70
C HIS A 75 -11.32 77.05 25.98
N THR A 76 -10.02 76.99 26.24
CA THR A 76 -9.23 78.17 26.55
C THR A 76 -9.18 79.10 25.34
N PHE A 77 -8.57 80.26 25.56
CA PHE A 77 -8.45 81.26 24.50
C PHE A 77 -7.18 81.13 23.70
N SER A 78 -6.13 80.53 24.26
CA SER A 78 -4.91 80.26 23.51
C SER A 78 -5.07 79.10 22.54
N ASN A 79 -6.05 78.22 22.78
CA ASN A 79 -6.38 77.18 21.82
C ASN A 79 -7.06 77.77 20.59
N TYR A 80 -7.92 78.76 20.82
CA TYR A 80 -8.66 79.44 19.76
C TYR A 80 -7.74 79.96 18.67
N GLN A 81 -6.69 80.70 19.06
CA GLN A 81 -5.75 81.23 18.08
C GLN A 81 -4.86 80.17 17.46
N HIS A 82 -4.68 79.03 18.12
CA HIS A 82 -3.81 77.98 17.61
C HIS A 82 -4.53 76.98 16.71
N GLU A 83 -5.83 76.77 16.92
CA GLU A 83 -6.62 75.91 16.05
C GLU A 83 -7.24 76.70 14.90
N GLU A 84 -6.96 78.00 14.83
CA GLU A 84 -7.38 78.84 13.71
C GLU A 84 -6.22 79.21 12.80
N THR A 85 -4.98 79.10 13.26
CA THR A 85 -3.80 79.34 12.44
C THR A 85 -3.27 78.04 11.83
N ILE A 86 -3.90 76.91 12.14
CA ILE A 86 -3.52 75.63 11.55
C ILE A 86 -4.67 75.16 10.67
N TYR A 87 -5.89 75.57 11.01
CA TYR A 87 -7.02 75.29 10.13
C TYR A 87 -7.03 76.15 8.88
N ASN A 88 -6.55 77.39 8.97
CA ASN A 88 -6.49 78.27 7.82
C ASN A 88 -5.51 77.80 6.76
N LEU A 89 -4.64 76.85 7.10
CA LEU A 89 -3.76 76.20 6.14
C LEU A 89 -4.31 74.88 5.63
N LEU A 90 -4.86 74.06 6.51
CA LEU A 90 -5.50 72.79 6.14
C LEU A 90 -7.00 72.97 5.96
N LYS A 91 -7.42 73.96 5.18
CA LYS A 91 -8.84 74.18 4.92
C LYS A 91 -9.23 73.90 3.48
N ASP A 92 -8.25 73.70 2.60
CA ASP A 92 -8.52 73.42 1.19
C ASP A 92 -8.51 71.93 0.88
N CYS A 93 -8.13 71.10 1.83
CA CYS A 93 -8.20 69.66 1.65
C CYS A 93 -9.65 69.19 1.78
N PRO A 94 -10.15 68.42 0.82
CA PRO A 94 -11.54 67.94 0.91
C PRO A 94 -11.78 66.91 2.01
N ALA A 95 -10.74 66.51 2.76
CA ALA A 95 -10.85 65.53 3.82
C ALA A 95 -10.74 66.19 5.19
N VAL A 96 -11.22 67.42 5.29
CA VAL A 96 -11.21 68.19 6.53
C VAL A 96 -12.61 68.74 6.76
N ALA A 97 -13.11 68.58 7.98
CA ALA A 97 -14.45 69.01 8.34
C ALA A 97 -14.48 70.52 8.54
N LYS A 98 -15.54 71.16 8.04
CA LYS A 98 -15.66 72.61 8.10
C LYS A 98 -15.65 73.10 9.55
N HIS A 99 -14.87 74.13 9.82
CA HIS A 99 -14.78 74.74 11.14
C HIS A 99 -15.39 76.14 11.11
N ASP A 100 -15.87 76.58 12.26
CA ASP A 100 -16.42 77.93 12.42
C ASP A 100 -16.02 78.43 13.80
N PHE A 101 -15.24 79.51 13.84
CA PHE A 101 -14.74 80.05 15.09
C PHE A 101 -15.46 81.36 15.40
N PHE A 102 -16.03 81.46 16.60
CA PHE A 102 -16.68 82.71 16.97
C PHE A 102 -16.59 82.91 18.47
N LYS A 103 -17.08 84.05 18.94
CA LYS A 103 -17.08 84.41 20.35
C LYS A 103 -18.47 84.84 20.75
N PHE A 104 -18.95 84.32 21.87
CA PHE A 104 -20.33 84.52 22.30
C PHE A 104 -20.39 84.95 23.76
N ARG A 105 -21.48 85.62 24.10
CA ARG A 105 -21.76 86.03 25.47
C ARG A 105 -22.51 85.02 26.34
N ILE A 106 -21.76 84.24 27.11
CA ILE A 106 -22.35 83.18 27.92
C ILE A 106 -23.07 83.83 29.09
N ASP A 107 -22.35 84.53 29.97
CA ASP A 107 -22.89 85.14 31.17
C ASP A 107 -22.44 86.57 31.38
N GLY A 108 -21.17 86.75 31.76
CA GLY A 108 -20.60 88.08 31.91
C GLY A 108 -19.33 88.30 31.12
N ASP A 109 -19.07 87.44 30.14
CA ASP A 109 -17.81 87.48 29.41
C ASP A 109 -18.02 87.11 27.95
N MET A 110 -16.96 87.26 27.16
CA MET A 110 -16.92 86.86 25.76
C MET A 110 -16.11 85.57 25.67
N VAL A 111 -16.80 84.44 25.65
CA VAL A 111 -16.11 83.15 25.65
C VAL A 111 -16.05 82.61 24.23
N PRO A 112 -14.97 81.89 23.86
CA PRO A 112 -14.79 81.47 22.47
C PRO A 112 -15.30 80.07 22.17
N HIS A 113 -15.91 79.89 21.01
CA HIS A 113 -16.43 78.61 20.56
C HIS A 113 -15.85 78.23 19.21
N ILE A 114 -15.69 76.92 19.05
CA ILE A 114 -15.22 76.29 17.82
C ILE A 114 -16.24 75.24 17.41
N SER A 115 -16.88 75.41 16.26
CA SER A 115 -17.96 74.54 15.84
C SER A 115 -17.55 73.75 14.60
N ARG A 116 -17.73 72.44 14.65
CA ARG A 116 -17.49 71.56 13.52
C ARG A 116 -18.82 71.19 12.89
N GLN A 117 -18.88 71.25 11.56
CA GLN A 117 -20.13 71.19 10.83
C GLN A 117 -20.32 69.82 10.19
N ARG A 118 -21.49 69.23 10.41
CA ARG A 118 -21.95 68.05 9.70
C ARG A 118 -21.00 66.86 9.90
N LEU A 119 -20.87 66.47 11.16
CA LEU A 119 -20.15 65.28 11.54
C LEU A 119 -21.16 64.12 11.57
N THR A 120 -20.70 62.97 12.06
CA THR A 120 -21.60 61.84 12.32
C THR A 120 -21.72 61.68 13.83
N LYS A 121 -22.58 60.76 14.25
CA LYS A 121 -22.75 60.56 15.69
C LYS A 121 -21.54 59.91 16.33
N TYR A 122 -20.83 59.06 15.59
CA TYR A 122 -19.72 58.30 16.12
C TYR A 122 -18.46 58.54 15.30
N THR A 123 -17.32 58.20 15.89
CA THR A 123 -16.02 58.34 15.27
C THR A 123 -15.54 56.97 14.79
N MET A 124 -14.32 56.92 14.26
CA MET A 124 -13.73 55.65 13.87
C MET A 124 -13.14 54.90 15.06
N ALA A 125 -12.90 55.57 16.17
CA ALA A 125 -12.46 54.90 17.39
C ALA A 125 -13.60 54.26 18.15
N ASP A 126 -14.82 54.75 17.95
CA ASP A 126 -16.00 54.10 18.51
C ASP A 126 -16.36 52.81 17.80
N LEU A 127 -16.07 52.72 16.51
CA LEU A 127 -16.28 51.50 15.74
C LEU A 127 -15.18 50.47 15.95
N VAL A 128 -13.97 50.90 16.27
CA VAL A 128 -12.85 50.00 16.49
C VAL A 128 -12.93 49.44 17.90
N TYR A 129 -13.27 50.29 18.87
CA TYR A 129 -13.44 49.84 20.24
C TYR A 129 -14.59 48.87 20.39
N ALA A 130 -15.65 49.02 19.59
CA ALA A 130 -16.82 48.17 19.69
C ALA A 130 -16.58 46.74 19.22
N LEU A 131 -15.72 46.55 18.22
CA LEU A 131 -15.45 45.23 17.67
C LEU A 131 -14.23 44.57 18.29
N ARG A 132 -13.48 45.29 19.11
CA ARG A 132 -12.31 44.74 19.78
C ARG A 132 -12.51 44.53 21.27
N HIS A 133 -13.65 44.98 21.82
CA HIS A 133 -13.96 44.86 23.23
C HIS A 133 -15.41 44.39 23.35
N PHE A 134 -15.73 43.33 22.62
CA PHE A 134 -17.11 42.89 22.42
C PHE A 134 -17.71 42.30 23.68
N ASP A 135 -18.90 42.80 24.04
CA ASP A 135 -19.73 42.25 25.10
C ASP A 135 -21.13 42.10 24.54
N GLU A 136 -21.70 40.90 24.64
CA GLU A 136 -23.00 40.69 24.01
C GLU A 136 -24.16 41.16 24.87
N GLY A 137 -23.91 41.66 26.07
CA GLY A 137 -24.94 42.29 26.87
C GLY A 137 -24.69 43.77 27.01
N ASN A 138 -23.71 44.28 26.30
CA ASN A 138 -23.38 45.71 26.31
C ASN A 138 -23.00 46.21 24.92
N CYS A 139 -23.78 45.86 23.90
CA CYS A 139 -23.40 46.19 22.54
C CYS A 139 -24.35 47.18 21.87
N ASP A 140 -24.74 48.23 22.59
CA ASP A 140 -25.63 49.24 22.05
C ASP A 140 -24.98 50.13 20.99
N THR A 141 -23.69 50.42 21.14
CA THR A 141 -22.97 51.26 20.19
C THR A 141 -22.72 50.56 18.86
N LEU A 142 -22.66 49.23 18.85
CA LEU A 142 -22.49 48.47 17.62
C LEU A 142 -23.80 48.20 16.91
N LYS A 143 -24.91 48.08 17.64
CA LYS A 143 -26.22 47.84 17.06
C LYS A 143 -26.84 49.13 16.54
N GLU A 144 -26.04 50.19 16.47
CA GLU A 144 -26.53 51.46 15.99
C GLU A 144 -25.73 51.91 14.78
N ILE A 145 -24.43 51.61 14.78
CA ILE A 145 -23.59 51.86 13.62
C ILE A 145 -24.00 50.88 12.52
N LEU A 146 -24.57 49.74 12.91
CA LEU A 146 -25.03 48.75 11.95
C LEU A 146 -26.41 49.05 11.38
N VAL A 147 -27.25 49.77 12.11
CA VAL A 147 -28.57 50.14 11.63
C VAL A 147 -28.57 51.51 10.95
N THR A 148 -27.76 52.46 11.43
CA THR A 148 -27.68 53.78 10.81
C THR A 148 -27.15 53.72 9.39
N TYR A 149 -26.36 52.69 9.04
CA TYR A 149 -25.73 52.64 7.72
C TYR A 149 -26.26 51.48 6.90
N ASN A 150 -27.48 51.03 7.20
CA ASN A 150 -28.21 50.04 6.40
C ASN A 150 -27.38 48.77 6.15
N CYS A 151 -26.78 48.28 7.23
CA CYS A 151 -26.17 46.95 7.22
C CYS A 151 -27.13 45.86 7.62
N CYS A 152 -28.05 46.15 8.54
CA CYS A 152 -29.13 45.24 8.90
C CYS A 152 -30.31 46.08 9.37
N ASP A 153 -31.28 45.43 9.99
CA ASP A 153 -32.45 46.11 10.52
C ASP A 153 -32.58 45.78 12.00
N ASP A 154 -33.44 46.54 12.68
CA ASP A 154 -33.54 46.42 14.13
C ASP A 154 -34.21 45.11 14.54
N ASP A 155 -34.74 44.37 13.56
CA ASP A 155 -35.33 43.06 13.82
C ASP A 155 -34.32 41.93 13.59
N TYR A 156 -33.10 42.28 13.17
CA TYR A 156 -32.04 41.29 13.03
C TYR A 156 -31.44 40.89 14.37
N PHE A 157 -31.57 41.74 15.38
CA PHE A 157 -31.00 41.49 16.70
C PHE A 157 -31.93 40.70 17.60
N ASN A 158 -33.08 40.29 17.07
CA ASN A 158 -34.05 39.47 17.80
C ASN A 158 -33.73 37.99 17.74
N LYS A 159 -33.26 37.51 16.60
CA LYS A 159 -32.74 36.15 16.52
C LYS A 159 -31.56 36.00 17.49
N LYS A 160 -31.47 34.84 18.11
CA LYS A 160 -30.40 34.60 19.06
C LYS A 160 -29.17 34.05 18.36
N ASP A 161 -28.01 34.28 18.98
CA ASP A 161 -26.72 33.91 18.42
C ASP A 161 -26.45 34.63 17.10
N TRP A 162 -26.92 35.87 17.01
CA TRP A 162 -26.67 36.67 15.82
C TRP A 162 -25.23 37.18 15.76
N TYR A 163 -24.53 37.20 16.88
CA TYR A 163 -23.15 37.67 16.95
C TYR A 163 -22.15 36.54 16.76
N ASP A 164 -22.64 35.32 16.56
CA ASP A 164 -21.80 34.13 16.57
C ASP A 164 -21.32 33.82 15.16
N PHE A 165 -20.03 33.50 15.04
CA PHE A 165 -19.45 33.15 13.75
C PHE A 165 -19.70 31.69 13.36
N VAL A 166 -19.93 30.81 14.34
CA VAL A 166 -20.08 29.39 14.10
C VAL A 166 -21.53 28.97 14.04
N GLU A 167 -22.44 29.73 14.62
CA GLU A 167 -23.86 29.41 14.59
C GLU A 167 -24.64 30.28 13.63
N ASN A 168 -24.23 31.52 13.42
CA ASN A 168 -24.85 32.43 12.46
C ASN A 168 -23.76 32.96 11.55
N PRO A 169 -23.37 32.22 10.51
CA PRO A 169 -22.28 32.67 9.64
C PRO A 169 -22.70 33.80 8.70
N ASP A 170 -23.92 34.31 8.90
CA ASP A 170 -24.44 35.41 8.10
C ASP A 170 -24.08 36.76 8.71
N ILE A 171 -23.38 36.76 9.85
CA ILE A 171 -22.91 38.01 10.44
C ILE A 171 -21.67 38.52 9.72
N LEU A 172 -21.01 37.69 8.93
CA LEU A 172 -19.90 38.11 8.10
C LEU A 172 -20.36 38.86 6.86
N ARG A 173 -21.66 38.81 6.55
CA ARG A 173 -22.24 39.61 5.47
C ARG A 173 -22.83 40.92 5.98
N VAL A 174 -23.29 40.96 7.23
CA VAL A 174 -23.71 42.22 7.86
C VAL A 174 -22.52 43.09 8.24
N TYR A 175 -21.36 42.49 8.50
CA TYR A 175 -20.14 43.25 8.78
C TYR A 175 -19.47 43.76 7.53
N ALA A 176 -19.59 43.06 6.42
CA ALA A 176 -18.99 43.41 5.14
C ALA A 176 -19.66 44.57 4.48
N ASN A 177 -20.80 45.05 4.99
CA ASN A 177 -21.46 46.23 4.44
C ASN A 177 -20.86 47.52 5.01
N LEU A 178 -19.94 47.41 5.95
CA LEU A 178 -19.16 48.56 6.43
C LEU A 178 -17.83 48.68 5.70
N GLY A 179 -17.57 47.79 4.74
CA GLY A 179 -16.29 47.74 4.08
C GLY A 179 -16.00 48.87 3.13
N GLU A 180 -17.02 49.56 2.64
CA GLU A 180 -16.81 50.70 1.77
C GLU A 180 -16.87 52.02 2.52
N ARG A 181 -17.51 52.06 3.69
CA ARG A 181 -17.36 53.20 4.58
C ARG A 181 -15.98 53.25 5.21
N VAL A 182 -15.34 52.09 5.40
CA VAL A 182 -13.99 52.03 5.95
C VAL A 182 -12.92 52.18 4.87
N ARG A 183 -13.19 51.74 3.65
CA ARG A 183 -12.22 51.91 2.56
C ARG A 183 -12.13 53.35 2.09
N GLN A 184 -13.21 54.11 2.17
CA GLN A 184 -13.22 55.52 1.79
C GLN A 184 -12.74 56.42 2.91
N ALA A 185 -12.60 55.90 4.12
CA ALA A 185 -12.01 56.63 5.23
C ALA A 185 -10.53 56.28 5.38
N LEU A 186 -10.04 55.43 4.48
CA LEU A 186 -8.62 55.14 4.35
C LEU A 186 -7.98 55.94 3.24
N LEU A 187 -8.72 56.30 2.20
CA LEU A 187 -8.26 57.16 1.12
C LEU A 187 -8.25 58.63 1.51
N LYS A 188 -9.05 59.01 2.50
CA LYS A 188 -9.06 60.38 3.00
C LYS A 188 -7.97 60.66 4.02
N THR A 189 -7.46 59.62 4.67
CA THR A 189 -6.28 59.80 5.51
C THR A 189 -5.04 60.10 4.69
N VAL A 190 -4.92 59.51 3.50
CA VAL A 190 -3.76 59.76 2.65
C VAL A 190 -3.84 61.09 1.93
N GLN A 191 -5.04 61.66 1.78
CA GLN A 191 -5.18 63.05 1.34
C GLN A 191 -4.80 64.03 2.46
N PHE A 192 -5.26 63.75 3.68
CA PHE A 192 -4.95 64.60 4.81
C PHE A 192 -3.47 64.58 5.13
N CYS A 193 -2.83 63.41 5.03
CA CYS A 193 -1.39 63.29 5.26
C CYS A 193 -0.59 64.01 4.19
N ASP A 194 -1.08 64.05 2.95
CA ASP A 194 -0.44 64.81 1.90
C ASP A 194 -0.59 66.31 2.10
N ALA A 195 -1.79 66.76 2.47
CA ALA A 195 -2.00 68.18 2.73
C ALA A 195 -1.26 68.62 3.99
N MET A 196 -1.07 67.71 4.93
CA MET A 196 -0.36 68.01 6.17
C MET A 196 1.14 68.10 5.98
N ARG A 197 1.66 67.57 4.87
CA ARG A 197 3.08 67.62 4.57
C ARG A 197 3.46 68.81 3.72
N ASN A 198 2.60 69.23 2.80
CA ASN A 198 2.86 70.38 1.95
C ASN A 198 2.76 71.70 2.71
N ALA A 199 2.15 71.70 3.89
CA ALA A 199 1.95 72.91 4.66
C ALA A 199 2.89 73.05 5.85
N GLY A 200 3.62 72.00 6.21
CA GLY A 200 4.58 72.07 7.29
C GLY A 200 4.03 71.73 8.66
N ILE A 201 2.96 70.98 8.75
CA ILE A 201 2.33 70.68 10.03
C ILE A 201 2.80 69.32 10.51
N VAL A 202 3.07 69.23 11.82
CA VAL A 202 3.56 68.01 12.47
C VAL A 202 2.58 67.65 13.57
N GLY A 203 2.10 66.41 13.57
CA GLY A 203 1.19 65.99 14.62
C GLY A 203 0.86 64.53 14.53
N VAL A 204 0.33 64.00 15.62
CA VAL A 204 -0.03 62.59 15.71
C VAL A 204 -1.48 62.42 15.28
N LEU A 205 -1.73 61.47 14.37
CA LEU A 205 -3.06 61.16 13.90
C LEU A 205 -3.65 60.03 14.75
N THR A 206 -4.78 60.30 15.40
CA THR A 206 -5.46 59.31 16.21
C THR A 206 -6.85 59.03 15.63
N LEU A 207 -7.42 57.85 15.82
CA LEU A 207 -8.70 57.50 15.18
C LEU A 207 -9.97 58.11 15.74
N ASP A 208 -9.93 58.83 16.82
CA ASP A 208 -11.08 59.46 17.32
C ASP A 208 -11.25 60.84 16.80
N ASN A 209 -10.49 61.21 15.77
CA ASN A 209 -10.59 62.51 15.20
C ASN A 209 -10.89 62.32 13.77
N GLN A 210 -11.57 61.26 13.38
CA GLN A 210 -12.00 61.10 12.04
C GLN A 210 -13.31 60.50 12.26
N ASP A 211 -14.40 61.16 11.91
CA ASP A 211 -15.74 60.63 12.04
C ASP A 211 -15.92 59.46 11.07
N LEU A 212 -17.14 58.95 10.93
CA LEU A 212 -17.37 57.78 10.08
C LEU A 212 -17.65 58.16 8.64
N ASN A 213 -17.13 59.32 8.22
CA ASN A 213 -17.14 59.73 6.83
C ASN A 213 -15.74 59.99 6.27
N GLY A 214 -14.72 60.02 7.11
CA GLY A 214 -13.37 60.31 6.68
C GLY A 214 -12.88 61.72 6.94
N ASN A 215 -13.69 62.56 7.57
CA ASN A 215 -13.34 63.95 7.79
C ASN A 215 -12.58 64.11 9.11
N TRP A 216 -11.53 64.93 9.09
CA TRP A 216 -10.69 65.09 10.23
C TRP A 216 -10.89 66.38 10.94
N TYR A 217 -10.65 66.44 12.25
CA TYR A 217 -10.97 67.61 13.05
C TYR A 217 -10.44 68.08 14.39
N ASP A 218 -9.26 67.74 14.86
CA ASP A 218 -8.78 68.35 16.12
C ASP A 218 -7.40 68.73 15.68
N PHE A 219 -7.05 69.99 15.77
CA PHE A 219 -5.80 70.43 15.23
C PHE A 219 -5.29 71.21 16.35
N GLY A 220 -5.29 70.66 17.53
CA GLY A 220 -4.90 71.44 18.67
C GLY A 220 -3.66 70.97 19.32
N ASP A 221 -3.07 69.91 18.80
CA ASP A 221 -1.81 69.43 19.32
C ASP A 221 -0.89 69.26 18.17
N PHE A 222 -0.97 70.12 17.17
CA PHE A 222 -0.13 70.04 16.01
C PHE A 222 0.79 71.25 16.06
N ILE A 223 2.03 71.17 15.62
CA ILE A 223 3.00 72.26 15.56
C ILE A 223 3.16 72.66 14.10
N GLN A 224 3.86 73.76 13.86
CA GLN A 224 4.02 74.28 12.52
C GLN A 224 5.51 74.38 12.19
N THR A 225 5.85 73.95 10.97
CA THR A 225 7.23 74.02 10.49
C THR A 225 7.26 74.74 9.15
N THR A 226 8.40 74.78 8.50
CA THR A 226 8.53 75.37 7.18
C THR A 226 7.83 74.50 6.15
N PRO A 227 7.13 75.10 5.20
CA PRO A 227 6.34 74.33 4.24
C PRO A 227 7.19 73.34 3.46
N GLY A 228 6.62 72.17 3.19
CA GLY A 228 7.27 71.11 2.46
C GLY A 228 7.82 70.00 3.33
N SER A 229 8.00 70.25 4.62
CA SER A 229 8.50 69.26 5.57
C SER A 229 7.51 69.12 6.71
N GLY A 230 6.50 68.28 6.50
CA GLY A 230 5.56 67.95 7.55
C GLY A 230 5.59 66.45 7.82
N VAL A 231 5.35 66.05 9.05
CA VAL A 231 5.56 64.65 9.44
C VAL A 231 4.28 64.09 10.08
N PRO A 232 3.36 63.53 9.28
CA PRO A 232 2.21 62.82 9.87
C PRO A 232 2.67 61.56 10.60
N VAL A 233 2.35 61.47 11.88
CA VAL A 233 2.71 60.31 12.70
C VAL A 233 1.50 59.39 12.73
N VAL A 234 1.50 58.38 11.86
CA VAL A 234 0.41 57.40 11.81
C VAL A 234 0.94 56.01 12.17
N ASP A 235 0.89 55.67 13.46
CA ASP A 235 1.37 54.38 13.91
C ASP A 235 0.44 53.71 14.91
N SER A 236 -0.35 54.47 15.66
CA SER A 236 -1.42 53.92 16.47
C SER A 236 -2.76 54.08 15.78
N TYR A 237 -2.80 54.72 14.63
CA TYR A 237 -4.01 54.81 13.82
C TYR A 237 -4.18 53.61 12.90
N TYR A 238 -3.13 53.22 12.19
CA TYR A 238 -3.18 52.04 11.34
C TYR A 238 -3.16 50.75 12.13
N SER A 239 -2.31 50.67 13.15
CA SER A 239 -2.16 49.43 13.90
C SER A 239 -3.42 49.08 14.68
N LEU A 240 -4.04 50.06 15.32
CA LEU A 240 -5.29 49.80 16.02
C LEU A 240 -6.43 49.46 15.05
N LEU A 241 -6.39 50.00 13.84
CA LEU A 241 -7.43 49.77 12.85
C LEU A 241 -7.28 48.44 12.12
N MET A 242 -6.09 47.86 12.12
CA MET A 242 -5.77 46.69 11.29
C MET A 242 -6.75 45.51 11.42
N PRO A 243 -7.18 45.09 12.61
CA PRO A 243 -8.09 43.94 12.69
C PRO A 243 -9.45 44.17 12.06
N ILE A 244 -9.82 45.42 11.77
CA ILE A 244 -11.12 45.76 11.20
C ILE A 244 -11.08 45.80 9.69
N LEU A 245 -9.89 45.78 9.09
CA LEU A 245 -9.71 45.82 7.65
C LEU A 245 -9.97 44.49 6.97
N THR A 246 -9.97 43.39 7.72
CA THR A 246 -10.31 42.09 7.19
C THR A 246 -11.65 41.55 7.70
N LEU A 247 -12.10 42.01 8.87
CA LEU A 247 -13.42 41.64 9.36
C LEU A 247 -14.52 42.26 8.51
N THR A 248 -14.37 43.54 8.16
CA THR A 248 -15.33 44.23 7.32
C THR A 248 -15.04 44.08 5.83
N ARG A 249 -13.95 43.38 5.46
CA ARG A 249 -13.60 43.14 4.07
C ARG A 249 -13.56 44.45 3.28
N ALA A 250 -12.61 45.31 3.68
CA ALA A 250 -12.56 46.65 3.11
C ALA A 250 -12.15 46.63 1.64
N LEU A 251 -11.11 45.87 1.31
CA LEU A 251 -10.53 45.89 -0.03
C LEU A 251 -11.19 44.85 -0.94
N THR A 252 -12.52 44.87 -0.99
CA THR A 252 -13.26 43.99 -1.88
C THR A 252 -13.75 44.73 -3.11
N ALA A 253 -13.45 46.02 -3.18
CA ALA A 253 -13.73 46.82 -4.38
C ALA A 253 -12.52 46.90 -5.29
N GLU A 254 -11.39 46.30 -4.88
CA GLU A 254 -10.19 46.28 -5.69
C GLU A 254 -10.18 45.11 -6.67
N SER A 255 -11.17 44.23 -6.60
CA SER A 255 -11.29 43.11 -7.52
C SER A 255 -12.11 43.46 -8.74
N HIS A 256 -12.58 44.70 -8.86
CA HIS A 256 -13.47 45.15 -9.92
C HIS A 256 -12.67 45.93 -10.95
N VAL A 257 -13.34 46.24 -12.07
CA VAL A 257 -12.63 46.58 -13.30
C VAL A 257 -12.17 48.04 -13.30
N ASP A 258 -12.77 48.86 -12.45
CA ASP A 258 -12.34 50.25 -12.32
C ASP A 258 -12.34 50.64 -10.85
N THR A 259 -12.19 49.66 -9.96
CA THR A 259 -12.39 49.82 -8.53
C THR A 259 -13.78 50.40 -8.26
N ASP A 260 -14.76 49.87 -8.98
CA ASP A 260 -16.16 50.28 -8.85
C ASP A 260 -16.98 49.06 -8.46
N LEU A 261 -17.74 49.18 -7.37
CA LEU A 261 -18.50 48.05 -6.85
C LEU A 261 -19.67 47.66 -7.75
N THR A 262 -19.82 48.32 -8.90
CA THR A 262 -20.91 48.03 -9.83
C THR A 262 -20.42 47.30 -11.07
N LYS A 263 -19.29 47.71 -11.62
CA LYS A 263 -18.71 47.11 -12.81
C LYS A 263 -18.26 45.69 -12.51
N PRO A 264 -18.14 44.81 -13.51
CA PRO A 264 -17.86 43.41 -13.24
C PRO A 264 -16.44 43.20 -12.74
N TYR A 265 -16.16 41.94 -12.38
CA TYR A 265 -14.87 41.58 -11.83
C TYR A 265 -13.77 41.68 -12.88
N ILE A 266 -12.53 41.74 -12.39
CA ILE A 266 -11.36 41.70 -13.25
C ILE A 266 -11.10 40.26 -13.66
N LYS A 267 -10.89 40.03 -14.95
CA LYS A 267 -10.55 38.73 -15.48
C LYS A 267 -9.04 38.66 -15.65
N TRP A 268 -8.38 38.00 -14.71
CA TRP A 268 -6.92 37.92 -14.71
C TRP A 268 -6.44 36.86 -15.68
N ASP A 269 -5.16 36.99 -16.08
CA ASP A 269 -4.50 35.92 -16.79
C ASP A 269 -4.37 34.71 -15.87
N LEU A 270 -4.68 33.53 -16.39
CA LEU A 270 -4.67 32.31 -15.60
C LEU A 270 -3.27 31.79 -15.33
N LEU A 271 -2.28 32.24 -16.10
CA LEU A 271 -0.91 31.75 -15.96
C LEU A 271 -0.04 32.69 -15.13
N LYS A 272 -0.65 33.68 -14.51
CA LYS A 272 0.04 34.70 -13.75
C LYS A 272 0.15 34.29 -12.28
N TYR A 273 1.34 34.46 -11.72
CA TYR A 273 1.53 34.08 -10.32
C TYR A 273 2.39 35.05 -9.53
N ASP A 274 2.81 36.19 -10.09
CA ASP A 274 3.78 37.01 -9.39
C ASP A 274 3.11 38.03 -8.49
N PHE A 275 2.33 38.95 -9.07
CA PHE A 275 1.53 39.91 -8.32
C PHE A 275 2.36 40.75 -7.38
N THR A 276 3.60 41.06 -7.73
CA THR A 276 4.46 41.89 -6.91
C THR A 276 4.35 43.38 -7.24
N GLU A 277 4.08 43.73 -8.48
CA GLU A 277 3.89 45.12 -8.87
C GLU A 277 2.50 45.63 -8.50
N GLU A 278 1.55 44.75 -8.21
CA GLU A 278 0.25 45.15 -7.69
C GLU A 278 0.17 45.10 -6.18
N ARG A 279 1.08 44.36 -5.53
CA ARG A 279 1.21 44.40 -4.08
C ARG A 279 1.90 45.65 -3.59
N LEU A 280 2.82 46.21 -4.38
CA LEU A 280 3.50 47.45 -4.04
C LEU A 280 2.70 48.68 -4.41
N LYS A 281 1.65 48.53 -5.20
CA LYS A 281 0.75 49.61 -5.54
C LYS A 281 -0.45 49.69 -4.62
N LEU A 282 -0.80 48.60 -3.96
CA LEU A 282 -1.80 48.60 -2.90
C LEU A 282 -1.26 49.16 -1.60
N PHE A 283 0.05 49.00 -1.34
CA PHE A 283 0.66 49.60 -0.17
C PHE A 283 0.77 51.12 -0.29
N ASP A 284 1.00 51.63 -1.51
CA ASP A 284 1.14 53.05 -1.75
C ASP A 284 -0.19 53.77 -1.73
N ARG A 285 -1.28 53.11 -2.13
CA ARG A 285 -2.59 53.73 -2.19
C ARG A 285 -3.23 53.93 -0.82
N TYR A 286 -3.00 53.01 0.12
CA TYR A 286 -3.66 53.06 1.42
C TYR A 286 -2.73 53.27 2.59
N PHE A 287 -1.46 52.88 2.49
CA PHE A 287 -0.51 52.95 3.60
C PHE A 287 0.71 53.76 3.19
N LYS A 288 0.48 54.92 2.57
CA LYS A 288 1.59 55.66 1.97
C LYS A 288 2.58 56.17 3.02
N TYR A 289 2.10 56.65 4.16
CA TYR A 289 2.96 57.28 5.16
C TYR A 289 3.26 56.34 6.33
N TRP A 290 3.18 55.03 6.09
CA TRP A 290 3.62 54.03 7.05
C TRP A 290 5.12 53.81 6.81
N ASP A 291 5.94 54.31 7.72
CA ASP A 291 7.38 54.38 7.50
C ASP A 291 8.08 53.10 7.98
N GLN A 292 8.07 52.08 7.13
CA GLN A 292 8.86 50.89 7.35
C GLN A 292 8.89 50.07 6.08
N THR A 293 10.05 49.50 5.76
CA THR A 293 10.22 48.81 4.49
C THR A 293 9.31 47.60 4.41
N TYR A 294 8.60 47.48 3.30
CA TYR A 294 7.68 46.38 3.05
C TYR A 294 8.25 45.52 1.93
N HIS A 295 8.45 44.24 2.23
CA HIS A 295 8.97 43.28 1.27
C HIS A 295 7.84 42.37 0.82
N PRO A 296 7.34 42.49 -0.41
CA PRO A 296 6.24 41.62 -0.83
C PRO A 296 6.58 40.14 -0.75
N ASN A 297 7.81 39.78 -1.12
CA ASN A 297 8.31 38.43 -1.01
C ASN A 297 9.20 38.36 0.21
N CYS A 298 8.80 37.58 1.21
CA CYS A 298 9.45 37.59 2.52
C CYS A 298 10.78 36.83 2.51
N VAL A 299 11.28 36.47 1.32
CA VAL A 299 12.60 35.87 1.21
C VAL A 299 13.71 36.92 1.21
N ASN A 300 13.34 38.21 1.23
CA ASN A 300 14.29 39.31 1.25
C ASN A 300 14.24 40.05 2.58
N CYS A 301 13.65 39.44 3.60
CA CYS A 301 13.47 40.08 4.89
C CYS A 301 14.78 39.99 5.69
N LEU A 302 14.83 40.70 6.81
CA LEU A 302 16.08 40.87 7.54
C LEU A 302 16.15 40.12 8.86
N ASP A 303 15.02 39.72 9.45
CA ASP A 303 15.01 38.84 10.61
C ASP A 303 13.61 38.29 10.79
N ASP A 304 13.34 37.66 11.94
CA ASP A 304 12.04 37.08 12.20
C ASP A 304 11.01 38.08 12.69
N ARG A 305 11.42 39.30 13.04
CA ARG A 305 10.48 40.38 13.34
C ARG A 305 10.16 41.22 12.11
N CYS A 306 10.81 40.93 10.98
CA CYS A 306 10.47 41.53 9.70
C CYS A 306 9.57 40.62 8.89
N ILE A 307 9.73 39.31 9.03
CA ILE A 307 8.85 38.34 8.38
C ILE A 307 7.44 38.51 8.92
N LEU A 308 7.33 38.70 10.24
CA LEU A 308 6.04 38.92 10.87
C LEU A 308 5.40 40.23 10.48
N HIS A 309 6.20 41.27 10.25
CA HIS A 309 5.68 42.56 9.81
C HIS A 309 5.18 42.50 8.36
N CYS A 310 6.01 41.93 7.48
CA CYS A 310 5.73 41.97 6.04
C CYS A 310 4.73 40.92 5.59
N ALA A 311 4.49 39.88 6.39
CA ALA A 311 3.46 38.90 6.07
C ALA A 311 2.08 39.34 6.50
N ASN A 312 1.99 40.21 7.51
CA ASN A 312 0.72 40.79 7.91
C ASN A 312 0.06 41.57 6.79
N PHE A 313 0.85 42.23 5.94
CA PHE A 313 0.35 42.95 4.79
C PHE A 313 -0.02 42.01 3.64
N ASN A 314 0.77 40.96 3.46
CA ASN A 314 0.46 39.97 2.43
C ASN A 314 -0.85 39.25 2.74
N VAL A 315 -1.13 39.04 4.02
CA VAL A 315 -2.40 38.42 4.42
C VAL A 315 -3.57 39.24 3.90
N LEU A 316 -3.51 40.56 4.02
CA LEU A 316 -4.58 41.43 3.54
C LEU A 316 -4.59 41.58 2.03
N PHE A 317 -3.43 41.68 1.40
CA PHE A 317 -3.35 41.90 -0.04
C PHE A 317 -3.62 40.65 -0.85
N SER A 318 -3.54 39.47 -0.24
CA SER A 318 -3.78 38.22 -0.96
C SER A 318 -5.24 37.88 -1.12
N THR A 319 -6.14 38.66 -0.52
CA THR A 319 -7.57 38.47 -0.68
C THR A 319 -8.11 39.18 -1.92
N VAL A 320 -7.24 39.82 -2.69
CA VAL A 320 -7.61 40.52 -3.90
C VAL A 320 -7.33 39.71 -5.15
N PHE A 321 -6.51 38.68 -5.07
CA PHE A 321 -5.97 37.96 -6.21
C PHE A 321 -6.64 36.60 -6.36
N PRO A 322 -6.68 36.06 -7.59
CA PRO A 322 -7.43 34.82 -7.83
C PRO A 322 -6.87 33.67 -7.01
N PRO A 323 -7.74 32.79 -6.49
CA PRO A 323 -7.28 31.73 -5.60
C PRO A 323 -6.57 30.59 -6.30
N THR A 324 -6.51 30.62 -7.63
CA THR A 324 -5.84 29.58 -8.40
C THR A 324 -4.38 29.92 -8.68
N SER A 325 -3.89 31.04 -8.17
CA SER A 325 -2.50 31.43 -8.34
C SER A 325 -1.64 31.09 -7.14
N PHE A 326 -2.21 30.49 -6.10
CA PHE A 326 -1.49 30.14 -4.89
C PHE A 326 -1.31 28.63 -4.85
N GLY A 327 -0.08 28.19 -4.61
CA GLY A 327 0.23 26.79 -4.59
C GLY A 327 1.54 26.53 -5.30
N PRO A 328 1.88 25.25 -5.47
CA PRO A 328 3.16 24.91 -6.11
C PRO A 328 3.24 25.47 -7.52
N LEU A 329 4.44 25.90 -7.89
CA LEU A 329 4.73 26.35 -9.25
C LEU A 329 5.51 25.24 -9.94
N VAL A 330 4.94 24.71 -11.02
CA VAL A 330 5.50 23.53 -11.66
C VAL A 330 6.22 23.94 -12.93
N ARG A 331 7.13 23.07 -13.36
CA ARG A 331 7.80 23.23 -14.64
C ARG A 331 8.16 21.86 -15.19
N LYS A 332 8.44 21.83 -16.48
CA LYS A 332 8.75 20.60 -17.19
C LYS A 332 10.25 20.38 -17.20
N ILE A 333 10.68 19.22 -16.70
CA ILE A 333 12.09 18.85 -16.70
C ILE A 333 12.22 17.54 -17.47
N PHE A 334 13.47 17.16 -17.73
CA PHE A 334 13.80 15.97 -18.49
C PHE A 334 14.74 15.11 -17.66
N VAL A 335 14.34 13.86 -17.42
CA VAL A 335 15.17 12.89 -16.73
C VAL A 335 15.34 11.69 -17.67
N ASP A 336 16.47 11.66 -18.37
CA ASP A 336 16.71 10.69 -19.45
C ASP A 336 15.58 10.78 -20.48
N GLY A 337 15.55 11.92 -21.15
CA GLY A 337 14.71 12.11 -22.33
C GLY A 337 13.22 11.82 -22.18
N VAL A 338 12.66 12.05 -21.00
CA VAL A 338 11.20 11.94 -20.84
C VAL A 338 10.70 13.15 -20.07
N PRO A 339 9.57 13.73 -20.45
CA PRO A 339 9.09 14.95 -19.78
C PRO A 339 8.37 14.67 -18.47
N PHE A 340 8.88 15.23 -17.38
CA PHE A 340 8.25 15.19 -16.07
C PHE A 340 7.79 16.59 -15.70
N VAL A 341 6.75 16.66 -14.88
CA VAL A 341 6.27 17.92 -14.32
C VAL A 341 6.58 17.90 -12.84
N VAL A 342 7.41 18.85 -12.38
CA VAL A 342 7.85 18.88 -11.00
C VAL A 342 7.70 20.28 -10.43
N SER A 343 7.62 20.35 -9.10
CA SER A 343 7.45 21.60 -8.37
C SER A 343 8.81 22.25 -8.13
N THR A 344 8.95 23.50 -8.54
CA THR A 344 10.19 24.25 -8.40
C THR A 344 9.94 25.60 -7.75
N GLY A 345 9.07 25.64 -6.75
CA GLY A 345 8.76 26.89 -6.10
C GLY A 345 7.44 26.78 -5.37
N TYR A 346 6.95 27.94 -4.94
CA TYR A 346 5.68 28.01 -4.22
C TYR A 346 5.23 29.46 -4.18
N HIS A 347 3.92 29.67 -4.10
CA HIS A 347 3.32 30.98 -3.96
C HIS A 347 2.46 30.98 -2.71
N PHE A 348 2.99 31.52 -1.62
CA PHE A 348 2.28 31.59 -0.35
C PHE A 348 1.48 32.88 -0.26
N ARG A 349 0.25 32.76 0.24
CA ARG A 349 -0.56 33.93 0.51
C ARG A 349 0.08 34.88 1.49
N GLU A 350 1.01 34.39 2.31
CA GLU A 350 1.69 35.19 3.33
C GLU A 350 3.13 35.52 2.97
N LEU A 351 3.90 34.54 2.50
CA LEU A 351 5.31 34.75 2.22
C LEU A 351 5.61 35.06 0.76
N GLY A 352 4.61 35.18 -0.11
CA GLY A 352 4.88 35.57 -1.48
C GLY A 352 5.47 34.44 -2.30
N VAL A 353 6.28 34.81 -3.30
CA VAL A 353 6.81 33.86 -4.27
C VAL A 353 8.18 33.38 -3.81
N VAL A 354 8.35 32.07 -3.71
CA VAL A 354 9.62 31.46 -3.32
C VAL A 354 10.05 30.51 -4.43
N HIS A 355 11.33 30.58 -4.79
CA HIS A 355 11.89 29.79 -5.88
C HIS A 355 12.97 28.85 -5.32
N ASN A 356 12.92 27.59 -5.74
CA ASN A 356 13.92 26.62 -5.30
C ASN A 356 15.29 26.98 -5.83
N GLN A 357 16.33 26.59 -5.08
CA GLN A 357 17.69 26.99 -5.39
C GLN A 357 18.46 25.95 -6.17
N ASP A 358 18.15 24.66 -6.03
CA ASP A 358 18.87 23.59 -6.73
C ASP A 358 17.85 22.82 -7.57
N VAL A 359 17.60 23.30 -8.78
CA VAL A 359 16.73 22.63 -9.74
C VAL A 359 17.54 22.33 -11.00
N ASN A 360 17.50 21.08 -11.45
CA ASN A 360 18.22 20.68 -12.65
C ASN A 360 17.22 20.21 -13.71
N LEU A 361 17.39 20.71 -14.93
CA LEU A 361 16.41 20.46 -15.99
C LEU A 361 16.73 19.19 -16.77
N HIS A 362 18.00 18.80 -16.82
CA HIS A 362 18.46 17.66 -17.63
C HIS A 362 19.26 16.73 -16.72
N SER A 363 18.63 15.66 -16.27
CA SER A 363 19.28 14.64 -15.46
C SER A 363 19.20 13.30 -16.17
N SER A 364 19.94 12.32 -15.66
CA SER A 364 19.97 11.00 -16.27
C SER A 364 19.37 9.94 -15.36
N ARG A 365 19.86 9.86 -14.13
CA ARG A 365 19.46 8.81 -13.20
C ARG A 365 18.91 9.42 -11.92
N LEU A 366 17.83 8.83 -11.41
CA LEU A 366 17.22 9.25 -10.16
C LEU A 366 17.67 8.33 -9.04
N SER A 367 18.18 8.92 -7.95
CA SER A 367 18.61 8.13 -6.80
C SER A 367 17.41 7.77 -5.95
N PHE A 368 17.66 7.29 -4.73
CA PHE A 368 16.59 7.08 -3.77
C PHE A 368 16.08 8.38 -3.19
N LYS A 369 16.97 9.32 -2.92
CA LYS A 369 16.60 10.60 -2.31
C LYS A 369 15.96 11.51 -3.35
N GLU A 370 16.08 11.15 -4.63
CA GLU A 370 15.45 11.94 -5.68
C GLU A 370 14.15 11.30 -6.19
N LEU A 371 13.85 10.07 -5.78
CA LEU A 371 12.55 9.46 -6.04
C LEU A 371 11.56 9.71 -4.92
N LEU A 372 12.06 9.88 -3.69
CA LEU A 372 11.20 10.18 -2.56
C LEU A 372 10.67 11.62 -2.62
N VAL A 373 11.34 12.48 -3.38
CA VAL A 373 10.99 13.89 -3.46
C VAL A 373 10.15 14.11 -4.72
N TYR A 374 10.00 13.07 -5.53
CA TYR A 374 9.21 13.20 -6.74
C TYR A 374 7.89 12.46 -6.60
N ALA A 375 7.89 11.42 -5.77
CA ALA A 375 6.66 10.72 -5.44
C ALA A 375 5.79 11.46 -4.45
N ALA A 376 6.39 12.17 -3.50
CA ALA A 376 5.67 12.91 -2.47
C ALA A 376 5.04 14.19 -3.00
N ASP A 377 5.62 14.79 -4.03
CA ASP A 377 5.12 16.04 -4.56
C ASP A 377 3.72 15.85 -5.15
N PRO A 378 2.81 16.80 -4.94
CA PRO A 378 1.50 16.72 -5.59
C PRO A 378 1.52 17.15 -7.05
N ALA A 379 2.69 17.51 -7.59
CA ALA A 379 2.77 18.03 -8.95
C ALA A 379 2.44 16.99 -9.99
N MET A 380 2.79 15.73 -9.74
CA MET A 380 2.57 14.66 -10.70
C MET A 380 1.28 13.89 -10.46
N HIS A 381 0.76 13.88 -9.23
CA HIS A 381 -0.52 13.23 -8.97
C HIS A 381 -1.70 14.07 -9.44
N ALA A 382 -1.56 15.41 -9.39
CA ALA A 382 -2.66 16.30 -9.73
C ALA A 382 -2.48 16.87 -11.13
N ALA A 383 -1.66 16.22 -11.94
CA ALA A 383 -1.49 16.60 -13.34
C ALA A 383 -1.71 15.37 -14.21
N SER A 384 -2.18 14.29 -13.57
CA SER A 384 -2.53 13.08 -14.30
C SER A 384 -3.89 12.55 -13.87
N GLY A 385 -4.66 13.34 -13.12
CA GLY A 385 -5.97 12.94 -12.67
C GLY A 385 -7.04 13.84 -13.27
N ASN A 386 -8.29 13.45 -13.05
CA ASN A 386 -9.42 14.12 -13.66
C ASN A 386 -9.77 15.40 -12.91
N LEU A 387 -10.33 16.35 -13.63
CA LEU A 387 -10.86 17.54 -13.00
C LEU A 387 -12.01 17.17 -12.07
N LEU A 388 -12.13 17.90 -10.97
CA LEU A 388 -13.15 17.60 -9.98
C LEU A 388 -13.87 18.87 -9.57
N LEU A 389 -15.20 18.81 -9.58
CA LEU A 389 -16.06 19.87 -9.07
C LEU A 389 -16.95 19.26 -7.99
N ASP A 390 -16.63 19.53 -6.73
CA ASP A 390 -17.32 18.94 -5.60
C ASP A 390 -18.23 20.00 -4.99
N LYS A 391 -19.53 19.78 -5.07
CA LYS A 391 -20.52 20.73 -4.57
C LYS A 391 -20.98 20.40 -3.15
N ARG A 392 -20.46 19.31 -2.56
CA ARG A 392 -20.75 19.02 -1.17
C ARG A 392 -20.04 19.98 -0.23
N THR A 393 -18.89 20.51 -0.65
CA THR A 393 -18.07 21.38 0.17
C THR A 393 -17.88 22.72 -0.55
N THR A 394 -17.40 23.71 0.21
CA THR A 394 -17.09 25.02 -0.35
C THR A 394 -15.59 25.27 -0.43
N CYS A 395 -14.77 24.28 -0.11
CA CYS A 395 -13.33 24.41 -0.22
C CYS A 395 -12.89 24.22 -1.67
N PHE A 396 -11.77 24.84 -2.01
CA PHE A 396 -11.24 24.70 -3.37
C PHE A 396 -10.82 23.26 -3.60
N SER A 397 -11.13 22.74 -4.79
CA SER A 397 -10.90 21.35 -5.14
C SER A 397 -10.03 21.28 -6.38
N VAL A 398 -9.07 20.35 -6.36
CA VAL A 398 -8.02 20.29 -7.37
C VAL A 398 -8.28 19.21 -8.41
N ALA A 399 -8.30 17.95 -7.99
CA ALA A 399 -8.41 16.85 -8.94
C ALA A 399 -8.99 15.63 -8.26
N ALA A 400 -9.47 14.71 -9.08
CA ALA A 400 -9.93 13.41 -8.63
C ALA A 400 -8.97 12.35 -9.14
N LEU A 401 -8.36 11.61 -8.22
CA LEU A 401 -7.26 10.73 -8.61
C LEU A 401 -7.74 9.44 -9.25
N THR A 402 -9.01 9.09 -9.13
CA THR A 402 -9.52 7.87 -9.72
C THR A 402 -10.86 8.12 -10.42
N ASN A 403 -11.56 7.06 -10.80
CA ASN A 403 -12.83 7.19 -11.49
C ASN A 403 -14.02 7.05 -10.56
N ASN A 404 -13.80 6.80 -9.27
CA ASN A 404 -14.88 6.61 -8.32
C ASN A 404 -14.61 7.40 -7.06
N VAL A 405 -15.69 7.77 -6.36
CA VAL A 405 -15.62 8.51 -5.12
C VAL A 405 -15.81 7.52 -3.98
N ALA A 406 -14.92 7.59 -2.98
CA ALA A 406 -14.93 6.65 -1.87
C ALA A 406 -15.76 7.22 -0.71
N PHE A 407 -16.66 6.39 -0.18
CA PHE A 407 -17.48 6.74 0.96
C PHE A 407 -17.13 5.80 2.12
N GLN A 408 -16.60 6.36 3.20
CA GLN A 408 -16.11 5.57 4.33
C GLN A 408 -17.01 5.81 5.55
N THR A 409 -17.40 4.71 6.20
CA THR A 409 -18.28 4.73 7.36
C THR A 409 -17.51 4.35 8.61
N VAL A 410 -18.19 4.43 9.75
CA VAL A 410 -17.64 4.04 11.05
C VAL A 410 -18.59 3.05 11.69
N LYS A 411 -18.06 1.95 12.20
CA LYS A 411 -18.84 0.87 12.78
C LYS A 411 -19.17 1.15 14.24
N PRO A 412 -20.18 0.49 14.80
CA PRO A 412 -20.44 0.63 16.24
C PRO A 412 -19.42 -0.10 17.10
N GLY A 413 -19.64 -0.11 18.41
CA GLY A 413 -18.76 -0.81 19.32
C GLY A 413 -19.23 -2.23 19.58
N ASN A 414 -18.44 -2.94 20.38
CA ASN A 414 -18.73 -4.30 20.77
C ASN A 414 -19.13 -4.35 22.23
N PHE A 415 -20.09 -5.20 22.56
CA PHE A 415 -20.70 -5.23 23.87
C PHE A 415 -20.08 -6.34 24.70
N ASN A 416 -19.55 -5.99 25.86
CA ASN A 416 -19.01 -6.94 26.83
C ASN A 416 -20.14 -7.32 27.77
N LYS A 417 -20.88 -8.38 27.44
CA LYS A 417 -22.08 -8.69 28.21
C LYS A 417 -21.76 -9.28 29.57
N ASP A 418 -20.63 -9.98 29.70
CA ASP A 418 -20.26 -10.54 31.01
C ASP A 418 -20.01 -9.44 32.03
N PHE A 419 -19.26 -8.40 31.64
CA PHE A 419 -19.00 -7.30 32.57
C PHE A 419 -20.27 -6.55 32.94
N TYR A 420 -21.16 -6.30 31.98
CA TYR A 420 -22.43 -5.65 32.26
C TYR A 420 -23.33 -6.49 33.17
N ASP A 421 -23.40 -7.80 32.96
CA ASP A 421 -24.14 -8.68 33.85
C ASP A 421 -23.57 -8.66 35.26
N PHE A 422 -22.24 -8.73 35.37
CA PHE A 422 -21.59 -8.69 36.68
C PHE A 422 -21.86 -7.38 37.39
N ALA A 423 -21.77 -6.26 36.67
CA ALA A 423 -22.03 -4.96 37.27
C ALA A 423 -23.48 -4.83 37.71
N VAL A 424 -24.41 -5.31 36.89
CA VAL A 424 -25.83 -5.21 37.25
C VAL A 424 -26.14 -6.07 38.46
N SER A 425 -25.52 -7.25 38.54
CA SER A 425 -25.76 -8.12 39.70
C SER A 425 -25.17 -7.58 40.98
N LYS A 426 -24.49 -6.43 40.94
CA LYS A 426 -23.89 -5.82 42.12
C LYS A 426 -24.50 -4.47 42.45
N GLY A 427 -25.74 -4.24 42.04
CA GLY A 427 -26.43 -3.01 42.39
C GLY A 427 -26.06 -1.80 41.59
N PHE A 428 -25.70 -1.96 40.32
CA PHE A 428 -25.36 -0.86 39.45
C PHE A 428 -26.50 -0.57 38.47
N PHE A 429 -26.46 0.62 37.88
CA PHE A 429 -27.36 1.01 36.80
C PHE A 429 -28.82 0.97 37.23
N LYS A 430 -29.07 1.24 38.51
CA LYS A 430 -30.44 1.34 38.99
C LYS A 430 -31.06 2.65 38.52
N GLU A 431 -32.39 2.67 38.50
CA GLU A 431 -33.11 3.88 38.13
C GLU A 431 -32.83 4.99 39.13
N GLY A 432 -32.57 6.18 38.63
CA GLY A 432 -32.28 7.32 39.50
C GLY A 432 -30.96 7.22 40.23
N SER A 433 -29.93 6.76 39.52
CA SER A 433 -28.60 6.60 40.08
C SER A 433 -27.71 7.77 39.68
N SER A 434 -26.68 8.01 40.50
CA SER A 434 -25.74 9.07 40.22
C SER A 434 -24.81 8.74 39.06
N VAL A 435 -24.59 7.45 38.79
CA VAL A 435 -23.65 7.00 37.77
C VAL A 435 -24.48 6.36 36.65
N GLU A 436 -24.38 6.95 35.46
CA GLU A 436 -25.06 6.45 34.27
C GLU A 436 -24.02 6.20 33.18
N LEU A 437 -24.45 5.56 32.10
CA LEU A 437 -23.60 5.34 30.94
C LEU A 437 -23.79 6.49 29.97
N LYS A 438 -22.70 7.21 29.68
CA LYS A 438 -22.77 8.36 28.78
C LYS A 438 -21.66 8.37 27.73
N HIS A 439 -20.77 7.38 27.74
CA HIS A 439 -19.69 7.28 26.76
C HIS A 439 -19.92 6.03 25.92
N PHE A 440 -20.06 6.22 24.61
CA PHE A 440 -20.42 5.13 23.71
C PHE A 440 -19.53 5.18 22.47
N PHE A 441 -19.71 4.18 21.61
CA PHE A 441 -19.13 4.17 20.27
C PHE A 441 -20.23 4.60 19.30
N PHE A 442 -20.07 5.77 18.68
CA PHE A 442 -21.07 6.28 17.76
C PHE A 442 -20.72 5.92 16.33
N ALA A 443 -21.72 5.48 15.58
CA ALA A 443 -21.57 5.06 14.20
C ALA A 443 -21.80 6.24 13.25
N GLN A 444 -21.22 6.15 12.05
CA GLN A 444 -21.31 7.21 11.07
C GLN A 444 -21.57 6.62 9.70
N ASP A 445 -22.22 7.41 8.84
CA ASP A 445 -22.51 6.98 7.48
C ASP A 445 -21.42 7.48 6.53
N GLY A 446 -21.63 7.25 5.24
CA GLY A 446 -20.61 7.53 4.25
C GLY A 446 -20.36 8.99 3.94
N ASN A 447 -21.16 9.89 4.51
CA ASN A 447 -21.01 11.33 4.31
C ASN A 447 -20.32 11.99 5.50
N ALA A 448 -19.41 11.25 6.13
CA ALA A 448 -18.79 11.67 7.38
C ALA A 448 -17.44 12.36 7.19
N ALA A 449 -16.63 11.89 6.25
CA ALA A 449 -15.32 12.49 6.03
C ALA A 449 -15.42 13.87 5.41
N ILE A 450 -16.26 14.03 4.37
CA ILE A 450 -16.42 15.34 3.73
C ILE A 450 -17.11 16.35 4.62
N SER A 451 -18.08 15.92 5.44
CA SER A 451 -18.72 16.83 6.37
C SER A 451 -17.80 17.29 7.48
N ASP A 452 -16.77 16.50 7.81
CA ASP A 452 -15.77 16.90 8.78
C ASP A 452 -14.70 17.78 8.15
N TYR A 453 -14.36 17.50 6.88
CA TYR A 453 -13.45 18.40 6.17
C TYR A 453 -14.07 19.77 5.99
N ASP A 454 -15.37 19.83 5.71
CA ASP A 454 -16.00 21.11 5.48
C ASP A 454 -16.08 21.98 6.72
N TYR A 455 -15.54 21.60 7.88
CA TYR A 455 -15.47 22.48 9.04
C TYR A 455 -14.27 23.42 8.96
N TYR A 456 -13.61 23.47 7.80
CA TYR A 456 -12.50 24.38 7.57
C TYR A 456 -12.97 25.72 7.02
N ARG A 457 -14.28 25.90 6.91
CA ARG A 457 -14.86 27.17 6.52
C ARG A 457 -14.83 28.20 7.64
N TYR A 458 -14.40 27.78 8.84
CA TYR A 458 -14.26 28.67 9.97
C TYR A 458 -12.90 29.35 10.02
N ASN A 459 -12.01 29.03 9.08
CA ASN A 459 -10.71 29.69 8.96
C ASN A 459 -10.84 30.82 7.96
N LEU A 460 -10.88 32.05 8.45
CA LEU A 460 -11.00 33.25 7.67
C LEU A 460 -9.69 34.03 7.70
N PRO A 461 -9.35 34.75 6.62
CA PRO A 461 -8.16 35.60 6.66
C PRO A 461 -8.25 36.62 7.79
N THR A 462 -7.14 36.77 8.50
CA THR A 462 -7.12 37.59 9.71
C THR A 462 -5.85 38.43 9.73
N MET A 463 -6.02 39.74 9.61
CA MET A 463 -4.95 40.70 9.85
C MET A 463 -4.85 40.96 11.34
N CYS A 464 -3.63 41.07 11.83
CA CYS A 464 -3.39 41.25 13.25
C CYS A 464 -2.95 42.68 13.52
N ASP A 465 -2.89 43.02 14.79
CA ASP A 465 -2.31 44.29 15.23
C ASP A 465 -0.80 44.09 15.38
N ILE A 466 -0.04 44.59 14.42
CA ILE A 466 1.37 44.22 14.37
C ILE A 466 2.19 44.88 15.48
N ARG A 467 1.87 46.12 15.87
CA ARG A 467 2.62 46.75 16.95
C ARG A 467 2.39 46.05 18.28
N GLN A 468 1.23 45.41 18.45
CA GLN A 468 0.93 44.65 19.65
C GLN A 468 1.47 43.23 19.58
N LEU A 469 1.37 42.57 18.42
CA LEU A 469 1.90 41.23 18.26
C LEU A 469 3.42 41.20 18.33
N LEU A 470 4.11 42.23 17.85
CA LEU A 470 5.56 42.28 17.91
C LEU A 470 6.08 42.48 19.34
N PHE A 471 5.22 42.83 20.28
CA PHE A 471 5.55 42.87 21.70
C PHE A 471 5.13 41.61 22.44
N VAL A 472 3.95 41.09 22.10
CA VAL A 472 3.52 39.83 22.67
C VAL A 472 4.50 38.71 22.32
N VAL A 473 5.00 38.67 21.07
CA VAL A 473 5.95 37.64 20.69
C VAL A 473 7.27 37.74 21.44
N GLU A 474 7.55 38.89 22.07
CA GLU A 474 8.74 39.06 22.88
C GLU A 474 8.51 38.79 24.36
N VAL A 475 7.28 38.94 24.85
CA VAL A 475 6.95 38.42 26.18
C VAL A 475 6.69 36.92 26.16
N VAL A 476 6.35 36.34 25.00
CA VAL A 476 6.09 34.90 24.89
C VAL A 476 7.37 34.08 24.79
N ASP A 477 8.44 34.63 24.20
CA ASP A 477 9.71 33.92 24.09
C ASP A 477 10.53 34.03 25.38
N LYS A 478 9.90 34.45 26.47
CA LYS A 478 10.53 34.40 27.77
C LYS A 478 10.01 33.24 28.60
N TYR A 479 8.89 32.63 28.19
CA TYR A 479 8.41 31.39 28.77
C TYR A 479 9.16 30.18 28.21
N PHE A 480 10.06 30.41 27.27
CA PHE A 480 10.79 29.35 26.58
C PHE A 480 12.28 29.58 26.63
N ASP A 481 12.75 30.25 27.68
CA ASP A 481 14.16 30.63 27.81
C ASP A 481 14.99 29.60 28.59
N CYS A 482 14.33 28.69 29.32
CA CYS A 482 15.02 27.74 30.17
C CYS A 482 15.32 26.42 29.45
N TYR A 483 15.08 26.36 28.15
CA TYR A 483 15.30 25.15 27.36
C TYR A 483 16.48 25.37 26.42
N ASP A 484 16.87 24.29 25.73
CA ASP A 484 17.92 24.35 24.74
C ASP A 484 17.45 23.65 23.48
N GLY A 485 18.06 23.92 22.35
CA GLY A 485 17.58 23.34 21.12
C GLY A 485 18.51 23.49 19.99
N GLY A 486 18.27 22.76 18.93
CA GLY A 486 19.17 22.80 17.84
C GLY A 486 18.96 21.66 16.90
N CYS A 487 19.86 21.54 15.95
CA CYS A 487 19.72 20.52 14.96
C CYS A 487 20.50 19.32 15.40
N ILE A 488 20.05 18.14 15.03
CA ILE A 488 20.68 16.91 15.42
C ILE A 488 20.90 16.05 14.18
N ASN A 489 21.87 15.16 14.21
CA ASN A 489 22.17 14.28 13.09
C ASN A 489 21.12 13.18 12.99
N ALA A 490 21.19 12.42 11.88
CA ALA A 490 20.23 11.36 11.66
C ALA A 490 20.43 10.17 12.58
N ASN A 491 21.58 10.07 13.24
CA ASN A 491 21.85 8.98 14.16
C ASN A 491 21.52 9.33 15.61
N GLN A 492 21.06 10.55 15.87
CA GLN A 492 20.64 10.95 17.21
C GLN A 492 19.12 11.04 17.34
N VAL A 493 18.38 10.74 16.27
CA VAL A 493 16.94 10.92 16.26
C VAL A 493 16.28 9.68 16.86
N ILE A 494 15.35 9.91 17.79
CA ILE A 494 14.66 8.84 18.49
C ILE A 494 13.25 8.72 17.91
N VAL A 495 12.91 7.52 17.45
CA VAL A 495 11.59 7.23 16.90
C VAL A 495 10.99 6.08 17.68
N ASN A 496 9.76 6.25 18.13
CA ASN A 496 9.03 5.20 18.82
C ASN A 496 7.88 4.71 17.93
N ASN A 497 7.64 3.40 17.94
CA ASN A 497 6.56 2.80 17.16
C ASN A 497 6.76 3.08 15.66
N LEU A 498 7.82 2.47 15.13
CA LEU A 498 8.11 2.51 13.69
C LEU A 498 7.10 1.76 12.87
N ASP A 499 6.03 1.21 13.43
CA ASP A 499 5.05 0.43 12.68
C ASP A 499 3.78 1.24 12.43
N LYS A 500 3.95 2.56 12.23
CA LYS A 500 2.82 3.46 11.98
C LYS A 500 2.88 4.07 10.60
N SER A 501 1.76 4.41 9.99
CA SER A 501 1.71 4.90 8.62
C SER A 501 2.76 5.84 8.14
N ALA A 502 2.92 5.91 6.84
CA ALA A 502 3.94 6.73 6.25
C ALA A 502 3.41 7.67 5.22
N GLY A 503 2.12 7.94 5.21
CA GLY A 503 1.59 8.95 4.33
C GLY A 503 0.92 8.57 3.07
N PHE A 504 0.61 9.54 2.23
CA PHE A 504 0.04 9.19 0.94
C PHE A 504 1.19 8.65 0.10
N PRO A 505 1.21 8.72 -1.22
CA PRO A 505 2.09 7.95 -2.10
C PRO A 505 2.88 6.83 -1.48
N PHE A 506 2.73 6.40 -0.24
CA PHE A 506 3.63 5.41 0.37
C PHE A 506 2.92 4.38 1.18
N ASN A 507 1.82 4.72 1.83
CA ASN A 507 1.13 3.64 2.52
C ASN A 507 0.80 2.48 1.61
N LYS A 508 1.15 2.57 0.32
CA LYS A 508 0.96 1.47 -0.61
C LYS A 508 2.08 0.45 -0.56
N TRP A 509 3.19 0.75 0.10
CA TRP A 509 4.35 -0.12 0.08
C TRP A 509 4.94 -0.44 1.45
N GLY A 510 4.48 0.19 2.52
CA GLY A 510 4.95 -0.17 3.84
C GLY A 510 4.70 0.92 4.85
N LYS A 511 5.18 0.65 6.07
CA LYS A 511 5.05 1.58 7.18
C LYS A 511 6.32 2.43 7.27
N ALA A 512 6.45 3.20 8.35
CA ALA A 512 7.62 4.05 8.53
C ALA A 512 8.90 3.24 8.70
N ARG A 513 8.80 1.98 9.10
CA ARG A 513 9.98 1.14 9.25
C ARG A 513 10.68 0.92 7.92
N LEU A 514 9.91 0.70 6.85
CA LEU A 514 10.50 0.45 5.54
C LEU A 514 11.34 1.63 5.08
N TYR A 515 10.84 2.85 5.28
CA TYR A 515 11.56 4.03 4.82
C TYR A 515 12.65 4.48 5.78
N TYR A 516 12.56 4.11 7.06
CA TYR A 516 13.68 4.37 7.96
C TYR A 516 14.78 3.34 7.83
N ASP A 517 14.49 2.18 7.22
CA ASP A 517 15.52 1.17 6.98
C ASP A 517 16.15 1.28 5.60
N SER A 518 15.33 1.56 4.57
CA SER A 518 15.86 1.69 3.22
C SER A 518 16.79 2.88 3.07
N MET A 519 16.67 3.87 3.94
CA MET A 519 17.48 5.09 3.85
C MET A 519 18.62 4.98 4.84
N SER A 520 19.84 5.17 4.36
CA SER A 520 21.00 5.19 5.25
C SER A 520 21.01 6.50 6.03
N TYR A 521 21.99 6.65 6.93
CA TYR A 521 22.09 7.89 7.69
C TYR A 521 22.47 9.06 6.79
N GLU A 522 23.37 8.82 5.84
CA GLU A 522 23.77 9.86 4.91
C GLU A 522 22.65 10.25 3.96
N ASP A 523 21.79 9.30 3.56
CA ASP A 523 20.63 9.65 2.76
C ASP A 523 19.71 10.60 3.52
N GLN A 524 19.46 10.30 4.79
CA GLN A 524 18.61 11.16 5.61
C GLN A 524 19.24 12.53 5.81
N ASP A 525 20.55 12.57 6.04
CA ASP A 525 21.23 13.85 6.19
C ASP A 525 21.16 14.68 4.90
N ALA A 526 21.36 14.03 3.75
CA ALA A 526 21.25 14.74 2.49
C ALA A 526 19.83 15.26 2.26
N LEU A 527 18.82 14.46 2.57
CA LEU A 527 17.45 14.92 2.43
C LEU A 527 17.17 16.11 3.34
N PHE A 528 17.64 16.06 4.59
CA PHE A 528 17.41 17.17 5.51
C PHE A 528 18.11 18.44 5.04
N ALA A 529 19.36 18.32 4.57
CA ALA A 529 20.06 19.50 4.09
C ALA A 529 19.53 19.98 2.75
N TYR A 530 18.74 19.17 2.05
CA TYR A 530 18.11 19.61 0.83
C TYR A 530 17.01 20.64 1.10
N THR A 531 16.30 20.52 2.22
CA THR A 531 15.15 21.36 2.51
C THR A 531 15.51 22.69 3.13
N LYS A 532 16.80 22.95 3.38
CA LYS A 532 17.25 24.26 3.79
C LYS A 532 17.52 25.16 2.60
N ARG A 533 17.38 24.65 1.38
CA ARG A 533 17.51 25.46 0.18
C ARG A 533 16.37 25.26 -0.80
N ASN A 534 15.46 24.31 -0.57
CA ASN A 534 14.37 24.02 -1.48
C ASN A 534 13.09 23.87 -0.69
N VAL A 535 11.98 23.81 -1.41
CA VAL A 535 10.64 23.61 -0.82
C VAL A 535 10.07 22.32 -1.37
N ILE A 536 9.61 21.45 -0.49
CA ILE A 536 8.99 20.17 -0.85
C ILE A 536 7.56 20.18 -0.35
N PRO A 537 6.56 20.34 -1.21
CA PRO A 537 5.17 20.17 -0.79
C PRO A 537 4.76 18.70 -0.75
N THR A 538 3.85 18.39 0.18
CA THR A 538 3.44 17.02 0.42
C THR A 538 1.91 16.94 0.45
N ILE A 539 1.41 15.71 0.58
CA ILE A 539 -0.02 15.43 0.62
C ILE A 539 -0.36 14.85 1.98
N THR A 540 -1.47 15.29 2.55
CA THR A 540 -1.96 14.80 3.84
C THR A 540 -3.24 14.01 3.65
N GLN A 541 -3.40 12.96 4.44
CA GLN A 541 -4.53 12.05 4.36
C GLN A 541 -5.39 12.20 5.59
N MET A 542 -6.68 12.44 5.38
CA MET A 542 -7.63 12.57 6.49
C MET A 542 -8.21 11.20 6.82
N ASN A 543 -8.15 10.83 8.10
CA ASN A 543 -8.52 9.50 8.56
C ASN A 543 -9.52 9.61 9.70
N LEU A 544 -10.65 8.94 9.57
CA LEU A 544 -11.64 8.93 10.64
C LEU A 544 -11.13 8.11 11.82
N LYS A 545 -11.70 8.35 12.99
CA LYS A 545 -11.27 7.72 14.23
C LYS A 545 -12.34 6.78 14.76
N TYR A 546 -11.88 5.73 15.43
CA TYR A 546 -12.73 4.69 16.01
C TYR A 546 -12.44 4.67 17.51
N ALA A 547 -13.19 5.45 18.28
CA ALA A 547 -12.90 5.61 19.70
C ALA A 547 -14.17 5.98 20.44
N ILE A 548 -14.09 5.85 21.76
CA ILE A 548 -15.23 6.14 22.64
C ILE A 548 -15.30 7.64 22.86
N SER A 549 -16.52 8.17 23.01
CA SER A 549 -16.70 9.59 23.21
C SER A 549 -18.11 9.84 23.76
N ALA A 550 -18.41 11.11 24.01
CA ALA A 550 -19.71 11.52 24.53
C ALA A 550 -20.50 12.37 23.53
N LYS A 551 -19.90 12.77 22.42
CA LYS A 551 -20.56 13.56 21.40
C LYS A 551 -20.69 12.75 20.13
N ASN A 552 -21.84 12.86 19.46
CA ASN A 552 -22.11 12.03 18.28
C ASN A 552 -21.63 12.73 17.00
N ARG A 553 -20.40 13.22 17.07
CA ARG A 553 -19.77 13.89 15.95
C ARG A 553 -18.49 13.14 15.59
N ALA A 554 -18.16 13.14 14.30
CA ALA A 554 -17.01 12.41 13.83
C ALA A 554 -15.71 13.11 14.22
N ARG A 555 -14.67 12.31 14.42
CA ARG A 555 -13.34 12.82 14.70
C ARG A 555 -12.38 12.33 13.63
N THR A 556 -11.64 13.26 13.03
CA THR A 556 -10.69 12.94 11.97
C THR A 556 -9.32 13.45 12.37
N VAL A 557 -8.29 12.68 12.00
CA VAL A 557 -6.90 13.07 12.20
C VAL A 557 -6.23 13.20 10.84
N ALA A 558 -5.08 13.83 10.83
CA ALA A 558 -4.33 14.09 9.60
C ALA A 558 -3.01 13.33 9.66
N GLY A 559 -2.85 12.37 8.75
CA GLY A 559 -1.61 11.63 8.66
C GLY A 559 -0.67 12.24 7.65
N VAL A 560 0.28 13.04 8.13
CA VAL A 560 1.19 13.72 7.22
C VAL A 560 2.17 12.71 6.61
N SER A 561 2.84 13.15 5.54
CA SER A 561 3.73 12.29 4.78
C SER A 561 4.98 11.94 5.56
N ILE A 562 5.87 11.13 4.98
CA ILE A 562 7.11 10.73 5.65
C ILE A 562 8.26 11.68 5.36
N CYS A 563 8.29 12.30 4.18
CA CYS A 563 9.31 13.30 3.89
C CYS A 563 9.22 14.50 4.81
N SER A 564 8.02 14.78 5.33
CA SER A 564 7.80 15.88 6.27
C SER A 564 8.25 15.52 7.67
N THR A 565 7.74 14.40 8.20
CA THR A 565 8.08 14.00 9.56
C THR A 565 9.57 13.72 9.71
N MET A 566 10.16 13.03 8.72
CA MET A 566 11.57 12.66 8.81
C MET A 566 12.46 13.88 8.94
N THR A 567 12.17 14.92 8.15
CA THR A 567 13.00 16.12 8.17
C THR A 567 12.64 17.09 9.29
N ASN A 568 11.41 17.05 9.80
CA ASN A 568 11.06 17.88 10.94
C ASN A 568 11.61 17.36 12.25
N ARG A 569 11.77 16.04 12.37
CA ARG A 569 12.32 15.46 13.59
C ARG A 569 13.78 15.81 13.80
N GLN A 570 14.54 16.14 12.76
CA GLN A 570 15.91 16.58 12.94
C GLN A 570 16.01 18.07 13.22
N PHE A 571 14.95 18.83 12.99
CA PHE A 571 14.92 20.26 13.23
C PHE A 571 14.39 20.60 14.62
N HIS A 572 13.40 19.85 15.10
CA HIS A 572 12.72 20.24 16.33
C HIS A 572 12.93 19.29 17.50
N GLN A 573 13.42 18.06 17.29
CA GLN A 573 13.38 17.08 18.37
C GLN A 573 14.33 17.36 19.51
N LYS A 574 15.39 18.13 19.31
CA LYS A 574 16.27 18.42 20.44
C LYS A 574 15.64 19.39 21.43
N LEU A 575 14.76 20.27 20.97
CA LEU A 575 14.02 21.16 21.85
C LEU A 575 12.73 20.55 22.37
N LEU A 576 12.07 19.71 21.59
CA LEU A 576 10.84 19.07 22.02
C LEU A 576 11.06 18.00 23.08
N LYS A 577 12.32 17.60 23.30
CA LYS A 577 12.62 16.64 24.34
C LYS A 577 13.28 17.28 25.54
N SER A 578 13.66 18.55 25.46
CA SER A 578 14.05 19.34 26.62
C SER A 578 12.88 20.06 27.25
N ILE A 579 11.80 20.27 26.51
CA ILE A 579 10.55 20.73 27.10
C ILE A 579 9.93 19.61 27.95
N ALA A 580 10.02 18.37 27.46
CA ALA A 580 9.40 17.23 28.12
C ALA A 580 10.29 16.68 29.23
N ALA A 581 11.30 17.44 29.65
CA ALA A 581 12.19 17.00 30.71
C ALA A 581 12.37 18.02 31.82
N THR A 582 11.65 19.14 31.77
CA THR A 582 11.78 20.21 32.75
C THR A 582 10.59 20.17 33.70
N ARG A 583 10.86 20.20 35.01
CA ARG A 583 9.84 20.14 36.03
C ARG A 583 9.80 21.46 36.77
N GLY A 584 8.62 22.08 36.84
CA GLY A 584 8.46 23.32 37.57
C GLY A 584 8.22 24.52 36.67
N ALA A 585 8.00 24.25 35.38
CA ALA A 585 7.85 25.30 34.39
C ALA A 585 6.36 25.56 34.12
N THR A 586 6.07 26.46 33.20
CA THR A 586 4.70 26.77 32.82
C THR A 586 4.07 25.67 31.97
N VAL A 587 4.84 25.10 31.04
CA VAL A 587 4.37 24.03 30.19
C VAL A 587 4.63 22.71 30.90
N VAL A 588 3.57 21.94 31.14
CA VAL A 588 3.66 20.74 31.97
C VAL A 588 3.60 19.49 31.12
N ILE A 589 4.02 19.59 29.85
CA ILE A 589 4.16 18.41 29.02
C ILE A 589 5.32 17.57 29.52
N GLY A 590 5.06 16.29 29.78
CA GLY A 590 6.10 15.41 30.27
C GLY A 590 5.91 14.99 31.71
N THR A 591 5.35 15.88 32.53
CA THR A 591 5.09 15.57 33.92
C THR A 591 4.00 14.52 34.04
N SER A 592 4.10 13.70 35.08
CA SER A 592 3.15 12.62 35.34
C SER A 592 2.13 13.05 36.39
N LYS A 593 1.02 12.31 36.42
CA LYS A 593 0.03 12.45 37.47
C LYS A 593 0.25 11.47 38.61
N PHE A 594 1.18 10.54 38.47
CA PHE A 594 1.40 9.46 39.42
C PHE A 594 2.55 9.81 40.35
N TYR A 595 2.61 9.08 41.46
CA TYR A 595 3.70 9.19 42.43
C TYR A 595 3.84 10.62 42.97
N GLY A 596 2.73 11.33 43.08
CA GLY A 596 2.71 12.66 43.64
C GLY A 596 2.86 13.78 42.64
N GLY A 597 2.95 13.46 41.34
CA GLY A 597 3.15 14.47 40.33
C GLY A 597 2.03 15.49 40.24
N TRP A 598 0.79 15.06 40.43
CA TRP A 598 -0.36 15.96 40.38
C TRP A 598 -0.39 16.95 41.54
N HIS A 599 0.19 16.59 42.68
CA HIS A 599 0.35 17.51 43.79
C HIS A 599 1.44 18.55 43.53
N ASN A 600 2.58 18.12 42.97
CA ASN A 600 3.66 19.03 42.60
C ASN A 600 3.20 20.02 41.54
N MET A 601 2.49 19.54 40.53
CA MET A 601 2.02 20.43 39.46
C MET A 601 1.06 21.49 40.00
N LEU A 602 0.17 21.12 40.91
CA LEU A 602 -0.80 22.05 41.47
C LEU A 602 -0.21 22.96 42.53
N LYS A 603 0.89 22.59 43.16
CA LYS A 603 1.55 23.49 44.09
C LYS A 603 2.59 24.38 43.42
N THR A 604 2.99 24.08 42.19
CA THR A 604 3.82 24.99 41.43
C THR A 604 3.03 26.15 40.85
N VAL A 605 1.81 25.90 40.37
CA VAL A 605 0.99 26.95 39.79
C VAL A 605 0.47 27.90 40.86
N TYR A 606 0.19 27.39 42.06
CA TYR A 606 -0.29 28.23 43.16
C TYR A 606 0.73 29.27 43.59
N SER A 607 2.00 29.07 43.26
CA SER A 607 3.17 29.86 43.67
C SER A 607 2.94 30.72 44.91
N ASP A 608 3.25 32.01 44.80
CA ASP A 608 3.09 32.93 45.92
C ASP A 608 2.09 34.03 45.55
N VAL A 609 1.02 33.71 44.83
CA VAL A 609 0.05 34.74 44.39
C VAL A 609 -0.70 35.26 45.58
N GLU A 610 -1.41 36.36 45.45
CA GLU A 610 -2.11 36.95 46.59
C GLU A 610 -3.58 37.13 46.29
N ASN A 611 -4.47 36.67 47.15
CA ASN A 611 -5.90 36.70 46.88
C ASN A 611 -6.04 35.85 45.70
N PRO A 612 -5.99 34.53 45.85
CA PRO A 612 -5.96 33.75 44.63
C PRO A 612 -7.32 33.18 44.25
N HIS A 613 -7.63 33.24 42.97
CA HIS A 613 -8.75 32.53 42.39
C HIS A 613 -8.22 31.67 41.26
N LEU A 614 -8.97 30.64 40.89
CA LEU A 614 -8.59 29.75 39.82
C LEU A 614 -9.54 29.92 38.65
N MET A 615 -9.00 29.80 37.44
CA MET A 615 -9.78 30.05 36.24
C MET A 615 -9.34 29.09 35.14
N GLY A 616 -10.29 28.71 34.29
CA GLY A 616 -10.00 27.95 33.09
C GLY A 616 -11.06 28.23 32.06
N TRP A 617 -10.64 28.20 30.78
CA TRP A 617 -11.49 28.65 29.68
C TRP A 617 -11.47 27.59 28.58
N ASP A 618 -12.04 27.94 27.44
CA ASP A 618 -12.19 27.02 26.31
C ASP A 618 -11.81 27.72 25.02
N TYR A 619 -11.43 26.90 24.03
CA TYR A 619 -11.06 27.39 22.70
C TYR A 619 -11.99 26.74 21.67
N PRO A 620 -13.06 27.42 21.25
CA PRO A 620 -13.97 26.82 20.29
C PRO A 620 -13.31 26.56 18.95
N LYS A 621 -13.50 25.35 18.42
CA LYS A 621 -12.99 24.96 17.12
C LYS A 621 -11.53 25.33 16.95
N CYS A 622 -10.67 24.87 17.86
CA CYS A 622 -9.33 25.41 18.00
C CYS A 622 -8.47 25.21 16.75
N ASP A 623 -8.42 24.00 16.21
CA ASP A 623 -7.52 23.74 15.08
C ASP A 623 -8.07 24.31 13.78
N ARG A 624 -9.38 24.30 13.59
CA ARG A 624 -9.96 24.78 12.34
C ARG A 624 -9.95 26.31 12.26
N ALA A 625 -10.08 26.99 13.39
CA ALA A 625 -10.27 28.44 13.37
C ALA A 625 -9.00 29.23 13.67
N MET A 626 -7.90 28.58 14.03
CA MET A 626 -6.70 29.32 14.41
C MET A 626 -6.15 30.09 13.21
N PRO A 627 -5.87 31.39 13.36
CA PRO A 627 -5.40 32.18 12.22
C PRO A 627 -4.08 31.70 11.65
N ASN A 628 -3.75 32.16 10.45
CA ASN A 628 -2.51 31.75 9.78
C ASN A 628 -1.32 32.58 10.19
N MET A 629 -1.53 33.62 11.01
CA MET A 629 -0.43 34.44 11.49
C MET A 629 -0.01 34.09 12.90
N LEU A 630 -0.85 33.38 13.65
CA LEU A 630 -0.48 32.84 14.96
C LEU A 630 0.07 31.44 14.86
N ARG A 631 0.03 30.84 13.67
CA ARG A 631 0.68 29.57 13.40
C ARG A 631 2.05 29.73 12.76
N ILE A 632 2.26 30.82 12.01
CA ILE A 632 3.61 31.24 11.62
C ILE A 632 4.40 31.75 12.81
N MET A 633 3.75 32.39 13.77
CA MET A 633 4.42 32.94 14.94
C MET A 633 4.81 31.87 15.95
N ALA A 634 4.19 30.69 15.90
CA ALA A 634 4.58 29.58 16.75
C ALA A 634 5.77 28.81 16.22
N SER A 635 5.96 28.79 14.90
CA SER A 635 7.13 28.18 14.29
C SER A 635 8.36 29.06 14.37
N LEU A 636 8.18 30.36 14.57
CA LEU A 636 9.29 31.28 14.71
C LEU A 636 9.77 31.43 16.14
N VAL A 637 8.95 31.02 17.12
CA VAL A 637 9.39 30.97 18.50
C VAL A 637 10.15 29.67 18.78
N LEU A 638 9.69 28.56 18.20
CA LEU A 638 10.39 27.29 18.34
C LEU A 638 11.71 27.25 17.57
N ALA A 639 11.85 28.07 16.53
CA ALA A 639 13.04 28.10 15.70
C ALA A 639 14.02 29.18 16.12
N ARG A 640 13.81 29.80 17.28
CA ARG A 640 14.71 30.79 17.82
C ARG A 640 15.89 30.16 18.53
N LYS A 641 15.91 28.84 18.56
CA LYS A 641 16.96 28.14 19.25
C LYS A 641 17.99 27.71 18.27
N HIS A 642 17.75 27.92 17.00
CA HIS A 642 18.67 27.48 16.02
C HIS A 642 19.44 28.67 15.62
N THR A 643 20.12 29.30 16.55
CA THR A 643 20.82 30.52 16.22
C THR A 643 22.30 30.42 16.03
N THR A 644 22.84 29.22 15.96
CA THR A 644 24.26 29.04 15.66
C THR A 644 24.34 27.96 14.63
N CYS A 645 23.46 26.99 14.72
CA CYS A 645 23.41 25.91 13.77
C CYS A 645 22.91 26.29 12.38
N CYS A 646 22.11 27.33 12.22
CA CYS A 646 21.50 27.67 10.94
C CYS A 646 21.59 29.15 10.62
N SER A 647 21.57 29.53 9.35
CA SER A 647 21.71 30.91 8.93
C SER A 647 20.43 31.60 8.61
N LEU A 648 20.46 32.91 8.43
CA LEU A 648 19.18 33.58 8.23
C LEU A 648 18.42 33.03 7.04
N SER A 649 19.14 32.60 6.01
CA SER A 649 18.53 32.01 4.82
C SER A 649 18.15 30.56 5.00
N HIS A 650 18.85 29.82 5.88
CA HIS A 650 18.49 28.44 6.17
C HIS A 650 17.26 28.33 7.04
N ARG A 651 16.93 29.38 7.79
CA ARG A 651 15.78 29.39 8.67
C ARG A 651 14.52 29.93 8.00
N PHE A 652 14.64 30.47 6.80
CA PHE A 652 13.46 30.83 6.02
C PHE A 652 12.95 29.62 5.24
N TYR A 653 13.86 28.95 4.53
CA TYR A 653 13.50 27.77 3.75
C TYR A 653 13.08 26.60 4.62
N ARG A 654 13.35 26.64 5.92
CA ARG A 654 12.79 25.68 6.87
C ARG A 654 11.52 26.19 7.52
N LEU A 655 11.12 27.43 7.21
CA LEU A 655 9.82 27.97 7.58
C LEU A 655 8.82 27.86 6.44
N ALA A 656 9.23 28.20 5.21
CA ALA A 656 8.38 27.98 4.05
C ALA A 656 8.10 26.50 3.86
N ASN A 657 9.06 25.64 4.18
CA ASN A 657 8.86 24.21 4.09
C ASN A 657 7.80 23.73 5.08
N GLU A 658 7.69 24.38 6.24
CA GLU A 658 6.67 24.02 7.20
C GLU A 658 5.29 24.50 6.75
N CYS A 659 5.21 25.72 6.22
CA CYS A 659 3.93 26.24 5.74
C CYS A 659 3.41 25.43 4.57
N ALA A 660 4.30 25.06 3.64
CA ALA A 660 3.90 24.30 2.46
C ALA A 660 3.45 22.88 2.80
N GLN A 661 3.68 22.42 4.02
CA GLN A 661 3.42 21.04 4.38
C GLN A 661 2.36 20.84 5.46
N VAL A 662 2.21 21.78 6.40
CA VAL A 662 1.25 21.59 7.49
C VAL A 662 0.36 22.80 7.72
N LEU A 663 0.33 23.74 6.79
CA LEU A 663 -0.52 24.91 7.02
C LEU A 663 -1.44 25.23 5.85
N SER A 664 -0.95 25.05 4.62
CA SER A 664 -1.73 25.37 3.43
C SER A 664 -1.63 24.29 2.38
N GLU A 665 -1.46 23.04 2.82
CA GLU A 665 -1.14 21.90 1.98
C GLU A 665 -2.32 21.40 1.17
N MET A 666 -2.12 20.29 0.47
CA MET A 666 -3.17 19.59 -0.25
C MET A 666 -3.53 18.34 0.53
N VAL A 667 -4.82 18.12 0.74
CA VAL A 667 -5.28 17.00 1.55
C VAL A 667 -6.01 16.01 0.67
N MET A 668 -5.98 14.75 1.10
CA MET A 668 -6.66 13.66 0.42
C MET A 668 -7.84 13.21 1.27
N CYS A 669 -9.05 13.51 0.81
CA CYS A 669 -10.27 13.12 1.50
C CYS A 669 -11.05 12.24 0.55
N GLY A 670 -11.00 10.93 0.77
CA GLY A 670 -11.60 9.99 -0.15
C GLY A 670 -10.63 9.56 -1.22
N GLY A 671 -10.89 9.96 -2.46
CA GLY A 671 -9.95 9.72 -3.53
C GLY A 671 -9.70 10.98 -4.34
N SER A 672 -9.65 12.12 -3.66
CA SER A 672 -9.61 13.40 -4.34
C SER A 672 -8.72 14.35 -3.55
N LEU A 673 -8.20 15.37 -4.23
CA LEU A 673 -7.31 16.34 -3.62
C LEU A 673 -8.03 17.66 -3.41
N TYR A 674 -7.96 18.18 -2.20
CA TYR A 674 -8.52 19.50 -1.88
C TYR A 674 -7.41 20.39 -1.33
N VAL A 675 -7.72 21.68 -1.23
CA VAL A 675 -6.78 22.69 -0.75
C VAL A 675 -7.20 23.09 0.66
N LYS A 676 -6.27 22.97 1.60
CA LYS A 676 -6.53 23.38 2.97
C LYS A 676 -6.42 24.89 3.09
N PRO A 677 -7.43 25.56 3.64
CA PRO A 677 -7.35 27.03 3.78
C PRO A 677 -6.39 27.48 4.86
N GLY A 678 -6.17 26.70 5.89
CA GLY A 678 -5.29 27.11 6.96
C GLY A 678 -5.66 26.37 8.21
N GLY A 679 -4.88 26.52 9.26
CA GLY A 679 -5.20 25.87 10.50
C GLY A 679 -4.24 24.76 10.80
N THR A 680 -4.24 24.27 12.02
CA THR A 680 -3.27 23.25 12.39
C THR A 680 -3.57 21.85 11.91
N SER A 681 -2.63 20.92 12.04
CA SER A 681 -2.84 19.59 11.50
C SER A 681 -2.45 18.83 12.73
N SER A 682 -3.20 17.81 13.06
CA SER A 682 -2.89 17.01 14.22
C SER A 682 -2.24 15.93 13.44
N GLY A 683 -0.98 15.70 13.70
CA GLY A 683 -0.26 14.70 12.96
C GLY A 683 1.08 15.25 12.63
N ASP A 684 1.27 16.54 12.80
CA ASP A 684 2.59 17.07 12.59
C ASP A 684 3.34 16.82 13.83
N ALA A 685 4.64 16.97 13.76
CA ALA A 685 5.46 16.70 14.92
C ALA A 685 5.17 17.65 16.03
N THR A 686 5.50 18.90 15.83
CA THR A 686 5.30 19.92 16.85
C THR A 686 3.88 20.36 16.91
N THR A 687 2.99 19.55 17.44
CA THR A 687 1.63 20.00 17.60
C THR A 687 1.48 20.35 19.02
N ALA A 688 1.55 19.39 19.91
CA ALA A 688 1.27 19.80 21.28
C ALA A 688 2.16 20.96 21.71
N TYR A 689 3.33 21.09 21.09
CA TYR A 689 4.28 22.12 21.46
C TYR A 689 4.02 23.45 20.77
N ALA A 690 3.38 23.42 19.59
CA ALA A 690 2.97 24.64 18.92
C ALA A 690 1.59 25.11 19.38
N ASN A 691 0.80 24.22 19.98
CA ASN A 691 -0.47 24.60 20.58
C ASN A 691 -0.29 25.27 21.93
N SER A 692 0.85 25.06 22.58
CA SER A 692 1.16 25.72 23.84
C SER A 692 1.76 27.10 23.66
N VAL A 693 2.47 27.34 22.56
CA VAL A 693 2.89 28.68 22.22
C VAL A 693 1.72 29.58 21.85
N PHE A 694 0.72 29.04 21.16
CA PHE A 694 -0.50 29.77 20.84
C PHE A 694 -1.36 30.01 22.07
N ASN A 695 -1.35 29.10 23.02
CA ASN A 695 -2.13 29.25 24.25
C ASN A 695 -1.55 30.32 25.17
N ILE A 696 -0.22 30.46 25.21
CA ILE A 696 0.40 31.54 25.96
C ILE A 696 0.30 32.88 25.26
N CYS A 697 0.30 32.89 23.93
CA CYS A 697 0.17 34.13 23.17
C CYS A 697 -1.20 34.78 23.30
N GLN A 698 -2.26 33.98 23.42
CA GLN A 698 -3.61 34.50 23.56
C GLN A 698 -3.95 34.89 25.00
N ALA A 699 -3.15 34.44 25.97
CA ALA A 699 -3.36 34.79 27.36
C ALA A 699 -2.45 35.92 27.81
N VAL A 700 -1.45 36.28 27.02
CA VAL A 700 -0.64 37.47 27.26
C VAL A 700 -1.22 38.70 26.58
N THR A 701 -1.85 38.54 25.43
CA THR A 701 -2.54 39.64 24.76
C THR A 701 -3.87 39.98 25.41
N ALA A 702 -4.41 39.08 26.24
CA ALA A 702 -5.58 39.43 27.03
C ALA A 702 -5.21 40.31 28.22
N ASN A 703 -3.97 40.18 28.70
CA ASN A 703 -3.48 41.00 29.81
C ASN A 703 -2.97 42.36 29.36
N VAL A 704 -2.70 42.53 28.07
CA VAL A 704 -2.29 43.81 27.51
C VAL A 704 -3.55 44.62 27.25
N ASN A 705 -4.58 43.97 26.74
CA ASN A 705 -5.85 44.60 26.43
C ASN A 705 -6.65 44.93 27.67
N ALA A 706 -6.35 44.30 28.81
CA ALA A 706 -7.04 44.58 30.06
C ALA A 706 -6.45 45.75 30.81
N LEU A 707 -5.15 45.99 30.66
CA LEU A 707 -4.45 47.08 31.31
C LEU A 707 -4.46 48.36 30.48
N LEU A 708 -4.45 48.24 29.15
CA LEU A 708 -4.44 49.40 28.28
C LEU A 708 -5.82 49.98 28.05
N SER A 709 -6.87 49.24 28.38
CA SER A 709 -8.25 49.70 28.24
C SER A 709 -8.85 50.06 29.60
N THR A 710 -8.00 50.29 30.59
CA THR A 710 -8.40 50.64 31.94
C THR A 710 -8.10 52.12 32.15
N ASP A 711 -9.10 52.86 32.64
CA ASP A 711 -8.94 54.29 32.86
C ASP A 711 -7.77 54.54 33.80
N GLY A 712 -6.75 55.23 33.29
CA GLY A 712 -5.50 55.39 33.99
C GLY A 712 -5.54 56.37 35.14
N ASN A 713 -6.63 57.10 35.30
CA ASN A 713 -6.76 58.01 36.44
C ASN A 713 -7.27 57.33 37.69
N LYS A 714 -8.04 56.24 37.53
CA LYS A 714 -8.61 55.55 38.68
C LYS A 714 -7.67 54.56 39.33
N ILE A 715 -6.53 54.25 38.70
CA ILE A 715 -5.57 53.35 39.30
C ILE A 715 -4.94 54.03 40.50
N ALA A 716 -5.24 53.52 41.69
CA ALA A 716 -4.68 54.08 42.92
C ALA A 716 -3.19 53.80 43.07
N ASP A 717 -2.76 52.57 42.75
CA ASP A 717 -1.36 52.22 42.84
C ASP A 717 -0.54 53.05 41.85
N LYS A 718 0.69 53.37 42.24
CA LYS A 718 1.57 54.15 41.40
C LYS A 718 2.58 53.30 40.65
N TYR A 719 2.73 52.02 41.00
CA TYR A 719 3.57 51.14 40.19
C TYR A 719 2.80 50.57 39.02
N VAL A 720 1.48 50.42 39.15
CA VAL A 720 0.65 49.84 38.11
C VAL A 720 0.05 50.98 37.31
N ARG A 721 0.63 52.17 37.47
CA ARG A 721 0.22 53.34 36.70
C ARG A 721 1.33 53.84 35.81
N ASN A 722 2.59 53.59 36.14
CA ASN A 722 3.70 53.80 35.23
C ASN A 722 4.05 52.56 34.43
N LEU A 723 3.64 51.38 34.88
CA LEU A 723 3.72 50.16 34.09
C LEU A 723 2.67 50.12 33.00
N GLN A 724 1.58 50.86 33.16
CA GLN A 724 0.59 51.07 32.12
C GLN A 724 0.97 52.20 31.19
N HIS A 725 1.82 53.13 31.65
CA HIS A 725 2.28 54.24 30.83
C HIS A 725 3.49 53.89 29.98
N ARG A 726 4.28 52.90 30.38
CA ARG A 726 5.42 52.44 29.58
C ARG A 726 5.06 51.32 28.63
N LEU A 727 3.96 50.62 28.88
CA LEU A 727 3.49 49.60 27.95
C LEU A 727 2.92 50.19 26.66
N TYR A 728 2.22 51.32 26.75
CA TYR A 728 1.80 52.03 25.54
C TYR A 728 3.00 52.49 24.73
N GLU A 729 4.02 53.02 25.40
CA GLU A 729 5.25 53.43 24.70
C GLU A 729 5.91 52.23 24.05
N CYS A 730 6.02 51.12 24.78
CA CYS A 730 6.67 49.94 24.24
C CYS A 730 5.91 49.35 23.06
N LEU A 731 4.59 49.54 23.00
CA LEU A 731 3.80 49.03 21.89
C LEU A 731 3.78 49.97 20.69
N TYR A 732 3.38 51.23 20.88
CA TYR A 732 3.07 52.11 19.76
C TYR A 732 4.04 53.27 19.59
N ARG A 733 5.03 53.43 20.47
CA ARG A 733 5.99 54.52 20.36
C ARG A 733 7.43 54.05 20.32
N ASN A 734 7.66 52.74 20.27
CA ASN A 734 9.00 52.20 20.13
C ASN A 734 9.01 51.27 18.92
N ARG A 735 10.19 51.10 18.34
CA ARG A 735 10.35 50.29 17.15
C ARG A 735 11.24 49.09 17.33
N ASP A 736 12.13 49.09 18.33
CA ASP A 736 13.00 47.96 18.62
C ASP A 736 12.66 47.37 19.98
N VAL A 737 13.28 46.23 20.27
CA VAL A 737 12.99 45.50 21.49
C VAL A 737 13.68 46.18 22.68
N ASP A 738 12.92 46.49 23.71
CA ASP A 738 13.44 47.04 24.95
C ASP A 738 13.49 45.92 25.98
N THR A 739 14.67 45.35 26.20
CA THR A 739 14.79 44.22 27.12
C THR A 739 15.03 44.67 28.56
N ASP A 740 14.22 45.63 29.02
CA ASP A 740 14.12 45.96 30.44
C ASP A 740 12.69 46.10 30.90
N PHE A 741 11.76 46.42 30.00
CA PHE A 741 10.34 46.34 30.28
C PHE A 741 9.75 44.98 29.97
N VAL A 742 10.34 44.25 29.02
CA VAL A 742 9.91 42.88 28.78
C VAL A 742 10.21 42.00 29.99
N ASN A 743 11.41 42.11 30.56
CA ASN A 743 11.77 41.40 31.77
C ASN A 743 10.92 41.82 32.97
N GLU A 744 10.36 43.02 32.94
CA GLU A 744 9.54 43.54 34.03
C GLU A 744 8.08 43.17 33.91
N PHE A 745 7.51 43.27 32.70
CA PHE A 745 6.18 42.76 32.44
C PHE A 745 6.11 41.25 32.64
N TYR A 746 7.16 40.52 32.23
CA TYR A 746 7.20 39.08 32.41
C TYR A 746 7.20 38.67 33.88
N ALA A 747 7.76 39.50 34.77
CA ALA A 747 7.71 39.24 36.20
C ALA A 747 6.40 39.68 36.83
N TYR A 748 5.83 40.80 36.37
CA TYR A 748 4.50 41.21 36.80
C TYR A 748 3.48 40.10 36.52
N LEU A 749 3.51 39.56 35.31
CA LEU A 749 2.57 38.51 34.94
C LEU A 749 2.78 37.27 35.81
N ARG A 750 4.03 36.82 35.93
CA ARG A 750 4.32 35.63 36.73
C ARG A 750 3.93 35.80 38.19
N LYS A 751 3.95 37.02 38.70
CA LYS A 751 3.58 37.27 40.09
C LYS A 751 2.07 37.35 40.30
N HIS A 752 1.33 37.99 39.39
CA HIS A 752 -0.11 38.17 39.57
C HIS A 752 -0.95 37.29 38.67
N PHE A 753 -0.35 36.54 37.74
CA PHE A 753 -1.11 35.75 36.76
C PHE A 753 -0.26 34.51 36.45
N SER A 754 -0.47 33.45 37.23
CA SER A 754 0.34 32.25 37.10
C SER A 754 -0.43 31.20 36.32
N MET A 755 0.24 30.58 35.35
CA MET A 755 -0.41 29.69 34.40
C MET A 755 0.22 28.32 34.43
N MET A 756 -0.57 27.33 34.02
CA MET A 756 -0.08 25.98 33.75
C MET A 756 -0.75 25.52 32.45
N ILE A 757 0.08 25.21 31.46
CA ILE A 757 -0.36 25.02 30.07
C ILE A 757 -0.01 23.61 29.62
N LEU A 758 -0.99 22.92 29.03
CA LEU A 758 -0.74 21.67 28.32
C LEU A 758 -1.55 21.66 27.02
N SER A 759 -0.96 22.24 25.97
CA SER A 759 -1.45 22.09 24.60
C SER A 759 -2.93 22.47 24.46
N ASP A 760 -3.21 23.75 24.73
CA ASP A 760 -4.53 24.38 24.60
C ASP A 760 -5.46 23.98 25.75
N ASP A 761 -4.90 23.34 26.78
CA ASP A 761 -5.55 23.20 28.08
C ASP A 761 -4.76 24.02 29.08
N ALA A 762 -5.44 24.87 29.84
CA ALA A 762 -4.75 25.83 30.69
C ALA A 762 -5.50 26.05 31.98
N VAL A 763 -4.75 26.27 33.05
CA VAL A 763 -5.28 26.59 34.38
C VAL A 763 -4.53 27.78 34.93
N VAL A 764 -5.25 28.78 35.44
CA VAL A 764 -4.63 30.02 35.89
C VAL A 764 -4.99 30.28 37.34
N CYS A 765 -3.98 30.57 38.16
CA CYS A 765 -4.16 31.14 39.48
C CYS A 765 -3.87 32.64 39.39
N PHE A 766 -4.84 33.47 39.75
CA PHE A 766 -4.70 34.90 39.55
C PHE A 766 -5.11 35.68 40.79
N ASN A 767 -4.53 36.87 40.91
CA ASN A 767 -4.94 37.83 41.91
C ASN A 767 -6.39 38.25 41.68
N SER A 768 -7.20 38.15 42.73
CA SER A 768 -8.63 38.39 42.61
C SER A 768 -9.02 39.81 43.01
N THR A 769 -8.07 40.62 43.45
CA THR A 769 -8.31 42.03 43.73
C THR A 769 -7.66 42.92 42.68
N TYR A 770 -6.95 42.32 41.72
CA TYR A 770 -6.42 43.01 40.56
C TYR A 770 -7.25 42.80 39.32
N ALA A 771 -7.84 41.63 39.13
CA ALA A 771 -8.71 41.37 38.00
C ALA A 771 -10.06 42.03 38.13
N SER A 772 -10.49 42.37 39.34
CA SER A 772 -11.71 43.13 39.56
C SER A 772 -11.53 44.62 39.34
N GLN A 773 -10.34 45.15 39.65
CA GLN A 773 -10.04 46.54 39.34
C GLN A 773 -9.80 46.72 37.85
N GLY A 774 -9.15 45.75 37.21
CA GLY A 774 -8.96 45.77 35.78
C GLY A 774 -7.51 45.78 35.37
N LEU A 775 -6.62 45.33 36.25
CA LEU A 775 -5.18 45.34 35.99
C LEU A 775 -4.67 43.97 35.56
N VAL A 776 -5.57 43.01 35.38
CA VAL A 776 -5.19 41.63 35.05
C VAL A 776 -6.37 41.04 34.26
N ALA A 777 -6.07 40.10 33.37
CA ALA A 777 -7.07 39.53 32.49
C ALA A 777 -8.17 38.82 33.28
N SER A 778 -9.39 38.89 32.75
CA SER A 778 -10.54 38.20 33.30
C SER A 778 -11.12 37.26 32.25
N ILE A 779 -12.25 36.61 32.55
CA ILE A 779 -12.93 35.79 31.56
C ILE A 779 -13.52 36.64 30.45
N LYS A 780 -14.02 37.83 30.76
CA LYS A 780 -14.54 38.76 29.76
C LYS A 780 -13.46 39.31 28.85
N ASN A 781 -12.20 39.31 29.30
CA ASN A 781 -11.08 39.77 28.49
C ASN A 781 -10.52 38.67 27.60
N PHE A 782 -10.94 37.43 27.81
CA PHE A 782 -10.65 36.34 26.89
C PHE A 782 -11.73 36.19 25.82
N LYS A 783 -12.94 36.68 26.09
CA LYS A 783 -14.05 36.61 25.15
C LYS A 783 -13.96 37.70 24.09
N SER A 784 -13.25 38.80 24.36
CA SER A 784 -13.02 39.84 23.38
C SER A 784 -11.84 39.55 22.48
N VAL A 785 -10.76 38.96 23.02
CA VAL A 785 -9.60 38.61 22.22
C VAL A 785 -9.87 37.49 21.24
N LEU A 786 -10.73 36.54 21.59
CA LEU A 786 -11.06 35.44 20.70
C LEU A 786 -12.04 35.85 19.62
N TYR A 787 -12.62 37.05 19.69
CA TYR A 787 -13.59 37.53 18.73
C TYR A 787 -12.94 38.27 17.56
N TYR A 788 -11.89 39.04 17.82
CA TYR A 788 -11.23 39.75 16.73
C TYR A 788 -9.91 39.10 16.30
N GLN A 789 -9.29 38.33 17.19
CA GLN A 789 -8.05 37.65 16.87
C GLN A 789 -8.23 36.18 16.53
N ASN A 790 -9.42 35.62 16.71
CA ASN A 790 -9.59 34.19 16.47
C ASN A 790 -10.87 33.83 15.74
N ASN A 791 -11.80 34.77 15.54
CA ASN A 791 -13.01 34.56 14.75
C ASN A 791 -13.93 33.48 15.33
N VAL A 792 -14.00 33.40 16.66
CA VAL A 792 -14.94 32.52 17.34
C VAL A 792 -15.59 33.30 18.47
N PHE A 793 -16.71 32.78 18.95
CA PHE A 793 -17.40 33.32 20.11
C PHE A 793 -17.29 32.31 21.25
N MET A 794 -16.65 32.72 22.34
CA MET A 794 -16.46 31.86 23.50
C MET A 794 -17.55 32.17 24.52
N SER A 795 -18.54 31.29 24.61
CA SER A 795 -19.60 31.47 25.59
C SER A 795 -19.07 31.22 26.99
N GLU A 796 -19.44 32.08 27.92
CA GLU A 796 -18.98 31.94 29.31
C GLU A 796 -19.82 30.93 30.08
N ALA A 797 -20.05 29.79 29.45
CA ALA A 797 -20.65 28.63 30.10
C ALA A 797 -19.80 27.40 29.83
N LYS A 798 -18.67 27.60 29.16
CA LYS A 798 -17.66 26.57 29.00
C LYS A 798 -16.39 26.90 29.78
N CYS A 799 -16.37 28.03 30.48
CA CYS A 799 -15.29 28.44 31.35
C CYS A 799 -15.75 28.30 32.80
N TRP A 800 -14.81 28.05 33.69
CA TRP A 800 -15.14 27.89 35.11
C TRP A 800 -14.32 28.86 35.94
N THR A 801 -14.64 28.92 37.23
CA THR A 801 -13.93 29.73 38.20
C THR A 801 -14.04 29.04 39.55
N GLU A 802 -13.03 29.27 40.39
CA GLU A 802 -12.99 28.61 41.68
C GLU A 802 -12.42 29.57 42.72
N THR A 803 -13.19 29.81 43.78
CA THR A 803 -12.78 30.74 44.82
C THR A 803 -12.00 30.04 45.93
N ASP A 804 -12.39 28.81 46.27
CA ASP A 804 -11.76 28.04 47.33
C ASP A 804 -10.68 27.17 46.72
N LEU A 805 -9.43 27.42 47.10
CA LEU A 805 -8.27 26.73 46.53
C LEU A 805 -8.02 25.37 47.16
N THR A 806 -8.76 25.02 48.21
CA THR A 806 -8.66 23.69 48.82
C THR A 806 -9.54 22.67 48.10
N LYS A 807 -10.06 23.05 46.93
CA LYS A 807 -10.85 22.15 46.12
C LYS A 807 -10.23 21.90 44.75
N GLY A 808 -9.09 22.50 44.44
CA GLY A 808 -8.40 22.27 43.20
C GLY A 808 -9.12 22.86 42.00
N PRO A 809 -8.52 22.73 40.83
CA PRO A 809 -9.21 23.14 39.60
C PRO A 809 -10.46 22.30 39.38
N HIS A 810 -11.48 22.93 38.79
CA HIS A 810 -12.69 22.19 38.46
C HIS A 810 -12.39 21.07 37.47
N GLU A 811 -11.59 21.36 36.45
CA GLU A 811 -11.21 20.34 35.49
C GLU A 811 -9.91 20.72 34.80
N PHE A 812 -9.04 19.74 34.63
CA PHE A 812 -7.81 19.88 33.86
C PHE A 812 -7.49 18.52 33.28
N CYS A 813 -7.35 18.44 31.95
CA CYS A 813 -7.05 17.18 31.27
C CYS A 813 -8.10 16.12 31.55
N SER A 814 -9.37 16.53 31.57
CA SER A 814 -10.53 15.66 31.78
C SER A 814 -10.53 15.01 33.16
N GLN A 815 -9.83 15.60 34.13
CA GLN A 815 -9.69 15.02 35.46
C GLN A 815 -10.13 16.01 36.52
N HIS A 816 -10.81 15.51 37.54
CA HIS A 816 -11.20 16.31 38.69
C HIS A 816 -10.16 16.17 39.80
N THR A 817 -10.19 17.10 40.74
CA THR A 817 -9.20 17.17 41.80
C THR A 817 -9.87 17.05 43.16
N MET A 818 -9.19 16.38 44.10
CA MET A 818 -9.74 16.27 45.44
C MET A 818 -8.63 16.19 46.47
N LEU A 819 -8.84 16.85 47.61
CA LEU A 819 -7.85 16.88 48.69
C LEU A 819 -8.11 15.73 49.65
N VAL A 820 -7.22 14.73 49.65
CA VAL A 820 -7.35 13.58 50.53
C VAL A 820 -6.29 13.67 51.61
N LYS A 821 -6.45 12.85 52.66
CA LYS A 821 -5.46 12.73 53.72
C LYS A 821 -4.73 11.42 53.52
N GLN A 822 -3.44 11.49 53.25
CA GLN A 822 -2.61 10.32 52.97
C GLN A 822 -1.41 10.37 53.89
N GLY A 823 -1.09 9.24 54.50
CA GLY A 823 -0.02 9.23 55.48
C GLY A 823 -0.34 10.17 56.62
N ASP A 824 0.54 11.15 56.84
CA ASP A 824 0.29 12.18 57.83
C ASP A 824 -0.03 13.54 57.23
N ASP A 825 -0.13 13.65 55.90
CA ASP A 825 -0.30 14.94 55.25
C ASP A 825 -1.40 14.89 54.20
N TYR A 826 -1.87 16.08 53.82
CA TYR A 826 -2.98 16.22 52.88
C TYR A 826 -2.42 16.47 51.49
N VAL A 827 -2.91 15.71 50.51
CA VAL A 827 -2.41 15.79 49.14
C VAL A 827 -3.60 15.94 48.18
N TYR A 828 -3.27 16.27 46.94
CA TYR A 828 -4.26 16.41 45.86
C TYR A 828 -4.20 15.18 44.97
N LEU A 829 -5.37 14.59 44.70
CA LEU A 829 -5.45 13.42 43.86
C LEU A 829 -6.39 13.68 42.69
N PRO A 830 -6.05 13.19 41.49
CA PRO A 830 -6.94 13.32 40.33
C PRO A 830 -7.87 12.13 40.22
N TYR A 831 -9.13 12.38 39.90
CA TYR A 831 -10.01 11.26 39.64
C TYR A 831 -10.82 11.48 38.36
N PRO A 832 -11.14 10.41 37.64
CA PRO A 832 -11.85 10.53 36.36
C PRO A 832 -13.35 10.70 36.51
N ASP A 833 -14.06 10.63 35.38
CA ASP A 833 -15.52 10.60 35.36
C ASP A 833 -15.94 9.14 35.43
N PRO A 834 -16.75 8.74 36.42
CA PRO A 834 -17.09 7.31 36.57
C PRO A 834 -17.71 6.68 35.33
N SER A 835 -18.51 7.44 34.58
CA SER A 835 -19.13 6.94 33.37
C SER A 835 -18.11 6.65 32.26
N ARG A 836 -16.92 7.23 32.35
CA ARG A 836 -15.85 6.98 31.39
C ARG A 836 -15.10 5.70 31.68
N ILE A 837 -14.90 5.38 32.96
CA ILE A 837 -14.22 4.14 33.33
C ILE A 837 -15.19 2.95 33.30
N LEU A 838 -16.46 3.17 33.65
CA LEU A 838 -17.44 2.10 33.53
C LEU A 838 -17.72 1.78 32.07
N GLY A 839 -17.85 2.82 31.24
CA GLY A 839 -18.20 2.62 29.84
C GLY A 839 -17.03 2.15 29.00
N ALA A 840 -15.83 2.10 29.59
CA ALA A 840 -14.66 1.59 28.89
C ALA A 840 -14.45 0.10 29.10
N GLY A 841 -15.25 -0.53 29.97
CA GLY A 841 -15.20 -1.97 30.13
C GLY A 841 -16.37 -2.65 29.46
N CYS A 842 -17.42 -1.87 29.16
CA CYS A 842 -18.60 -2.43 28.50
C CYS A 842 -18.48 -2.39 26.99
N PHE A 843 -17.83 -1.37 26.42
CA PHE A 843 -17.78 -1.18 24.98
C PHE A 843 -16.33 -1.21 24.50
N VAL A 844 -15.96 -2.10 23.59
CA VAL A 844 -14.56 -2.28 23.15
C VAL A 844 -14.29 -2.48 21.64
N ASP A 845 -13.53 -3.50 21.22
CA ASP A 845 -13.23 -3.88 19.79
C ASP A 845 -12.92 -5.42 19.55
N ASP A 846 -13.84 -6.34 19.86
CA ASP A 846 -13.74 -7.86 19.71
C ASP A 846 -12.50 -8.62 20.09
N ILE A 847 -12.64 -9.81 20.66
CA ILE A 847 -11.49 -10.60 21.17
C ILE A 847 -10.76 -9.82 22.20
N VAL A 848 -11.20 -8.60 22.43
CA VAL A 848 -10.48 -7.75 23.33
C VAL A 848 -11.19 -8.02 24.53
N LYS A 849 -12.37 -7.50 24.59
CA LYS A 849 -12.96 -7.66 25.85
C LYS A 849 -14.33 -8.08 25.64
N THR A 850 -14.40 -9.24 25.04
CA THR A 850 -15.66 -9.80 24.81
C THR A 850 -15.33 -11.14 25.45
N ASP A 851 -14.19 -11.22 26.13
CA ASP A 851 -13.76 -12.43 26.83
C ASP A 851 -12.73 -11.86 27.74
N GLY A 852 -13.00 -11.81 29.04
CA GLY A 852 -12.05 -11.08 29.87
C GLY A 852 -10.80 -11.86 30.21
N THR A 853 -10.85 -13.19 30.12
CA THR A 853 -9.71 -14.00 30.50
C THR A 853 -8.53 -13.84 29.55
N LEU A 854 -8.77 -13.48 28.28
CA LEU A 854 -7.70 -13.32 27.31
C LEU A 854 -6.96 -12.00 27.46
N MET A 855 -7.49 -11.09 28.27
CA MET A 855 -6.78 -9.85 28.61
C MET A 855 -7.22 -9.36 29.98
N ILE A 856 -6.49 -9.72 31.03
CA ILE A 856 -6.76 -9.22 32.36
C ILE A 856 -5.91 -7.99 32.68
N GLU A 857 -4.97 -7.66 31.79
CA GLU A 857 -4.17 -6.46 31.93
C GLU A 857 -4.95 -5.19 31.57
N ARG A 858 -6.03 -5.31 30.80
CA ARG A 858 -6.89 -4.17 30.52
C ARG A 858 -7.61 -3.67 31.75
N PHE A 859 -7.90 -4.57 32.71
CA PHE A 859 -8.67 -4.22 33.89
C PHE A 859 -7.79 -3.85 35.07
N VAL A 860 -6.51 -4.20 35.04
CA VAL A 860 -5.55 -3.67 36.01
C VAL A 860 -5.08 -2.28 35.64
N SER A 861 -5.13 -1.91 34.37
CA SER A 861 -4.80 -0.56 33.93
C SER A 861 -6.03 0.36 33.97
N LEU A 862 -7.21 -0.20 34.21
CA LEU A 862 -8.42 0.59 34.40
C LEU A 862 -8.79 0.75 35.87
N ALA A 863 -8.27 -0.11 36.75
CA ALA A 863 -8.42 0.06 38.19
C ALA A 863 -7.36 0.97 38.78
N ILE A 864 -6.25 1.20 38.07
CA ILE A 864 -5.31 2.21 38.48
C ILE A 864 -5.92 3.60 38.32
N ASP A 865 -6.65 3.81 37.22
CA ASP A 865 -7.30 5.09 36.98
C ASP A 865 -8.51 5.31 37.87
N ALA A 866 -9.16 4.25 38.33
CA ALA A 866 -10.35 4.35 39.16
C ALA A 866 -10.04 4.36 40.64
N TYR A 867 -8.77 4.28 41.03
CA TYR A 867 -8.45 4.18 42.45
C TYR A 867 -8.88 5.41 43.25
N PRO A 868 -8.57 6.65 42.85
CA PRO A 868 -8.85 7.78 43.75
C PRO A 868 -10.34 8.08 43.88
N LEU A 869 -11.19 7.23 43.31
CA LEU A 869 -12.62 7.30 43.54
C LEU A 869 -13.02 6.70 44.87
N THR A 870 -12.12 5.95 45.51
CA THR A 870 -12.38 5.37 46.82
C THR A 870 -12.43 6.41 47.92
N LYS A 871 -11.90 7.60 47.69
CA LYS A 871 -11.87 8.65 48.68
C LYS A 871 -13.02 9.64 48.50
N HIS A 872 -13.86 9.44 47.50
CA HIS A 872 -14.92 10.38 47.20
C HIS A 872 -16.02 10.31 48.26
N PRO A 873 -16.60 11.45 48.63
CA PRO A 873 -17.71 11.42 49.59
C PRO A 873 -18.94 10.69 49.09
N ASN A 874 -19.11 10.56 47.77
CA ASN A 874 -20.23 9.82 47.21
C ASN A 874 -19.89 8.32 47.19
N GLN A 875 -20.76 7.52 47.78
CA GLN A 875 -20.52 6.09 47.91
C GLN A 875 -20.88 5.34 46.63
N GLU A 876 -21.57 5.99 45.70
CA GLU A 876 -21.80 5.40 44.39
C GLU A 876 -20.62 5.57 43.45
N TYR A 877 -19.68 6.45 43.78
CA TYR A 877 -18.42 6.61 43.05
C TYR A 877 -17.34 5.69 43.60
N ALA A 878 -17.32 5.49 44.92
CA ALA A 878 -16.31 4.65 45.54
C ALA A 878 -16.52 3.17 45.26
N ASP A 879 -17.66 2.79 44.67
CA ASP A 879 -17.96 1.41 44.34
C ASP A 879 -17.40 1.00 42.99
N VAL A 880 -17.02 1.95 42.16
CA VAL A 880 -16.49 1.65 40.83
C VAL A 880 -15.13 0.99 40.95
N PHE A 881 -14.39 1.31 42.02
CA PHE A 881 -13.10 0.66 42.24
C PHE A 881 -13.22 -0.73 42.83
N HIS A 882 -14.17 -0.96 43.74
CA HIS A 882 -14.37 -2.29 44.30
C HIS A 882 -15.03 -3.24 43.31
N LEU A 883 -15.77 -2.72 42.33
CA LEU A 883 -16.29 -3.54 41.25
C LEU A 883 -15.21 -4.01 40.29
N TYR A 884 -14.16 -3.22 40.09
CA TYR A 884 -13.05 -3.63 39.24
C TYR A 884 -12.10 -4.59 39.92
N LEU A 885 -11.96 -4.50 41.25
CA LEU A 885 -11.15 -5.47 41.99
C LEU A 885 -11.84 -6.81 42.17
N GLN A 886 -13.17 -6.83 42.13
CA GLN A 886 -13.93 -8.07 42.22
C GLN A 886 -14.06 -8.78 40.89
N TYR A 887 -13.90 -8.07 39.78
CA TYR A 887 -13.93 -8.68 38.46
C TYR A 887 -12.59 -9.26 38.06
N ILE A 888 -11.49 -8.61 38.46
CA ILE A 888 -10.16 -9.16 38.21
C ILE A 888 -9.93 -10.48 38.92
N ARG A 889 -10.48 -10.66 40.11
CA ARG A 889 -10.49 -11.94 40.80
C ARG A 889 -11.37 -12.98 40.12
N LYS A 890 -12.53 -12.57 39.62
CA LYS A 890 -13.40 -13.48 38.88
C LYS A 890 -12.71 -13.98 37.62
N LEU A 891 -12.04 -13.09 36.90
CA LEU A 891 -11.33 -13.45 35.67
C LEU A 891 -10.09 -14.27 35.93
N HIS A 892 -9.63 -14.34 37.18
CA HIS A 892 -8.49 -15.17 37.53
C HIS A 892 -8.89 -16.52 38.07
N ASP A 893 -10.00 -16.61 38.80
CA ASP A 893 -10.52 -17.92 39.20
C ASP A 893 -10.94 -18.72 37.97
N GLU A 894 -11.54 -18.06 36.98
CA GLU A 894 -11.94 -18.73 35.75
C GLU A 894 -10.73 -19.25 34.98
N LEU A 895 -9.75 -18.38 34.75
CA LEU A 895 -8.57 -18.74 33.99
C LEU A 895 -7.82 -19.92 34.62
N THR A 896 -7.62 -19.88 35.94
CA THR A 896 -6.93 -20.95 36.63
C THR A 896 -7.88 -22.10 36.95
N GLY A 897 -9.11 -22.01 36.46
CA GLY A 897 -10.08 -23.06 36.66
C GLY A 897 -10.62 -23.56 35.34
N HIS A 898 -10.27 -22.85 34.27
CA HIS A 898 -10.56 -23.30 32.92
C HIS A 898 -9.44 -24.11 32.32
N MET A 899 -8.24 -24.01 32.88
CA MET A 899 -7.08 -24.80 32.48
C MET A 899 -6.83 -25.92 33.48
N LEU A 900 -7.90 -26.41 34.09
CA LEU A 900 -7.81 -27.51 35.06
C LEU A 900 -8.91 -28.52 34.77
N ASP A 901 -9.90 -28.11 33.99
CA ASP A 901 -11.04 -28.96 33.65
C ASP A 901 -11.05 -29.36 32.18
N MET A 902 -10.20 -28.77 31.37
CA MET A 902 -10.00 -29.20 30.00
C MET A 902 -8.59 -29.68 29.74
N TYR A 903 -7.61 -29.14 30.45
CA TYR A 903 -6.22 -29.58 30.40
C TYR A 903 -5.78 -29.75 31.84
N SER A 904 -5.20 -30.91 32.17
CA SER A 904 -4.93 -31.20 33.57
C SER A 904 -3.74 -30.36 34.03
N VAL A 905 -3.95 -29.05 34.06
CA VAL A 905 -2.91 -28.10 34.46
C VAL A 905 -3.36 -27.47 35.77
N MET A 906 -2.39 -27.18 36.63
CA MET A 906 -2.66 -26.59 37.93
C MET A 906 -1.78 -25.35 38.10
N LEU A 907 -2.38 -24.17 38.03
CA LEU A 907 -1.66 -22.92 38.18
C LEU A 907 -1.54 -22.55 39.65
N THR A 908 -0.42 -21.93 40.00
CA THR A 908 -0.16 -21.50 41.37
C THR A 908 -0.53 -20.02 41.50
N ASN A 909 -1.33 -19.69 42.51
CA ASN A 909 -1.85 -18.35 42.70
C ASN A 909 -0.84 -17.44 43.40
N ASP A 910 0.42 -17.84 43.46
CA ASP A 910 1.45 -17.04 44.10
C ASP A 910 1.77 -15.84 43.21
N ASN A 911 1.81 -14.65 43.82
CA ASN A 911 2.09 -13.40 43.11
C ASN A 911 1.05 -13.15 42.02
N THR A 912 -0.22 -13.34 42.35
CA THR A 912 -1.32 -12.97 41.48
C THR A 912 -2.36 -12.24 42.32
N SER A 913 -2.34 -12.50 43.62
CA SER A 913 -3.28 -11.90 44.55
C SER A 913 -3.06 -10.41 44.74
N ARG A 914 -1.95 -9.86 44.25
CA ARG A 914 -1.67 -8.44 44.41
C ARG A 914 -2.60 -7.56 43.59
N TYR A 915 -3.27 -8.12 42.57
CA TYR A 915 -4.09 -7.33 41.67
C TYR A 915 -5.54 -7.20 42.11
N TRP A 916 -5.96 -7.91 43.15
CA TRP A 916 -7.28 -7.66 43.75
C TRP A 916 -7.14 -7.20 45.20
N GLU A 917 -6.00 -6.62 45.55
CA GLU A 917 -5.74 -6.01 46.84
C GLU A 917 -5.47 -4.52 46.65
N PRO A 918 -6.07 -3.66 47.48
CA PRO A 918 -5.95 -2.21 47.29
C PRO A 918 -4.66 -1.61 47.84
N GLU A 919 -3.54 -2.28 47.56
CA GLU A 919 -2.24 -1.77 47.94
C GLU A 919 -1.27 -1.72 46.77
N PHE A 920 -1.54 -2.46 45.70
CA PHE A 920 -0.78 -2.31 44.47
C PHE A 920 -1.14 -1.00 43.77
N TYR A 921 -2.37 -0.54 43.92
CA TYR A 921 -2.84 0.67 43.28
C TYR A 921 -2.65 1.91 44.14
N GLU A 922 -2.63 1.75 45.47
CA GLU A 922 -2.36 2.87 46.36
C GLU A 922 -0.93 3.39 46.23
N ALA A 923 -0.01 2.56 45.74
CA ALA A 923 1.39 2.94 45.62
C ALA A 923 1.67 3.75 44.37
N MET A 924 0.69 3.94 43.52
CA MET A 924 0.84 4.75 42.31
C MET A 924 0.54 6.22 42.55
N TYR A 925 0.04 6.56 43.73
CA TYR A 925 -0.33 7.93 44.06
C TYR A 925 0.41 8.39 45.31
N THR A 926 1.57 7.82 45.58
CA THR A 926 2.38 8.15 46.72
C THR A 926 3.79 8.46 46.20
N PRO A 927 4.47 9.47 46.75
CA PRO A 927 5.82 9.79 46.29
C PRO A 927 6.80 8.67 46.60
N HIS A 928 8.08 8.94 46.34
CA HIS A 928 9.14 7.93 46.33
C HIS A 928 8.89 6.95 45.19
N THR A 929 8.94 7.48 43.96
CA THR A 929 8.68 6.72 42.75
C THR A 929 9.44 5.39 42.74
N VAL A 930 8.81 4.39 42.11
CA VAL A 930 9.42 3.08 41.89
C VAL A 930 9.18 2.69 40.43
N LEU A 931 10.03 1.79 39.95
CA LEU A 931 10.09 1.41 38.52
C LEU A 931 10.29 2.63 37.63
N PHE B 1 33.45 -29.79 23.13
CA PHE B 1 34.65 -29.71 23.96
C PHE B 1 35.72 -30.68 23.48
N SER B 2 35.38 -31.50 22.49
CA SER B 2 36.29 -32.51 21.94
C SER B 2 37.40 -31.93 21.09
N SER B 3 37.47 -30.61 20.90
CA SER B 3 38.54 -30.02 20.12
C SER B 3 39.24 -28.88 20.85
N LEU B 4 38.85 -28.58 22.09
CA LEU B 4 39.54 -27.57 22.87
C LEU B 4 40.99 -28.02 23.09
N PRO B 5 41.99 -27.13 22.91
CA PRO B 5 43.38 -27.59 22.95
C PRO B 5 43.88 -27.83 24.36
N SER B 6 42.98 -27.77 25.35
CA SER B 6 43.33 -28.04 26.74
C SER B 6 42.58 -29.25 27.30
N TYR B 7 42.21 -30.19 26.43
CA TYR B 7 41.55 -31.41 26.89
C TYR B 7 42.57 -32.50 27.21
N ALA B 8 43.74 -32.44 26.57
CA ALA B 8 44.77 -33.46 26.75
C ALA B 8 45.28 -33.48 28.18
N ALA B 9 45.68 -32.31 28.69
CA ALA B 9 46.20 -32.20 30.04
C ALA B 9 45.16 -32.65 31.07
N PHE B 10 43.91 -32.20 30.91
CA PHE B 10 42.84 -32.56 31.82
C PHE B 10 42.59 -34.06 31.82
N ALA B 11 42.46 -34.65 30.62
CA ALA B 11 42.25 -36.08 30.46
C ALA B 11 43.36 -36.87 31.13
N THR B 12 44.63 -36.50 30.88
CA THR B 12 45.74 -37.24 31.45
C THR B 12 45.78 -37.10 32.97
N ALA B 13 45.52 -35.90 33.48
CA ALA B 13 45.57 -35.68 34.91
C ALA B 13 44.45 -36.44 35.63
N GLN B 14 43.29 -36.54 34.99
CA GLN B 14 42.21 -37.36 35.53
C GLN B 14 42.63 -38.82 35.62
N GLU B 15 43.14 -39.37 34.52
CA GLU B 15 43.59 -40.75 34.48
C GLU B 15 44.62 -41.04 35.56
N ALA B 16 45.65 -40.19 35.64
CA ALA B 16 46.70 -40.38 36.64
C ALA B 16 46.15 -40.40 38.05
N TYR B 17 45.26 -39.46 38.37
CA TYR B 17 44.70 -39.36 39.71
C TYR B 17 43.61 -40.39 39.96
N GLU B 18 42.55 -40.35 39.15
CA GLU B 18 41.36 -41.16 39.41
C GLU B 18 41.62 -42.65 39.23
N GLN B 19 42.21 -43.04 38.09
CA GLN B 19 42.38 -44.45 37.78
C GLN B 19 43.33 -45.12 38.77
N ALA B 20 44.29 -44.36 39.30
CA ALA B 20 45.21 -44.85 40.31
C ALA B 20 44.70 -44.57 41.73
N VAL B 21 43.54 -45.13 42.07
CA VAL B 21 42.97 -44.98 43.40
C VAL B 21 43.10 -46.30 44.14
N ALA B 22 42.83 -47.40 43.44
CA ALA B 22 42.94 -48.74 44.01
C ALA B 22 44.36 -49.02 44.46
N ASN B 23 45.34 -48.62 43.65
CA ASN B 23 46.74 -48.81 44.00
C ASN B 23 47.10 -48.00 45.23
N GLY B 24 47.89 -48.58 46.12
CA GLY B 24 48.31 -47.93 47.34
C GLY B 24 49.05 -46.63 47.10
N ASP B 25 48.45 -45.52 47.50
CA ASP B 25 49.01 -44.19 47.29
C ASP B 25 49.38 -43.56 48.63
N SER B 26 50.67 -43.31 48.81
CA SER B 26 51.16 -42.68 50.02
C SER B 26 50.70 -41.23 50.12
N GLU B 27 51.06 -40.59 51.23
CA GLU B 27 50.63 -39.21 51.45
C GLU B 27 51.48 -38.22 50.67
N VAL B 28 52.51 -38.68 49.97
CA VAL B 28 53.33 -37.77 49.18
C VAL B 28 52.90 -37.81 47.71
N VAL B 29 52.52 -38.99 47.22
CA VAL B 29 52.02 -39.09 45.85
C VAL B 29 50.61 -38.53 45.77
N LEU B 30 49.89 -38.50 46.90
CA LEU B 30 48.51 -38.01 46.91
C LEU B 30 48.44 -36.56 46.45
N LYS B 31 49.47 -35.77 46.72
CA LYS B 31 49.52 -34.41 46.21
C LYS B 31 49.44 -34.41 44.69
N LYS B 32 50.22 -35.28 44.05
CA LYS B 32 50.11 -35.46 42.60
C LYS B 32 48.73 -35.98 42.23
N LEU B 33 48.16 -36.82 43.10
CA LEU B 33 46.81 -37.33 42.88
C LEU B 33 45.80 -36.21 43.02
N LYS B 34 46.18 -35.12 43.67
CA LYS B 34 45.25 -34.02 43.91
C LYS B 34 45.61 -32.77 43.12
N LYS B 35 46.85 -32.30 43.26
CA LYS B 35 47.24 -31.07 42.58
C LYS B 35 47.81 -31.34 41.20
N SER B 36 47.14 -32.19 40.42
CA SER B 36 47.45 -32.36 39.00
C SER B 36 46.20 -32.23 38.15
N LEU B 37 45.07 -32.78 38.59
CA LEU B 37 43.80 -32.49 37.93
C LEU B 37 43.31 -31.10 38.29
N ASN B 38 43.60 -30.66 39.51
CA ASN B 38 43.46 -29.26 39.85
C ASN B 38 44.45 -28.45 39.03
N VAL B 39 44.14 -27.16 38.84
CA VAL B 39 44.86 -26.21 37.99
C VAL B 39 44.54 -26.52 36.54
N ALA B 40 44.69 -27.78 36.14
CA ALA B 40 44.33 -28.20 34.79
C ALA B 40 42.83 -28.01 34.58
N LYS B 41 42.03 -28.36 35.58
CA LYS B 41 40.59 -28.18 35.51
C LYS B 41 40.23 -26.70 35.47
N SER B 42 40.91 -25.89 36.29
CA SER B 42 40.73 -24.45 36.26
C SER B 42 40.99 -23.88 34.87
N GLU B 43 42.09 -24.30 34.25
CA GLU B 43 42.44 -23.84 32.91
C GLU B 43 41.43 -24.30 31.88
N PHE B 44 40.97 -25.54 31.99
CA PHE B 44 39.95 -26.05 31.08
C PHE B 44 38.68 -25.22 31.18
N ASP B 45 38.29 -24.89 32.42
CA ASP B 45 37.10 -24.06 32.60
C ASP B 45 37.33 -22.65 32.05
N ARG B 46 38.59 -22.28 32.02
CA ARG B 46 38.90 -21.03 31.43
C ARG B 46 38.86 -21.21 29.93
N ASP B 47 39.09 -22.42 29.45
CA ASP B 47 39.14 -22.64 28.00
C ASP B 47 37.77 -22.91 27.48
N ALA B 48 36.83 -23.00 28.39
CA ALA B 48 35.45 -23.28 28.03
C ALA B 48 34.57 -22.06 28.24
N ALA B 49 35.00 -21.15 29.12
CA ALA B 49 34.30 -19.89 29.34
C ALA B 49 34.62 -18.85 28.27
N MET B 50 35.74 -19.02 27.57
CA MET B 50 36.06 -18.19 26.41
C MET B 50 35.47 -18.73 25.12
N GLN B 51 35.41 -20.05 24.97
CA GLN B 51 34.77 -20.66 23.81
C GLN B 51 33.28 -20.31 23.78
N ARG B 52 32.64 -20.34 24.95
CA ARG B 52 31.23 -19.98 25.06
C ARG B 52 30.98 -18.52 24.72
N LYS B 53 31.99 -17.66 24.86
CA LYS B 53 31.83 -16.24 24.55
C LYS B 53 32.09 -16.01 23.05
N LEU B 54 33.04 -16.76 22.49
CA LEU B 54 33.29 -16.67 21.06
C LEU B 54 32.09 -17.19 20.27
N GLU B 55 31.46 -18.27 20.75
CA GLU B 55 30.29 -18.80 20.07
C GLU B 55 29.16 -17.79 20.04
N LYS B 56 28.90 -17.13 21.16
CA LYS B 56 27.78 -16.24 21.16
C LYS B 56 28.11 -15.08 20.28
N MET B 57 29.36 -14.64 20.27
CA MET B 57 29.66 -13.45 19.50
C MET B 57 29.43 -13.81 18.07
N ALA B 58 29.90 -14.98 17.71
CA ALA B 58 29.75 -15.42 16.33
C ALA B 58 28.28 -15.46 15.96
N ASP B 59 27.44 -16.03 16.83
CA ASP B 59 26.01 -16.10 16.52
C ASP B 59 25.33 -14.80 16.91
N GLN B 60 25.95 -13.69 16.53
CA GLN B 60 25.37 -12.35 16.61
C GLN B 60 25.78 -11.53 15.40
N ALA B 61 26.38 -12.18 14.42
CA ALA B 61 26.72 -11.58 13.14
C ALA B 61 26.10 -12.43 12.04
N MET B 62 25.85 -13.70 12.33
CA MET B 62 25.10 -14.55 11.41
C MET B 62 23.60 -14.36 11.65
N THR B 63 23.24 -13.30 12.35
CA THR B 63 21.85 -12.87 12.51
C THR B 63 21.69 -11.40 12.16
N GLN B 64 22.70 -10.59 12.44
CA GLN B 64 22.71 -9.18 12.08
C GLN B 64 23.12 -8.96 10.62
N MET B 65 23.46 -10.03 9.92
CA MET B 65 23.87 -9.92 8.53
C MET B 65 22.79 -10.46 7.61
N TYR B 66 21.94 -11.34 8.13
CA TYR B 66 20.70 -11.66 7.42
C TYR B 66 19.80 -10.44 7.36
N LYS B 67 19.92 -9.55 8.34
CA LYS B 67 19.05 -8.37 8.40
C LYS B 67 19.57 -7.25 7.50
N GLN B 68 20.89 -7.19 7.28
CA GLN B 68 21.43 -6.27 6.30
C GLN B 68 21.13 -6.73 4.89
N ALA B 69 20.98 -8.04 4.67
CA ALA B 69 20.62 -8.55 3.36
C ALA B 69 19.13 -8.34 3.11
N ARG B 70 18.28 -8.85 4.00
CA ARG B 70 16.86 -8.59 3.90
C ARG B 70 16.41 -7.20 3.46
N SER B 71 17.08 -6.17 3.98
CA SER B 71 16.73 -4.76 3.82
C SER B 71 17.15 -4.19 2.46
N GLU B 72 18.15 -4.82 1.88
CA GLU B 72 18.73 -4.32 0.66
C GLU B 72 17.87 -4.98 -0.37
N ASP B 73 17.58 -6.26 -0.24
CA ASP B 73 16.61 -6.87 -1.13
C ASP B 73 15.29 -6.10 -1.15
N LYS B 74 14.85 -5.63 0.01
CA LYS B 74 13.64 -4.80 0.10
C LYS B 74 13.83 -3.42 -0.51
N ARG B 75 14.97 -2.77 -0.26
CA ARG B 75 15.29 -1.49 -0.88
C ARG B 75 15.28 -1.55 -2.39
N ALA B 76 15.52 -2.73 -2.97
CA ALA B 76 15.46 -2.88 -4.41
C ALA B 76 14.07 -3.21 -4.93
N LYS B 77 13.14 -3.57 -4.05
CA LYS B 77 11.75 -3.82 -4.46
C LYS B 77 10.88 -2.56 -4.38
N VAL B 78 11.25 -1.59 -3.56
CA VAL B 78 10.52 -0.33 -3.53
C VAL B 78 11.12 0.65 -4.53
N THR B 79 12.43 0.55 -4.78
CA THR B 79 13.08 1.42 -5.76
C THR B 79 12.59 1.10 -7.16
N SER B 80 12.04 -0.10 -7.32
CA SER B 80 11.52 -0.52 -8.61
C SER B 80 10.00 -0.41 -8.69
N ALA B 81 9.34 -0.05 -7.59
CA ALA B 81 7.91 0.19 -7.57
C ALA B 81 7.55 1.66 -7.75
N MET B 82 8.33 2.57 -7.18
CA MET B 82 8.14 3.99 -7.47
C MET B 82 8.54 4.29 -8.91
N GLN B 83 9.56 3.61 -9.43
CA GLN B 83 9.94 3.79 -10.82
C GLN B 83 8.84 3.31 -11.76
N THR B 84 8.21 2.18 -11.46
CA THR B 84 7.11 1.69 -12.29
C THR B 84 5.86 2.54 -12.14
N MET B 85 5.88 3.50 -11.23
CA MET B 85 4.75 4.42 -11.11
C MET B 85 5.08 5.67 -11.86
N LEU B 86 6.21 6.29 -11.57
CA LEU B 86 6.52 7.55 -12.21
C LEU B 86 6.74 7.39 -13.70
N PHE B 87 6.40 6.24 -14.25
CA PHE B 87 6.55 6.02 -15.68
C PHE B 87 5.29 5.44 -16.19
N THR B 88 4.25 5.53 -15.40
CA THR B 88 2.99 5.07 -15.86
C THR B 88 2.04 6.18 -15.63
N MET B 89 2.46 7.17 -14.87
CA MET B 89 1.62 8.29 -14.67
C MET B 89 2.16 9.32 -15.59
N LEU B 90 3.14 8.93 -16.39
CA LEU B 90 3.67 9.86 -17.37
C LEU B 90 3.12 9.53 -18.73
N ARG B 91 2.93 8.25 -19.05
CA ARG B 91 2.33 8.00 -20.33
C ARG B 91 0.87 8.31 -20.23
N LYS B 92 0.54 9.57 -20.09
CA LYS B 92 -0.84 9.97 -19.91
C LYS B 92 -0.89 11.48 -19.92
N LEU B 93 -0.16 12.13 -20.83
CA LEU B 93 -0.07 13.60 -20.83
C LEU B 93 -0.42 14.35 -22.16
N ASP B 94 -1.24 13.78 -23.05
CA ASP B 94 -1.74 14.43 -24.26
C ASP B 94 -0.82 15.56 -24.70
N ASN B 95 0.40 15.20 -25.06
CA ASN B 95 1.46 16.19 -25.17
C ASN B 95 1.23 16.94 -26.48
N ASP B 96 0.10 17.63 -26.56
CA ASP B 96 -0.20 18.58 -27.60
C ASP B 96 -0.92 19.71 -26.87
N ALA B 97 -1.73 19.34 -25.88
CA ALA B 97 -2.45 20.31 -25.06
C ALA B 97 -1.67 20.71 -23.82
N LEU B 98 -0.57 20.02 -23.53
CA LEU B 98 0.28 20.36 -22.39
C LEU B 98 1.50 21.17 -22.83
N ASN B 99 2.02 20.89 -24.01
CA ASN B 99 3.09 21.71 -24.56
C ASN B 99 2.58 22.96 -25.18
N ASN B 100 1.30 23.26 -25.00
CA ASN B 100 0.72 24.48 -25.49
C ASN B 100 0.44 25.50 -24.40
N ILE B 101 0.70 25.17 -23.14
CA ILE B 101 0.60 26.13 -22.06
C ILE B 101 1.93 26.32 -21.36
N ILE B 102 2.82 25.33 -21.45
CA ILE B 102 4.18 25.48 -20.94
C ILE B 102 4.94 26.36 -21.90
N ASN B 103 4.44 26.50 -23.13
CA ASN B 103 5.05 27.34 -24.15
C ASN B 103 4.57 28.78 -24.10
N ASN B 104 3.30 29.00 -23.79
CA ASN B 104 2.76 30.35 -23.70
C ASN B 104 3.13 30.99 -22.37
N ALA B 105 3.75 30.21 -21.49
CA ALA B 105 4.23 30.69 -20.20
C ALA B 105 5.44 31.58 -20.40
N ARG B 106 5.63 32.53 -19.48
CA ARG B 106 6.72 33.51 -19.60
C ARG B 106 8.09 32.85 -19.52
N ASP B 107 8.26 31.91 -18.59
CA ASP B 107 9.53 31.23 -18.39
C ASP B 107 9.38 29.71 -18.44
N GLY B 108 8.14 29.23 -18.49
CA GLY B 108 7.88 27.81 -18.44
C GLY B 108 7.37 27.31 -17.12
N CYS B 109 7.16 28.19 -16.15
CA CYS B 109 6.53 27.84 -14.88
C CYS B 109 5.06 28.20 -14.94
N VAL B 110 4.21 27.28 -14.48
CA VAL B 110 2.78 27.54 -14.42
C VAL B 110 2.26 27.06 -13.07
N PRO B 111 1.17 27.61 -12.55
CA PRO B 111 0.53 27.03 -11.38
C PRO B 111 0.04 25.62 -11.68
N LEU B 112 0.09 24.76 -10.66
CA LEU B 112 -0.35 23.39 -10.82
C LEU B 112 -1.86 23.24 -10.81
N ASN B 113 -2.59 24.20 -10.26
CA ASN B 113 -4.04 24.13 -10.14
C ASN B 113 -4.75 24.41 -11.47
N ILE B 114 -4.02 24.81 -12.50
CA ILE B 114 -4.60 25.08 -13.81
C ILE B 114 -4.22 24.03 -14.84
N ILE B 115 -3.49 23.00 -14.45
CA ILE B 115 -3.12 21.95 -15.40
C ILE B 115 -4.28 20.98 -15.58
N PRO B 116 -4.91 20.44 -14.53
CA PRO B 116 -6.12 19.63 -14.76
C PRO B 116 -7.31 20.44 -15.24
N LEU B 117 -7.28 21.77 -15.06
CA LEU B 117 -8.40 22.62 -15.42
C LEU B 117 -8.43 22.98 -16.90
N THR B 118 -7.29 22.93 -17.58
CA THR B 118 -7.20 23.32 -18.97
C THR B 118 -6.65 22.25 -19.89
N THR B 119 -6.11 21.15 -19.36
CA THR B 119 -5.49 20.12 -20.18
C THR B 119 -5.99 18.72 -19.84
N ALA B 120 -7.19 18.60 -19.29
CA ALA B 120 -7.76 17.30 -18.95
C ALA B 120 -8.83 16.92 -19.96
N ALA B 121 -9.11 15.63 -20.03
CA ALA B 121 -10.08 15.08 -20.97
C ALA B 121 -11.39 14.67 -20.33
N LYS B 122 -11.39 14.35 -19.03
CA LYS B 122 -12.57 13.88 -18.34
C LYS B 122 -12.91 14.79 -17.17
N LEU B 123 -14.21 14.89 -16.89
CA LEU B 123 -14.72 15.67 -15.77
C LEU B 123 -15.62 14.78 -14.92
N MET B 124 -15.44 14.85 -13.60
CA MET B 124 -16.28 14.13 -12.66
C MET B 124 -16.96 15.15 -11.75
N VAL B 125 -18.28 15.15 -11.74
CA VAL B 125 -19.08 16.08 -10.94
C VAL B 125 -19.83 15.29 -9.89
N VAL B 126 -19.70 15.67 -8.63
CA VAL B 126 -20.39 15.02 -7.52
C VAL B 126 -21.50 15.96 -7.04
N ILE B 127 -22.73 15.48 -7.07
CA ILE B 127 -23.91 16.31 -6.87
C ILE B 127 -24.68 15.79 -5.67
N PRO B 128 -24.97 16.62 -4.66
CA PRO B 128 -25.72 16.18 -3.47
C PRO B 128 -27.21 15.96 -3.70
N ASP B 129 -27.91 16.94 -4.25
CA ASP B 129 -29.37 16.87 -4.33
C ASP B 129 -29.83 17.23 -5.75
N TYR B 130 -31.13 17.28 -5.95
CA TYR B 130 -31.71 17.56 -7.26
C TYR B 130 -31.64 19.03 -7.64
N ASN B 131 -31.76 19.93 -6.65
CA ASN B 131 -31.73 21.35 -6.94
C ASN B 131 -30.38 21.74 -7.52
N THR B 132 -29.31 21.18 -6.97
CA THR B 132 -27.95 21.43 -7.45
C THR B 132 -27.76 20.84 -8.85
N TYR B 133 -28.52 19.80 -9.18
CA TYR B 133 -28.32 19.11 -10.44
C TYR B 133 -28.81 19.95 -11.61
N LYS B 134 -29.91 20.68 -11.43
CA LYS B 134 -30.49 21.42 -12.55
C LYS B 134 -29.80 22.75 -12.78
N ASN B 135 -28.96 23.21 -11.85
CA ASN B 135 -28.20 24.43 -12.03
C ASN B 135 -26.75 24.16 -12.41
N THR B 136 -26.38 22.89 -12.54
CA THR B 136 -24.98 22.56 -12.85
C THR B 136 -24.85 21.65 -14.06
N CYS B 137 -25.75 20.67 -14.19
CA CYS B 137 -25.56 19.59 -15.15
C CYS B 137 -26.85 19.27 -15.91
N ASP B 138 -27.63 20.28 -16.27
CA ASP B 138 -28.88 20.03 -16.95
C ASP B 138 -28.63 19.62 -18.41
N GLY B 139 -29.41 18.66 -18.88
CA GLY B 139 -29.29 18.21 -20.25
C GLY B 139 -28.09 17.30 -20.46
N THR B 140 -27.86 16.97 -21.74
CA THR B 140 -26.76 16.10 -22.10
C THR B 140 -25.43 16.83 -22.25
N THR B 141 -25.44 18.15 -22.39
CA THR B 141 -24.22 18.94 -22.47
C THR B 141 -24.31 20.11 -21.52
N PHE B 142 -23.17 20.51 -20.97
CA PHE B 142 -23.12 21.67 -20.09
C PHE B 142 -21.75 22.32 -20.19
N THR B 143 -21.69 23.60 -19.82
CA THR B 143 -20.45 24.36 -19.90
C THR B 143 -19.88 24.58 -18.50
N TYR B 144 -18.57 24.35 -18.37
CA TYR B 144 -17.89 24.60 -17.11
C TYR B 144 -16.42 24.85 -17.41
N ALA B 145 -15.84 25.83 -16.72
CA ALA B 145 -14.45 26.23 -16.89
C ALA B 145 -14.16 26.65 -18.33
N SER B 146 -15.04 27.44 -18.92
CA SER B 146 -14.89 27.96 -20.28
C SER B 146 -14.64 26.83 -21.27
N ALA B 147 -15.53 25.85 -21.25
CA ALA B 147 -15.47 24.70 -22.13
C ALA B 147 -16.87 24.13 -22.25
N LEU B 148 -16.99 23.05 -23.00
CA LEU B 148 -18.25 22.36 -23.18
C LEU B 148 -18.03 20.88 -23.01
N TRP B 149 -18.79 20.27 -22.10
CA TRP B 149 -18.66 18.87 -21.74
C TRP B 149 -19.95 18.16 -22.07
N GLU B 150 -19.84 16.91 -22.52
CA GLU B 150 -21.00 16.10 -22.88
C GLU B 150 -21.06 14.88 -21.96
N ILE B 151 -22.20 14.68 -21.33
CA ILE B 151 -22.37 13.63 -20.32
C ILE B 151 -22.16 12.26 -20.96
N GLN B 152 -21.55 11.35 -20.20
CA GLN B 152 -21.24 10.01 -20.71
C GLN B 152 -21.83 8.94 -19.80
N GLN B 153 -21.91 9.22 -18.51
CA GLN B 153 -22.42 8.24 -17.54
C GLN B 153 -22.82 8.96 -16.27
N VAL B 154 -23.87 8.44 -15.62
CA VAL B 154 -24.27 8.92 -14.31
C VAL B 154 -24.44 7.75 -13.35
N VAL B 155 -23.38 7.40 -12.63
CA VAL B 155 -23.47 6.42 -11.55
C VAL B 155 -23.96 7.11 -10.29
N ASP B 156 -24.29 6.33 -9.26
CA ASP B 156 -24.71 6.90 -7.99
C ASP B 156 -23.82 6.41 -6.86
N ALA B 157 -24.22 6.68 -5.61
CA ALA B 157 -23.43 6.26 -4.45
C ALA B 157 -23.20 4.76 -4.41
N ASP B 158 -24.22 3.96 -4.67
CA ASP B 158 -24.08 2.51 -4.72
C ASP B 158 -23.26 2.02 -5.90
N SER B 159 -22.99 2.91 -6.87
CA SER B 159 -22.30 2.61 -8.12
C SER B 159 -23.16 1.82 -9.10
N LYS B 160 -24.44 2.15 -9.17
CA LYS B 160 -25.35 1.58 -10.15
C LYS B 160 -25.72 2.63 -11.18
N ILE B 161 -25.79 2.23 -12.43
CA ILE B 161 -25.99 3.15 -13.55
C ILE B 161 -27.36 3.79 -13.48
N VAL B 162 -27.39 5.13 -13.46
CA VAL B 162 -28.62 5.88 -13.52
C VAL B 162 -28.75 6.45 -14.93
N GLN B 163 -29.99 6.65 -15.37
CA GLN B 163 -30.27 7.24 -16.67
C GLN B 163 -30.83 8.64 -16.46
N LEU B 164 -30.75 9.47 -17.50
CA LEU B 164 -31.10 10.88 -17.35
C LEU B 164 -32.60 11.10 -17.41
N SER B 165 -33.38 10.03 -17.29
CA SER B 165 -34.82 10.14 -17.17
C SER B 165 -35.32 9.68 -15.81
N GLU B 166 -34.57 8.88 -15.07
CA GLU B 166 -34.89 8.61 -13.68
C GLU B 166 -34.74 9.85 -12.81
N ILE B 167 -33.99 10.85 -13.28
CA ILE B 167 -33.74 12.04 -12.51
C ILE B 167 -34.87 13.04 -12.76
N SER B 168 -35.98 12.87 -12.03
CA SER B 168 -37.10 13.80 -12.13
C SER B 168 -37.08 14.75 -10.94
N MET B 169 -38.14 15.55 -10.81
CA MET B 169 -38.37 16.34 -9.60
C MET B 169 -39.02 15.51 -8.50
N ASP B 170 -39.69 14.42 -8.85
CA ASP B 170 -40.43 13.62 -7.88
C ASP B 170 -39.93 12.18 -7.76
N ASN B 171 -39.12 11.71 -8.71
CA ASN B 171 -38.45 10.43 -8.57
C ASN B 171 -37.16 10.56 -7.76
N SER B 172 -36.73 11.78 -7.45
CA SER B 172 -35.50 12.06 -6.72
C SER B 172 -35.47 11.38 -5.34
N PRO B 173 -36.60 11.30 -4.60
CA PRO B 173 -36.56 10.55 -3.33
C PRO B 173 -36.23 9.06 -3.48
N ASN B 174 -35.98 8.58 -4.70
CA ASN B 174 -35.77 7.15 -4.90
C ASN B 174 -34.40 6.85 -5.48
N LEU B 175 -33.41 7.71 -5.22
CA LEU B 175 -32.06 7.53 -5.73
C LEU B 175 -31.05 7.77 -4.61
N ALA B 176 -30.01 6.94 -4.58
CA ALA B 176 -28.86 7.21 -3.72
C ALA B 176 -28.18 8.48 -4.20
N TRP B 177 -28.32 9.56 -3.43
CA TRP B 177 -28.20 10.88 -4.03
C TRP B 177 -26.81 11.42 -4.38
N PRO B 178 -25.72 11.09 -3.69
CA PRO B 178 -24.44 11.66 -4.12
C PRO B 178 -24.37 10.99 -5.48
N LEU B 179 -24.49 11.79 -6.54
CA LEU B 179 -24.60 11.29 -7.91
C LEU B 179 -23.28 11.74 -8.50
N ILE B 180 -22.70 10.90 -9.35
CA ILE B 180 -21.40 11.17 -9.96
C ILE B 180 -21.57 11.16 -11.47
N VAL B 181 -21.44 12.34 -12.08
CA VAL B 181 -21.59 12.52 -13.52
C VAL B 181 -20.19 12.52 -14.15
N THR B 182 -19.99 11.67 -15.15
CA THR B 182 -18.73 11.61 -15.87
C THR B 182 -18.92 12.15 -17.29
N ALA B 183 -18.15 13.17 -17.66
CA ALA B 183 -18.34 13.85 -18.92
C ALA B 183 -17.02 13.97 -19.65
N LEU B 184 -17.10 14.06 -20.97
CA LEU B 184 -15.94 14.17 -21.84
C LEU B 184 -15.90 15.54 -22.49
N ARG B 185 -14.70 15.96 -22.85
CA ARG B 185 -14.54 17.26 -23.50
C ARG B 185 -15.05 17.23 -24.92
N ALA B 186 -15.61 18.35 -25.36
CA ALA B 186 -16.13 18.51 -26.70
C ALA B 186 -15.20 19.38 -27.52
N ASN B 187 -15.04 19.01 -28.79
CA ASN B 187 -14.19 19.74 -29.73
C ASN B 187 -12.75 19.85 -29.24
N SER C 1 -31.18 -0.22 34.25
CA SER C 1 -32.40 -0.95 34.53
C SER C 1 -33.07 -1.40 33.25
N LYS C 2 -34.04 -0.61 32.79
CA LYS C 2 -34.73 -0.86 31.53
C LYS C 2 -34.23 0.02 30.40
N MET C 3 -33.67 1.18 30.70
CA MET C 3 -33.09 2.07 29.69
C MET C 3 -31.65 1.68 29.37
N SER C 4 -31.03 0.86 30.21
CA SER C 4 -29.69 0.36 29.92
C SER C 4 -29.71 -1.01 29.26
N ASP C 5 -30.85 -1.71 29.27
CA ASP C 5 -31.01 -2.96 28.54
C ASP C 5 -31.45 -2.73 27.10
N VAL C 6 -32.08 -1.60 26.80
CA VAL C 6 -32.40 -1.21 25.44
C VAL C 6 -31.19 -0.61 24.74
N LYS C 7 -30.32 0.07 25.48
CA LYS C 7 -29.14 0.69 24.90
C LYS C 7 -28.03 -0.30 24.59
N CYS C 8 -28.09 -1.51 25.15
CA CYS C 8 -27.16 -2.57 24.82
C CYS C 8 -27.71 -3.57 23.82
N THR C 9 -29.03 -3.61 23.60
CA THR C 9 -29.57 -4.47 22.57
C THR C 9 -29.58 -3.80 21.21
N SER C 10 -29.41 -2.48 21.17
CA SER C 10 -29.29 -1.75 19.92
C SER C 10 -27.85 -1.65 19.44
N VAL C 11 -26.88 -2.03 20.27
CA VAL C 11 -25.52 -2.23 19.82
C VAL C 11 -25.32 -3.61 19.21
N VAL C 12 -26.02 -4.62 19.70
CA VAL C 12 -25.98 -5.95 19.11
C VAL C 12 -26.91 -6.07 17.90
N LEU C 13 -27.84 -5.13 17.73
CA LEU C 13 -28.75 -5.18 16.60
C LEU C 13 -28.18 -4.49 15.36
N LEU C 14 -27.27 -3.53 15.53
CA LEU C 14 -26.56 -2.95 14.40
C LEU C 14 -25.25 -3.65 14.11
N SER C 15 -24.93 -4.71 14.85
CA SER C 15 -23.82 -5.58 14.48
C SER C 15 -24.29 -6.81 13.73
N VAL C 16 -25.47 -7.33 14.08
CA VAL C 16 -26.13 -8.33 13.24
C VAL C 16 -26.48 -7.72 11.89
N LEU C 17 -26.91 -6.47 11.87
CA LEU C 17 -27.26 -5.79 10.63
C LEU C 17 -26.08 -5.29 9.88
N GLN C 18 -24.87 -5.32 10.44
CA GLN C 18 -23.68 -4.92 9.72
C GLN C 18 -22.93 -6.13 9.19
N GLN C 19 -23.20 -7.32 9.73
CA GLN C 19 -22.62 -8.56 9.26
C GLN C 19 -23.42 -9.17 8.12
N LEU C 20 -24.61 -8.63 7.82
CA LEU C 20 -25.46 -9.13 6.75
C LEU C 20 -25.30 -8.31 5.48
N ARG C 21 -24.29 -7.44 5.43
CA ARG C 21 -24.01 -6.57 4.29
C ARG C 21 -25.22 -5.69 3.96
N VAL C 22 -25.72 -5.04 5.00
CA VAL C 22 -26.64 -3.91 4.86
C VAL C 22 -25.89 -2.60 4.68
N GLU C 23 -24.56 -2.62 4.76
CA GLU C 23 -23.73 -1.48 4.47
C GLU C 23 -23.65 -1.20 2.98
N SER C 24 -24.12 -2.12 2.14
CA SER C 24 -24.04 -2.01 0.69
C SER C 24 -25.28 -1.34 0.09
N SER C 25 -26.15 -0.81 0.94
CA SER C 25 -27.30 -0.03 0.47
C SER C 25 -27.31 1.26 1.28
N SER C 26 -26.67 2.30 0.73
CA SER C 26 -26.53 3.55 1.45
C SER C 26 -27.78 4.42 1.32
N LYS C 27 -28.94 3.82 1.58
CA LYS C 27 -30.19 4.55 1.70
C LYS C 27 -30.95 3.95 2.88
N LEU C 28 -30.44 2.82 3.36
CA LEU C 28 -30.99 2.11 4.49
C LEU C 28 -30.01 1.96 5.63
N TRP C 29 -28.71 1.90 5.33
CA TRP C 29 -27.69 2.03 6.36
C TRP C 29 -27.64 3.43 6.94
N ALA C 30 -28.13 4.44 6.22
CA ALA C 30 -28.19 5.80 6.71
C ALA C 30 -29.37 6.03 7.64
N GLN C 31 -30.36 5.14 7.62
CA GLN C 31 -31.46 5.15 8.56
C GLN C 31 -31.21 4.31 9.80
N CYS C 32 -30.53 3.17 9.63
CA CYS C 32 -30.18 2.32 10.75
C CYS C 32 -29.14 2.95 11.66
N VAL C 33 -28.22 3.75 11.12
CA VAL C 33 -27.26 4.49 11.91
C VAL C 33 -27.90 5.67 12.63
N GLN C 34 -29.03 6.17 12.13
CA GLN C 34 -29.75 7.26 12.78
C GLN C 34 -30.75 6.77 13.83
N LEU C 35 -31.20 5.52 13.74
CA LEU C 35 -32.07 4.92 14.73
C LEU C 35 -31.29 4.29 15.87
N HIS C 36 -29.97 4.15 15.71
CA HIS C 36 -29.10 3.57 16.72
C HIS C 36 -28.36 4.63 17.51
N ASN C 37 -27.99 5.72 16.86
CA ASN C 37 -27.40 6.89 17.48
C ASN C 37 -28.41 7.70 18.25
N ASP C 38 -29.69 7.51 17.95
CA ASP C 38 -30.78 8.21 18.63
C ASP C 38 -31.29 7.47 19.85
N ILE C 39 -31.29 6.14 19.82
CA ILE C 39 -31.58 5.33 21.00
C ILE C 39 -30.54 5.55 22.09
N LEU C 40 -29.26 5.61 21.72
CA LEU C 40 -28.18 5.79 22.69
C LEU C 40 -28.21 7.15 23.37
N LEU C 41 -28.91 8.13 22.81
CA LEU C 41 -28.98 9.47 23.36
C LEU C 41 -30.35 9.75 23.98
N ALA C 42 -31.18 8.71 24.08
CA ALA C 42 -32.53 8.86 24.60
C ALA C 42 -32.53 9.07 26.11
N LYS C 43 -33.60 9.66 26.60
CA LYS C 43 -33.74 9.92 28.03
C LYS C 43 -35.15 9.54 28.50
N ASP C 44 -35.71 8.49 27.90
CA ASP C 44 -36.98 7.94 28.34
C ASP C 44 -37.18 6.55 27.71
N THR C 45 -37.69 5.60 28.49
CA THR C 45 -37.86 4.25 28.00
C THR C 45 -39.20 4.05 27.32
N THR C 46 -39.83 5.16 26.92
CA THR C 46 -41.01 5.11 26.08
C THR C 46 -40.79 5.68 24.68
N GLU C 47 -39.66 6.31 24.41
CA GLU C 47 -39.36 6.90 23.12
C GLU C 47 -38.06 6.27 22.61
N ALA C 48 -37.74 5.12 23.18
CA ALA C 48 -36.58 4.34 22.75
C ALA C 48 -36.99 2.91 22.51
N PHE C 49 -38.19 2.56 22.98
CA PHE C 49 -38.82 1.30 22.64
C PHE C 49 -39.61 1.38 21.35
N GLU C 50 -39.69 2.56 20.73
CA GLU C 50 -40.40 2.72 19.47
C GLU C 50 -39.46 2.97 18.30
N LYS C 51 -38.20 3.34 18.56
CA LYS C 51 -37.16 3.29 17.55
C LYS C 51 -36.47 1.93 17.52
N MET C 52 -36.77 1.08 18.51
CA MET C 52 -36.34 -0.31 18.49
C MET C 52 -37.28 -1.22 17.71
N VAL C 53 -38.46 -0.75 17.35
CA VAL C 53 -39.33 -1.50 16.45
C VAL C 53 -38.98 -1.21 15.00
N SER C 54 -38.70 0.05 14.67
CA SER C 54 -38.23 0.39 13.33
C SER C 54 -36.90 -0.27 13.03
N LEU C 55 -35.96 -0.26 14.00
CA LEU C 55 -34.66 -0.86 13.80
C LEU C 55 -34.72 -2.38 13.74
N LEU C 56 -35.61 -3.00 14.52
CA LEU C 56 -35.71 -4.45 14.48
C LEU C 56 -36.43 -4.93 13.23
N SER C 57 -37.41 -4.16 12.75
CA SER C 57 -38.14 -4.52 11.53
C SER C 57 -37.27 -4.56 10.29
N VAL C 58 -36.12 -3.88 10.29
CA VAL C 58 -35.16 -4.01 9.20
C VAL C 58 -34.60 -5.41 9.11
N LEU C 59 -34.39 -6.09 10.23
CA LEU C 59 -33.90 -7.45 10.24
C LEU C 59 -34.95 -8.48 9.88
N LEU C 60 -36.22 -8.26 10.24
CA LEU C 60 -37.29 -9.19 9.93
C LEU C 60 -37.87 -8.99 8.53
N SER C 61 -37.42 -7.95 7.82
CA SER C 61 -37.81 -7.76 6.43
C SER C 61 -36.71 -8.15 5.46
N MET C 62 -35.67 -8.84 5.93
CA MET C 62 -34.53 -9.24 5.11
C MET C 62 -34.60 -10.72 4.74
N GLN C 63 -35.78 -11.35 4.91
CA GLN C 63 -36.05 -12.73 4.52
C GLN C 63 -34.98 -13.73 4.94
N GLY C 64 -34.57 -14.56 4.00
CA GLY C 64 -33.72 -15.72 4.23
C GLY C 64 -32.55 -15.55 5.18
N ALA C 65 -31.95 -14.37 5.20
CA ALA C 65 -30.71 -14.09 5.93
C ALA C 65 -30.66 -14.70 7.32
N VAL C 66 -31.66 -14.40 8.16
CA VAL C 66 -31.70 -14.88 9.54
C VAL C 66 -32.83 -15.89 9.66
N ASP C 67 -32.49 -17.11 10.09
CA ASP C 67 -33.49 -18.13 10.36
C ASP C 67 -34.20 -17.84 11.68
N ILE C 68 -35.35 -17.16 11.62
CA ILE C 68 -36.03 -16.75 12.85
C ILE C 68 -36.52 -17.95 13.65
N ASN C 69 -37.09 -18.95 12.98
CA ASN C 69 -37.65 -20.11 13.68
C ASN C 69 -36.58 -20.87 14.47
N LYS C 70 -35.48 -21.22 13.79
CA LYS C 70 -34.38 -21.90 14.47
C LYS C 70 -33.87 -21.08 15.64
N LEU C 71 -33.77 -19.76 15.44
CA LEU C 71 -33.15 -18.88 16.44
C LEU C 71 -34.09 -18.62 17.61
N CYS C 72 -35.38 -18.89 17.44
CA CYS C 72 -36.34 -18.76 18.53
C CYS C 72 -36.61 -20.08 19.24
N GLU C 73 -36.23 -21.20 18.64
CA GLU C 73 -36.40 -22.51 19.26
C GLU C 73 -35.05 -22.99 19.75
N GLU C 74 -34.17 -22.03 20.05
CA GLU C 74 -32.80 -22.32 20.47
C GLU C 74 -32.64 -21.94 21.94
N MET C 75 -33.59 -22.39 22.77
CA MET C 75 -33.63 -22.15 24.22
C MET C 75 -33.97 -20.70 24.53
N LEU C 76 -34.81 -20.10 23.69
CA LEU C 76 -35.16 -18.70 23.80
C LEU C 76 -36.67 -18.55 23.62
N ASP C 77 -37.11 -17.30 23.41
CA ASP C 77 -38.53 -16.96 23.32
C ASP C 77 -39.28 -17.90 22.39
N ASN C 78 -40.23 -18.64 22.94
CA ASN C 78 -41.03 -19.57 22.14
C ASN C 78 -42.45 -19.06 21.99
N PHE D 1 12.17 -32.31 43.64
CA PHE D 1 11.88 -33.32 44.64
C PHE D 1 12.51 -34.66 44.28
N SER D 2 11.79 -35.75 44.51
CA SER D 2 12.31 -37.08 44.26
C SER D 2 12.32 -37.41 42.78
N SER D 3 12.64 -38.66 42.45
CA SER D 3 12.60 -39.20 41.09
C SER D 3 13.68 -38.59 40.20
N LEU D 4 14.43 -37.64 40.73
CA LEU D 4 15.52 -37.03 39.97
C LEU D 4 16.73 -37.94 40.00
N PRO D 5 17.40 -38.17 38.86
CA PRO D 5 18.55 -39.07 38.85
C PRO D 5 19.62 -38.72 39.88
N SER D 6 19.87 -37.42 40.08
CA SER D 6 20.83 -37.01 41.10
C SER D 6 20.15 -36.89 42.46
N TYR D 7 19.72 -38.02 43.02
CA TYR D 7 19.11 -38.06 44.33
C TYR D 7 19.70 -39.13 45.24
N ALA D 8 20.54 -40.01 44.69
CA ALA D 8 21.16 -41.05 45.48
C ALA D 8 22.54 -40.58 45.95
N ALA D 9 22.67 -39.27 46.14
CA ALA D 9 23.88 -38.69 46.69
C ALA D 9 23.53 -37.85 47.91
N PHE D 10 22.33 -37.25 47.89
CA PHE D 10 21.82 -36.53 49.04
C PHE D 10 21.03 -37.47 49.94
N ALA D 11 21.18 -38.78 49.71
CA ALA D 11 20.55 -39.77 50.56
C ALA D 11 21.67 -40.55 51.26
N THR D 12 22.64 -41.09 50.54
CA THR D 12 23.73 -41.83 51.16
C THR D 12 24.56 -40.92 52.05
N ALA D 13 25.02 -39.79 51.50
CA ALA D 13 25.86 -38.86 52.25
C ALA D 13 25.07 -38.23 53.40
N GLN D 14 23.77 -38.00 53.17
CA GLN D 14 22.94 -37.44 54.24
C GLN D 14 22.74 -38.45 55.36
N GLU D 15 22.59 -39.73 55.01
CA GLU D 15 22.46 -40.76 56.03
C GLU D 15 23.78 -41.00 56.74
N ALA D 16 24.89 -40.99 56.01
CA ALA D 16 26.20 -41.26 56.59
C ALA D 16 26.61 -40.16 57.55
N TYR D 17 26.79 -38.96 57.05
CA TYR D 17 27.23 -37.93 57.94
C TYR D 17 26.34 -38.00 59.14
N GLU D 18 25.11 -38.46 58.93
CA GLU D 18 24.17 -38.43 60.02
C GLU D 18 24.62 -39.42 61.07
N GLN D 19 24.50 -40.71 60.75
CA GLN D 19 24.83 -41.72 61.75
C GLN D 19 26.21 -41.51 62.31
N ALA D 20 27.08 -40.87 61.55
CA ALA D 20 28.46 -40.71 61.97
C ALA D 20 28.71 -40.07 63.34
N VAL D 21 27.70 -39.47 63.99
CA VAL D 21 28.07 -38.86 65.27
C VAL D 21 27.85 -39.83 66.42
N ALA D 22 27.00 -40.84 66.24
CA ALA D 22 26.77 -41.84 67.27
C ALA D 22 28.00 -42.72 67.43
N ASN D 23 28.39 -43.40 66.35
CA ASN D 23 29.64 -44.15 66.37
C ASN D 23 30.82 -43.21 66.58
N GLY D 24 30.82 -42.08 65.88
CA GLY D 24 31.86 -41.08 66.03
C GLY D 24 33.18 -41.49 65.42
N ASP D 25 34.07 -40.50 65.24
CA ASP D 25 35.38 -40.73 64.66
C ASP D 25 36.23 -39.48 64.81
N SER D 26 37.42 -39.48 64.23
CA SER D 26 38.28 -38.31 64.25
C SER D 26 37.62 -37.17 63.50
N GLU D 27 38.11 -35.95 63.76
CA GLU D 27 37.61 -34.79 63.03
C GLU D 27 37.94 -34.88 61.54
N VAL D 28 38.99 -35.61 61.20
CA VAL D 28 39.42 -35.77 59.82
C VAL D 28 38.34 -36.48 59.02
N VAL D 29 37.82 -37.57 59.57
CA VAL D 29 36.79 -38.38 58.90
C VAL D 29 35.53 -37.53 58.72
N LEU D 30 35.18 -36.77 59.74
CA LEU D 30 34.00 -35.90 59.68
C LEU D 30 34.15 -34.86 58.58
N LYS D 31 35.32 -34.22 58.52
CA LYS D 31 35.56 -33.21 57.48
C LYS D 31 35.54 -33.83 56.09
N LYS D 32 36.16 -35.00 55.96
CA LYS D 32 36.15 -35.75 54.71
C LYS D 32 34.72 -36.02 54.26
N LEU D 33 33.87 -36.49 55.17
CA LEU D 33 32.49 -36.83 54.80
C LEU D 33 31.69 -35.60 54.45
N LYS D 34 31.90 -34.49 55.18
CA LYS D 34 31.19 -33.27 54.84
C LYS D 34 31.65 -32.72 53.50
N LYS D 35 32.91 -32.94 53.15
CA LYS D 35 33.45 -32.49 51.86
C LYS D 35 33.19 -33.54 50.80
N SER D 36 32.21 -34.41 51.04
CA SER D 36 31.62 -35.25 50.02
C SER D 36 30.14 -34.92 49.97
N LEU D 37 29.57 -34.62 51.14
CA LEU D 37 28.17 -34.18 51.21
C LEU D 37 27.97 -32.91 50.40
N ASN D 38 28.78 -31.88 50.64
CA ASN D 38 28.62 -30.65 49.89
C ASN D 38 29.01 -30.83 48.43
N VAL D 39 29.99 -31.69 48.15
CA VAL D 39 30.39 -31.96 46.76
C VAL D 39 29.28 -32.62 45.97
N ALA D 40 28.51 -33.52 46.58
CA ALA D 40 27.37 -34.13 45.91
C ALA D 40 26.03 -33.63 46.45
N LYS D 41 25.97 -32.40 46.95
CA LYS D 41 24.74 -31.73 47.34
C LYS D 41 24.39 -30.61 46.37
N SER D 42 25.41 -29.83 45.98
CA SER D 42 25.22 -28.84 44.93
C SER D 42 24.62 -29.48 43.69
N GLU D 43 25.03 -30.71 43.38
CA GLU D 43 24.49 -31.42 42.22
C GLU D 43 22.99 -31.66 42.36
N PHE D 44 22.46 -31.59 43.59
CA PHE D 44 21.02 -31.80 43.79
C PHE D 44 20.28 -30.46 43.80
N ASP D 45 20.86 -29.45 44.43
CA ASP D 45 20.20 -28.15 44.50
C ASP D 45 20.51 -27.32 43.26
N ARG D 46 20.94 -28.00 42.20
CA ARG D 46 21.08 -27.39 40.88
C ARG D 46 20.20 -28.06 39.85
N ASP D 47 20.05 -29.39 39.94
CA ASP D 47 19.16 -30.13 39.06
C ASP D 47 17.72 -30.15 39.57
N ALA D 48 17.47 -29.56 40.74
CA ALA D 48 16.12 -29.43 41.25
C ALA D 48 15.77 -27.95 41.42
N ALA D 49 16.40 -27.10 40.62
CA ALA D 49 16.00 -25.71 40.48
C ALA D 49 15.79 -25.43 39.01
N MET D 50 16.65 -26.01 38.17
CA MET D 50 16.45 -25.97 36.73
C MET D 50 15.12 -26.62 36.36
N GLN D 51 14.84 -27.77 36.96
CA GLN D 51 13.54 -28.42 36.80
C GLN D 51 12.44 -27.54 37.36
N ARG D 52 12.69 -26.93 38.51
CA ARG D 52 11.71 -26.07 39.16
C ARG D 52 11.33 -24.90 38.25
N LYS D 53 12.27 -24.47 37.40
CA LYS D 53 11.96 -23.42 36.43
C LYS D 53 11.35 -23.96 35.15
N LEU D 54 11.72 -25.16 34.71
CA LEU D 54 11.11 -25.77 33.55
C LEU D 54 9.66 -26.20 33.79
N GLU D 55 9.34 -26.64 34.99
CA GLU D 55 7.99 -27.09 35.33
C GLU D 55 6.96 -25.98 35.32
N LYS D 56 7.36 -24.76 35.69
CA LYS D 56 6.49 -23.59 35.60
C LYS D 56 6.51 -22.96 34.21
N MET D 57 7.68 -22.94 33.57
CA MET D 57 7.82 -22.46 32.20
C MET D 57 6.94 -23.24 31.25
N ALA D 58 6.98 -24.57 31.34
CA ALA D 58 6.09 -25.44 30.59
C ALA D 58 4.63 -25.09 30.75
N ASP D 59 4.21 -24.74 31.97
CA ASP D 59 2.83 -24.40 32.22
C ASP D 59 2.47 -22.97 31.84
N GLN D 60 3.32 -22.32 31.06
CA GLN D 60 3.04 -20.98 30.52
C GLN D 60 2.89 -21.03 29.01
N ALA D 61 3.86 -21.64 28.32
CA ALA D 61 3.77 -21.91 26.90
C ALA D 61 2.51 -22.71 26.58
N MET D 62 2.14 -23.61 27.48
CA MET D 62 0.92 -24.41 27.31
C MET D 62 -0.27 -23.69 27.95
N THR D 63 -0.14 -22.38 28.12
CA THR D 63 -1.26 -21.49 28.42
C THR D 63 -1.45 -20.40 27.37
N GLN D 64 -0.37 -19.84 26.83
CA GLN D 64 -0.48 -19.02 25.62
C GLN D 64 -1.09 -19.83 24.49
N MET D 65 -0.77 -21.13 24.44
CA MET D 65 -1.36 -22.01 23.44
C MET D 65 -2.88 -22.11 23.63
N TYR D 66 -3.33 -22.18 24.88
CA TYR D 66 -4.76 -22.24 25.13
C TYR D 66 -5.46 -20.93 24.79
N LYS D 67 -4.71 -19.83 24.74
CA LYS D 67 -5.29 -18.53 24.43
C LYS D 67 -5.34 -18.30 22.92
N GLN D 68 -4.33 -18.79 22.21
CA GLN D 68 -4.27 -18.62 20.76
C GLN D 68 -5.24 -19.56 20.07
N ALA D 69 -5.83 -20.48 20.82
CA ALA D 69 -6.76 -21.45 20.27
C ALA D 69 -8.21 -21.22 20.65
N ARG D 70 -8.47 -20.59 21.79
CA ARG D 70 -9.81 -20.13 22.12
C ARG D 70 -10.14 -18.80 21.46
N SER D 71 -9.14 -17.97 21.20
CA SER D 71 -9.34 -16.69 20.54
C SER D 71 -9.41 -16.81 19.02
N GLU D 72 -9.26 -18.02 18.49
CA GLU D 72 -9.49 -18.26 17.08
C GLU D 72 -10.80 -19.03 16.87
N ASP D 73 -11.34 -19.61 17.92
CA ASP D 73 -12.70 -20.13 17.90
C ASP D 73 -13.71 -19.09 18.39
N LYS D 74 -13.26 -18.01 18.99
CA LYS D 74 -14.15 -16.94 19.41
C LYS D 74 -14.41 -15.97 18.27
N ARG D 75 -13.52 -15.99 17.28
CA ARG D 75 -13.56 -15.10 16.13
C ARG D 75 -14.16 -15.76 14.89
N ALA D 76 -14.02 -17.08 14.77
CA ALA D 76 -14.61 -17.83 13.67
C ALA D 76 -16.09 -18.12 13.86
N LYS D 77 -16.66 -17.77 15.01
CA LYS D 77 -18.05 -18.07 15.34
C LYS D 77 -18.79 -16.80 15.72
N VAL D 78 -18.42 -15.70 15.11
CA VAL D 78 -19.01 -14.46 15.51
C VAL D 78 -20.43 -14.47 15.08
N THR D 79 -20.70 -14.74 13.82
CA THR D 79 -22.07 -14.67 13.34
C THR D 79 -22.99 -15.48 14.18
N SER D 80 -22.69 -16.74 14.37
CA SER D 80 -23.60 -17.62 15.09
C SER D 80 -23.87 -17.19 16.51
N ALA D 81 -22.98 -16.41 17.08
CA ALA D 81 -23.12 -16.03 18.46
C ALA D 81 -23.86 -14.73 18.66
N MET D 82 -23.64 -13.72 17.83
CA MET D 82 -24.32 -12.48 18.10
C MET D 82 -25.79 -12.61 17.79
N GLN D 83 -26.20 -13.51 16.93
CA GLN D 83 -27.63 -13.73 16.72
C GLN D 83 -28.27 -14.41 17.91
N THR D 84 -27.53 -15.28 18.60
CA THR D 84 -28.04 -15.89 19.83
C THR D 84 -28.08 -14.88 20.97
N MET D 85 -27.05 -14.04 21.07
CA MET D 85 -27.02 -12.99 22.08
C MET D 85 -28.22 -12.06 21.95
N LEU D 86 -28.49 -11.61 20.73
CA LEU D 86 -29.56 -10.66 20.49
C LEU D 86 -30.91 -11.23 20.91
N PHE D 87 -31.16 -12.50 20.63
CA PHE D 87 -32.46 -13.06 20.98
C PHE D 87 -32.54 -13.52 22.42
N THR D 88 -31.41 -13.81 23.07
CA THR D 88 -31.43 -13.96 24.52
C THR D 88 -31.75 -12.63 25.20
N MET D 89 -31.31 -11.53 24.60
CA MET D 89 -31.56 -10.20 25.17
C MET D 89 -32.92 -9.64 24.82
N LEU D 90 -33.51 -10.08 23.70
CA LEU D 90 -34.82 -9.61 23.27
C LEU D 90 -35.94 -10.24 24.08
N ARG D 91 -35.73 -11.45 24.59
CA ARG D 91 -36.70 -12.09 25.47
C ARG D 91 -36.74 -11.46 26.85
N LYS D 92 -35.60 -11.05 27.38
CA LYS D 92 -35.52 -10.51 28.72
C LYS D 92 -36.15 -9.13 28.85
N LEU D 93 -36.20 -8.35 27.77
CA LEU D 93 -36.83 -7.05 27.78
C LEU D 93 -38.32 -7.10 28.04
N ASP D 94 -38.98 -8.17 27.61
CA ASP D 94 -40.42 -8.37 27.78
C ASP D 94 -41.23 -7.14 27.42
N ASN D 95 -40.99 -6.58 26.25
CA ASN D 95 -41.81 -5.50 25.73
C ASN D 95 -43.06 -6.08 25.10
N ASP D 96 -44.00 -5.21 24.74
CA ASP D 96 -45.22 -5.61 24.09
C ASP D 96 -45.19 -5.43 22.58
N ALA D 97 -44.73 -4.27 22.11
CA ALA D 97 -44.55 -4.08 20.67
C ALA D 97 -43.46 -4.98 20.12
N LEU D 98 -42.33 -5.10 20.84
CA LEU D 98 -41.25 -5.97 20.39
C LEU D 98 -41.61 -7.44 20.43
N ASN D 99 -42.49 -7.85 21.35
CA ASN D 99 -42.93 -9.24 21.42
C ASN D 99 -44.13 -9.52 20.54
N ASN D 100 -44.57 -8.55 19.75
CA ASN D 100 -45.66 -8.77 18.80
C ASN D 100 -45.11 -8.95 17.39
N ILE D 101 -44.24 -8.02 16.97
CA ILE D 101 -43.65 -8.06 15.64
C ILE D 101 -42.70 -9.24 15.52
N ILE D 102 -42.28 -9.79 16.65
CA ILE D 102 -41.47 -11.01 16.66
C ILE D 102 -42.30 -12.27 16.52
N ASN D 103 -43.38 -12.40 17.29
CA ASN D 103 -44.29 -13.53 17.13
C ASN D 103 -45.01 -13.49 15.79
N ASN D 104 -45.41 -12.31 15.35
CA ASN D 104 -46.04 -12.17 14.04
C ASN D 104 -45.11 -12.59 12.93
N ALA D 105 -43.84 -12.21 13.01
CA ALA D 105 -42.87 -12.53 11.97
C ALA D 105 -42.23 -13.90 12.20
N ARG D 106 -42.93 -14.78 12.87
CA ARG D 106 -42.43 -16.14 13.06
C ARG D 106 -43.45 -17.05 12.44
N ASP D 107 -44.70 -16.61 12.40
CA ASP D 107 -45.73 -17.38 11.74
C ASP D 107 -45.78 -16.93 10.29
N GLY D 108 -45.36 -15.71 9.98
CA GLY D 108 -45.31 -15.28 8.59
C GLY D 108 -45.49 -13.81 8.30
N CYS D 109 -46.09 -13.08 9.20
CA CYS D 109 -46.40 -11.66 8.94
C CYS D 109 -45.24 -10.68 9.00
N VAL D 110 -44.22 -10.89 8.21
CA VAL D 110 -43.15 -9.95 8.21
C VAL D 110 -43.52 -8.71 7.46
N PRO D 111 -42.90 -7.59 7.79
CA PRO D 111 -43.05 -6.33 7.06
C PRO D 111 -42.21 -6.33 5.79
N LEU D 112 -42.45 -5.31 4.96
CA LEU D 112 -41.70 -5.11 3.74
C LEU D 112 -40.89 -3.81 3.74
N ASN D 113 -40.94 -3.04 4.83
CA ASN D 113 -40.15 -1.83 4.96
C ASN D 113 -39.83 -1.59 6.43
N ILE D 114 -39.44 -0.36 6.77
CA ILE D 114 -39.21 0.03 8.15
C ILE D 114 -40.55 0.44 8.74
N ILE D 115 -40.74 0.19 10.03
CA ILE D 115 -42.00 0.56 10.69
C ILE D 115 -41.94 2.06 11.00
N PRO D 116 -42.71 2.88 10.30
CA PRO D 116 -42.60 4.33 10.51
C PRO D 116 -43.35 4.80 11.74
N LEU D 117 -42.87 5.89 12.33
CA LEU D 117 -43.42 6.43 13.56
C LEU D 117 -44.31 7.66 13.34
N THR D 118 -44.52 8.08 12.09
CA THR D 118 -45.27 9.29 11.81
C THR D 118 -46.77 9.02 11.87
N THR D 119 -47.58 9.95 11.38
CA THR D 119 -49.03 9.83 11.48
C THR D 119 -49.68 9.37 10.19
N ALA D 120 -49.08 9.61 9.03
CA ALA D 120 -49.55 8.97 7.81
C ALA D 120 -49.00 7.55 7.78
N ALA D 121 -47.66 7.45 7.67
CA ALA D 121 -46.95 6.21 7.98
C ALA D 121 -47.48 4.99 7.23
N LYS D 122 -47.33 4.95 5.91
CA LYS D 122 -47.80 3.81 5.13
C LYS D 122 -46.96 2.57 5.48
N LEU D 123 -47.62 1.43 5.53
CA LEU D 123 -47.00 0.17 5.89
C LEU D 123 -47.36 -0.89 4.84
N MET D 124 -46.51 -1.91 4.71
CA MET D 124 -46.78 -3.03 3.82
C MET D 124 -46.30 -4.34 4.43
N VAL D 125 -47.23 -5.21 4.83
CA VAL D 125 -46.87 -6.51 5.38
C VAL D 125 -47.38 -7.60 4.45
N VAL D 126 -47.05 -8.85 4.75
CA VAL D 126 -47.45 -9.97 3.91
C VAL D 126 -48.12 -11.05 4.74
N ILE D 127 -49.46 -11.03 4.76
CA ILE D 127 -50.25 -12.05 5.46
C ILE D 127 -50.20 -13.33 4.63
N PRO D 128 -49.77 -14.44 5.20
CA PRO D 128 -49.62 -15.65 4.39
C PRO D 128 -50.85 -16.54 4.35
N ASP D 129 -51.73 -16.46 5.35
CA ASP D 129 -52.81 -17.44 5.49
C ASP D 129 -54.01 -16.76 6.14
N TYR D 130 -55.17 -17.40 6.03
CA TYR D 130 -56.42 -16.80 6.51
C TYR D 130 -56.43 -16.64 8.02
N ASN D 131 -55.92 -17.60 8.78
CA ASN D 131 -55.98 -17.49 10.23
C ASN D 131 -55.17 -16.28 10.70
N THR D 132 -54.00 -16.05 10.09
CA THR D 132 -53.20 -14.90 10.45
C THR D 132 -53.92 -13.59 10.13
N TYR D 133 -54.76 -13.58 9.09
CA TYR D 133 -55.55 -12.38 8.82
C TYR D 133 -56.68 -12.24 9.84
N LYS D 134 -57.32 -13.35 10.21
CA LYS D 134 -58.47 -13.29 11.10
C LYS D 134 -58.06 -12.83 12.49
N ASN D 135 -56.95 -13.36 13.00
CA ASN D 135 -56.47 -12.94 14.31
C ASN D 135 -56.06 -11.47 14.32
N THR D 136 -55.20 -11.08 13.38
CA THR D 136 -54.65 -9.74 13.35
C THR D 136 -55.70 -8.67 13.09
N CYS D 137 -56.32 -8.68 11.92
CA CYS D 137 -57.22 -7.60 11.54
C CYS D 137 -58.65 -8.08 11.42
N ASP D 138 -59.58 -7.27 11.92
CA ASP D 138 -61.00 -7.51 11.69
C ASP D 138 -61.65 -6.18 11.26
N GLY D 139 -62.38 -6.21 10.15
CA GLY D 139 -62.94 -4.99 9.61
C GLY D 139 -61.92 -4.19 8.84
N THR D 140 -61.95 -2.87 8.99
CA THR D 140 -60.94 -2.00 8.41
C THR D 140 -59.82 -1.67 9.38
N THR D 141 -59.78 -2.32 10.53
CA THR D 141 -58.81 -2.04 11.58
C THR D 141 -57.78 -3.17 11.66
N PHE D 142 -56.52 -2.78 11.82
CA PHE D 142 -55.39 -3.70 11.84
C PHE D 142 -54.57 -3.41 13.08
N THR D 143 -54.17 -4.47 13.81
CA THR D 143 -53.36 -4.29 15.01
C THR D 143 -51.97 -4.84 14.73
N TYR D 144 -50.96 -4.01 14.92
CA TYR D 144 -49.58 -4.38 14.66
C TYR D 144 -48.66 -3.50 15.49
N ALA D 145 -47.63 -4.13 16.08
CA ALA D 145 -46.61 -3.44 16.86
C ALA D 145 -47.25 -2.60 17.97
N SER D 146 -48.30 -3.15 18.57
CA SER D 146 -49.10 -2.47 19.59
C SER D 146 -49.51 -1.08 19.11
N ALA D 147 -50.12 -1.06 17.93
CA ALA D 147 -50.66 0.15 17.33
C ALA D 147 -51.76 -0.26 16.38
N LEU D 148 -52.62 0.70 16.04
CA LEU D 148 -53.78 0.45 15.20
C LEU D 148 -53.63 1.19 13.88
N TRP D 149 -53.74 0.47 12.78
CA TRP D 149 -53.68 0.98 11.43
C TRP D 149 -55.02 0.77 10.76
N GLU D 150 -55.25 1.50 9.66
CA GLU D 150 -56.48 1.38 8.90
C GLU D 150 -56.13 0.91 7.49
N ILE D 151 -56.66 -0.26 7.11
CA ILE D 151 -56.33 -0.83 5.81
C ILE D 151 -56.83 0.05 4.69
N GLN D 152 -55.94 0.42 3.78
CA GLN D 152 -56.28 1.27 2.66
C GLN D 152 -56.27 0.53 1.31
N GLN D 153 -55.66 -0.64 1.24
CA GLN D 153 -55.61 -1.41 0.00
C GLN D 153 -55.10 -2.81 0.24
N VAL D 154 -55.73 -3.81 -0.39
CA VAL D 154 -55.28 -5.19 -0.28
C VAL D 154 -54.94 -5.69 -1.68
N VAL D 155 -53.85 -6.46 -1.79
CA VAL D 155 -53.31 -6.83 -3.09
C VAL D 155 -52.84 -8.28 -3.05
N ASP D 156 -53.32 -9.10 -3.99
CA ASP D 156 -52.84 -10.48 -4.08
C ASP D 156 -51.60 -10.50 -4.94
N ALA D 157 -51.07 -11.70 -5.19
CA ALA D 157 -49.73 -11.87 -5.74
C ALA D 157 -49.33 -10.87 -6.82
N ASP D 158 -50.09 -10.79 -7.92
CA ASP D 158 -49.65 -9.94 -9.02
C ASP D 158 -50.14 -8.50 -8.83
N SER D 159 -51.43 -8.26 -9.05
CA SER D 159 -52.03 -6.96 -8.74
C SER D 159 -53.51 -7.08 -8.39
N LYS D 160 -53.90 -8.18 -7.74
CA LYS D 160 -55.32 -8.48 -7.63
C LYS D 160 -55.94 -7.78 -6.42
N ILE D 161 -56.63 -6.67 -6.68
CA ILE D 161 -57.13 -5.80 -5.62
C ILE D 161 -58.30 -6.49 -4.94
N VAL D 162 -58.05 -7.09 -3.77
CA VAL D 162 -59.10 -7.77 -3.05
C VAL D 162 -59.95 -6.77 -2.28
N GLN D 163 -61.26 -6.87 -2.45
CA GLN D 163 -62.20 -6.12 -1.63
C GLN D 163 -62.32 -6.81 -0.28
N LEU D 164 -62.49 -6.01 0.78
CA LEU D 164 -62.49 -6.55 2.13
C LEU D 164 -63.66 -7.51 2.38
N SER D 165 -64.65 -7.48 1.49
CA SER D 165 -65.84 -8.30 1.72
C SER D 165 -65.66 -9.73 1.18
N GLU D 166 -64.65 -9.96 0.34
CA GLU D 166 -64.48 -11.24 -0.32
C GLU D 166 -63.23 -11.99 0.16
N ILE D 167 -62.92 -11.88 1.44
CA ILE D 167 -61.82 -12.65 2.00
C ILE D 167 -62.43 -13.25 3.24
N SER D 168 -63.04 -14.43 3.13
CA SER D 168 -63.75 -14.96 4.30
C SER D 168 -63.85 -16.47 4.42
N MET D 169 -62.73 -17.12 4.75
CA MET D 169 -62.76 -18.56 4.93
C MET D 169 -63.65 -19.19 3.90
N ASP D 170 -63.61 -18.71 2.66
CA ASP D 170 -64.53 -19.20 1.67
C ASP D 170 -64.03 -18.81 0.33
N ASN D 171 -64.29 -17.57 -0.03
CA ASN D 171 -63.78 -17.10 -1.28
C ASN D 171 -62.30 -17.13 -1.12
N SER D 172 -61.84 -17.35 0.10
CA SER D 172 -60.41 -17.25 0.39
C SER D 172 -59.58 -18.38 -0.24
N PRO D 173 -59.99 -19.66 -0.20
CA PRO D 173 -59.18 -20.70 -0.86
C PRO D 173 -58.95 -20.50 -2.35
N ASN D 174 -59.54 -19.47 -2.95
CA ASN D 174 -59.50 -19.29 -4.40
C ASN D 174 -58.51 -18.23 -4.86
N LEU D 175 -57.62 -17.76 -4.00
CA LEU D 175 -56.68 -16.71 -4.35
C LEU D 175 -55.26 -17.11 -4.00
N ALA D 176 -54.31 -16.26 -4.39
CA ALA D 176 -52.92 -16.41 -3.98
C ALA D 176 -52.74 -15.69 -2.65
N TRP D 177 -52.67 -16.46 -1.58
CA TRP D 177 -52.79 -15.93 -0.22
C TRP D 177 -51.67 -15.02 0.26
N PRO D 178 -50.44 -15.11 -0.25
CA PRO D 178 -49.41 -14.16 0.22
C PRO D 178 -50.00 -12.87 -0.34
N LEU D 179 -50.51 -12.04 0.57
CA LEU D 179 -51.18 -10.79 0.23
C LEU D 179 -50.11 -9.75 0.51
N ILE D 180 -50.37 -8.53 0.05
CA ILE D 180 -49.55 -7.38 0.42
C ILE D 180 -50.48 -6.28 0.92
N VAL D 181 -50.71 -6.25 2.23
CA VAL D 181 -51.66 -5.30 2.81
C VAL D 181 -50.98 -3.97 3.07
N THR D 182 -51.61 -2.90 2.61
CA THR D 182 -51.15 -1.54 2.84
C THR D 182 -52.07 -0.86 3.85
N ALA D 183 -51.47 -0.12 4.77
CA ALA D 183 -52.22 0.50 5.86
C ALA D 183 -51.55 1.82 6.20
N LEU D 184 -52.20 2.65 7.02
CA LEU D 184 -51.58 3.89 7.45
C LEU D 184 -51.74 3.95 8.93
N ARG D 185 -50.86 4.65 9.59
CA ARG D 185 -50.92 4.65 11.04
C ARG D 185 -52.14 5.35 11.51
N ALA D 186 -52.47 5.20 12.78
CA ALA D 186 -53.60 5.93 13.30
C ALA D 186 -53.10 7.08 14.12
N ASN D 187 -53.62 7.17 15.34
CA ASN D 187 -53.23 8.26 16.22
C ASN D 187 -53.32 7.84 17.68
N ALA E 1 23.32 -10.13 -2.93
CA ALA E 1 24.54 -10.66 -2.37
C ALA E 1 24.32 -12.07 -1.85
N VAL E 2 23.28 -12.73 -2.35
CA VAL E 2 22.96 -14.11 -2.00
C VAL E 2 22.54 -14.83 -3.27
N GLY E 3 23.18 -15.90 -3.65
CA GLY E 3 22.81 -16.48 -4.92
C GLY E 3 23.38 -17.81 -5.18
N ALA E 4 23.70 -18.08 -6.41
CA ALA E 4 24.13 -19.41 -6.67
C ALA E 4 25.59 -19.39 -6.75
N CYS E 5 26.18 -20.34 -6.07
CA CYS E 5 27.59 -20.47 -6.17
C CYS E 5 27.78 -20.77 -7.59
N VAL E 6 28.54 -19.93 -8.28
CA VAL E 6 28.86 -20.22 -9.65
C VAL E 6 28.92 -21.72 -9.80
N LEU E 7 29.64 -22.39 -8.91
CA LEU E 7 29.78 -23.82 -9.04
C LEU E 7 28.58 -24.59 -8.52
N CYS E 8 28.32 -24.59 -7.20
CA CYS E 8 27.24 -25.45 -6.65
C CYS E 8 25.83 -24.94 -6.74
N ASN E 9 25.69 -23.66 -7.03
CA ASN E 9 24.36 -23.06 -7.13
C ASN E 9 23.63 -22.93 -5.79
N SER E 10 24.08 -23.62 -4.76
CA SER E 10 23.45 -23.45 -3.47
C SER E 10 23.50 -21.97 -3.15
N GLN E 11 22.74 -21.52 -2.18
CA GLN E 11 22.71 -20.09 -1.91
C GLN E 11 23.87 -19.69 -1.04
N THR E 12 24.61 -18.69 -1.47
CA THR E 12 25.71 -18.24 -0.68
C THR E 12 25.51 -16.80 -0.45
N SER E 13 26.53 -16.10 0.01
CA SER E 13 26.42 -14.66 0.15
C SER E 13 27.74 -14.07 -0.10
N LEU E 14 28.71 -14.89 -0.43
CA LEU E 14 30.05 -14.41 -0.61
C LEU E 14 30.31 -14.08 -2.04
N ARG E 15 31.53 -13.68 -2.35
CA ARG E 15 31.87 -13.28 -3.70
C ARG E 15 33.29 -12.74 -3.75
N CYS E 16 34.20 -13.37 -4.48
CA CYS E 16 35.57 -12.89 -4.44
C CYS E 16 35.71 -11.56 -5.10
N GLY E 17 36.94 -11.09 -5.20
CA GLY E 17 37.17 -9.82 -5.81
C GLY E 17 38.12 -10.04 -6.95
N ALA E 18 39.10 -10.90 -6.74
CA ALA E 18 40.06 -11.18 -7.80
C ALA E 18 39.26 -11.33 -9.02
N CYS E 19 38.27 -12.19 -8.95
CA CYS E 19 37.37 -12.41 -10.07
C CYS E 19 36.73 -11.10 -10.47
N ILE E 20 37.27 -10.39 -11.46
CA ILE E 20 36.77 -9.06 -11.77
C ILE E 20 35.27 -8.96 -11.74
N ARG E 21 34.62 -9.85 -12.45
CA ARG E 21 33.18 -9.79 -12.52
C ARG E 21 32.58 -10.06 -11.15
N ARG E 22 33.28 -10.79 -10.27
CA ARG E 22 32.81 -11.03 -8.91
C ARG E 22 31.65 -11.97 -8.80
N PRO E 23 31.91 -13.26 -8.96
CA PRO E 23 30.85 -14.26 -8.86
C PRO E 23 30.48 -14.59 -7.45
N PHE E 24 29.41 -15.34 -7.25
CA PHE E 24 28.94 -15.64 -5.92
C PHE E 24 29.47 -16.96 -5.46
N LEU E 25 30.78 -17.08 -5.36
CA LEU E 25 31.36 -18.31 -4.89
C LEU E 25 30.65 -18.70 -3.63
N CYS E 26 30.37 -19.98 -3.46
CA CYS E 26 29.74 -20.47 -2.24
C CYS E 26 30.63 -20.30 -1.04
N CYS E 27 30.28 -21.00 0.03
CA CYS E 27 31.06 -20.90 1.23
C CYS E 27 32.28 -21.74 1.03
N LYS E 28 32.13 -23.04 1.23
CA LYS E 28 33.26 -23.92 1.13
C LYS E 28 34.13 -23.57 -0.03
N CYS E 29 33.55 -23.51 -1.22
CA CYS E 29 34.35 -23.29 -2.42
C CYS E 29 35.25 -22.07 -2.34
N CYS E 30 35.02 -21.20 -1.38
CA CYS E 30 35.93 -20.09 -1.25
C CYS E 30 37.22 -20.62 -0.65
N TYR E 31 37.14 -21.64 0.20
CA TYR E 31 38.37 -22.07 0.86
C TYR E 31 39.37 -22.62 -0.16
N ASP E 32 38.82 -23.17 -1.21
CA ASP E 32 39.71 -23.60 -2.25
C ASP E 32 40.16 -22.34 -2.97
N HIS E 33 39.28 -21.74 -3.76
CA HIS E 33 39.62 -20.54 -4.46
C HIS E 33 39.69 -19.41 -3.48
N VAL E 34 40.81 -19.24 -2.78
CA VAL E 34 41.00 -18.11 -1.88
C VAL E 34 42.35 -18.35 -1.31
N ILE E 35 42.57 -19.57 -0.90
CA ILE E 35 43.84 -19.92 -0.38
C ILE E 35 44.66 -20.42 -1.54
N SER E 36 44.04 -21.23 -2.39
CA SER E 36 44.75 -21.83 -3.52
C SER E 36 45.00 -20.86 -4.66
N THR E 37 45.31 -19.60 -4.34
CA THR E 37 45.54 -18.60 -5.37
C THR E 37 45.76 -17.25 -4.77
N SER E 38 46.33 -16.34 -5.53
CA SER E 38 46.53 -15.00 -5.05
C SER E 38 45.21 -14.42 -4.64
N HIS E 39 44.14 -14.96 -5.19
CA HIS E 39 42.81 -14.43 -4.91
C HIS E 39 42.53 -14.46 -3.43
N LYS E 40 42.48 -13.29 -2.81
CA LYS E 40 42.28 -13.24 -1.37
C LYS E 40 41.10 -12.40 -0.93
N LEU E 41 40.94 -11.19 -1.47
CA LEU E 41 39.86 -10.30 -0.99
C LEU E 41 38.52 -11.01 -0.94
N VAL E 42 37.61 -10.55 -0.11
CA VAL E 42 36.29 -11.16 -0.10
C VAL E 42 35.26 -10.15 0.32
N LEU E 43 34.10 -10.21 -0.30
CA LEU E 43 33.05 -9.28 0.01
C LEU E 43 31.78 -10.04 0.21
N SER E 44 31.19 -9.91 1.38
CA SER E 44 29.92 -10.53 1.64
C SER E 44 29.03 -9.37 1.91
N VAL E 45 27.89 -9.59 2.54
CA VAL E 45 26.93 -8.50 2.72
C VAL E 45 27.70 -7.29 3.11
N ASN E 46 28.75 -7.49 3.87
CA ASN E 46 29.60 -6.39 4.26
C ASN E 46 30.97 -6.75 3.74
N PRO E 47 31.81 -5.75 3.51
CA PRO E 47 33.13 -6.01 2.97
C PRO E 47 34.08 -6.45 4.08
N TYR E 48 35.04 -7.29 3.75
CA TYR E 48 35.99 -7.78 4.75
C TYR E 48 37.34 -7.07 4.69
N VAL E 49 37.67 -6.31 5.72
CA VAL E 49 38.97 -5.63 5.80
C VAL E 49 39.18 -5.07 7.20
N CYS E 50 40.43 -5.04 7.68
CA CYS E 50 40.67 -4.59 9.04
C CYS E 50 40.08 -3.22 9.21
N ASN E 51 38.87 -3.18 9.74
CA ASN E 51 38.19 -1.92 9.90
C ASN E 51 38.99 -1.00 10.78
N ALA E 52 40.06 -1.51 11.36
CA ALA E 52 40.87 -0.69 12.27
C ALA E 52 41.35 0.55 11.54
N PRO E 53 41.56 1.63 12.30
CA PRO E 53 41.99 2.90 11.72
C PRO E 53 42.75 2.74 10.44
N GLY E 54 42.30 3.41 9.38
CA GLY E 54 42.99 3.36 8.10
C GLY E 54 44.02 2.28 8.00
N CYS E 55 43.56 1.03 7.97
CA CYS E 55 44.49 -0.07 7.84
C CYS E 55 44.65 -0.39 6.39
N ASP E 56 45.08 -1.61 6.10
CA ASP E 56 45.33 -2.01 4.74
C ASP E 56 45.64 -3.47 4.72
N VAL E 57 45.12 -4.20 5.71
CA VAL E 57 45.34 -5.63 5.77
C VAL E 57 44.10 -6.31 5.22
N THR E 58 44.26 -7.29 4.35
CA THR E 58 43.07 -7.87 3.76
C THR E 58 43.04 -9.39 3.78
N ASP E 59 43.57 -10.05 2.73
CA ASP E 59 43.50 -11.52 2.63
C ASP E 59 42.72 -12.15 3.77
N VAL E 60 41.41 -12.12 3.65
CA VAL E 60 40.57 -12.69 4.68
C VAL E 60 41.19 -13.89 5.35
N THR E 61 41.72 -14.83 4.57
CA THR E 61 42.40 -15.98 5.14
C THR E 61 43.18 -15.65 6.40
N GLN E 62 43.76 -14.46 6.46
CA GLN E 62 44.48 -14.06 7.65
C GLN E 62 43.59 -13.24 8.58
N LEU E 63 42.68 -12.45 8.03
CA LEU E 63 41.84 -11.60 8.87
C LEU E 63 41.01 -12.44 9.86
N TYR E 64 40.79 -11.90 11.07
CA TYR E 64 40.00 -12.63 12.09
C TYR E 64 38.76 -11.87 12.42
N LEU E 65 37.85 -12.50 13.15
CA LEU E 65 36.57 -11.88 13.42
C LEU E 65 36.62 -11.05 14.63
N GLY E 66 35.59 -11.18 15.46
CA GLY E 66 35.58 -10.47 16.71
C GLY E 66 34.59 -9.34 16.67
N GLY E 67 34.30 -8.80 17.84
CA GLY E 67 33.37 -7.70 17.92
C GLY E 67 32.27 -7.91 16.93
N MET E 68 32.15 -6.99 15.99
CA MET E 68 31.15 -7.13 14.96
C MET E 68 31.76 -6.70 13.66
N SER E 69 33.02 -6.31 13.71
CA SER E 69 33.72 -5.98 12.48
C SER E 69 34.71 -7.12 12.32
N TYR E 70 35.78 -6.90 11.60
CA TYR E 70 36.76 -7.95 11.49
C TYR E 70 38.15 -7.42 11.70
N TYR E 71 39.04 -8.27 12.17
CA TYR E 71 40.42 -7.85 12.33
C TYR E 71 41.28 -9.06 12.16
N CYS E 72 42.23 -9.00 11.23
CA CYS E 72 43.16 -10.09 11.01
C CYS E 72 43.95 -10.34 12.26
N LYS E 73 45.17 -9.87 12.27
CA LYS E 73 45.97 -9.98 13.46
C LYS E 73 46.25 -8.55 13.79
N SER E 74 46.03 -7.67 12.81
CA SER E 74 46.22 -6.24 13.01
C SER E 74 46.06 -5.87 14.46
N HIS E 75 44.84 -5.90 14.95
CA HIS E 75 44.60 -5.59 16.33
C HIS E 75 43.40 -6.41 16.70
N LYS E 76 43.58 -7.73 16.74
CA LYS E 76 42.46 -8.61 17.02
C LYS E 76 42.02 -8.45 18.46
N PRO E 77 40.77 -8.03 18.65
CA PRO E 77 40.24 -7.89 20.01
C PRO E 77 40.38 -9.20 20.76
N PRO E 78 40.38 -9.13 22.09
CA PRO E 78 40.58 -10.34 22.90
C PRO E 78 39.65 -11.47 22.54
N ILE E 79 38.45 -11.14 22.08
CA ILE E 79 37.44 -12.16 21.76
C ILE E 79 37.40 -12.44 20.28
N SER E 80 38.55 -12.68 19.69
CA SER E 80 38.59 -12.85 18.26
C SER E 80 38.00 -14.16 17.78
N PHE E 81 38.30 -14.56 16.56
CA PHE E 81 37.70 -15.73 15.97
C PHE E 81 38.31 -15.77 14.63
N PRO E 82 38.90 -16.88 14.26
CA PRO E 82 39.42 -16.87 12.90
C PRO E 82 38.29 -16.74 11.89
N LEU E 83 38.37 -15.77 10.97
CA LEU E 83 37.35 -15.63 9.92
C LEU E 83 37.49 -16.82 9.07
N CYS E 84 38.71 -17.26 8.88
CA CYS E 84 38.96 -18.40 8.04
C CYS E 84 39.35 -19.62 8.84
N ALA E 85 38.72 -20.75 8.55
CA ALA E 85 39.01 -21.98 9.28
C ALA E 85 38.34 -23.16 8.58
N ASN E 86 38.02 -24.22 9.33
CA ASN E 86 37.40 -25.42 8.76
C ASN E 86 36.80 -25.23 7.40
N GLY E 87 37.55 -25.54 6.35
CA GLY E 87 37.08 -25.38 5.00
C GLY E 87 35.80 -24.60 4.82
N GLN E 88 35.81 -23.32 5.19
CA GLN E 88 34.65 -22.48 5.01
C GLN E 88 34.95 -21.06 5.44
N VAL E 89 34.48 -20.08 4.68
CA VAL E 89 34.64 -18.71 5.09
C VAL E 89 33.32 -18.29 5.69
N PHE E 90 33.32 -17.82 6.93
CA PHE E 90 32.09 -17.46 7.62
C PHE E 90 31.15 -16.67 6.75
N GLY E 91 29.97 -17.21 6.41
CA GLY E 91 29.08 -16.52 5.51
C GLY E 91 27.70 -17.05 5.58
N LEU E 92 26.72 -16.25 5.21
CA LEU E 92 25.33 -16.67 5.35
C LEU E 92 25.09 -18.07 4.80
N TYR E 93 24.08 -18.77 5.31
CA TYR E 93 23.80 -20.14 4.91
C TYR E 93 25.04 -20.99 4.99
N LYS E 94 25.31 -21.57 6.15
CA LYS E 94 26.54 -22.33 6.31
C LYS E 94 26.35 -23.83 6.27
N ASN E 95 25.11 -24.28 6.39
CA ASN E 95 24.85 -25.72 6.43
C ASN E 95 24.44 -26.20 5.07
N THR E 96 24.02 -25.28 4.24
CA THR E 96 23.70 -25.66 2.88
C THR E 96 25.03 -25.73 2.20
N CYS E 97 26.08 -25.55 2.98
CA CYS E 97 27.41 -25.61 2.44
C CYS E 97 27.61 -26.91 1.74
N VAL E 98 28.55 -26.92 0.83
CA VAL E 98 28.87 -28.15 0.15
C VAL E 98 30.18 -27.94 -0.52
N GLY E 99 30.23 -27.01 -1.45
CA GLY E 99 31.42 -26.84 -2.24
C GLY E 99 31.35 -28.04 -3.17
N SER E 100 32.26 -28.12 -4.11
CA SER E 100 32.28 -29.29 -4.97
C SER E 100 33.68 -29.45 -5.51
N ASP E 101 34.08 -30.68 -5.78
CA ASP E 101 35.39 -30.90 -6.36
C ASP E 101 35.41 -30.32 -7.75
N ASN E 102 35.56 -29.01 -7.84
CA ASN E 102 35.55 -28.37 -9.13
C ASN E 102 36.43 -27.16 -9.07
N VAL E 103 37.20 -27.04 -8.01
CA VAL E 103 38.15 -25.94 -7.96
C VAL E 103 39.26 -26.28 -8.90
N THR E 104 39.22 -27.48 -9.45
CA THR E 104 40.19 -27.89 -10.43
C THR E 104 40.22 -26.91 -11.57
N ASP E 105 39.25 -27.00 -12.45
CA ASP E 105 39.18 -26.07 -13.56
C ASP E 105 39.12 -24.72 -12.96
N PHE E 106 38.24 -24.59 -11.99
CA PHE E 106 38.06 -23.29 -11.42
C PHE E 106 39.37 -22.64 -11.13
N ASN E 107 40.37 -23.42 -10.72
CA ASN E 107 41.57 -22.69 -10.34
C ASN E 107 42.39 -22.31 -11.56
N ALA E 108 42.47 -23.21 -12.54
CA ALA E 108 43.15 -22.89 -13.79
C ALA E 108 42.44 -21.75 -14.51
N ILE E 109 41.11 -21.77 -14.53
CA ILE E 109 40.34 -20.70 -15.18
C ILE E 109 40.61 -19.37 -14.49
N ALA E 110 40.64 -19.38 -13.16
CA ALA E 110 40.93 -18.15 -12.42
C ALA E 110 42.33 -17.65 -12.69
N THR E 111 43.32 -18.55 -12.71
CA THR E 111 44.72 -18.16 -12.82
C THR E 111 45.15 -17.87 -14.26
N CYS E 112 44.31 -18.16 -15.24
CA CYS E 112 44.77 -18.10 -16.63
C CYS E 112 44.79 -16.65 -17.10
N ASP E 113 46.01 -16.13 -17.31
CA ASP E 113 46.22 -14.76 -17.76
C ASP E 113 45.93 -14.56 -19.24
N TRP E 114 45.54 -15.62 -19.96
CA TRP E 114 45.12 -15.53 -21.36
C TRP E 114 46.23 -14.94 -22.24
N THR E 115 47.30 -15.73 -22.39
CA THR E 115 48.39 -15.38 -23.28
C THR E 115 48.73 -16.50 -24.27
N ASN E 116 48.50 -17.75 -23.91
CA ASN E 116 48.87 -18.86 -24.77
C ASN E 116 47.63 -19.69 -25.13
N ALA E 117 47.81 -20.60 -26.10
CA ALA E 117 46.71 -21.45 -26.54
C ALA E 117 46.22 -22.36 -25.42
N GLY E 118 47.12 -22.73 -24.51
CA GLY E 118 46.71 -23.58 -23.39
C GLY E 118 45.59 -22.98 -22.58
N ASP E 119 45.52 -21.64 -22.51
CA ASP E 119 44.39 -20.98 -21.87
C ASP E 119 43.08 -21.42 -22.51
N TYR E 120 43.05 -21.47 -23.83
CA TYR E 120 41.81 -21.85 -24.52
C TYR E 120 41.57 -23.35 -24.45
N ILE E 121 42.64 -24.16 -24.46
CA ILE E 121 42.46 -25.61 -24.35
C ILE E 121 41.85 -25.96 -23.00
N LEU E 122 42.43 -25.46 -21.90
CA LEU E 122 41.87 -25.72 -20.58
C LEU E 122 40.52 -25.04 -20.38
N ALA E 123 40.28 -23.90 -21.05
CA ALA E 123 39.00 -23.21 -20.88
C ALA E 123 37.90 -24.00 -21.55
N ASN E 124 38.24 -24.83 -22.53
CA ASN E 124 37.25 -25.52 -23.34
C ASN E 124 37.01 -26.96 -22.91
N THR E 125 37.59 -27.40 -21.79
CA THR E 125 37.37 -28.73 -21.24
C THR E 125 36.93 -28.57 -19.79
N CYS E 126 35.62 -28.35 -19.61
CA CYS E 126 35.03 -28.15 -18.30
C CYS E 126 33.53 -28.45 -18.44
N THR E 127 32.78 -28.04 -17.42
CA THR E 127 31.33 -28.25 -17.43
C THR E 127 30.62 -26.98 -17.92
N GLU E 128 29.29 -27.05 -17.91
CA GLU E 128 28.47 -25.99 -18.49
C GLU E 128 28.67 -24.67 -17.76
N ARG E 129 28.56 -24.68 -16.43
CA ARG E 129 28.69 -23.44 -15.66
C ARG E 129 30.11 -22.91 -15.72
N LEU E 130 31.11 -23.78 -15.64
CA LEU E 130 32.49 -23.36 -15.85
C LEU E 130 32.68 -22.77 -17.24
N LYS E 131 32.04 -23.35 -18.26
CA LYS E 131 32.15 -22.81 -19.61
C LYS E 131 31.59 -21.39 -19.66
N LEU E 132 30.43 -21.17 -19.05
CA LEU E 132 29.83 -19.85 -19.02
C LEU E 132 30.72 -18.85 -18.30
N PHE E 133 31.25 -19.24 -17.13
CA PHE E 133 32.11 -18.34 -16.37
C PHE E 133 33.37 -18.01 -17.15
N ALA E 134 33.94 -19.00 -17.85
CA ALA E 134 35.16 -18.78 -18.62
C ALA E 134 34.90 -17.85 -19.79
N ALA E 135 33.79 -18.04 -20.50
CA ALA E 135 33.46 -17.14 -21.60
C ALA E 135 33.25 -15.72 -21.10
N GLU E 136 32.54 -15.56 -19.98
CA GLU E 136 32.29 -14.24 -19.44
C GLU E 136 33.60 -13.55 -19.04
N THR E 137 34.47 -14.28 -18.33
CA THR E 137 35.72 -13.66 -17.89
C THR E 137 36.66 -13.40 -19.07
N LEU E 138 36.56 -14.19 -20.14
CA LEU E 138 37.37 -13.93 -21.33
C LEU E 138 36.91 -12.65 -22.01
N LYS E 139 35.60 -12.49 -22.20
CA LYS E 139 35.11 -11.25 -22.79
C LYS E 139 35.45 -10.06 -21.88
N ALA E 140 35.40 -10.27 -20.57
CA ALA E 140 35.72 -9.18 -19.64
C ALA E 140 37.18 -8.76 -19.78
N THR E 141 38.10 -9.72 -19.72
CA THR E 141 39.52 -9.36 -19.81
C THR E 141 39.82 -8.73 -21.16
N GLU E 142 39.16 -9.19 -22.23
CA GLU E 142 39.47 -8.61 -23.53
C GLU E 142 38.93 -7.18 -23.65
N GLU E 143 37.70 -6.91 -23.18
CA GLU E 143 37.24 -5.52 -23.30
C GLU E 143 38.01 -4.59 -22.39
N THR E 144 38.44 -5.07 -21.23
CA THR E 144 39.17 -4.19 -20.31
C THR E 144 40.63 -4.04 -20.73
N PHE E 145 41.12 -4.93 -21.60
CA PHE E 145 42.38 -4.67 -22.26
C PHE E 145 42.18 -3.70 -23.42
N LYS E 146 41.02 -3.75 -24.07
CA LYS E 146 40.78 -2.93 -25.25
C LYS E 146 40.47 -1.48 -24.89
N LEU E 147 39.88 -1.22 -23.71
CA LEU E 147 39.57 0.16 -23.37
C LEU E 147 40.79 0.93 -22.86
N SER E 148 41.97 0.34 -22.90
CA SER E 148 43.15 1.03 -22.40
C SER E 148 43.68 2.04 -23.43
N TYR E 149 42.82 2.95 -23.85
CA TYR E 149 43.17 3.95 -24.86
C TYR E 149 42.62 5.30 -24.43
N GLY E 150 43.32 6.35 -24.85
CA GLY E 150 42.94 7.71 -24.48
C GLY E 150 41.81 8.25 -25.33
N ILE E 151 41.86 9.55 -25.55
CA ILE E 151 40.82 10.29 -26.26
C ILE E 151 41.47 11.02 -27.42
N ALA E 152 40.66 11.41 -28.40
CA ALA E 152 41.15 12.25 -29.49
C ALA E 152 40.51 13.62 -29.39
N THR E 153 41.34 14.64 -29.20
CA THR E 153 40.85 16.02 -29.05
C THR E 153 40.84 16.71 -30.40
N VAL E 154 39.69 17.28 -30.76
CA VAL E 154 39.50 17.93 -32.04
C VAL E 154 38.91 19.32 -31.79
N ARG E 155 39.48 20.33 -32.42
CA ARG E 155 39.02 21.70 -32.30
C ARG E 155 38.62 22.33 -33.62
N GLU E 156 39.20 21.91 -34.74
CA GLU E 156 38.89 22.52 -36.03
C GLU E 156 38.87 21.44 -37.10
N VAL E 157 38.19 21.74 -38.20
CA VAL E 157 38.11 20.87 -39.36
C VAL E 157 38.20 21.74 -40.61
N LEU E 158 39.03 21.31 -41.57
CA LEU E 158 39.21 22.10 -42.78
C LEU E 158 38.04 21.89 -43.75
N SER E 159 37.82 20.65 -44.16
CA SER E 159 36.75 20.34 -45.13
C SER E 159 36.45 18.85 -45.02
N ASP E 160 35.63 18.35 -45.95
CA ASP E 160 35.26 16.95 -45.95
C ASP E 160 36.43 16.09 -46.44
N ARG E 161 36.44 14.84 -45.99
CA ARG E 161 37.49 13.87 -46.33
C ARG E 161 38.85 14.33 -45.87
N GLU E 162 38.91 15.12 -44.80
CA GLU E 162 40.17 15.54 -44.22
C GLU E 162 39.97 15.88 -42.75
N LEU E 163 40.94 15.50 -41.93
CA LEU E 163 40.89 15.72 -40.49
C LEU E 163 42.27 15.49 -39.91
N HIS E 164 42.70 16.39 -39.04
CA HIS E 164 43.99 16.29 -38.36
C HIS E 164 43.75 15.73 -36.96
N LEU E 165 43.92 14.42 -36.81
CA LEU E 165 43.68 13.76 -35.54
C LEU E 165 45.01 13.34 -34.94
N SER E 166 45.12 13.44 -33.62
CA SER E 166 46.32 13.07 -32.90
C SER E 166 45.94 12.44 -31.56
N TRP E 167 46.43 11.23 -31.32
CA TRP E 167 46.13 10.51 -30.09
C TRP E 167 46.86 11.16 -28.92
N GLU E 168 46.61 10.68 -27.71
CA GLU E 168 47.19 11.26 -26.51
C GLU E 168 48.67 10.87 -26.39
N VAL E 169 49.29 11.38 -25.33
CA VAL E 169 50.71 11.11 -25.07
C VAL E 169 50.85 9.77 -24.37
N GLY E 170 51.71 8.91 -24.91
CA GLY E 170 51.94 7.61 -24.33
C GLY E 170 50.96 6.53 -24.75
N LYS E 171 49.89 6.89 -25.46
CA LYS E 171 48.89 5.96 -25.93
C LYS E 171 49.04 5.77 -27.44
N PRO E 172 49.23 4.54 -27.91
CA PRO E 172 49.43 4.33 -29.34
C PRO E 172 48.13 4.51 -30.13
N ARG E 173 48.27 4.60 -31.44
CA ARG E 173 47.12 4.78 -32.31
C ARG E 173 46.25 3.52 -32.30
N PRO E 174 44.94 3.63 -32.13
CA PRO E 174 44.08 2.45 -32.15
C PRO E 174 44.12 1.79 -33.52
N PRO E 175 43.87 0.48 -33.60
CA PRO E 175 44.13 -0.26 -34.83
C PRO E 175 43.30 0.25 -36.01
N LEU E 176 43.85 0.04 -37.20
CA LEU E 176 43.33 0.64 -38.43
C LEU E 176 41.91 0.17 -38.74
N ASN E 177 41.69 -1.14 -38.81
CA ASN E 177 40.53 -1.68 -39.50
C ASN E 177 39.25 -1.41 -38.73
N ARG E 178 38.12 -1.84 -39.28
CA ARG E 178 36.80 -1.48 -38.76
C ARG E 178 36.21 -2.55 -37.83
N ASN E 179 37.00 -3.53 -37.40
CA ASN E 179 36.45 -4.56 -36.52
C ASN E 179 36.04 -3.97 -35.17
N TYR E 180 36.63 -2.86 -34.77
CA TYR E 180 36.24 -2.11 -33.57
C TYR E 180 35.51 -0.84 -34.04
N VAL E 181 34.20 -0.93 -34.17
CA VAL E 181 33.44 0.19 -34.69
C VAL E 181 33.61 1.41 -33.79
N PHE E 182 33.99 2.54 -34.39
CA PHE E 182 34.26 3.75 -33.63
C PHE E 182 32.93 4.42 -33.32
N THR E 183 32.29 3.96 -32.24
CA THR E 183 31.08 4.59 -31.71
C THR E 183 31.52 5.59 -30.65
N GLY E 184 31.76 6.83 -31.07
CA GLY E 184 32.24 7.87 -30.18
C GLY E 184 31.11 8.60 -29.47
N TYR E 185 31.50 9.40 -28.49
CA TYR E 185 30.57 10.23 -27.75
C TYR E 185 31.30 11.45 -27.24
N ARG E 186 31.12 12.58 -27.92
CA ARG E 186 31.75 13.83 -27.54
C ARG E 186 31.03 14.44 -26.34
N VAL E 187 31.54 15.57 -25.87
CA VAL E 187 30.96 16.29 -24.74
C VAL E 187 30.67 17.73 -25.15
N THR E 188 29.52 18.23 -24.71
CA THR E 188 29.19 19.64 -24.92
C THR E 188 29.50 20.48 -23.68
N LYS E 189 28.79 20.25 -22.58
CA LYS E 189 29.18 20.89 -21.33
C LYS E 189 29.25 19.93 -20.15
N ASN E 190 28.31 19.00 -20.04
CA ASN E 190 28.24 18.16 -18.85
C ASN E 190 28.08 16.68 -19.18
N SER E 191 27.47 16.35 -20.32
CA SER E 191 27.10 14.98 -20.63
C SER E 191 27.73 14.56 -21.95
N LYS E 192 27.33 13.39 -22.43
CA LYS E 192 27.82 12.82 -23.67
C LYS E 192 26.84 13.09 -24.80
N VAL E 193 27.34 13.73 -25.86
CA VAL E 193 26.54 14.02 -27.04
C VAL E 193 26.93 13.05 -28.15
N GLN E 194 25.95 12.74 -29.00
CA GLN E 194 26.15 11.76 -30.06
C GLN E 194 27.14 12.28 -31.10
N ILE E 195 27.93 11.36 -31.67
CA ILE E 195 28.83 11.69 -32.77
C ILE E 195 28.36 10.96 -34.02
N GLY E 196 28.32 9.65 -33.95
CA GLY E 196 27.98 8.81 -35.09
C GLY E 196 28.94 7.66 -35.21
N GLU E 197 28.57 6.70 -36.06
CA GLU E 197 29.38 5.51 -36.32
C GLU E 197 30.50 5.88 -37.27
N TYR E 198 31.74 5.80 -36.80
CA TYR E 198 32.87 6.20 -37.62
C TYR E 198 33.92 5.10 -37.83
N THR E 199 34.87 5.35 -38.71
CA THR E 199 35.97 4.40 -38.95
C THR E 199 37.11 5.11 -39.65
N PHE E 200 38.36 4.82 -39.27
CA PHE E 200 39.51 5.52 -39.82
C PHE E 200 40.02 4.83 -41.07
N GLU E 201 40.76 5.58 -41.89
CA GLU E 201 41.31 5.06 -43.14
C GLU E 201 42.84 5.03 -43.13
N LYS E 202 43.47 6.16 -42.82
CA LYS E 202 44.92 6.29 -42.84
C LYS E 202 45.29 7.41 -41.88
N GLY E 203 46.60 7.57 -41.63
CA GLY E 203 47.08 8.61 -40.75
C GLY E 203 47.11 9.99 -41.39
N ALA E 208 42.47 9.94 -50.16
CA ALA E 208 42.95 10.45 -48.88
C ALA E 208 42.28 9.72 -47.72
N VAL E 209 41.37 10.41 -47.03
CA VAL E 209 40.65 9.84 -45.89
C VAL E 209 39.19 9.74 -46.31
N VAL E 210 38.80 8.59 -46.83
CA VAL E 210 37.42 8.36 -47.26
C VAL E 210 36.62 7.79 -46.10
N TYR E 211 35.42 8.34 -45.92
CA TYR E 211 34.52 7.91 -44.85
C TYR E 211 33.54 6.89 -45.45
N ARG E 212 33.74 5.62 -45.11
CA ARG E 212 33.00 4.53 -45.72
C ARG E 212 31.70 4.22 -45.01
N GLY E 213 31.32 5.03 -44.02
CA GLY E 213 30.07 4.85 -43.31
C GLY E 213 28.96 5.71 -43.87
N THR E 214 27.80 5.64 -43.22
CA THR E 214 26.64 6.42 -43.64
C THR E 214 26.14 7.33 -42.53
N THR E 215 26.70 8.52 -42.42
CA THR E 215 26.34 9.48 -41.38
C THR E 215 27.04 10.80 -41.68
N THR E 216 26.62 11.86 -40.98
CA THR E 216 27.22 13.17 -41.10
C THR E 216 26.95 13.96 -39.83
N TYR E 217 28.02 14.32 -39.13
CA TYR E 217 27.91 15.08 -37.89
C TYR E 217 28.62 16.43 -38.06
N LYS E 218 28.13 17.43 -37.31
CA LYS E 218 28.73 18.75 -37.33
C LYS E 218 29.92 18.81 -36.38
N LEU E 219 31.01 18.12 -36.72
CA LEU E 219 32.22 18.13 -35.91
C LEU E 219 32.93 19.47 -36.01
N ASN E 220 33.55 19.91 -34.91
CA ASN E 220 34.24 21.18 -34.81
C ASN E 220 34.96 21.24 -33.46
N VAL E 221 34.72 22.32 -32.74
CA VAL E 221 35.37 22.57 -31.46
C VAL E 221 34.98 21.54 -30.40
N GLY E 222 35.94 21.17 -29.56
CA GLY E 222 35.67 20.40 -28.37
C GLY E 222 35.33 18.94 -28.59
N ASP E 223 35.50 18.44 -29.83
CA ASP E 223 35.12 17.06 -30.12
C ASP E 223 36.08 16.08 -29.45
N TYR E 224 35.52 15.03 -28.86
CA TYR E 224 36.29 14.00 -28.18
C TYR E 224 35.93 12.65 -28.80
N PHE E 225 36.89 12.04 -29.50
CA PHE E 225 36.71 10.71 -30.06
C PHE E 225 37.14 9.67 -29.03
N VAL E 226 36.27 8.70 -28.77
CA VAL E 226 36.50 7.66 -27.78
C VAL E 226 36.08 6.31 -28.35
N LEU E 227 36.51 5.25 -27.67
CA LEU E 227 36.07 3.89 -27.98
C LEU E 227 35.13 3.45 -26.86
N THR E 228 33.88 3.14 -27.23
CA THR E 228 32.85 2.83 -26.25
C THR E 228 32.84 1.34 -25.89
N SER E 229 33.14 1.03 -24.63
CA SER E 229 33.07 -0.33 -24.14
C SER E 229 31.81 -0.50 -23.29
N HIS E 230 30.85 -1.27 -23.82
CA HIS E 230 29.58 -1.50 -23.15
C HIS E 230 29.80 -2.38 -21.92
N THR E 231 29.13 -2.03 -20.82
CA THR E 231 29.16 -2.86 -19.64
C THR E 231 28.41 -4.16 -19.89
N VAL E 232 29.15 -5.26 -19.94
CA VAL E 232 28.58 -6.57 -20.27
C VAL E 232 27.69 -7.03 -19.12
N MET E 233 26.54 -7.60 -19.48
CA MET E 233 25.63 -8.14 -18.49
C MET E 233 25.96 -9.58 -18.17
N PRO E 234 25.69 -10.03 -16.95
CA PRO E 234 25.95 -11.43 -16.61
C PRO E 234 25.07 -12.38 -17.40
N LEU E 235 25.66 -13.51 -17.79
CA LEU E 235 24.96 -14.52 -18.55
C LEU E 235 24.26 -15.51 -17.61
N SER E 236 23.04 -15.86 -17.95
CA SER E 236 22.21 -16.72 -17.10
C SER E 236 21.82 -18.02 -17.76
N ALA E 237 21.22 -17.98 -18.95
CA ALA E 237 20.66 -19.16 -19.59
C ALA E 237 21.77 -19.99 -20.24
N PRO E 238 21.61 -21.32 -20.33
CA PRO E 238 22.65 -22.14 -20.98
C PRO E 238 22.74 -21.92 -22.49
N THR E 239 23.83 -22.42 -23.07
CA THR E 239 24.08 -22.27 -24.51
C THR E 239 23.51 -23.44 -25.32
N LEU E 240 23.05 -24.49 -24.65
CA LEU E 240 22.56 -25.65 -25.36
C LEU E 240 21.71 -26.49 -24.43
N VAL E 241 21.25 -27.62 -24.95
CA VAL E 241 20.45 -28.59 -24.20
C VAL E 241 20.62 -29.95 -24.83
N PRO E 242 20.88 -31.01 -24.06
CA PRO E 242 21.03 -32.34 -24.64
C PRO E 242 19.76 -32.76 -25.37
N GLN E 243 19.94 -33.45 -26.49
CA GLN E 243 18.86 -33.80 -27.41
C GLN E 243 18.25 -35.14 -27.05
N GLU E 244 17.21 -35.52 -27.79
CA GLU E 244 16.45 -36.75 -27.59
C GLU E 244 15.66 -37.04 -28.86
N HIS E 245 15.72 -38.27 -29.34
CA HIS E 245 15.09 -38.64 -30.59
C HIS E 245 13.62 -39.01 -30.35
N TYR E 246 12.71 -38.29 -31.01
CA TYR E 246 11.29 -38.58 -30.87
C TYR E 246 10.76 -39.31 -32.10
N VAL E 247 9.46 -39.57 -32.10
CA VAL E 247 8.79 -40.22 -33.22
C VAL E 247 7.60 -39.42 -33.71
N ARG E 248 6.98 -38.64 -32.83
CA ARG E 248 5.75 -37.91 -33.16
C ARG E 248 6.07 -36.49 -33.59
N ILE E 249 5.52 -36.10 -34.75
CA ILE E 249 5.67 -34.74 -35.25
C ILE E 249 4.56 -33.91 -34.60
N THR E 250 4.96 -33.04 -33.68
CA THR E 250 4.01 -32.23 -32.93
C THR E 250 3.96 -30.81 -33.50
N GLY E 251 2.77 -30.37 -33.90
CA GLY E 251 2.58 -29.00 -34.34
C GLY E 251 2.95 -28.74 -35.78
N LEU E 252 4.04 -29.34 -36.24
CA LEU E 252 4.53 -29.08 -37.59
C LEU E 252 3.57 -29.65 -38.63
N TYR E 253 3.32 -28.88 -39.68
CA TYR E 253 2.38 -29.24 -40.74
C TYR E 253 3.10 -29.28 -42.07
N PRO E 254 3.41 -30.47 -42.58
CA PRO E 254 3.92 -30.57 -43.97
C PRO E 254 2.86 -30.11 -44.96
N THR E 255 3.32 -29.45 -46.02
CA THR E 255 2.40 -28.86 -46.98
C THR E 255 1.77 -29.92 -47.87
N LEU E 256 0.54 -29.63 -48.32
CA LEU E 256 -0.17 -30.55 -49.20
C LEU E 256 0.55 -30.72 -50.53
N ASN E 257 1.20 -29.66 -51.01
CA ASN E 257 1.93 -29.72 -52.26
C ASN E 257 3.43 -29.77 -52.02
N ILE E 258 4.19 -29.77 -53.11
CA ILE E 258 5.64 -29.88 -53.06
C ILE E 258 6.21 -28.55 -53.54
N SER E 259 6.89 -27.83 -52.65
CA SER E 259 7.60 -26.60 -52.99
C SER E 259 8.97 -27.00 -53.55
N ASP E 260 8.97 -27.40 -54.82
CA ASP E 260 10.15 -28.00 -55.45
C ASP E 260 11.15 -26.90 -55.83
N GLU E 261 11.55 -26.13 -54.82
CA GLU E 261 12.63 -25.18 -55.00
C GLU E 261 13.96 -25.90 -55.19
N PHE E 262 14.21 -26.93 -54.39
CA PHE E 262 15.42 -27.73 -54.47
C PHE E 262 15.05 -29.21 -54.55
N SER E 263 16.07 -30.04 -54.72
CA SER E 263 15.84 -31.47 -54.86
C SER E 263 16.31 -32.23 -53.62
N SER E 264 17.52 -31.94 -53.16
CA SER E 264 18.09 -32.60 -51.99
C SER E 264 17.50 -32.12 -50.68
N ASN E 265 16.61 -31.12 -50.69
CA ASN E 265 16.06 -30.59 -49.45
C ASN E 265 15.11 -31.58 -48.78
N VAL E 266 14.59 -32.55 -49.53
CA VAL E 266 13.73 -33.57 -48.93
C VAL E 266 14.52 -34.36 -47.89
N ALA E 267 15.77 -34.70 -48.20
CA ALA E 267 16.62 -35.35 -47.22
C ALA E 267 16.92 -34.43 -46.05
N ASN E 268 16.99 -33.12 -46.32
CA ASN E 268 17.20 -32.15 -45.26
C ASN E 268 16.05 -32.19 -44.30
N TYR E 269 14.80 -32.21 -44.79
CA TYR E 269 13.65 -32.31 -43.87
C TYR E 269 13.60 -33.67 -43.18
N GLN E 270 13.99 -34.73 -43.89
CA GLN E 270 13.95 -36.07 -43.30
C GLN E 270 14.96 -36.22 -42.17
N LYS E 271 16.13 -35.58 -42.29
CA LYS E 271 17.21 -35.74 -41.34
C LYS E 271 17.21 -34.66 -40.26
N VAL E 272 16.60 -33.50 -40.50
CA VAL E 272 16.71 -32.40 -39.54
C VAL E 272 15.50 -32.34 -38.61
N GLY E 273 14.30 -32.66 -39.09
CA GLY E 273 13.10 -32.55 -38.28
C GLY E 273 12.96 -33.56 -37.16
N MET E 274 13.86 -34.54 -37.09
CA MET E 274 13.73 -35.62 -36.13
C MET E 274 14.38 -35.33 -34.79
N GLN E 275 15.61 -34.81 -34.78
CA GLN E 275 16.39 -34.63 -33.55
C GLN E 275 16.22 -33.22 -33.03
N LYS E 276 16.59 -33.03 -31.76
CA LYS E 276 16.33 -31.77 -31.09
C LYS E 276 17.24 -30.65 -31.53
N TYR E 277 18.32 -30.94 -32.26
CA TYR E 277 19.21 -29.90 -32.78
C TYR E 277 20.13 -30.53 -33.81
N SER E 278 20.55 -29.70 -34.78
CA SER E 278 21.45 -30.13 -35.84
C SER E 278 22.22 -28.92 -36.33
N THR E 279 22.91 -29.07 -37.45
CA THR E 279 23.70 -27.98 -38.02
C THR E 279 23.85 -28.21 -39.51
N LEU E 280 23.67 -27.14 -40.30
CA LEU E 280 23.77 -27.21 -41.76
C LEU E 280 25.23 -27.12 -42.14
N GLN E 281 25.88 -28.27 -42.24
CA GLN E 281 27.29 -28.34 -42.62
C GLN E 281 27.37 -28.26 -44.15
N GLY E 282 27.42 -27.03 -44.66
CA GLY E 282 27.46 -26.80 -46.07
C GLY E 282 28.72 -26.10 -46.53
N PRO E 283 29.37 -26.65 -47.56
CA PRO E 283 30.58 -26.01 -48.10
C PRO E 283 30.26 -24.65 -48.71
N PRO E 284 31.26 -23.79 -48.85
CA PRO E 284 31.00 -22.43 -49.38
C PRO E 284 30.35 -22.47 -50.75
N GLY E 285 29.29 -21.68 -50.91
CA GLY E 285 28.58 -21.60 -52.16
C GLY E 285 27.94 -22.90 -52.59
N THR E 286 27.41 -23.67 -51.64
CA THR E 286 26.74 -24.94 -51.91
C THR E 286 25.34 -24.93 -51.30
N GLY E 287 24.77 -23.74 -51.17
CA GLY E 287 23.48 -23.60 -50.53
C GLY E 287 23.53 -23.19 -49.07
N LYS E 288 24.57 -22.46 -48.67
CA LYS E 288 24.69 -22.03 -47.28
C LYS E 288 23.99 -20.71 -47.01
N SER E 289 23.13 -20.25 -47.91
CA SER E 289 22.47 -18.95 -47.77
C SER E 289 20.97 -19.01 -48.00
N HIS E 290 20.46 -20.03 -48.68
CA HIS E 290 19.05 -20.07 -49.04
C HIS E 290 18.41 -21.43 -48.83
N PHE E 291 19.04 -22.34 -48.11
CA PHE E 291 18.35 -23.56 -47.69
C PHE E 291 17.36 -23.24 -46.57
N ALA E 292 17.71 -22.32 -45.67
CA ALA E 292 16.80 -21.91 -44.61
C ALA E 292 15.57 -21.20 -45.19
N ILE E 293 15.74 -20.51 -46.32
CA ILE E 293 14.59 -19.93 -47.01
C ILE E 293 13.63 -21.03 -47.45
N GLY E 294 14.18 -22.15 -47.92
CA GLY E 294 13.34 -23.28 -48.30
C GLY E 294 12.64 -23.91 -47.10
N LEU E 295 13.37 -24.05 -45.99
CA LEU E 295 12.74 -24.59 -44.78
C LEU E 295 11.65 -23.64 -44.27
N ALA E 296 11.81 -22.34 -44.49
CA ALA E 296 10.80 -21.39 -44.06
C ALA E 296 9.48 -21.58 -44.79
N LEU E 297 9.56 -21.90 -46.08
CA LEU E 297 8.35 -22.03 -46.90
C LEU E 297 7.80 -23.45 -46.93
N TYR E 298 8.60 -24.46 -46.57
CA TYR E 298 8.07 -25.83 -46.53
C TYR E 298 7.33 -26.08 -45.21
N TYR E 299 7.56 -25.24 -44.21
CA TYR E 299 6.90 -25.34 -42.91
C TYR E 299 6.26 -24.00 -42.54
N PRO E 300 5.18 -23.62 -43.21
CA PRO E 300 4.56 -22.31 -42.91
C PRO E 300 3.82 -22.26 -41.58
N SER E 301 3.49 -23.40 -40.99
CA SER E 301 2.76 -23.44 -39.73
C SER E 301 3.68 -23.53 -38.51
N ALA E 302 4.97 -23.25 -38.69
CA ALA E 302 5.94 -23.26 -37.60
C ALA E 302 6.58 -21.89 -37.48
N ARG E 303 6.68 -21.38 -36.25
CA ARG E 303 7.27 -20.07 -36.01
C ARG E 303 8.78 -20.14 -36.29
N ILE E 304 9.26 -19.29 -37.18
CA ILE E 304 10.61 -19.35 -37.71
C ILE E 304 11.27 -17.99 -37.57
N VAL E 305 12.52 -17.98 -37.10
CA VAL E 305 13.25 -16.75 -36.80
C VAL E 305 14.63 -16.81 -37.42
N TYR E 306 15.25 -15.64 -37.65
CA TYR E 306 16.62 -15.54 -38.13
C TYR E 306 17.37 -14.49 -37.33
N THR E 307 18.53 -14.87 -36.81
CA THR E 307 19.41 -13.90 -36.16
C THR E 307 20.74 -13.89 -36.88
N ALA E 308 21.39 -12.73 -36.82
CA ALA E 308 22.66 -12.52 -37.48
C ALA E 308 23.63 -11.85 -36.53
N CYS E 309 24.87 -11.66 -36.99
CA CYS E 309 25.92 -11.08 -36.17
C CYS E 309 26.61 -9.88 -36.80
N SER E 310 26.50 -9.71 -38.12
CA SER E 310 27.13 -8.61 -38.82
C SER E 310 26.10 -7.89 -39.67
N HIS E 311 26.27 -6.57 -39.79
CA HIS E 311 25.37 -5.77 -40.61
C HIS E 311 25.65 -5.93 -42.10
N ALA E 312 26.92 -6.14 -42.48
CA ALA E 312 27.28 -6.19 -43.89
C ALA E 312 26.57 -7.32 -44.61
N ALA E 313 26.65 -8.54 -44.10
CA ALA E 313 26.16 -9.73 -44.80
C ALA E 313 24.64 -9.83 -44.71
N VAL E 314 23.98 -8.91 -45.40
CA VAL E 314 22.52 -8.90 -45.55
C VAL E 314 22.10 -8.80 -47.01
N ASP E 315 22.94 -9.22 -47.94
CA ASP E 315 22.67 -9.06 -49.35
C ASP E 315 21.83 -10.21 -49.91
N ALA E 316 22.31 -11.44 -49.76
CA ALA E 316 21.59 -12.60 -50.26
C ALA E 316 20.24 -12.79 -49.56
N LEU E 317 20.17 -12.50 -48.26
CA LEU E 317 18.92 -12.68 -47.53
C LEU E 317 17.91 -11.60 -47.88
N CYS E 318 18.34 -10.57 -48.61
CA CYS E 318 17.48 -9.45 -48.97
C CYS E 318 17.08 -9.44 -50.44
N GLU E 319 17.98 -9.83 -51.35
CA GLU E 319 17.68 -9.75 -52.78
C GLU E 319 16.56 -10.70 -53.18
N LYS E 320 16.68 -11.97 -52.80
CA LYS E 320 15.61 -12.92 -53.09
C LYS E 320 14.37 -12.64 -52.25
N ALA E 321 14.53 -11.97 -51.11
CA ALA E 321 13.38 -11.57 -50.31
C ALA E 321 12.50 -10.59 -51.07
N LEU E 322 13.12 -9.66 -51.79
CA LEU E 322 12.33 -8.76 -52.63
C LEU E 322 11.94 -9.42 -53.94
N LYS E 323 12.73 -10.38 -54.41
CA LYS E 323 12.45 -11.01 -55.69
C LYS E 323 11.22 -11.91 -55.62
N TYR E 324 11.11 -12.74 -54.58
CA TYR E 324 10.05 -13.72 -54.52
C TYR E 324 9.31 -13.77 -53.18
N LEU E 325 9.61 -12.85 -52.28
CA LEU E 325 8.97 -12.82 -50.98
C LEU E 325 8.27 -11.47 -50.75
N PRO E 326 7.32 -11.41 -49.81
CA PRO E 326 6.57 -10.17 -49.66
C PRO E 326 7.31 -9.15 -48.81
N ILE E 327 6.69 -8.01 -48.52
CA ILE E 327 7.32 -7.08 -47.57
C ILE E 327 6.67 -7.18 -46.20
N ASP E 328 5.34 -7.06 -46.16
CA ASP E 328 4.62 -7.08 -44.88
C ASP E 328 4.76 -8.42 -44.17
N LYS E 329 4.84 -9.53 -44.93
CA LYS E 329 4.89 -10.84 -44.31
C LYS E 329 6.17 -11.07 -43.51
N CYS E 330 7.19 -10.25 -43.74
CA CYS E 330 8.43 -10.31 -42.96
C CYS E 330 8.48 -9.16 -41.95
N SER E 331 9.50 -9.19 -41.10
CA SER E 331 9.63 -8.21 -40.04
C SER E 331 11.10 -7.98 -39.71
N ARG E 332 11.40 -6.75 -39.31
CA ARG E 332 12.75 -6.28 -39.05
C ARG E 332 12.75 -5.44 -37.78
N ILE E 333 13.92 -5.27 -37.18
CA ILE E 333 14.07 -4.52 -35.93
C ILE E 333 15.29 -3.62 -36.06
N ILE E 334 15.14 -2.35 -35.71
CA ILE E 334 16.22 -1.36 -35.74
C ILE E 334 15.96 -0.32 -34.65
N PRO E 335 16.92 -0.04 -33.77
CA PRO E 335 16.69 0.96 -32.74
C PRO E 335 17.06 2.36 -33.22
N ALA E 336 16.72 3.35 -32.40
CA ALA E 336 17.01 4.74 -32.71
C ALA E 336 18.09 5.30 -31.80
N VAL E 340 22.57 -1.14 -35.11
CA VAL E 340 22.08 0.19 -34.75
C VAL E 340 21.38 0.83 -35.93
N GLU E 341 22.12 1.00 -37.03
CA GLU E 341 21.56 1.54 -38.26
C GLU E 341 21.59 0.48 -39.35
N CYS E 342 20.48 0.35 -40.08
CA CYS E 342 20.38 -0.63 -41.15
C CYS E 342 19.14 -0.29 -41.99
N PHE E 343 18.83 -1.16 -42.95
CA PHE E 343 17.71 -0.95 -43.85
C PHE E 343 16.41 -0.93 -43.06
N ASP E 344 15.44 -0.13 -43.52
CA ASP E 344 14.13 -0.02 -42.90
C ASP E 344 13.01 -0.25 -43.91
N LYS E 345 13.26 -1.14 -44.87
CA LYS E 345 12.25 -1.45 -45.89
C LYS E 345 11.02 -2.09 -45.27
N PHE E 346 11.20 -2.99 -44.32
CA PHE E 346 10.12 -3.83 -43.83
C PHE E 346 9.51 -3.23 -42.56
N LYS E 347 8.61 -3.97 -41.92
CA LYS E 347 7.90 -3.48 -40.75
C LYS E 347 8.82 -3.51 -39.54
N VAL E 348 8.93 -2.37 -38.87
CA VAL E 348 9.71 -2.26 -37.64
C VAL E 348 8.76 -2.28 -36.45
N ASN E 349 9.22 -2.87 -35.35
CA ASN E 349 8.42 -2.99 -34.12
C ASN E 349 7.13 -3.78 -34.40
N SER E 350 7.34 -5.08 -34.63
CA SER E 350 6.24 -6.01 -34.82
C SER E 350 6.60 -7.32 -34.14
N THR E 351 6.12 -7.51 -32.91
CA THR E 351 6.45 -8.72 -32.16
C THR E 351 5.69 -9.94 -32.67
N LEU E 352 4.70 -9.73 -33.52
CA LEU E 352 3.84 -10.81 -34.01
C LEU E 352 4.02 -10.92 -35.53
N GLU E 353 4.83 -11.89 -35.95
CA GLU E 353 5.14 -12.10 -37.36
C GLU E 353 5.72 -13.50 -37.50
N GLN E 354 5.81 -13.97 -38.74
CA GLN E 354 6.25 -15.32 -39.04
C GLN E 354 7.68 -15.39 -39.56
N TYR E 355 8.22 -14.28 -40.07
CA TYR E 355 9.58 -14.25 -40.61
C TYR E 355 10.29 -13.03 -40.00
N VAL E 356 10.99 -13.26 -38.89
CA VAL E 356 11.65 -12.20 -38.15
C VAL E 356 13.13 -12.21 -38.49
N PHE E 357 13.67 -11.05 -38.85
CA PHE E 357 15.11 -10.85 -39.02
C PHE E 357 15.59 -10.00 -37.86
N CYS E 358 16.69 -10.41 -37.23
CA CYS E 358 17.19 -9.63 -36.10
C CYS E 358 18.69 -9.87 -35.96
N THR E 359 19.35 -8.98 -35.22
CA THR E 359 20.77 -9.05 -34.93
C THR E 359 20.98 -9.08 -33.42
N VAL E 360 22.09 -9.70 -33.01
CA VAL E 360 22.37 -9.96 -31.59
C VAL E 360 22.47 -8.71 -30.74
N ASN E 361 22.47 -7.51 -31.33
CA ASN E 361 22.61 -6.30 -30.54
C ASN E 361 21.43 -6.13 -29.58
N ALA E 362 20.22 -6.40 -30.06
CA ALA E 362 19.02 -6.24 -29.23
C ALA E 362 17.91 -7.11 -29.81
N LEU E 363 17.29 -7.90 -28.96
CA LEU E 363 16.21 -8.80 -29.34
C LEU E 363 15.08 -8.70 -28.32
N PRO E 364 13.86 -9.03 -28.73
CA PRO E 364 12.74 -8.99 -27.77
C PRO E 364 12.59 -10.29 -27.02
N GLU E 365 12.23 -10.22 -25.74
CA GLU E 365 12.07 -11.43 -24.94
C GLU E 365 10.87 -12.23 -25.41
N THR E 366 11.14 -13.33 -26.12
CA THR E 366 10.08 -14.17 -26.66
C THR E 366 10.64 -15.56 -26.91
N THR E 367 9.75 -16.54 -27.00
CA THR E 367 10.11 -17.90 -27.34
C THR E 367 9.71 -18.19 -28.78
N ALA E 368 10.28 -19.25 -29.34
CA ALA E 368 10.01 -19.65 -30.70
C ALA E 368 10.17 -21.16 -30.80
N ASP E 369 10.17 -21.69 -32.03
CA ASP E 369 10.31 -23.13 -32.24
C ASP E 369 11.36 -23.50 -33.28
N ILE E 370 11.72 -22.60 -34.19
CA ILE E 370 12.79 -22.84 -35.16
C ILE E 370 13.52 -21.53 -35.41
N VAL E 371 14.83 -21.54 -35.20
CA VAL E 371 15.64 -20.35 -35.42
C VAL E 371 16.83 -20.71 -36.30
N VAL E 372 17.33 -19.73 -37.05
CA VAL E 372 18.61 -19.85 -37.76
C VAL E 372 19.58 -18.83 -37.17
N PHE E 373 20.86 -19.19 -37.14
CA PHE E 373 21.90 -18.38 -36.52
C PHE E 373 23.10 -18.32 -37.45
N ASP E 374 23.14 -17.29 -38.27
CA ASP E 374 24.13 -17.14 -39.34
C ASP E 374 25.49 -16.72 -38.77
N GLU E 375 26.54 -17.27 -39.40
CA GLU E 375 27.94 -17.05 -39.00
C GLU E 375 28.18 -17.40 -37.53
N ILE E 376 27.99 -18.69 -37.22
CA ILE E 376 28.37 -19.18 -35.91
C ILE E 376 29.87 -19.16 -35.72
N SER E 377 30.65 -19.32 -36.80
CA SER E 377 32.10 -19.40 -36.67
C SER E 377 32.70 -18.07 -36.23
N MET E 378 32.07 -16.96 -36.60
CA MET E 378 32.45 -15.62 -36.15
C MET E 378 32.05 -15.37 -34.70
N ALA E 379 31.09 -16.14 -34.19
CA ALA E 379 30.47 -15.88 -32.91
C ALA E 379 31.16 -16.69 -31.82
N THR E 380 31.44 -16.04 -30.69
CA THR E 380 32.03 -16.65 -29.51
C THR E 380 30.93 -17.36 -28.72
N ASN E 381 31.35 -18.26 -27.81
CA ASN E 381 30.39 -18.94 -26.95
C ASN E 381 29.49 -17.95 -26.21
N TYR E 382 30.02 -16.80 -25.85
CA TYR E 382 29.20 -15.76 -25.22
C TYR E 382 28.07 -15.33 -26.15
N ASP E 383 28.35 -15.26 -27.46
CA ASP E 383 27.32 -14.84 -28.40
C ASP E 383 26.19 -15.87 -28.46
N LEU E 384 26.53 -17.16 -28.50
CA LEU E 384 25.49 -18.17 -28.51
C LEU E 384 24.70 -18.10 -27.20
N SER E 385 25.40 -17.94 -26.07
CA SER E 385 24.71 -17.92 -24.79
C SER E 385 23.78 -16.71 -24.68
N VAL E 386 24.22 -15.55 -25.18
CA VAL E 386 23.38 -14.36 -25.08
C VAL E 386 22.21 -14.45 -26.05
N VAL E 387 22.40 -15.04 -27.23
CA VAL E 387 21.29 -15.16 -28.16
C VAL E 387 20.34 -16.26 -27.71
N ASN E 388 20.80 -17.16 -26.84
CA ASN E 388 19.91 -18.14 -26.25
C ASN E 388 19.17 -17.60 -25.03
N ALA E 389 19.81 -16.72 -24.26
CA ALA E 389 19.18 -16.14 -23.09
C ALA E 389 18.15 -15.09 -23.48
N ARG E 390 18.49 -14.23 -24.45
CA ARG E 390 17.55 -13.19 -24.86
C ARG E 390 16.38 -13.76 -25.63
N LEU E 391 16.63 -14.80 -26.41
CA LEU E 391 15.58 -15.47 -27.20
C LEU E 391 15.81 -16.97 -27.11
N ARG E 392 15.03 -17.64 -26.27
CA ARG E 392 15.16 -19.07 -26.04
C ARG E 392 14.06 -19.77 -26.82
N ALA E 393 14.45 -20.61 -27.76
CA ALA E 393 13.52 -21.34 -28.63
C ALA E 393 13.82 -22.83 -28.59
N LYS E 394 12.86 -23.62 -29.06
CA LYS E 394 12.96 -25.08 -29.05
C LYS E 394 14.08 -25.61 -29.92
N HIS E 395 14.15 -25.20 -31.19
CA HIS E 395 15.14 -25.74 -32.11
C HIS E 395 15.82 -24.59 -32.84
N TYR E 396 17.11 -24.78 -33.13
CA TYR E 396 17.85 -23.77 -33.89
C TYR E 396 18.96 -24.46 -34.67
N VAL E 397 19.30 -23.87 -35.81
CA VAL E 397 20.34 -24.38 -36.69
C VAL E 397 21.38 -23.27 -36.92
N TYR E 398 22.65 -23.63 -36.77
CA TYR E 398 23.76 -22.70 -36.85
C TYR E 398 24.30 -22.69 -38.27
N ILE E 399 23.89 -21.69 -39.05
CA ILE E 399 24.47 -21.50 -40.38
C ILE E 399 25.95 -21.19 -40.24
N GLY E 400 26.77 -21.85 -41.04
CA GLY E 400 28.21 -21.65 -41.02
C GLY E 400 28.93 -22.98 -41.16
N ASP E 401 30.26 -22.89 -41.21
CA ASP E 401 31.11 -24.06 -41.34
C ASP E 401 32.40 -23.82 -40.58
N PRO E 402 32.91 -24.83 -39.87
CA PRO E 402 34.17 -24.64 -39.13
C PRO E 402 35.35 -24.32 -40.01
N ALA E 403 35.34 -24.73 -41.28
CA ALA E 403 36.46 -24.50 -42.19
C ALA E 403 36.39 -23.10 -42.80
N GLN E 404 36.58 -22.10 -41.94
CA GLN E 404 36.52 -20.69 -42.33
C GLN E 404 37.57 -19.95 -41.50
N LEU E 405 37.50 -18.66 -41.43
CA LEU E 405 38.49 -17.89 -40.69
C LEU E 405 38.14 -17.86 -39.19
N PRO E 406 39.14 -17.63 -38.33
CA PRO E 406 38.86 -17.55 -36.89
C PRO E 406 38.18 -16.22 -36.52
N ALA E 407 37.60 -16.21 -35.33
CA ALA E 407 36.99 -15.01 -34.79
C ALA E 407 38.09 -14.00 -34.42
N PRO E 408 37.74 -12.70 -34.36
CA PRO E 408 38.77 -11.69 -34.08
C PRO E 408 39.28 -11.72 -32.65
N ARG E 409 39.97 -12.81 -32.28
CA ARG E 409 40.57 -12.94 -30.95
C ARG E 409 41.99 -12.38 -30.98
N THR E 410 42.08 -11.05 -30.87
CA THR E 410 43.37 -10.38 -30.83
C THR E 410 44.14 -10.63 -29.54
N LEU E 411 43.61 -11.47 -28.66
CA LEU E 411 44.32 -11.79 -27.42
C LEU E 411 45.35 -12.89 -27.65
N LEU E 412 45.11 -13.77 -28.62
CA LEU E 412 46.07 -14.81 -28.95
C LEU E 412 46.80 -14.44 -30.25
N THR E 413 48.12 -14.40 -30.18
CA THR E 413 48.96 -14.05 -31.31
C THR E 413 49.93 -15.13 -31.74
N LYS E 414 50.72 -15.67 -30.81
CA LYS E 414 51.79 -16.59 -31.16
C LYS E 414 51.27 -17.90 -31.75
N GLY E 415 50.22 -18.45 -31.17
CA GLY E 415 49.70 -19.76 -31.56
C GLY E 415 48.47 -19.63 -32.45
N THR E 416 48.33 -20.57 -33.38
CA THR E 416 47.20 -20.56 -34.29
C THR E 416 45.96 -21.16 -33.64
N LEU E 417 44.81 -20.87 -34.23
CA LEU E 417 43.52 -21.29 -33.68
C LEU E 417 42.95 -22.45 -34.53
N GLU E 418 42.89 -23.63 -33.93
CA GLU E 418 42.30 -24.76 -34.62
C GLU E 418 40.78 -24.67 -34.62
N PRO E 419 40.14 -25.28 -35.64
CA PRO E 419 38.69 -25.21 -35.74
C PRO E 419 37.98 -25.69 -34.52
N GLU E 420 38.16 -26.95 -34.19
CA GLU E 420 37.46 -27.51 -33.06
C GLU E 420 37.43 -26.57 -31.85
N TYR E 421 38.54 -25.89 -31.54
CA TYR E 421 38.45 -25.06 -30.34
C TYR E 421 37.83 -23.69 -30.60
N PHE E 422 37.17 -23.49 -31.74
CA PHE E 422 36.46 -22.24 -31.96
C PHE E 422 35.34 -22.08 -30.94
N ASN E 423 34.53 -23.12 -30.75
CA ASN E 423 33.41 -23.08 -29.83
C ASN E 423 33.00 -24.51 -29.50
N SER E 424 32.00 -24.64 -28.64
CA SER E 424 31.56 -25.97 -28.20
C SER E 424 30.94 -26.76 -29.35
N VAL E 425 30.22 -26.08 -30.24
CA VAL E 425 29.56 -26.76 -31.34
C VAL E 425 30.59 -27.26 -32.35
N CYS E 426 31.58 -26.43 -32.68
CA CYS E 426 32.57 -26.78 -33.68
C CYS E 426 33.49 -27.92 -33.23
N ARG E 427 33.24 -28.49 -32.06
CA ARG E 427 33.89 -29.73 -31.64
C ARG E 427 32.91 -30.84 -31.32
N LEU E 428 31.77 -30.49 -30.71
CA LEU E 428 30.74 -31.48 -30.45
C LEU E 428 30.23 -32.09 -31.74
N MET E 429 30.27 -31.32 -32.84
CA MET E 429 29.86 -31.84 -34.13
C MET E 429 30.96 -32.65 -34.80
N LYS E 430 32.21 -32.52 -34.35
CA LYS E 430 33.30 -33.36 -34.83
C LYS E 430 33.36 -34.69 -34.10
N THR E 431 33.10 -34.69 -32.79
CA THR E 431 33.27 -35.92 -32.02
C THR E 431 32.20 -36.95 -32.35
N ILE E 432 30.92 -36.62 -32.15
CA ILE E 432 29.85 -37.57 -32.42
C ILE E 432 29.54 -37.68 -33.91
N GLY E 433 30.12 -36.83 -34.76
CA GLY E 433 29.92 -36.92 -36.18
C GLY E 433 29.06 -35.77 -36.70
N PRO E 434 29.34 -35.34 -37.93
CA PRO E 434 28.51 -34.29 -38.55
C PRO E 434 27.11 -34.80 -38.83
N ASP E 435 26.14 -33.88 -38.76
CA ASP E 435 24.75 -34.26 -38.93
C ASP E 435 24.39 -34.38 -40.41
N MET E 436 25.14 -33.71 -41.28
CA MET E 436 24.91 -33.76 -42.71
C MET E 436 26.18 -33.33 -43.44
N PHE E 437 26.12 -33.38 -44.77
CA PHE E 437 27.23 -32.95 -45.61
C PHE E 437 26.67 -32.72 -47.01
N LEU E 438 26.97 -31.57 -47.60
CA LEU E 438 26.44 -31.21 -48.90
C LEU E 438 27.56 -31.08 -49.93
N GLY E 439 27.19 -31.25 -51.20
CA GLY E 439 28.15 -31.17 -52.27
C GLY E 439 27.61 -30.60 -53.56
N THR E 440 26.49 -29.88 -53.50
CA THR E 440 25.83 -29.35 -54.69
C THR E 440 26.00 -27.84 -54.71
N CYS E 441 27.10 -27.39 -55.32
CA CYS E 441 27.36 -25.96 -55.44
C CYS E 441 26.41 -25.35 -56.47
N ARG E 442 25.61 -24.38 -56.03
CA ARG E 442 24.64 -23.75 -56.91
C ARG E 442 25.33 -23.03 -58.08
N ARG E 443 26.13 -22.01 -57.76
CA ARG E 443 26.82 -21.22 -58.79
C ARG E 443 28.29 -21.15 -58.40
N CYS E 444 29.06 -22.15 -58.82
CA CYS E 444 30.49 -22.21 -58.54
C CYS E 444 31.16 -23.28 -59.40
N PRO E 445 32.31 -22.98 -60.01
CA PRO E 445 33.08 -24.03 -60.69
C PRO E 445 33.54 -25.10 -59.73
N ALA E 446 34.14 -26.15 -60.29
CA ALA E 446 34.58 -27.30 -59.52
C ALA E 446 36.04 -27.18 -59.05
N GLU E 447 36.65 -26.01 -59.22
CA GLU E 447 38.01 -25.81 -58.72
C GLU E 447 38.03 -25.86 -57.19
N ILE E 448 37.15 -25.09 -56.55
CA ILE E 448 36.97 -25.18 -55.10
C ILE E 448 36.57 -26.59 -54.71
N VAL E 449 35.76 -27.27 -55.53
CA VAL E 449 35.32 -28.62 -55.20
C VAL E 449 36.52 -29.55 -55.08
N ASP E 450 37.38 -29.54 -56.11
CA ASP E 450 38.58 -30.39 -56.08
C ASP E 450 39.51 -29.99 -54.94
N THR E 451 39.68 -28.68 -54.71
CA THR E 451 40.59 -28.22 -53.67
C THR E 451 40.15 -28.71 -52.30
N VAL E 452 38.89 -28.46 -51.93
CA VAL E 452 38.42 -28.85 -50.61
C VAL E 452 38.15 -30.35 -50.52
N SER E 453 38.04 -31.06 -51.64
CA SER E 453 37.97 -32.51 -51.56
C SER E 453 39.34 -33.12 -51.31
N ALA E 454 40.38 -32.52 -51.89
CA ALA E 454 41.74 -33.00 -51.63
C ALA E 454 42.22 -32.61 -50.25
N LEU E 455 41.76 -31.46 -49.73
CA LEU E 455 42.31 -30.94 -48.48
C LEU E 455 41.79 -31.71 -47.27
N VAL E 456 40.48 -31.65 -47.02
CA VAL E 456 39.91 -32.30 -45.84
C VAL E 456 38.71 -33.19 -46.15
N TYR E 457 38.03 -33.04 -47.29
CA TYR E 457 36.86 -33.86 -47.55
C TYR E 457 37.19 -35.30 -47.93
N ASP E 458 38.45 -35.59 -48.25
CA ASP E 458 38.89 -36.92 -48.68
C ASP E 458 38.21 -37.36 -49.97
N ASN E 459 37.85 -36.40 -50.83
CA ASN E 459 37.25 -36.68 -52.12
C ASN E 459 35.92 -37.42 -51.97
N LYS E 460 35.01 -36.83 -51.20
CA LYS E 460 33.66 -37.36 -51.06
C LYS E 460 32.67 -36.72 -52.02
N LEU E 461 32.95 -35.50 -52.47
CA LEU E 461 32.14 -34.81 -53.47
C LEU E 461 33.02 -34.49 -54.67
N LYS E 462 32.50 -34.77 -55.87
CA LYS E 462 33.33 -34.73 -57.07
C LYS E 462 33.04 -33.52 -57.95
N ALA E 463 33.95 -33.26 -58.89
CA ALA E 463 33.84 -32.13 -59.81
C ALA E 463 32.52 -32.12 -60.56
N HIS E 464 31.86 -30.96 -60.58
CA HIS E 464 30.63 -30.78 -61.33
C HIS E 464 30.87 -30.08 -62.66
N LYS E 465 31.57 -28.95 -62.65
CA LYS E 465 31.83 -28.16 -63.85
C LYS E 465 33.22 -28.48 -64.39
N ASP E 466 33.34 -28.38 -65.71
CA ASP E 466 34.61 -28.65 -66.37
C ASP E 466 35.69 -27.68 -65.92
N LYS E 467 36.87 -28.22 -65.63
CA LYS E 467 38.03 -27.44 -65.23
C LYS E 467 38.70 -26.93 -66.50
N SER E 468 38.30 -25.74 -66.95
CA SER E 468 38.81 -25.17 -68.19
C SER E 468 40.21 -24.60 -68.05
N ALA E 469 40.86 -24.78 -66.89
CA ALA E 469 42.22 -24.29 -66.64
C ALA E 469 42.33 -22.79 -66.96
N GLN E 470 41.40 -22.01 -66.42
CA GLN E 470 41.41 -20.57 -66.60
C GLN E 470 42.10 -19.84 -65.44
N CYS E 471 42.48 -20.58 -64.39
CA CYS E 471 43.12 -19.95 -63.24
C CYS E 471 44.62 -19.77 -63.50
N PHE E 472 45.11 -18.57 -63.16
CA PHE E 472 46.50 -18.22 -63.40
C PHE E 472 47.26 -18.12 -62.08
N LYS E 473 48.40 -18.78 -62.02
CA LYS E 473 49.28 -18.73 -60.85
C LYS E 473 50.71 -18.58 -61.35
N MET E 474 51.48 -17.70 -60.71
N MET E 474 51.49 -17.73 -60.70
CA MET E 474 52.85 -17.42 -61.09
CA MET E 474 52.86 -17.43 -61.08
C MET E 474 53.79 -17.76 -59.94
C MET E 474 53.80 -17.78 -59.94
N PHE E 475 55.07 -17.45 -60.12
CA PHE E 475 56.10 -17.75 -59.14
C PHE E 475 56.68 -16.50 -58.49
N TYR E 476 55.87 -15.46 -58.31
CA TYR E 476 56.35 -14.26 -57.64
C TYR E 476 56.17 -14.39 -56.13
N LYS E 477 57.22 -14.07 -55.39
CA LYS E 477 57.22 -14.15 -53.93
C LYS E 477 57.00 -12.80 -53.28
N GLY E 478 57.84 -11.82 -53.59
CA GLY E 478 57.75 -10.50 -52.99
C GLY E 478 58.63 -10.36 -51.77
N VAL E 479 58.72 -9.13 -51.28
CA VAL E 479 59.55 -8.80 -50.13
C VAL E 479 58.71 -8.01 -49.14
N ILE E 480 58.84 -8.33 -47.86
CA ILE E 480 58.07 -7.68 -46.80
C ILE E 480 59.03 -6.86 -45.93
N THR E 481 58.56 -5.73 -45.42
CA THR E 481 59.36 -4.86 -44.58
C THR E 481 58.43 -4.12 -43.63
N HIS E 482 58.85 -3.95 -42.39
CA HIS E 482 58.08 -3.19 -41.42
C HIS E 482 58.84 -1.94 -41.00
N ASP E 483 58.14 -0.81 -40.95
CA ASP E 483 58.72 0.45 -40.54
C ASP E 483 58.06 0.98 -39.26
N VAL E 484 56.74 1.09 -39.23
CA VAL E 484 56.02 1.66 -38.11
C VAL E 484 54.84 0.74 -37.80
N SER E 485 53.98 1.13 -36.85
CA SER E 485 52.80 0.35 -36.51
C SER E 485 52.00 -0.09 -37.72
N SER E 486 51.86 0.75 -38.74
CA SER E 486 51.26 0.36 -40.00
C SER E 486 52.36 -0.19 -40.91
N ALA E 487 52.00 -1.18 -41.72
CA ALA E 487 52.96 -1.91 -42.54
C ALA E 487 52.80 -1.53 -44.01
N ILE E 488 53.88 -1.75 -44.76
CA ILE E 488 53.94 -1.44 -46.19
C ILE E 488 54.53 -2.64 -46.92
N ASN E 489 54.35 -2.66 -48.23
CA ASN E 489 54.90 -3.71 -49.09
C ASN E 489 55.33 -3.07 -50.40
N ARG E 490 56.61 -2.77 -50.52
CA ARG E 490 57.11 -2.16 -51.75
C ARG E 490 56.85 -3.00 -52.99
N PRO E 491 57.06 -4.34 -53.00
CA PRO E 491 56.73 -5.11 -54.20
C PRO E 491 55.24 -5.43 -54.31
N GLN E 492 54.40 -4.45 -54.07
CA GLN E 492 52.96 -4.57 -54.27
C GLN E 492 52.39 -3.40 -55.04
N ILE E 493 53.05 -2.24 -55.02
CA ILE E 493 52.60 -1.11 -55.83
C ILE E 493 52.94 -1.36 -57.29
N GLY E 494 53.99 -2.13 -57.54
CA GLY E 494 54.43 -2.41 -58.90
C GLY E 494 53.94 -3.74 -59.41
N VAL E 495 53.76 -4.70 -58.50
CA VAL E 495 53.29 -6.04 -58.87
C VAL E 495 51.87 -5.99 -59.42
N VAL E 496 51.02 -5.20 -58.78
CA VAL E 496 49.67 -5.05 -59.27
C VAL E 496 49.67 -4.39 -60.64
N ARG E 497 50.50 -3.36 -60.82
CA ARG E 497 50.60 -2.70 -62.12
C ARG E 497 51.19 -3.66 -63.16
N GLU E 498 52.17 -4.48 -62.74
CA GLU E 498 52.81 -5.40 -63.67
C GLU E 498 51.84 -6.51 -64.09
N PHE E 499 50.83 -6.79 -63.28
CA PHE E 499 49.89 -7.86 -63.59
C PHE E 499 48.72 -7.39 -64.45
N LEU E 500 48.34 -6.11 -64.37
CA LEU E 500 47.27 -5.55 -65.20
C LEU E 500 47.83 -4.84 -66.44
N THR E 501 49.07 -5.10 -66.80
CA THR E 501 49.72 -4.41 -67.91
C THR E 501 48.99 -4.64 -69.23
N ARG E 502 48.62 -5.88 -69.51
CA ARG E 502 47.99 -6.24 -70.78
C ARG E 502 46.81 -7.18 -70.63
N ASN E 503 46.10 -7.18 -69.51
CA ASN E 503 44.98 -8.09 -69.35
C ASN E 503 43.66 -7.32 -69.36
N PRO E 504 42.94 -7.30 -70.48
CA PRO E 504 41.62 -6.63 -70.53
C PRO E 504 40.55 -7.19 -69.61
N ALA E 505 40.64 -8.46 -69.23
CA ALA E 505 39.54 -9.13 -68.53
C ALA E 505 39.28 -8.57 -67.14
N TRP E 506 40.30 -8.09 -66.44
CA TRP E 506 40.16 -7.64 -65.05
C TRP E 506 40.15 -6.13 -64.92
N ARG E 507 39.81 -5.41 -65.99
CA ARG E 507 39.64 -3.96 -65.90
C ARG E 507 38.37 -3.57 -65.15
N LYS E 508 37.49 -4.52 -64.87
CA LYS E 508 36.27 -4.27 -64.11
C LYS E 508 36.25 -5.23 -62.94
N ALA E 509 37.36 -5.31 -62.22
CA ALA E 509 37.53 -6.25 -61.12
C ALA E 509 37.60 -5.52 -59.79
N VAL E 510 37.49 -6.28 -58.71
CA VAL E 510 37.48 -5.77 -57.36
C VAL E 510 38.82 -6.10 -56.70
N PHE E 511 39.02 -5.56 -55.49
CA PHE E 511 40.26 -5.71 -54.74
C PHE E 511 39.90 -6.30 -53.38
N ILE E 512 40.65 -7.32 -52.96
CA ILE E 512 40.45 -7.88 -51.62
C ILE E 512 41.50 -7.30 -50.68
N SER E 513 41.10 -7.14 -49.42
CA SER E 513 41.92 -6.42 -48.43
C SER E 513 42.13 -7.28 -47.19
N PRO E 514 43.05 -8.25 -47.24
CA PRO E 514 43.47 -8.90 -45.99
C PRO E 514 44.00 -7.92 -44.97
N TYR E 515 44.99 -7.11 -45.34
CA TYR E 515 45.45 -5.99 -44.54
C TYR E 515 44.92 -4.71 -45.18
N ASN E 516 44.11 -3.96 -44.43
CA ASN E 516 43.49 -2.77 -44.99
C ASN E 516 44.49 -1.64 -45.21
N SER E 517 45.61 -1.66 -44.48
CA SER E 517 46.61 -0.60 -44.62
C SER E 517 47.22 -0.60 -46.02
N GLN E 518 47.70 -1.75 -46.48
CA GLN E 518 48.29 -1.84 -47.80
C GLN E 518 47.28 -1.51 -48.89
N ASN E 519 46.04 -1.97 -48.74
CA ASN E 519 45.00 -1.66 -49.71
C ASN E 519 44.73 -0.16 -49.75
N ALA E 520 44.66 0.49 -48.58
CA ALA E 520 44.45 1.93 -48.55
C ALA E 520 45.60 2.68 -49.20
N VAL E 521 46.83 2.23 -48.97
CA VAL E 521 47.98 2.87 -49.60
C VAL E 521 47.92 2.71 -51.11
N ALA E 522 47.60 1.52 -51.59
CA ALA E 522 47.52 1.29 -53.03
C ALA E 522 46.38 2.07 -53.65
N SER E 523 45.29 2.28 -52.90
CA SER E 523 44.19 3.08 -53.42
C SER E 523 44.54 4.56 -53.41
N LYS E 524 45.40 4.98 -52.49
CA LYS E 524 45.90 6.35 -52.54
C LYS E 524 46.85 6.55 -53.72
N ILE E 525 47.63 5.52 -54.06
CA ILE E 525 48.54 5.58 -55.19
C ILE E 525 47.77 5.48 -56.50
N LEU E 526 46.94 4.45 -56.62
CA LEU E 526 46.22 4.17 -57.88
C LEU E 526 44.72 4.35 -57.75
N GLY E 527 44.09 3.66 -56.80
CA GLY E 527 42.65 3.80 -56.59
C GLY E 527 41.85 2.55 -56.88
N LEU E 528 41.45 1.85 -55.83
CA LEU E 528 40.64 0.64 -55.92
C LEU E 528 39.60 0.62 -54.82
N PRO E 529 38.39 0.15 -55.12
CA PRO E 529 37.39 -0.01 -54.05
C PRO E 529 37.86 -0.99 -52.99
N THR E 530 37.51 -0.70 -51.74
CA THR E 530 37.87 -1.56 -50.63
C THR E 530 36.79 -2.61 -50.38
N GLN E 531 37.21 -3.85 -50.18
CA GLN E 531 36.30 -4.96 -49.90
C GLN E 531 36.80 -5.71 -48.68
N THR E 532 35.89 -5.97 -47.74
CA THR E 532 36.25 -6.69 -46.52
C THR E 532 36.56 -8.16 -46.85
N VAL E 533 37.33 -8.79 -45.97
CA VAL E 533 37.69 -10.20 -46.13
C VAL E 533 36.83 -11.06 -45.23
N ASP E 534 36.59 -10.61 -43.99
CA ASP E 534 35.89 -11.42 -43.02
C ASP E 534 34.38 -11.29 -43.16
N SER E 535 33.86 -10.07 -43.09
CA SER E 535 32.42 -9.84 -43.23
C SER E 535 32.03 -9.60 -44.68
N SER E 536 32.46 -10.50 -45.56
CA SER E 536 32.09 -10.43 -46.98
C SER E 536 31.85 -11.83 -47.54
N GLN E 537 31.11 -12.65 -46.80
CA GLN E 537 30.79 -14.01 -47.24
C GLN E 537 29.41 -14.02 -47.89
N GLY E 538 29.35 -14.43 -49.16
CA GLY E 538 28.16 -14.33 -49.96
C GLY E 538 28.07 -13.09 -50.82
N SER E 539 28.93 -12.10 -50.58
CA SER E 539 28.99 -10.90 -51.39
C SER E 539 30.16 -10.92 -52.38
N GLU E 540 30.57 -12.10 -52.83
CA GLU E 540 31.74 -12.20 -53.71
C GLU E 540 31.37 -11.84 -55.14
N TYR E 541 32.20 -10.99 -55.75
CA TYR E 541 31.97 -10.52 -57.11
C TYR E 541 32.40 -11.59 -58.11
N ASP E 542 31.84 -11.51 -59.32
CA ASP E 542 32.12 -12.47 -60.39
C ASP E 542 33.59 -12.53 -60.79
N TYR E 543 34.29 -11.40 -60.79
CA TYR E 543 35.62 -11.33 -61.39
C TYR E 543 36.56 -10.61 -60.42
N VAL E 544 37.47 -11.37 -59.79
CA VAL E 544 38.25 -10.89 -58.66
C VAL E 544 39.73 -11.24 -58.88
N ILE E 545 40.60 -10.50 -58.19
CA ILE E 545 42.05 -10.72 -58.19
C ILE E 545 42.48 -10.98 -56.76
N PHE E 546 43.30 -12.02 -56.57
CA PHE E 546 43.89 -12.31 -55.27
C PHE E 546 45.31 -11.74 -55.25
N THR E 547 45.60 -10.87 -54.29
CA THR E 547 46.90 -10.25 -54.16
C THR E 547 47.70 -10.90 -53.05
N GLN E 548 49.03 -10.82 -53.16
CA GLN E 548 49.94 -11.39 -52.19
C GLN E 548 49.73 -10.76 -50.82
N THR E 549 49.97 -9.45 -50.70
CA THR E 549 49.53 -8.60 -49.60
C THR E 549 50.15 -8.95 -48.25
N THR E 550 50.88 -10.06 -48.16
CA THR E 550 51.44 -10.46 -46.86
C THR E 550 52.43 -11.60 -47.06
N GLU E 551 53.45 -11.62 -46.22
CA GLU E 551 54.49 -12.63 -46.27
C GLU E 551 54.74 -13.35 -44.95
N THR E 552 53.90 -13.18 -43.95
CA THR E 552 54.17 -13.74 -42.63
C THR E 552 53.09 -14.76 -42.24
N ALA E 553 53.25 -15.35 -41.06
CA ALA E 553 52.31 -16.31 -40.51
C ALA E 553 51.18 -15.67 -39.72
N HIS E 554 51.10 -14.34 -39.74
CA HIS E 554 50.10 -13.63 -38.93
C HIS E 554 48.69 -14.01 -39.38
N SER E 555 48.45 -14.04 -40.69
CA SER E 555 47.12 -14.32 -41.21
C SER E 555 47.04 -15.53 -42.14
N CYS E 556 48.04 -15.77 -42.99
CA CYS E 556 47.98 -16.82 -44.00
C CYS E 556 48.89 -17.97 -43.57
N ASN E 557 48.35 -18.89 -42.77
CA ASN E 557 49.08 -20.10 -42.41
C ASN E 557 48.41 -21.35 -42.96
N VAL E 558 47.17 -21.65 -42.57
CA VAL E 558 46.46 -22.77 -43.17
C VAL E 558 45.05 -22.36 -43.58
N ASN E 559 44.26 -21.89 -42.61
CA ASN E 559 42.83 -21.68 -42.82
C ASN E 559 42.51 -20.20 -43.07
N ARG E 560 43.00 -19.66 -44.18
CA ARG E 560 42.53 -18.33 -44.57
C ARG E 560 42.23 -18.19 -46.05
N PHE E 561 42.81 -19.03 -46.93
CA PHE E 561 42.61 -18.92 -48.36
C PHE E 561 41.46 -19.78 -48.88
N ASN E 562 40.91 -20.66 -48.05
CA ASN E 562 39.87 -21.57 -48.52
C ASN E 562 38.64 -20.81 -49.01
N VAL E 563 38.27 -19.73 -48.33
CA VAL E 563 37.14 -18.92 -48.80
C VAL E 563 37.60 -17.77 -49.70
N ALA E 564 38.91 -17.51 -49.76
CA ALA E 564 39.39 -16.37 -50.53
C ALA E 564 39.74 -16.76 -51.96
N ILE E 565 39.93 -18.04 -52.23
CA ILE E 565 40.19 -18.48 -53.60
C ILE E 565 38.91 -18.83 -54.36
N THR E 566 37.74 -18.57 -53.77
CA THR E 566 36.46 -18.84 -54.40
C THR E 566 35.60 -17.58 -54.54
N ARG E 567 36.20 -16.40 -54.44
CA ARG E 567 35.39 -15.20 -54.60
C ARG E 567 34.89 -15.05 -56.03
N ALA E 568 35.80 -15.00 -56.99
CA ALA E 568 35.44 -14.84 -58.39
C ALA E 568 34.75 -16.08 -58.93
N LYS E 569 33.94 -15.88 -59.96
CA LYS E 569 33.20 -16.98 -60.59
C LYS E 569 33.94 -17.57 -61.78
N VAL E 570 34.24 -16.74 -62.78
CA VAL E 570 34.82 -17.22 -64.04
C VAL E 570 36.33 -17.05 -64.05
N GLY E 571 36.83 -15.84 -63.81
CA GLY E 571 38.25 -15.58 -63.84
C GLY E 571 38.86 -15.50 -62.46
N ILE E 572 39.57 -16.55 -62.04
CA ILE E 572 40.20 -16.58 -60.73
C ILE E 572 41.70 -16.49 -60.98
N LEU E 573 42.29 -15.34 -60.64
CA LEU E 573 43.74 -15.15 -60.67
C LEU E 573 44.22 -15.02 -59.23
N CYS E 574 44.81 -16.10 -58.73
CA CYS E 574 45.27 -16.24 -57.34
C CYS E 574 46.76 -16.58 -57.36
N ILE E 575 47.60 -15.56 -57.17
CA ILE E 575 49.03 -15.77 -57.19
C ILE E 575 49.48 -16.38 -55.87
N MET E 576 50.54 -17.20 -55.93
CA MET E 576 51.14 -17.76 -54.73
C MET E 576 51.74 -16.65 -53.89
N SER E 577 51.68 -16.80 -52.56
CA SER E 577 52.13 -15.77 -51.63
C SER E 577 53.13 -16.29 -50.60
N ASP E 578 53.20 -17.61 -50.44
CA ASP E 578 54.08 -18.22 -49.44
C ASP E 578 54.28 -19.68 -49.83
N ARG E 579 54.80 -20.48 -48.92
CA ARG E 579 54.97 -21.90 -49.20
C ARG E 579 53.63 -22.58 -49.48
N ASP E 580 52.56 -21.78 -49.54
CA ASP E 580 51.22 -22.34 -49.79
C ASP E 580 51.21 -23.45 -50.83
N LEU E 581 50.43 -24.50 -50.58
CA LEU E 581 50.35 -25.63 -51.51
C LEU E 581 50.80 -25.24 -52.90
N TYR E 582 52.03 -25.57 -53.22
CA TYR E 582 52.56 -25.19 -54.53
C TYR E 582 52.95 -26.45 -55.30
N ASP E 583 53.39 -27.48 -54.59
CA ASP E 583 53.97 -28.67 -55.22
C ASP E 583 53.14 -29.91 -54.89
N LYS E 584 51.82 -29.76 -55.00
CA LYS E 584 50.90 -30.87 -54.86
C LYS E 584 49.91 -30.99 -56.01
N LEU E 585 49.87 -30.03 -56.94
CA LEU E 585 48.97 -30.05 -58.07
C LEU E 585 49.57 -29.18 -59.17
N GLN E 586 48.88 -29.10 -60.31
CA GLN E 586 49.33 -28.32 -61.45
C GLN E 586 48.47 -27.07 -61.58
N PHE E 587 48.95 -26.11 -62.37
CA PHE E 587 48.36 -24.78 -62.45
C PHE E 587 48.87 -24.08 -63.70
N THR E 588 47.99 -23.34 -64.36
CA THR E 588 48.38 -22.55 -65.51
C THR E 588 49.24 -21.37 -65.07
N SER E 589 49.92 -20.76 -66.02
CA SER E 589 50.84 -19.67 -65.73
C SER E 589 51.07 -18.83 -66.98
N LEU E 590 50.66 -17.57 -66.92
CA LEU E 590 50.96 -16.60 -67.97
C LEU E 590 52.35 -16.04 -67.71
N GLU E 591 53.22 -16.13 -68.71
CA GLU E 591 54.60 -15.69 -68.58
C GLU E 591 54.66 -14.17 -68.53
N ILE E 592 55.11 -13.64 -67.39
CA ILE E 592 55.27 -12.20 -67.21
C ILE E 592 56.33 -11.71 -68.18
N PRO E 593 56.14 -10.52 -68.80
CA PRO E 593 57.10 -9.96 -69.76
C PRO E 593 58.43 -9.61 -69.12
N ALA F 1 -8.56 -24.82 16.30
CA ALA F 1 -7.92 -25.92 15.58
C ALA F 1 -7.90 -27.18 16.43
N VAL F 2 -8.83 -27.25 17.39
CA VAL F 2 -8.90 -28.39 18.30
C VAL F 2 -9.81 -29.48 17.73
N GLY F 3 -9.24 -30.37 16.92
CA GLY F 3 -10.00 -31.44 16.33
C GLY F 3 -10.10 -32.67 17.19
N ALA F 4 -9.84 -33.86 16.62
CA ALA F 4 -10.00 -35.10 17.35
C ALA F 4 -9.21 -36.24 16.72
N CYS F 5 -8.38 -36.90 17.52
CA CYS F 5 -7.68 -38.10 17.08
C CYS F 5 -8.63 -39.29 17.16
N VAL F 6 -9.25 -39.63 16.03
CA VAL F 6 -10.25 -40.70 16.03
C VAL F 6 -9.56 -42.02 15.72
N LEU F 7 -8.22 -41.97 15.61
CA LEU F 7 -7.41 -43.18 15.72
C LEU F 7 -7.34 -43.69 17.15
N CYS F 8 -7.79 -42.88 18.11
CA CYS F 8 -7.80 -43.25 19.52
C CYS F 8 -9.11 -42.82 20.18
N ASN F 9 -9.88 -41.98 19.48
CA ASN F 9 -11.05 -41.24 20.01
C ASN F 9 -10.48 -40.19 21.00
N SER F 10 -9.29 -39.71 20.77
CA SER F 10 -8.74 -38.75 21.71
C SER F 10 -8.85 -37.33 21.17
N GLN F 11 -9.16 -36.39 22.06
CA GLN F 11 -9.28 -34.99 21.69
C GLN F 11 -7.94 -34.27 21.85
N THR F 12 -7.38 -33.85 20.72
CA THR F 12 -6.03 -33.28 20.69
C THR F 12 -6.03 -32.03 19.83
N SER F 13 -4.84 -31.48 19.58
CA SER F 13 -4.69 -30.30 18.74
C SER F 13 -3.52 -30.36 17.77
N LEU F 14 -2.93 -31.51 17.51
CA LEU F 14 -1.81 -31.64 16.59
C LEU F 14 -2.29 -32.22 15.26
N ARG F 15 -1.35 -32.37 14.32
CA ARG F 15 -1.63 -33.01 13.04
C ARG F 15 -0.33 -33.26 12.29
N CYS F 16 -0.26 -34.37 11.56
CA CYS F 16 0.96 -34.71 10.83
C CYS F 16 1.15 -33.76 9.65
N GLY F 17 2.32 -33.13 9.60
CA GLY F 17 2.58 -32.08 8.64
C GLY F 17 2.71 -32.53 7.20
N ALA F 18 3.70 -33.39 6.92
CA ALA F 18 3.93 -33.89 5.57
C ALA F 18 3.13 -35.18 5.34
N CYS F 19 1.82 -35.06 5.49
CA CYS F 19 0.91 -36.20 5.42
C CYS F 19 -0.22 -35.87 4.45
N ILE F 20 -1.04 -36.87 4.14
CA ILE F 20 -2.03 -36.76 3.06
C ILE F 20 -3.09 -35.70 3.36
N ARG F 21 -3.89 -35.91 4.41
CA ARG F 21 -4.94 -34.95 4.75
C ARG F 21 -4.55 -34.04 5.91
N ARG F 22 -3.38 -34.26 6.50
CA ARG F 22 -3.00 -33.59 7.73
C ARG F 22 -4.09 -33.84 8.77
N PRO F 23 -4.23 -35.08 9.25
CA PRO F 23 -5.33 -35.39 10.19
C PRO F 23 -4.90 -35.20 11.64
N PHE F 24 -5.84 -35.26 12.57
CA PHE F 24 -5.54 -35.07 13.98
C PHE F 24 -4.99 -36.35 14.58
N LEU F 25 -3.75 -36.28 15.07
CA LEU F 25 -3.09 -37.40 15.73
C LEU F 25 -2.79 -36.97 17.16
N CYS F 26 -2.90 -37.91 18.11
CA CYS F 26 -2.72 -37.57 19.50
C CYS F 26 -1.22 -37.54 19.81
N CYS F 27 -0.91 -37.45 21.10
CA CYS F 27 0.49 -37.47 21.52
C CYS F 27 1.10 -38.87 21.46
N LYS F 28 0.28 -39.86 21.11
CA LYS F 28 0.77 -41.24 21.06
C LYS F 28 0.70 -41.84 19.68
N CYS F 29 0.02 -41.18 18.74
CA CYS F 29 0.13 -41.54 17.33
C CYS F 29 1.22 -40.70 16.68
N CYS F 30 1.23 -39.41 16.98
CA CYS F 30 2.22 -38.51 16.39
C CYS F 30 3.57 -38.68 17.07
N TYR F 31 3.67 -39.61 18.02
CA TYR F 31 4.97 -39.93 18.60
C TYR F 31 5.69 -40.98 17.78
N ASP F 32 4.98 -42.04 17.41
CA ASP F 32 5.59 -43.14 16.67
C ASP F 32 5.44 -43.00 15.16
N HIS F 33 4.52 -42.15 14.68
CA HIS F 33 4.40 -41.96 13.25
C HIS F 33 5.60 -41.20 12.70
N VAL F 34 6.27 -40.40 13.54
CA VAL F 34 7.34 -39.54 13.05
C VAL F 34 8.69 -40.27 13.07
N ILE F 35 8.92 -41.09 14.10
CA ILE F 35 10.22 -41.72 14.24
C ILE F 35 10.45 -42.77 13.15
N SER F 36 9.48 -43.65 12.91
CA SER F 36 9.68 -44.69 11.91
C SER F 36 9.45 -44.16 10.49
N THR F 37 8.22 -43.65 10.28
CA THR F 37 7.86 -43.04 9.00
C THR F 37 8.42 -41.64 9.01
N SER F 38 9.10 -41.24 7.95
CA SER F 38 9.75 -39.94 7.96
C SER F 38 8.78 -38.82 7.77
N HIS F 39 8.03 -38.50 8.80
CA HIS F 39 7.14 -37.37 8.71
C HIS F 39 7.70 -36.36 9.67
N LYS F 40 8.98 -36.04 9.50
CA LYS F 40 9.60 -35.12 10.47
C LYS F 40 9.02 -33.73 10.31
N LEU F 41 7.72 -33.62 10.62
CA LEU F 41 7.01 -32.35 10.62
C LEU F 41 5.66 -32.52 11.31
N VAL F 42 5.37 -31.67 12.29
CA VAL F 42 4.07 -31.65 12.95
C VAL F 42 3.54 -30.23 12.89
N LEU F 43 2.22 -30.11 12.81
CA LEU F 43 1.55 -28.83 12.70
C LEU F 43 0.65 -28.64 13.90
N SER F 44 0.79 -27.51 14.58
CA SER F 44 0.03 -27.15 15.74
C SER F 44 -0.58 -25.76 15.53
N VAL F 45 -1.09 -25.16 16.61
CA VAL F 45 -1.61 -23.79 16.59
C VAL F 45 -0.56 -22.86 15.99
N ASN F 46 0.71 -23.27 16.08
CA ASN F 46 1.82 -22.62 15.39
C ASN F 46 2.77 -23.72 14.93
N PRO F 47 3.29 -23.66 13.71
CA PRO F 47 4.13 -24.74 13.20
C PRO F 47 5.42 -24.90 14.01
N TYR F 48 5.83 -26.16 14.17
CA TYR F 48 7.08 -26.46 14.87
C TYR F 48 8.25 -26.20 13.95
N VAL F 49 8.75 -24.97 13.94
CA VAL F 49 9.86 -24.57 13.09
C VAL F 49 10.82 -23.74 13.93
N CYS F 50 11.97 -23.47 13.36
CA CYS F 50 12.90 -22.64 14.02
C CYS F 50 12.29 -21.29 14.00
N ASN F 51 12.80 -20.41 14.83
CA ASN F 51 12.30 -19.04 14.85
C ASN F 51 13.49 -18.11 15.03
N ALA F 52 14.37 -18.09 14.04
CA ALA F 52 15.56 -17.23 14.10
C ALA F 52 16.01 -16.97 12.68
N PRO F 53 16.32 -15.71 12.34
CA PRO F 53 16.67 -15.36 10.96
C PRO F 53 17.40 -16.41 10.10
N GLY F 54 16.76 -16.90 9.03
CA GLY F 54 17.44 -17.79 8.10
C GLY F 54 17.42 -19.26 8.35
N CYS F 55 17.06 -19.64 9.56
CA CYS F 55 17.11 -21.04 9.91
C CYS F 55 16.40 -21.91 8.87
N ASP F 56 16.90 -23.12 8.66
CA ASP F 56 16.26 -24.06 7.73
C ASP F 56 16.21 -25.43 8.34
N VAL F 57 16.37 -25.49 9.66
CA VAL F 57 16.22 -26.76 10.36
C VAL F 57 14.81 -26.82 10.92
N THR F 58 13.89 -27.43 10.18
CA THR F 58 12.49 -27.55 10.59
C THR F 58 12.19 -29.04 10.68
N ASP F 59 12.49 -29.59 11.84
CA ASP F 59 12.22 -30.98 12.08
C ASP F 59 11.93 -31.04 13.55
N VAL F 60 10.71 -31.33 13.92
CA VAL F 60 10.36 -31.48 15.29
C VAL F 60 11.12 -32.62 15.85
N THR F 61 12.39 -32.71 15.55
CA THR F 61 13.12 -33.83 16.02
C THR F 61 13.48 -33.35 17.35
N GLN F 62 14.76 -33.14 17.59
CA GLN F 62 15.17 -32.58 18.85
C GLN F 62 14.98 -31.10 19.08
N LEU F 63 13.93 -30.49 18.54
CA LEU F 63 13.75 -29.05 18.68
C LEU F 63 13.35 -28.78 20.13
N TYR F 64 13.90 -27.71 20.69
CA TYR F 64 13.66 -27.36 22.08
C TYR F 64 12.75 -26.15 22.15
N LEU F 65 11.73 -26.24 22.99
CA LEU F 65 10.82 -25.13 23.19
C LEU F 65 11.32 -24.24 24.33
N GLY F 66 11.72 -23.03 23.98
CA GLY F 66 12.17 -22.08 24.98
C GLY F 66 11.92 -20.66 24.52
N GLY F 67 11.87 -19.75 25.48
CA GLY F 67 11.70 -18.34 25.18
C GLY F 67 10.49 -18.06 24.30
N MET F 68 9.41 -18.81 24.52
CA MET F 68 8.15 -18.65 23.80
C MET F 68 8.25 -19.04 22.33
N SER F 69 9.24 -19.85 21.96
CA SER F 69 9.33 -20.31 20.58
C SER F 69 10.18 -21.58 20.46
N TYR F 70 10.19 -22.20 19.28
CA TYR F 70 10.87 -23.47 19.07
C TYR F 70 12.22 -23.20 18.42
N TYR F 71 13.29 -23.36 19.20
CA TYR F 71 14.65 -23.16 18.71
C TYR F 71 15.23 -24.49 18.23
N CYS F 72 16.51 -24.52 17.92
CA CYS F 72 17.11 -25.68 17.26
C CYS F 72 18.39 -26.08 17.99
N LYS F 73 18.97 -27.20 17.54
CA LYS F 73 20.19 -27.74 18.11
C LYS F 73 21.44 -27.05 17.56
N SER F 74 21.62 -27.10 16.24
CA SER F 74 22.84 -26.67 15.56
C SER F 74 23.36 -25.35 16.11
N HIS F 75 22.56 -24.29 16.00
CA HIS F 75 22.73 -23.12 16.83
C HIS F 75 21.95 -23.38 18.11
N LYS F 76 22.61 -23.27 19.26
CA LYS F 76 21.98 -23.76 20.48
C LYS F 76 21.70 -22.62 21.46
N PRO F 77 20.45 -22.15 21.53
CA PRO F 77 19.96 -21.50 22.74
C PRO F 77 19.24 -22.52 23.61
N PRO F 78 19.91 -23.61 24.03
CA PRO F 78 19.16 -24.79 24.48
C PRO F 78 18.27 -24.53 25.68
N ILE F 79 18.85 -24.13 26.83
CA ILE F 79 18.18 -23.75 28.08
C ILE F 79 16.71 -24.17 28.18
N SER F 80 16.37 -25.35 27.67
CA SER F 80 14.99 -25.81 27.62
C SER F 80 14.93 -27.33 27.45
N PHE F 81 13.76 -27.83 27.07
CA PHE F 81 13.52 -29.26 26.94
C PHE F 81 13.17 -29.61 25.51
N PRO F 82 13.47 -30.82 25.07
CA PRO F 82 13.13 -31.23 23.70
C PRO F 82 11.63 -31.40 23.52
N LEU F 83 11.19 -31.27 22.26
CA LEU F 83 9.78 -31.38 21.96
C LEU F 83 9.27 -32.82 22.03
N CYS F 84 10.08 -33.78 21.58
CA CYS F 84 9.72 -35.18 21.62
C CYS F 84 10.51 -35.88 22.73
N ALA F 85 9.79 -36.32 23.76
CA ALA F 85 10.42 -36.97 24.90
C ALA F 85 9.40 -37.69 25.76
N ASN F 86 9.78 -38.83 26.34
CA ASN F 86 8.91 -39.65 27.16
C ASN F 86 7.66 -40.01 26.37
N GLY F 87 7.88 -40.82 25.34
CA GLY F 87 6.80 -41.41 24.56
C GLY F 87 5.65 -40.50 24.21
N GLN F 88 5.91 -39.24 23.87
CA GLN F 88 4.86 -38.26 23.62
C GLN F 88 5.45 -37.10 22.85
N VAL F 89 4.57 -36.31 22.26
CA VAL F 89 4.92 -35.07 21.58
C VAL F 89 4.26 -33.92 22.32
N PHE F 90 4.97 -32.81 22.44
CA PHE F 90 4.44 -31.69 23.22
C PHE F 90 3.26 -31.06 22.51
N GLY F 91 2.32 -30.54 23.31
CA GLY F 91 1.14 -29.91 22.78
C GLY F 91 0.06 -29.91 23.84
N LEU F 92 -1.07 -29.31 23.49
CA LEU F 92 -2.21 -29.35 24.41
C LEU F 92 -2.72 -30.78 24.54
N TYR F 93 -3.45 -31.02 25.63
CA TYR F 93 -3.95 -32.36 25.96
C TYR F 93 -2.81 -33.34 26.18
N LYS F 94 -1.66 -32.84 26.66
CA LYS F 94 -0.51 -33.70 26.86
C LYS F 94 -0.71 -34.73 27.97
N ASN F 95 -1.76 -34.57 28.78
CA ASN F 95 -2.07 -35.48 29.87
C ASN F 95 -3.18 -36.46 29.52
N THR F 96 -4.23 -35.99 28.86
CA THR F 96 -5.40 -36.82 28.55
C THR F 96 -5.19 -37.52 27.20
N CYS F 97 -4.33 -38.53 27.23
CA CYS F 97 -4.00 -39.31 26.04
C CYS F 97 -4.21 -40.79 26.31
N VAL F 98 -4.62 -41.52 25.28
CA VAL F 98 -5.04 -42.92 25.40
C VAL F 98 -4.03 -43.85 24.73
N GLY F 99 -3.74 -43.63 23.46
CA GLY F 99 -2.80 -44.46 22.72
C GLY F 99 -3.51 -45.45 21.83
N SER F 100 -2.72 -46.03 20.91
CA SER F 100 -3.24 -46.97 19.93
C SER F 100 -2.35 -48.21 19.90
N ASP F 101 -2.96 -49.38 19.71
CA ASP F 101 -2.20 -50.62 19.66
C ASP F 101 -1.83 -50.98 18.22
N ASN F 102 -2.55 -50.43 17.26
CA ASN F 102 -2.21 -50.60 15.84
C ASN F 102 -1.29 -49.45 15.45
N VAL F 103 0.03 -49.68 15.57
CA VAL F 103 0.99 -48.62 15.30
C VAL F 103 1.10 -48.29 13.82
N THR F 104 1.11 -49.28 12.95
CA THR F 104 1.45 -49.11 11.54
C THR F 104 0.21 -48.84 10.69
N ASP F 105 -0.59 -47.85 11.07
CA ASP F 105 -1.66 -47.38 10.18
C ASP F 105 -1.10 -46.39 9.15
N PHE F 106 -0.56 -45.27 9.63
CA PHE F 106 0.12 -44.32 8.75
C PHE F 106 1.34 -44.96 8.12
N ASN F 107 2.07 -45.78 8.88
CA ASN F 107 3.27 -46.42 8.36
C ASN F 107 2.97 -47.30 7.16
N ALA F 108 1.72 -47.68 6.96
CA ALA F 108 1.32 -48.53 5.84
C ALA F 108 0.51 -47.80 4.78
N ILE F 109 -0.29 -46.80 5.18
CA ILE F 109 -1.18 -46.14 4.23
C ILE F 109 -0.73 -44.74 3.84
N ALA F 110 0.08 -44.07 4.65
CA ALA F 110 0.53 -42.72 4.34
C ALA F 110 1.74 -42.69 3.43
N THR F 111 2.33 -43.85 3.11
CA THR F 111 3.46 -43.93 2.20
C THR F 111 3.10 -44.58 0.87
N CYS F 112 2.22 -45.57 0.87
CA CYS F 112 1.81 -46.28 -0.34
C CYS F 112 1.01 -45.35 -1.25
N ASP F 113 0.67 -45.87 -2.43
CA ASP F 113 -0.08 -45.12 -3.43
C ASP F 113 -1.59 -45.26 -3.28
N TRP F 114 -2.07 -45.72 -2.12
CA TRP F 114 -3.49 -45.86 -1.83
C TRP F 114 -4.19 -46.74 -2.87
N THR F 115 -3.51 -47.79 -3.33
CA THR F 115 -4.08 -48.72 -4.29
C THR F 115 -3.77 -50.18 -4.01
N ASN F 116 -3.00 -50.50 -2.98
CA ASN F 116 -2.62 -51.87 -2.72
C ASN F 116 -3.78 -52.66 -2.12
N ALA F 117 -3.83 -53.95 -2.46
CA ALA F 117 -4.85 -54.86 -1.93
C ALA F 117 -4.79 -54.97 -0.42
N GLY F 118 -3.58 -55.11 0.16
CA GLY F 118 -3.47 -55.26 1.60
C GLY F 118 -4.07 -54.11 2.38
N ASP F 119 -3.83 -52.88 1.93
CA ASP F 119 -4.42 -51.72 2.59
C ASP F 119 -5.93 -51.80 2.56
N TYR F 120 -6.51 -52.16 1.41
CA TYR F 120 -7.97 -52.24 1.33
C TYR F 120 -8.52 -53.32 2.24
N ILE F 121 -7.89 -54.51 2.26
CA ILE F 121 -8.47 -55.61 3.02
C ILE F 121 -8.34 -55.36 4.52
N LEU F 122 -7.25 -54.72 4.96
CA LEU F 122 -7.19 -54.38 6.38
C LEU F 122 -8.11 -53.20 6.70
N ALA F 123 -8.42 -52.37 5.70
CA ALA F 123 -9.42 -51.33 5.90
C ALA F 123 -10.80 -51.92 6.13
N ASN F 124 -11.16 -52.97 5.38
CA ASN F 124 -12.50 -53.52 5.52
C ASN F 124 -12.68 -54.32 6.80
N THR F 125 -11.68 -54.31 7.69
CA THR F 125 -11.81 -54.94 9.01
C THR F 125 -11.59 -53.93 10.12
N CYS F 126 -11.83 -52.66 9.79
CA CYS F 126 -11.67 -51.56 10.75
C CYS F 126 -13.03 -51.15 11.30
N THR F 127 -13.08 -50.06 12.05
CA THR F 127 -14.33 -49.56 12.58
C THR F 127 -14.97 -48.61 11.56
N GLU F 128 -16.12 -48.05 11.93
CA GLU F 128 -16.89 -47.25 10.98
C GLU F 128 -16.22 -45.89 10.75
N ARG F 129 -15.73 -45.26 11.81
CA ARG F 129 -15.16 -43.93 11.66
C ARG F 129 -13.75 -43.96 11.06
N LEU F 130 -12.96 -44.98 11.42
CA LEU F 130 -11.65 -45.13 10.78
C LEU F 130 -11.81 -45.39 9.29
N LYS F 131 -12.83 -46.16 8.90
CA LYS F 131 -13.07 -46.38 7.48
C LYS F 131 -13.67 -45.15 6.80
N LEU F 132 -14.43 -44.34 7.53
CA LEU F 132 -14.88 -43.07 6.99
C LEU F 132 -13.69 -42.17 6.69
N PHE F 133 -12.72 -42.14 7.61
CA PHE F 133 -11.50 -41.38 7.37
C PHE F 133 -10.69 -41.99 6.23
N ALA F 134 -10.72 -43.31 6.09
CA ALA F 134 -10.01 -43.95 4.98
C ALA F 134 -10.64 -43.56 3.65
N ALA F 135 -11.97 -43.48 3.61
CA ALA F 135 -12.65 -43.03 2.40
C ALA F 135 -12.41 -41.52 2.18
N GLU F 136 -12.34 -40.76 3.22
CA GLU F 136 -12.01 -39.36 2.95
C GLU F 136 -10.57 -39.21 2.46
N THR F 137 -9.66 -40.08 2.91
CA THR F 137 -8.30 -40.03 2.42
C THR F 137 -8.21 -40.56 1.00
N LEU F 138 -9.14 -41.43 0.59
CA LEU F 138 -9.14 -41.86 -0.80
C LEU F 138 -9.62 -40.73 -1.72
N LYS F 139 -10.66 -39.99 -1.29
CA LYS F 139 -11.07 -38.82 -2.05
C LYS F 139 -9.98 -37.78 -2.06
N ALA F 140 -9.28 -37.62 -0.93
CA ALA F 140 -8.23 -36.61 -0.84
C ALA F 140 -7.02 -36.97 -1.66
N THR F 141 -6.69 -38.26 -1.74
CA THR F 141 -5.58 -38.67 -2.57
C THR F 141 -5.96 -38.50 -4.03
N GLU F 142 -7.20 -38.82 -4.41
CA GLU F 142 -7.63 -38.57 -5.79
C GLU F 142 -7.53 -37.10 -6.15
N GLU F 143 -7.94 -36.20 -5.24
CA GLU F 143 -7.92 -34.78 -5.56
C GLU F 143 -6.48 -34.23 -5.55
N THR F 144 -5.66 -34.65 -4.58
CA THR F 144 -4.24 -34.33 -4.59
C THR F 144 -3.56 -34.74 -5.89
N PHE F 145 -3.82 -35.95 -6.36
CA PHE F 145 -3.24 -36.37 -7.60
C PHE F 145 -3.92 -35.77 -8.78
N LYS F 146 -5.08 -35.07 -8.59
CA LYS F 146 -5.79 -34.38 -9.66
C LYS F 146 -5.03 -33.16 -10.18
N LEU F 147 -4.11 -32.62 -9.39
CA LEU F 147 -3.36 -31.46 -9.82
C LEU F 147 -1.96 -31.86 -10.25
N SER F 148 -1.76 -33.14 -10.58
CA SER F 148 -0.48 -33.60 -11.11
C SER F 148 -0.60 -34.11 -12.54
N TYR F 149 -1.52 -33.56 -13.32
CA TYR F 149 -1.88 -34.06 -14.64
C TYR F 149 -1.62 -32.96 -15.67
N GLY F 150 -2.14 -33.17 -16.88
CA GLY F 150 -1.93 -32.26 -17.98
C GLY F 150 -3.04 -31.23 -18.15
N ILE F 151 -2.81 -30.34 -19.10
CA ILE F 151 -3.68 -29.20 -19.37
C ILE F 151 -3.84 -29.08 -20.88
N ALA F 152 -5.06 -28.80 -21.34
CA ALA F 152 -5.26 -28.60 -22.77
C ALA F 152 -5.31 -27.12 -23.09
N THR F 153 -5.09 -26.79 -24.36
CA THR F 153 -5.17 -25.40 -24.78
C THR F 153 -5.36 -25.32 -26.29
N VAL F 154 -5.87 -24.17 -26.73
CA VAL F 154 -6.02 -23.85 -28.14
C VAL F 154 -5.46 -22.46 -28.37
N ARG F 155 -4.47 -22.37 -29.26
CA ARG F 155 -3.77 -21.13 -29.58
C ARG F 155 -4.08 -20.65 -30.99
N GLU F 156 -4.79 -21.45 -31.79
CA GLU F 156 -5.08 -21.16 -33.18
C GLU F 156 -6.47 -21.65 -33.51
N VAL F 157 -7.37 -20.73 -33.83
CA VAL F 157 -8.75 -21.05 -34.19
C VAL F 157 -8.79 -21.44 -35.65
N LEU F 158 -9.35 -22.60 -35.93
CA LEU F 158 -9.46 -23.12 -37.29
C LEU F 158 -10.93 -23.29 -37.66
N SER F 159 -11.17 -23.74 -38.89
CA SER F 159 -12.54 -23.96 -39.33
C SER F 159 -13.14 -25.09 -38.47
N ASP F 160 -14.47 -25.06 -38.36
CA ASP F 160 -15.19 -26.02 -37.52
C ASP F 160 -14.99 -27.44 -38.03
N ARG F 161 -15.03 -28.39 -37.09
CA ARG F 161 -14.91 -29.83 -37.30
C ARG F 161 -13.51 -30.26 -37.70
N GLU F 162 -12.53 -29.35 -37.72
CA GLU F 162 -11.14 -29.72 -38.04
C GLU F 162 -10.22 -28.80 -37.22
N LEU F 163 -9.84 -29.27 -36.05
CA LEU F 163 -8.94 -28.53 -35.18
C LEU F 163 -7.74 -29.42 -34.85
N HIS F 164 -6.88 -28.93 -33.96
CA HIS F 164 -5.72 -29.66 -33.48
C HIS F 164 -5.52 -29.41 -31.99
N LEU F 165 -5.05 -30.44 -31.29
CA LEU F 165 -4.86 -30.34 -29.84
C LEU F 165 -3.59 -31.09 -29.45
N SER F 166 -2.73 -30.41 -28.71
CA SER F 166 -1.58 -31.02 -28.06
C SER F 166 -1.74 -30.92 -26.55
N TRP F 167 -1.50 -32.05 -25.87
CA TRP F 167 -1.64 -32.07 -24.42
C TRP F 167 -0.32 -31.81 -23.71
N GLU F 168 0.68 -32.67 -23.93
CA GLU F 168 1.94 -32.54 -23.19
C GLU F 168 3.05 -33.46 -23.71
N VAL F 169 4.27 -33.24 -23.24
CA VAL F 169 5.46 -33.86 -23.81
C VAL F 169 6.27 -34.50 -22.67
N GLY F 170 6.51 -35.79 -22.77
CA GLY F 170 7.54 -36.43 -21.95
C GLY F 170 7.15 -36.71 -20.52
N LYS F 171 5.85 -36.90 -20.29
CA LYS F 171 5.37 -37.22 -18.97
C LYS F 171 4.50 -38.48 -19.06
N PRO F 172 4.27 -39.19 -17.95
CA PRO F 172 3.80 -40.57 -18.05
C PRO F 172 2.41 -40.67 -18.67
N PRO F 174 -0.86 -40.70 -20.68
CA PRO F 174 -1.94 -39.73 -20.79
C PRO F 174 -3.29 -40.30 -21.24
N PRO F 175 -3.71 -41.44 -20.67
CA PRO F 175 -5.04 -41.91 -21.06
C PRO F 175 -6.07 -41.49 -20.03
N LEU F 176 -7.29 -41.22 -20.48
CA LEU F 176 -8.34 -40.83 -19.56
C LEU F 176 -9.67 -41.11 -20.20
N ASN F 177 -10.42 -42.05 -19.67
CA ASN F 177 -11.75 -42.28 -20.18
C ASN F 177 -12.52 -41.07 -19.76
N ARG F 178 -12.65 -40.09 -20.65
CA ARG F 178 -13.39 -38.88 -20.35
C ARG F 178 -14.58 -39.46 -19.64
N ASN F 179 -14.75 -39.15 -18.38
CA ASN F 179 -15.85 -39.83 -17.69
C ASN F 179 -16.45 -38.49 -17.23
N TYR F 180 -15.69 -37.74 -16.43
CA TYR F 180 -16.04 -36.37 -16.08
C TYR F 180 -15.30 -35.43 -17.03
N VAL F 181 -16.05 -34.62 -17.77
CA VAL F 181 -15.55 -33.94 -18.96
C VAL F 181 -14.87 -32.64 -18.55
N PHE F 182 -14.19 -32.00 -19.50
CA PHE F 182 -13.24 -30.92 -19.21
C PHE F 182 -13.89 -29.56 -19.43
N THR F 183 -14.03 -28.82 -18.34
CA THR F 183 -14.58 -27.47 -18.34
C THR F 183 -13.58 -26.61 -17.56
N GLY F 184 -12.69 -25.92 -18.28
CA GLY F 184 -11.62 -25.22 -17.62
C GLY F 184 -11.88 -23.76 -17.28
N TYR F 185 -12.24 -22.97 -18.29
CA TYR F 185 -12.31 -21.49 -18.32
C TYR F 185 -11.28 -21.02 -19.34
N ARG F 186 -11.54 -19.86 -19.93
CA ARG F 186 -10.69 -19.35 -21.00
C ARG F 186 -9.92 -18.11 -20.55
N VAL F 187 -9.00 -17.67 -21.39
CA VAL F 187 -8.19 -16.47 -21.18
C VAL F 187 -8.06 -15.78 -22.53
N THR F 188 -8.11 -14.45 -22.54
CA THR F 188 -7.86 -13.72 -23.78
C THR F 188 -6.55 -12.94 -23.71
N LYS F 189 -6.42 -12.04 -22.75
CA LYS F 189 -5.12 -11.39 -22.53
C LYS F 189 -4.57 -11.59 -21.14
N ASN F 190 -5.30 -11.19 -20.09
CA ASN F 190 -4.86 -11.39 -18.72
C ASN F 190 -5.97 -11.82 -17.77
N SER F 191 -7.24 -11.74 -18.16
CA SER F 191 -8.35 -12.08 -17.29
C SER F 191 -9.04 -13.36 -17.77
N LYS F 192 -10.03 -13.78 -17.01
CA LYS F 192 -10.80 -14.99 -17.31
C LYS F 192 -12.02 -14.63 -18.15
N VAL F 193 -12.31 -15.49 -19.13
CA VAL F 193 -13.43 -15.28 -20.05
C VAL F 193 -14.27 -16.55 -20.09
N GLN F 194 -15.59 -16.37 -20.02
CA GLN F 194 -16.53 -17.48 -20.13
C GLN F 194 -16.32 -18.24 -21.44
N ILE F 195 -16.27 -19.57 -21.34
CA ILE F 195 -16.09 -20.42 -22.50
C ILE F 195 -17.21 -21.44 -22.58
N GLY F 196 -17.55 -22.06 -21.46
CA GLY F 196 -18.53 -23.12 -21.42
C GLY F 196 -17.89 -24.47 -21.15
N GLU F 197 -18.60 -25.52 -21.56
CA GLU F 197 -18.16 -26.90 -21.37
C GLU F 197 -18.06 -27.58 -22.73
N TYR F 198 -16.94 -28.26 -22.96
CA TYR F 198 -16.65 -28.90 -24.22
C TYR F 198 -16.46 -30.40 -24.00
N THR F 199 -16.69 -31.18 -25.05
CA THR F 199 -16.56 -32.63 -24.99
C THR F 199 -15.66 -33.09 -26.13
N PHE F 200 -14.58 -33.78 -25.80
CA PHE F 200 -13.64 -34.31 -26.77
C PHE F 200 -13.77 -35.82 -26.80
N GLU F 201 -14.37 -36.35 -27.86
CA GLU F 201 -14.54 -37.79 -28.03
C GLU F 201 -13.81 -38.33 -29.24
N LYS F 202 -13.99 -37.73 -30.41
CA LYS F 202 -13.33 -38.17 -31.63
C LYS F 202 -11.97 -37.45 -31.71
N GLY F 203 -10.97 -38.15 -32.22
CA GLY F 203 -9.68 -37.58 -32.54
C GLY F 203 -8.60 -38.61 -32.27
N ALA F 208 -7.08 -33.63 -40.04
CA ALA F 208 -6.35 -33.43 -38.79
C ALA F 208 -7.02 -34.18 -37.65
N VAL F 209 -7.76 -33.44 -36.81
CA VAL F 209 -8.46 -34.01 -35.68
C VAL F 209 -9.92 -33.56 -35.78
N VAL F 210 -10.85 -34.52 -35.95
CA VAL F 210 -12.27 -34.20 -36.08
C VAL F 210 -12.81 -33.79 -34.73
N TYR F 211 -13.65 -32.78 -34.75
CA TYR F 211 -14.29 -32.27 -33.56
C TYR F 211 -15.81 -32.31 -33.73
N ARG F 212 -16.48 -32.89 -32.74
CA ARG F 212 -17.93 -32.89 -32.67
C ARG F 212 -18.38 -31.68 -31.85
N GLY F 213 -19.68 -31.41 -31.87
CA GLY F 213 -20.21 -30.31 -31.09
C GLY F 213 -21.42 -30.69 -30.26
N THR F 214 -21.31 -30.63 -28.94
CA THR F 214 -22.46 -30.86 -28.08
C THR F 214 -23.40 -29.66 -28.07
N THR F 215 -22.87 -28.44 -28.08
CA THR F 215 -23.66 -27.22 -28.10
C THR F 215 -22.85 -26.15 -28.81
N THR F 216 -23.54 -25.15 -29.33
CA THR F 216 -22.89 -24.07 -30.06
C THR F 216 -22.05 -23.22 -29.11
N TYR F 217 -20.82 -22.92 -29.52
CA TYR F 217 -19.92 -22.08 -28.75
C TYR F 217 -19.11 -21.19 -29.70
N LYS F 218 -18.25 -20.35 -29.12
CA LYS F 218 -17.45 -19.39 -29.86
C LYS F 218 -16.00 -19.50 -29.39
N LEU F 219 -15.20 -20.18 -30.19
CA LEU F 219 -13.78 -20.37 -29.85
C LEU F 219 -13.03 -19.05 -29.91
N ASN F 220 -12.11 -18.86 -28.98
CA ASN F 220 -11.20 -17.72 -28.97
C ASN F 220 -9.76 -18.22 -29.02
N VAL F 221 -8.83 -17.30 -29.27
CA VAL F 221 -7.42 -17.65 -29.36
C VAL F 221 -6.84 -17.84 -27.96
N GLY F 222 -6.20 -18.99 -27.74
CA GLY F 222 -5.45 -19.23 -26.52
C GLY F 222 -6.21 -19.89 -25.39
N ASP F 223 -7.48 -20.25 -25.60
CA ASP F 223 -8.31 -20.75 -24.51
C ASP F 223 -7.73 -22.02 -23.91
N TYR F 224 -7.57 -22.03 -22.58
CA TYR F 224 -7.03 -23.17 -21.85
C TYR F 224 -8.17 -24.02 -21.29
N PHE F 225 -7.84 -25.24 -20.90
CA PHE F 225 -8.79 -26.18 -20.29
C PHE F 225 -8.07 -26.96 -19.22
N VAL F 226 -8.60 -26.87 -17.98
CA VAL F 226 -8.02 -27.61 -16.85
C VAL F 226 -9.10 -27.67 -15.78
N LEU F 227 -9.11 -28.76 -15.01
CA LEU F 227 -10.18 -29.02 -14.05
C LEU F 227 -9.72 -28.67 -12.64
N THR F 228 -10.57 -27.97 -11.90
CA THR F 228 -10.35 -27.70 -10.49
C THR F 228 -11.46 -28.37 -9.68
N SER F 229 -11.07 -29.14 -8.67
CA SER F 229 -12.02 -29.89 -7.85
C SER F 229 -11.88 -29.47 -6.40
N HIS F 230 -13.01 -29.32 -5.72
CA HIS F 230 -13.03 -28.89 -4.33
C HIS F 230 -12.59 -30.03 -3.42
N THR F 231 -12.45 -29.74 -2.13
CA THR F 231 -12.01 -30.71 -1.14
C THR F 231 -13.22 -31.19 -0.35
N VAL F 232 -13.36 -32.50 -0.21
CA VAL F 232 -14.50 -33.07 0.51
C VAL F 232 -14.43 -32.65 1.97
N MET F 233 -15.50 -32.05 2.46
CA MET F 233 -15.53 -31.56 3.83
C MET F 233 -15.77 -32.72 4.81
N PRO F 234 -15.31 -32.57 6.05
CA PRO F 234 -15.57 -33.60 7.05
C PRO F 234 -17.05 -33.78 7.31
N LEU F 235 -17.45 -35.02 7.52
CA LEU F 235 -18.84 -35.37 7.83
C LEU F 235 -18.93 -35.89 9.26
N SER F 236 -20.13 -35.85 9.82
CA SER F 236 -20.37 -36.22 11.21
C SER F 236 -21.46 -37.25 11.39
N ALA F 237 -21.45 -38.33 10.61
CA ALA F 237 -22.47 -39.36 10.74
C ALA F 237 -21.96 -40.70 10.23
N PRO F 238 -22.33 -41.80 10.88
CA PRO F 238 -21.85 -43.11 10.47
C PRO F 238 -22.47 -43.54 9.15
N THR F 239 -22.03 -44.71 8.67
CA THR F 239 -22.55 -45.24 7.41
C THR F 239 -23.66 -46.25 7.66
N LEU F 240 -23.37 -47.29 8.43
CA LEU F 240 -24.35 -48.30 8.80
C LEU F 240 -24.90 -48.02 10.19
N VAL F 241 -25.97 -48.74 10.54
CA VAL F 241 -26.63 -48.56 11.82
C VAL F 241 -26.90 -49.93 12.46
N PRO F 242 -26.81 -50.05 13.78
CA PRO F 242 -27.16 -51.31 14.44
C PRO F 242 -28.59 -51.75 14.14
N GLN F 243 -28.80 -53.06 14.19
CA GLN F 243 -30.12 -53.63 13.95
C GLN F 243 -30.96 -53.51 15.22
N GLU F 244 -32.12 -52.87 15.11
CA GLU F 244 -33.01 -52.64 16.24
C GLU F 244 -34.44 -52.55 15.71
N HIS F 245 -35.21 -53.62 15.91
CA HIS F 245 -36.59 -53.63 15.47
C HIS F 245 -37.42 -52.62 16.25
N TYR F 246 -38.24 -51.87 15.53
CA TYR F 246 -39.06 -50.85 16.15
C TYR F 246 -40.18 -51.50 16.97
N VAL F 247 -40.78 -50.69 17.85
CA VAL F 247 -41.85 -51.20 18.72
C VAL F 247 -43.03 -51.67 17.88
N ARG F 248 -43.62 -50.78 17.10
CA ARG F 248 -44.77 -51.13 16.28
C ARG F 248 -44.72 -50.22 15.04
N ILE F 249 -45.82 -50.19 14.29
CA ILE F 249 -45.92 -49.36 13.09
C ILE F 249 -46.64 -48.08 13.51
N THR F 250 -46.60 -47.79 14.82
CA THR F 250 -47.26 -46.60 15.34
C THR F 250 -46.53 -45.34 14.86
N GLY F 251 -47.31 -44.28 14.66
CA GLY F 251 -46.75 -43.04 14.16
C GLY F 251 -46.81 -42.89 12.66
N LEU F 252 -47.50 -43.78 11.97
CA LEU F 252 -47.69 -43.71 10.53
C LEU F 252 -49.16 -43.52 10.20
N TYR F 253 -49.42 -43.17 8.94
CA TYR F 253 -50.78 -42.94 8.45
C TYR F 253 -51.04 -43.92 7.31
N PRO F 254 -51.42 -45.16 7.60
CA PRO F 254 -51.71 -46.11 6.54
C PRO F 254 -52.99 -45.74 5.80
N THR F 255 -53.14 -46.30 4.61
CA THR F 255 -54.22 -45.96 3.71
C THR F 255 -55.14 -47.16 3.51
N LEU F 256 -56.43 -46.88 3.38
CA LEU F 256 -57.46 -47.90 3.23
C LEU F 256 -57.32 -48.72 1.96
N ASN F 257 -56.87 -48.10 0.87
CA ASN F 257 -56.77 -48.81 -0.40
C ASN F 257 -55.43 -49.52 -0.52
N ILE F 258 -55.45 -50.66 -1.21
CA ILE F 258 -54.28 -51.52 -1.37
C ILE F 258 -54.21 -51.98 -2.82
N SER F 259 -52.99 -52.06 -3.35
CA SER F 259 -52.81 -52.52 -4.72
C SER F 259 -53.13 -54.01 -4.83
N ASP F 260 -53.50 -54.43 -6.04
CA ASP F 260 -53.90 -55.81 -6.30
C ASP F 260 -53.15 -56.47 -7.44
N GLU F 261 -52.37 -55.71 -8.21
CA GLU F 261 -51.57 -56.32 -9.27
C GLU F 261 -50.31 -56.96 -8.72
N PHE F 262 -49.93 -56.60 -7.49
CA PHE F 262 -48.76 -57.18 -6.83
C PHE F 262 -49.23 -58.13 -5.73
N SER F 263 -48.66 -59.33 -5.70
CA SER F 263 -49.02 -60.32 -4.71
C SER F 263 -48.06 -60.35 -3.53
N SER F 264 -47.12 -59.42 -3.47
CA SER F 264 -46.11 -59.35 -2.41
C SER F 264 -45.97 -57.92 -1.90
N ASN F 265 -47.12 -57.26 -1.71
CA ASN F 265 -47.15 -55.86 -1.33
C ASN F 265 -47.54 -55.61 0.12
N VAL F 266 -48.60 -56.27 0.61
CA VAL F 266 -49.01 -56.05 2.00
C VAL F 266 -48.00 -56.70 2.95
N ALA F 267 -47.46 -57.85 2.56
CA ALA F 267 -46.46 -58.51 3.39
C ALA F 267 -45.22 -57.64 3.56
N ASN F 268 -44.71 -57.07 2.45
CA ASN F 268 -43.52 -56.24 2.55
C ASN F 268 -43.83 -54.90 3.20
N TYR F 269 -45.05 -54.40 3.06
CA TYR F 269 -45.45 -53.18 3.77
C TYR F 269 -45.44 -53.42 5.28
N GLN F 270 -46.01 -54.53 5.73
CA GLN F 270 -45.98 -54.86 7.15
C GLN F 270 -44.53 -55.10 7.61
N LYS F 271 -43.72 -55.71 6.74
CA LYS F 271 -42.33 -55.98 7.08
C LYS F 271 -41.56 -54.69 7.33
N VAL F 272 -41.62 -53.76 6.38
CA VAL F 272 -40.97 -52.45 6.57
C VAL F 272 -41.61 -51.73 7.75
N GLY F 273 -42.87 -52.04 8.06
CA GLY F 273 -43.48 -51.50 9.26
C GLY F 273 -42.80 -51.98 10.53
N MET F 274 -42.39 -53.26 10.56
CA MET F 274 -41.77 -53.83 11.77
C MET F 274 -40.28 -54.11 11.55
N GLN F 275 -39.66 -53.44 10.59
CA GLN F 275 -38.23 -53.55 10.39
C GLN F 275 -37.64 -52.15 10.26
N LYS F 276 -36.40 -51.99 10.73
CA LYS F 276 -35.76 -50.68 10.78
C LYS F 276 -34.85 -50.40 9.58
N TYR F 277 -33.85 -51.24 9.33
CA TYR F 277 -32.96 -51.06 8.20
C TYR F 277 -32.86 -52.37 7.42
N SER F 278 -32.68 -52.24 6.11
CA SER F 278 -32.69 -53.41 5.22
C SER F 278 -31.80 -53.12 4.02
N THR F 279 -31.09 -54.13 3.54
CA THR F 279 -30.28 -54.05 2.34
C THR F 279 -30.53 -55.29 1.48
N LEU F 280 -30.44 -55.12 0.17
CA LEU F 280 -30.70 -56.19 -0.78
C LEU F 280 -29.68 -56.13 -1.91
N GLN F 281 -29.76 -57.14 -2.78
CA GLN F 281 -28.92 -57.21 -3.98
C GLN F 281 -29.87 -57.18 -5.19
N GLY F 282 -30.16 -55.97 -5.64
CA GLY F 282 -31.09 -55.84 -6.75
C GLY F 282 -30.52 -55.47 -8.10
N PRO F 283 -30.82 -56.27 -9.11
CA PRO F 283 -30.38 -55.91 -10.46
C PRO F 283 -31.28 -54.82 -11.00
N PRO F 284 -30.91 -54.20 -12.13
CA PRO F 284 -31.84 -53.24 -12.71
C PRO F 284 -33.24 -53.82 -12.90
N GLY F 285 -34.26 -53.01 -12.62
CA GLY F 285 -35.63 -53.47 -12.66
C GLY F 285 -35.94 -54.52 -11.61
N THR F 286 -35.84 -54.12 -10.33
CA THR F 286 -36.12 -55.01 -9.21
C THR F 286 -36.91 -54.28 -8.13
N GLY F 287 -37.82 -53.39 -8.53
CA GLY F 287 -38.56 -52.57 -7.60
C GLY F 287 -38.23 -51.09 -7.66
N LYS F 288 -37.07 -50.73 -8.22
CA LYS F 288 -36.72 -49.32 -8.38
C LYS F 288 -37.62 -48.63 -9.40
N SER F 289 -38.28 -49.39 -10.28
CA SER F 289 -39.09 -48.81 -11.34
C SER F 289 -40.46 -48.34 -10.86
N HIS F 290 -41.16 -49.16 -10.09
CA HIS F 290 -42.56 -48.88 -9.77
C HIS F 290 -42.92 -49.02 -8.29
N PHE F 291 -42.03 -49.53 -7.44
CA PHE F 291 -42.41 -49.71 -6.04
C PHE F 291 -42.28 -48.41 -5.25
N ALA F 292 -41.42 -47.49 -5.71
CA ALA F 292 -41.32 -46.19 -5.07
C ALA F 292 -42.66 -45.45 -5.11
N ILE F 293 -43.32 -45.49 -6.26
CA ILE F 293 -44.68 -44.94 -6.35
C ILE F 293 -45.62 -45.68 -5.41
N GLY F 294 -45.43 -46.99 -5.26
CA GLY F 294 -46.27 -47.76 -4.33
C GLY F 294 -46.17 -47.25 -2.91
N LEU F 295 -44.95 -47.20 -2.37
CA LEU F 295 -44.77 -46.68 -1.02
C LEU F 295 -45.17 -45.21 -0.93
N ALA F 296 -45.10 -44.49 -2.05
CA ALA F 296 -45.54 -43.10 -2.05
C ALA F 296 -47.04 -42.99 -1.83
N LEU F 297 -47.82 -43.76 -2.58
CA LEU F 297 -49.27 -43.67 -2.46
C LEU F 297 -49.78 -44.32 -1.18
N TYR F 298 -49.17 -45.43 -0.75
CA TYR F 298 -49.63 -46.12 0.44
C TYR F 298 -49.26 -45.34 1.71
N TYR F 299 -48.09 -44.72 1.67
CA TYR F 299 -47.65 -43.93 2.81
C TYR F 299 -47.61 -42.51 2.36
N PRO F 300 -48.71 -41.77 2.56
CA PRO F 300 -48.77 -40.39 2.09
C PRO F 300 -48.01 -39.45 3.01
N SER F 301 -48.32 -39.43 4.29
CA SER F 301 -47.67 -38.54 5.24
C SER F 301 -46.18 -38.81 5.41
N ALA F 302 -45.71 -40.00 5.01
CA ALA F 302 -44.31 -40.33 5.15
C ALA F 302 -43.45 -39.44 4.27
N ARG F 303 -42.46 -38.79 4.88
CA ARG F 303 -41.53 -37.92 4.17
C ARG F 303 -40.50 -38.77 3.46
N ILE F 304 -40.81 -39.20 2.23
CA ILE F 304 -39.94 -40.03 1.44
C ILE F 304 -39.03 -39.15 0.60
N VAL F 305 -37.72 -39.34 0.74
CA VAL F 305 -36.71 -38.63 -0.03
C VAL F 305 -36.21 -39.55 -1.13
N TYR F 306 -36.18 -39.04 -2.36
CA TYR F 306 -35.71 -39.80 -3.51
C TYR F 306 -34.50 -39.13 -4.12
N THR F 307 -33.43 -39.91 -4.29
CA THR F 307 -32.23 -39.38 -4.92
C THR F 307 -31.51 -40.48 -5.67
N ALA F 308 -30.78 -40.10 -6.71
CA ALA F 308 -29.88 -40.98 -7.43
C ALA F 308 -28.50 -40.35 -7.45
N CYS F 309 -27.52 -41.11 -7.95
CA CYS F 309 -26.18 -40.55 -8.13
C CYS F 309 -26.14 -39.56 -9.30
N SER F 310 -27.12 -39.62 -10.20
CA SER F 310 -27.22 -38.70 -11.30
C SER F 310 -28.68 -38.37 -11.56
N HIS F 311 -28.93 -37.20 -12.16
CA HIS F 311 -30.30 -36.79 -12.44
C HIS F 311 -30.96 -37.69 -13.49
N ALA F 312 -30.17 -38.47 -14.23
CA ALA F 312 -30.74 -39.27 -15.31
C ALA F 312 -31.45 -40.52 -14.80
N ALA F 313 -31.03 -41.06 -13.65
CA ALA F 313 -31.80 -42.12 -13.01
C ALA F 313 -33.02 -41.58 -12.28
N VAL F 314 -32.98 -40.30 -11.89
CA VAL F 314 -34.17 -39.65 -11.37
C VAL F 314 -35.18 -39.44 -12.48
N ASP F 315 -34.71 -39.13 -13.69
CA ASP F 315 -35.59 -38.94 -14.84
C ASP F 315 -36.43 -40.19 -15.10
N ALA F 316 -35.87 -41.38 -14.85
CA ALA F 316 -36.60 -42.62 -15.11
C ALA F 316 -37.90 -42.69 -14.33
N LEU F 317 -37.90 -42.25 -13.07
CA LEU F 317 -39.12 -42.22 -12.27
C LEU F 317 -39.91 -40.93 -12.47
N CYS F 318 -39.25 -39.83 -12.82
CA CYS F 318 -39.96 -38.56 -12.97
C CYS F 318 -40.78 -38.50 -14.24
N GLU F 319 -40.37 -39.22 -15.29
CA GLU F 319 -41.13 -39.25 -16.54
C GLU F 319 -42.58 -39.64 -16.32
N LYS F 320 -42.83 -40.76 -15.63
CA LYS F 320 -44.17 -41.21 -15.33
C LYS F 320 -44.61 -40.86 -13.91
N ALA F 321 -43.80 -40.12 -13.16
CA ALA F 321 -44.17 -39.75 -11.81
C ALA F 321 -45.13 -38.57 -11.76
N LEU F 322 -45.44 -37.98 -12.91
CA LEU F 322 -46.32 -36.83 -12.96
C LEU F 322 -47.67 -37.13 -13.63
N LYS F 323 -47.83 -38.31 -14.22
CA LYS F 323 -49.11 -38.72 -14.80
C LYS F 323 -50.07 -39.27 -13.76
N TYR F 324 -49.65 -40.28 -13.01
CA TYR F 324 -50.53 -40.88 -12.02
C TYR F 324 -50.62 -40.01 -10.77
N LEU F 325 -49.58 -39.24 -10.49
CA LEU F 325 -49.47 -38.45 -9.28
C LEU F 325 -49.35 -36.99 -9.66
N PRO F 326 -49.62 -36.07 -8.72
CA PRO F 326 -49.52 -34.64 -9.04
C PRO F 326 -48.11 -34.23 -9.44
N ILE F 327 -48.03 -33.22 -10.31
CA ILE F 327 -46.75 -32.71 -10.78
C ILE F 327 -45.91 -32.19 -9.61
N ASP F 328 -46.55 -31.51 -8.65
CA ASP F 328 -45.85 -30.82 -7.57
C ASP F 328 -45.25 -31.80 -6.55
N LYS F 329 -45.37 -33.09 -6.81
CA LYS F 329 -44.96 -34.11 -5.84
C LYS F 329 -43.44 -34.29 -5.82
N CYS F 330 -42.73 -33.66 -6.73
CA CYS F 330 -41.28 -33.72 -6.73
C CYS F 330 -40.72 -32.30 -6.67
N SER F 331 -39.46 -32.21 -6.26
CA SER F 331 -38.79 -30.92 -6.13
C SER F 331 -37.29 -31.16 -6.06
N ARG F 332 -36.58 -30.66 -7.06
CA ARG F 332 -35.12 -30.76 -7.09
C ARG F 332 -34.55 -29.38 -7.37
N ILE F 333 -33.35 -29.13 -6.88
CA ILE F 333 -32.67 -27.86 -7.07
C ILE F 333 -31.67 -28.02 -8.21
N ILE F 334 -31.44 -26.93 -8.95
CA ILE F 334 -30.50 -26.90 -10.06
C ILE F 334 -29.37 -25.96 -9.69
N PRO F 335 -28.12 -26.24 -10.08
CA PRO F 335 -27.03 -25.31 -9.78
C PRO F 335 -26.86 -24.27 -10.89
N ALA F 336 -26.28 -23.14 -10.51
CA ALA F 336 -26.03 -22.05 -11.44
C ALA F 336 -24.57 -21.64 -11.44
N VAL F 340 -22.11 -33.00 -15.28
CA VAL F 340 -23.47 -33.27 -14.84
C VAL F 340 -24.46 -32.78 -15.90
N GLU F 341 -25.37 -33.66 -16.30
CA GLU F 341 -26.39 -33.34 -17.29
C GLU F 341 -27.76 -33.34 -16.62
N CYS F 342 -28.56 -32.32 -16.92
CA CYS F 342 -29.89 -32.18 -16.34
C CYS F 342 -30.81 -31.52 -17.35
N PHE F 343 -31.98 -31.09 -16.86
CA PHE F 343 -32.98 -30.42 -17.67
C PHE F 343 -34.00 -29.77 -16.75
N ASP F 344 -34.42 -28.55 -17.08
CA ASP F 344 -35.31 -27.76 -16.23
C ASP F 344 -36.79 -28.06 -16.48
N LYS F 345 -37.22 -29.29 -16.20
CA LYS F 345 -38.62 -29.64 -16.43
C LYS F 345 -39.47 -29.34 -15.19
N PHE F 346 -38.93 -29.59 -14.00
CA PHE F 346 -39.72 -29.53 -12.78
C PHE F 346 -39.73 -28.10 -12.22
N LYS F 347 -40.37 -27.94 -11.06
CA LYS F 347 -40.42 -26.66 -10.34
C LYS F 347 -39.16 -26.57 -9.47
N VAL F 348 -38.23 -25.75 -9.90
CA VAL F 348 -36.93 -25.63 -9.24
C VAL F 348 -36.99 -24.46 -8.26
N ASN F 349 -36.01 -24.41 -7.36
CA ASN F 349 -35.98 -23.42 -6.28
C ASN F 349 -37.20 -23.54 -5.37
N SER F 350 -37.53 -24.78 -5.00
CA SER F 350 -38.60 -25.06 -4.05
C SER F 350 -38.14 -26.24 -3.19
N THR F 351 -37.59 -25.94 -2.02
CA THR F 351 -37.05 -27.00 -1.16
C THR F 351 -38.04 -27.37 -0.06
N LEU F 352 -39.34 -27.16 -0.29
CA LEU F 352 -40.35 -27.52 0.70
C LEU F 352 -41.45 -28.34 0.04
N GLU F 353 -41.65 -29.57 0.51
CA GLU F 353 -42.62 -30.49 -0.05
C GLU F 353 -42.77 -31.68 0.90
N GLN F 354 -43.61 -32.64 0.53
CA GLN F 354 -43.75 -33.88 1.28
C GLN F 354 -42.89 -34.99 0.72
N TYR F 355 -42.57 -34.92 -0.58
CA TYR F 355 -41.80 -35.94 -1.28
C TYR F 355 -40.57 -35.29 -1.91
N VAL F 356 -39.84 -34.56 -1.08
CA VAL F 356 -38.73 -33.74 -1.53
C VAL F 356 -37.62 -34.64 -2.05
N PHE F 357 -37.43 -34.66 -3.37
CA PHE F 357 -36.32 -35.37 -3.97
C PHE F 357 -35.00 -34.77 -3.51
N CYS F 358 -33.90 -35.38 -3.93
CA CYS F 358 -32.59 -34.98 -3.45
C CYS F 358 -31.54 -35.28 -4.51
N THR F 359 -30.34 -34.74 -4.27
CA THR F 359 -29.21 -34.88 -5.18
C THR F 359 -27.95 -35.14 -4.37
N VAL F 360 -27.05 -35.95 -4.92
CA VAL F 360 -25.76 -36.19 -4.29
C VAL F 360 -24.95 -34.91 -4.16
N ASN F 361 -25.10 -34.00 -5.12
CA ASN F 361 -24.24 -32.82 -5.16
C ASN F 361 -24.50 -31.89 -3.98
N ALA F 362 -25.70 -31.34 -3.86
CA ALA F 362 -26.01 -30.42 -2.78
C ALA F 362 -27.52 -30.33 -2.60
N LEU F 363 -27.95 -30.19 -1.34
CA LEU F 363 -29.35 -29.99 -0.98
C LEU F 363 -29.46 -29.58 0.49
N PRO F 364 -30.31 -28.62 0.81
CA PRO F 364 -30.42 -28.15 2.20
C PRO F 364 -31.08 -29.19 3.10
N GLU F 365 -30.70 -29.14 4.38
CA GLU F 365 -31.11 -30.13 5.37
C GLU F 365 -32.27 -29.57 6.17
N THR F 366 -33.47 -30.10 5.91
CA THR F 366 -34.67 -29.69 6.65
C THR F 366 -35.28 -30.82 7.46
N THR F 367 -35.66 -31.93 6.82
CA THR F 367 -36.41 -33.00 7.49
C THR F 367 -36.52 -34.18 6.53
N ALA F 368 -36.72 -35.36 7.11
CA ALA F 368 -36.88 -36.61 6.36
C ALA F 368 -37.47 -37.64 7.28
N ASP F 369 -38.07 -38.69 6.69
CA ASP F 369 -38.65 -39.79 7.46
C ASP F 369 -38.37 -41.18 6.91
N ILE F 370 -38.10 -41.32 5.61
CA ILE F 370 -37.88 -42.63 5.00
C ILE F 370 -36.69 -42.53 4.06
N VAL F 371 -35.79 -43.50 4.15
CA VAL F 371 -34.62 -43.58 3.30
C VAL F 371 -34.91 -44.52 2.14
N VAL F 372 -34.90 -43.97 0.93
CA VAL F 372 -35.02 -44.75 -0.30
C VAL F 372 -34.15 -44.02 -1.34
N PHE F 373 -33.02 -44.62 -1.69
CA PHE F 373 -32.21 -44.11 -2.80
C PHE F 373 -32.14 -45.14 -3.92
N ASP F 374 -31.86 -44.64 -5.13
CA ASP F 374 -31.60 -45.49 -6.28
C ASP F 374 -30.15 -45.96 -6.26
N GLU F 375 -29.69 -46.57 -7.35
CA GLU F 375 -28.36 -47.16 -7.42
C GLU F 375 -27.31 -46.31 -6.71
N ILE F 376 -26.61 -46.93 -5.77
CA ILE F 376 -25.67 -46.26 -4.89
C ILE F 376 -24.29 -46.87 -5.11
N SER F 377 -24.07 -47.40 -6.31
CA SER F 377 -22.94 -48.27 -6.59
C SER F 377 -21.66 -47.50 -6.91
N MET F 378 -21.74 -46.48 -7.75
CA MET F 378 -20.56 -45.79 -8.27
C MET F 378 -20.00 -44.81 -7.25
N ALA F 379 -19.72 -45.32 -6.05
CA ALA F 379 -19.10 -44.54 -4.99
C ALA F 379 -18.80 -45.46 -3.81
N THR F 380 -17.83 -45.04 -3.00
CA THR F 380 -17.48 -45.74 -1.75
C THR F 380 -18.47 -45.32 -0.67
N ASN F 381 -18.13 -45.64 0.58
CA ASN F 381 -18.93 -45.24 1.75
C ASN F 381 -19.25 -43.75 1.76
N TYR F 382 -18.55 -42.94 0.96
CA TYR F 382 -18.79 -41.50 0.92
C TYR F 382 -20.27 -41.21 0.68
N ASP F 383 -20.89 -41.92 -0.26
CA ASP F 383 -22.29 -41.64 -0.57
C ASP F 383 -23.20 -41.95 0.61
N LEU F 384 -23.02 -43.14 1.22
CA LEU F 384 -23.84 -43.48 2.37
C LEU F 384 -23.68 -42.46 3.49
N SER F 385 -22.46 -42.00 3.70
CA SER F 385 -22.22 -41.07 4.80
C SER F 385 -22.78 -39.69 4.49
N VAL F 386 -22.66 -39.21 3.25
CA VAL F 386 -23.18 -37.90 2.91
C VAL F 386 -24.70 -37.92 2.94
N VAL F 387 -25.32 -39.06 2.64
CA VAL F 387 -26.78 -39.11 2.68
C VAL F 387 -27.30 -39.38 4.08
N ASN F 388 -26.48 -39.97 4.95
CA ASN F 388 -26.89 -40.14 6.33
C ASN F 388 -26.69 -38.86 7.14
N ALA F 389 -25.67 -38.06 6.80
CA ALA F 389 -25.47 -36.79 7.49
C ALA F 389 -26.34 -35.68 6.92
N ARG F 390 -26.61 -35.71 5.60
CA ARG F 390 -27.49 -34.71 5.02
C ARG F 390 -28.90 -34.80 5.62
N LEU F 391 -29.40 -36.02 5.80
CA LEU F 391 -30.72 -36.20 6.39
C LEU F 391 -30.75 -37.54 7.11
N ARG F 392 -31.35 -37.53 8.30
CA ARG F 392 -31.43 -38.72 9.16
C ARG F 392 -32.89 -39.13 9.27
N ALA F 393 -33.24 -40.20 8.56
CA ALA F 393 -34.61 -40.67 8.48
C ALA F 393 -34.83 -41.85 9.41
N LYS F 394 -36.09 -42.04 9.80
CA LYS F 394 -36.47 -43.11 10.71
C LYS F 394 -36.28 -44.50 10.12
N HIS F 395 -36.60 -44.70 8.85
CA HIS F 395 -36.53 -46.01 8.23
C HIS F 395 -35.55 -45.98 7.06
N TYR F 396 -34.90 -47.11 6.83
CA TYR F 396 -33.95 -47.28 5.74
C TYR F 396 -34.37 -48.45 4.87
N VAL F 397 -34.64 -48.17 3.60
CA VAL F 397 -34.89 -49.19 2.59
C VAL F 397 -33.91 -48.89 1.46
N TYR F 398 -32.79 -49.60 1.45
CA TYR F 398 -31.73 -49.35 0.47
C TYR F 398 -32.04 -50.12 -0.83
N ILE F 399 -32.60 -49.38 -1.78
CA ILE F 399 -32.86 -49.94 -3.10
C ILE F 399 -31.55 -49.98 -3.89
N GLY F 400 -31.46 -50.90 -4.84
CA GLY F 400 -30.30 -50.96 -5.72
C GLY F 400 -29.46 -52.18 -5.40
N ASP F 401 -28.14 -52.00 -5.50
CA ASP F 401 -27.18 -53.07 -5.31
C ASP F 401 -25.80 -52.47 -5.07
N PRO F 402 -25.09 -52.91 -4.03
CA PRO F 402 -23.72 -52.40 -3.80
C PRO F 402 -22.79 -52.63 -4.98
N ALA F 403 -22.88 -53.76 -5.66
CA ALA F 403 -22.05 -54.06 -6.83
C ALA F 403 -22.96 -54.09 -8.05
N GLN F 404 -23.24 -52.89 -8.58
CA GLN F 404 -24.00 -52.75 -9.81
C GLN F 404 -23.21 -52.03 -10.88
N LEU F 405 -22.73 -50.81 -10.59
CA LEU F 405 -21.88 -50.06 -11.51
C LEU F 405 -20.76 -49.44 -10.69
N PRO F 406 -19.83 -50.25 -10.20
CA PRO F 406 -18.84 -49.75 -9.23
C PRO F 406 -17.93 -48.68 -9.81
N ALA F 407 -17.51 -47.75 -8.94
CA ALA F 407 -16.56 -46.70 -9.29
C ALA F 407 -15.23 -47.31 -9.67
N PRO F 408 -14.62 -46.89 -10.77
CA PRO F 408 -13.31 -47.45 -11.15
C PRO F 408 -12.26 -47.06 -10.13
N ARG F 409 -11.52 -48.06 -9.66
CA ARG F 409 -10.54 -47.87 -8.59
C ARG F 409 -9.27 -47.21 -9.13
N THR F 410 -9.43 -45.94 -9.55
CA THR F 410 -8.38 -45.09 -10.09
C THR F 410 -7.32 -45.85 -10.89
N LEU F 411 -6.08 -45.90 -10.39
CA LEU F 411 -5.00 -46.62 -11.05
C LEU F 411 -4.97 -48.03 -10.51
N LEU F 412 -5.20 -49.00 -11.39
CA LEU F 412 -5.04 -50.39 -11.01
C LEU F 412 -3.62 -50.85 -11.31
N THR F 413 -3.02 -51.56 -10.35
CA THR F 413 -1.66 -52.08 -10.55
C THR F 413 -1.61 -53.56 -10.21
N LYS F 414 -2.46 -54.00 -9.27
CA LYS F 414 -2.46 -55.37 -8.79
C LYS F 414 -3.85 -55.95 -8.95
N GLY F 415 -4.16 -56.44 -10.16
CA GLY F 415 -5.41 -57.12 -10.43
C GLY F 415 -6.66 -56.42 -9.97
N THR F 416 -7.72 -57.19 -9.71
CA THR F 416 -8.98 -56.68 -9.21
C THR F 416 -9.43 -57.55 -8.05
N LEU F 417 -9.87 -56.92 -6.97
CA LEU F 417 -10.27 -57.65 -5.77
C LEU F 417 -11.63 -58.37 -6.01
N GLU F 418 -11.84 -59.41 -5.22
CA GLU F 418 -13.07 -60.17 -5.31
C GLU F 418 -14.21 -59.39 -4.77
N PRO F 419 -15.25 -59.23 -5.58
CA PRO F 419 -16.43 -58.52 -5.13
C PRO F 419 -16.80 -58.87 -3.71
N GLU F 420 -16.67 -60.14 -3.32
CA GLU F 420 -17.16 -60.45 -1.96
C GLU F 420 -16.63 -59.46 -0.94
N TYR F 421 -15.37 -59.03 -1.09
CA TYR F 421 -14.74 -58.13 -0.13
C TYR F 421 -14.86 -56.66 -0.57
N PHE F 422 -16.09 -56.16 -0.47
CA PHE F 422 -16.34 -54.75 -0.77
C PHE F 422 -16.16 -53.93 0.51
N ASN F 423 -16.46 -52.64 0.46
CA ASN F 423 -16.21 -51.74 1.58
C ASN F 423 -16.99 -52.15 2.83
N SER F 424 -18.32 -52.01 2.79
CA SER F 424 -19.14 -52.30 3.96
C SER F 424 -20.43 -53.06 3.68
N VAL F 425 -20.97 -53.01 2.46
CA VAL F 425 -22.35 -53.39 2.22
C VAL F 425 -22.48 -54.73 1.48
N CYS F 426 -21.38 -55.41 1.18
CA CYS F 426 -21.50 -56.68 0.49
C CYS F 426 -21.12 -57.87 1.36
N ARG F 427 -20.09 -57.73 2.19
CA ARG F 427 -19.68 -58.83 3.05
C ARG F 427 -20.61 -59.01 4.24
N LEU F 428 -21.16 -57.91 4.77
CA LEU F 428 -22.14 -58.02 5.86
C LEU F 428 -23.35 -58.87 5.43
N MET F 429 -23.83 -58.65 4.20
CA MET F 429 -25.02 -59.35 3.73
C MET F 429 -24.76 -60.84 3.61
N LYS F 430 -23.66 -61.20 2.95
CA LYS F 430 -23.31 -62.61 2.75
C LYS F 430 -22.52 -63.18 3.91
N THR F 431 -22.57 -62.53 5.08
CA THR F 431 -22.12 -63.14 6.32
C THR F 431 -23.22 -63.21 7.38
N ILE F 432 -24.29 -62.44 7.22
CA ILE F 432 -25.47 -62.58 8.05
C ILE F 432 -26.67 -63.16 7.31
N GLY F 433 -26.94 -62.71 6.09
CA GLY F 433 -28.05 -63.21 5.32
C GLY F 433 -28.96 -62.10 4.83
N PRO F 434 -29.78 -62.40 3.81
CA PRO F 434 -30.68 -61.37 3.28
C PRO F 434 -31.74 -60.99 4.29
N ASP F 435 -32.20 -59.74 4.20
CA ASP F 435 -33.22 -59.26 5.12
C ASP F 435 -34.63 -59.33 4.51
N MET F 436 -34.78 -58.89 3.27
CA MET F 436 -36.10 -58.74 2.66
C MET F 436 -36.15 -59.49 1.32
N PHE F 437 -37.36 -59.85 0.92
CA PHE F 437 -37.62 -60.49 -0.36
C PHE F 437 -38.24 -59.46 -1.30
N LEU F 438 -37.62 -59.27 -2.46
CA LEU F 438 -38.10 -58.27 -3.43
C LEU F 438 -37.60 -58.65 -4.81
N GLY F 439 -38.47 -58.54 -5.80
CA GLY F 439 -38.13 -58.87 -7.17
C GLY F 439 -39.16 -58.38 -8.17
N THR F 440 -38.70 -57.80 -9.28
CA THR F 440 -39.58 -57.30 -10.34
C THR F 440 -39.14 -57.95 -11.64
N CYS F 441 -39.71 -59.10 -11.95
CA CYS F 441 -39.36 -59.87 -13.15
C CYS F 441 -40.32 -59.55 -14.29
N ARG F 442 -40.90 -58.35 -14.25
CA ARG F 442 -41.81 -57.89 -15.28
C ARG F 442 -41.09 -57.48 -16.56
N ARG F 443 -40.23 -56.48 -16.49
CA ARG F 443 -39.40 -56.06 -17.63
C ARG F 443 -38.41 -57.13 -18.05
N CYS F 444 -37.55 -57.56 -17.13
CA CYS F 444 -36.46 -58.47 -17.48
C CYS F 444 -37.01 -59.82 -17.92
N PRO F 445 -36.36 -60.47 -18.88
CA PRO F 445 -36.75 -61.83 -19.28
C PRO F 445 -36.03 -62.86 -18.41
N ALA F 446 -36.31 -64.13 -18.69
CA ALA F 446 -35.75 -65.21 -17.89
C ALA F 446 -34.35 -65.64 -18.34
N GLU F 447 -34.04 -65.53 -19.63
CA GLU F 447 -32.73 -65.95 -20.12
C GLU F 447 -31.59 -65.27 -19.36
N ILE F 448 -31.78 -64.01 -18.95
CA ILE F 448 -30.75 -63.34 -18.14
C ILE F 448 -30.89 -63.72 -16.67
N VAL F 449 -32.13 -63.74 -16.16
CA VAL F 449 -32.37 -63.95 -14.74
C VAL F 449 -31.83 -65.30 -14.29
N ASP F 450 -31.98 -66.32 -15.12
CA ASP F 450 -31.51 -67.66 -14.77
C ASP F 450 -30.03 -67.67 -14.44
N THR F 451 -29.20 -67.14 -15.36
CA THR F 451 -27.76 -67.15 -15.12
C THR F 451 -27.37 -66.16 -14.02
N VAL F 452 -28.04 -65.01 -13.95
CA VAL F 452 -27.64 -64.02 -12.95
C VAL F 452 -27.95 -64.51 -11.55
N SER F 453 -29.04 -65.26 -11.38
CA SER F 453 -29.34 -65.85 -10.08
C SER F 453 -28.67 -67.20 -9.91
N ALA F 454 -28.05 -67.74 -10.96
CA ALA F 454 -27.19 -68.91 -10.79
C ALA F 454 -25.81 -68.54 -10.29
N LEU F 455 -25.28 -67.39 -10.70
CA LEU F 455 -23.91 -67.03 -10.34
C LEU F 455 -23.79 -66.54 -8.90
N VAL F 456 -24.50 -65.47 -8.55
CA VAL F 456 -24.27 -64.78 -7.28
C VAL F 456 -25.55 -64.66 -6.48
N TYR F 457 -26.69 -64.75 -7.16
CA TYR F 457 -27.99 -64.40 -6.56
C TYR F 457 -28.87 -65.65 -6.44
N ASP F 458 -28.26 -66.70 -5.91
CA ASP F 458 -28.92 -68.01 -5.81
C ASP F 458 -30.24 -67.90 -5.06
N ASN F 459 -31.28 -68.50 -5.65
CA ASN F 459 -32.62 -68.59 -5.07
C ASN F 459 -33.17 -67.22 -4.68
N LYS F 460 -33.16 -66.25 -5.59
CA LYS F 460 -33.70 -64.93 -5.31
C LYS F 460 -34.75 -64.49 -6.34
N LEU F 461 -34.68 -65.00 -7.56
CA LEU F 461 -35.62 -64.62 -8.61
C LEU F 461 -36.13 -65.85 -9.35
N LYS F 462 -37.36 -65.75 -9.85
CA LYS F 462 -38.04 -66.83 -10.54
C LYS F 462 -38.21 -66.51 -12.02
N ALA F 463 -38.18 -67.56 -12.84
CA ALA F 463 -38.35 -67.44 -14.29
C ALA F 463 -39.84 -67.28 -14.62
N HIS F 464 -40.27 -66.03 -14.64
CA HIS F 464 -41.69 -65.73 -14.87
C HIS F 464 -42.04 -65.77 -16.35
N LYS F 465 -41.32 -65.01 -17.17
CA LYS F 465 -41.63 -64.87 -18.58
C LYS F 465 -40.69 -65.70 -19.43
N ASP F 466 -41.20 -66.19 -20.56
CA ASP F 466 -40.47 -67.10 -21.41
C ASP F 466 -39.55 -66.33 -22.37
N LYS F 467 -38.85 -67.07 -23.24
CA LYS F 467 -37.93 -66.50 -24.20
C LYS F 467 -38.40 -66.82 -25.61
N SER F 468 -38.26 -65.84 -26.51
CA SER F 468 -38.70 -65.97 -27.89
C SER F 468 -37.62 -66.52 -28.81
N ALA F 469 -36.58 -67.15 -28.23
CA ALA F 469 -35.49 -67.78 -28.99
C ALA F 469 -34.85 -66.79 -29.96
N GLN F 470 -34.41 -65.65 -29.41
CA GLN F 470 -33.85 -64.58 -30.21
C GLN F 470 -32.39 -64.27 -29.88
N CYS F 471 -31.90 -64.67 -28.71
CA CYS F 471 -30.55 -64.34 -28.29
C CYS F 471 -29.52 -64.87 -29.29
N PHE F 472 -28.50 -64.06 -29.54
CA PHE F 472 -27.48 -64.36 -30.55
C PHE F 472 -26.23 -64.89 -29.86
N LYS F 473 -25.77 -66.06 -30.31
CA LYS F 473 -24.52 -66.64 -29.84
C LYS F 473 -23.75 -67.26 -30.99
N MET F 474 -22.46 -66.94 -31.06
N MET F 474 -22.46 -66.94 -31.05
CA MET F 474 -21.56 -67.55 -32.04
CA MET F 474 -21.56 -67.55 -32.04
C MET F 474 -20.16 -67.54 -31.43
C MET F 474 -20.16 -67.54 -31.45
N PHE F 475 -19.61 -68.72 -31.20
CA PHE F 475 -18.27 -68.82 -30.65
C PHE F 475 -17.23 -68.40 -31.69
N TYR F 476 -16.65 -67.22 -31.50
CA TYR F 476 -15.60 -66.74 -32.38
C TYR F 476 -14.42 -66.31 -31.53
N LYS F 477 -13.25 -66.90 -31.80
CA LYS F 477 -12.04 -66.56 -31.07
C LYS F 477 -11.47 -65.22 -31.55
N GLY F 478 -11.38 -65.04 -32.86
CA GLY F 478 -10.87 -63.82 -33.45
C GLY F 478 -9.36 -63.71 -33.29
N VAL F 479 -8.81 -62.64 -33.85
CA VAL F 479 -7.40 -62.31 -33.72
C VAL F 479 -7.27 -60.87 -33.26
N ILE F 480 -6.50 -60.68 -32.18
CA ILE F 480 -6.26 -59.37 -31.63
C ILE F 480 -4.93 -58.85 -32.17
N THR F 481 -4.88 -57.54 -32.42
CA THR F 481 -3.68 -56.90 -32.94
C THR F 481 -3.55 -55.54 -32.27
N HIS F 482 -2.65 -55.43 -31.29
CA HIS F 482 -2.43 -54.18 -30.58
C HIS F 482 -1.40 -53.33 -31.32
N ASP F 483 -1.40 -52.04 -31.00
CA ASP F 483 -0.48 -51.07 -31.58
C ASP F 483 0.22 -50.31 -30.45
N VAL F 484 0.92 -49.23 -30.82
CA VAL F 484 1.65 -48.45 -29.84
C VAL F 484 0.70 -47.69 -28.92
N SER F 485 -0.50 -47.32 -29.41
CA SER F 485 -1.42 -46.51 -28.61
C SER F 485 -2.87 -46.99 -28.63
N SER F 486 -3.26 -47.85 -29.55
CA SER F 486 -4.64 -48.29 -29.64
C SER F 486 -4.67 -49.67 -30.30
N ALA F 487 -5.88 -50.13 -30.65
CA ALA F 487 -6.07 -51.38 -31.37
C ALA F 487 -7.48 -51.39 -31.92
N ILE F 488 -7.63 -51.95 -33.13
CA ILE F 488 -8.92 -52.04 -33.81
C ILE F 488 -9.22 -53.50 -34.08
N ASN F 489 -10.43 -53.92 -33.74
CA ASN F 489 -10.88 -55.30 -33.91
C ASN F 489 -11.55 -55.45 -35.27
N ARG F 490 -10.93 -56.23 -36.14
CA ARG F 490 -11.50 -56.55 -37.46
C ARG F 490 -12.58 -57.63 -37.41
N PRO F 491 -12.30 -58.82 -36.84
CA PRO F 491 -13.23 -59.95 -37.03
C PRO F 491 -14.60 -59.75 -36.39
N GLN F 492 -14.63 -59.41 -35.10
CA GLN F 492 -15.88 -59.50 -34.35
C GLN F 492 -16.90 -58.45 -34.79
N ILE F 493 -16.50 -57.20 -35.03
CA ILE F 493 -17.47 -56.22 -35.51
C ILE F 493 -17.98 -56.61 -36.89
N GLY F 494 -17.10 -57.14 -37.74
CA GLY F 494 -17.53 -57.57 -39.06
C GLY F 494 -18.55 -58.69 -39.02
N VAL F 495 -18.31 -59.72 -38.20
CA VAL F 495 -19.27 -60.81 -38.11
C VAL F 495 -20.56 -60.34 -37.47
N VAL F 496 -20.47 -59.41 -36.51
CA VAL F 496 -21.69 -58.84 -35.93
C VAL F 496 -22.51 -58.15 -37.01
N ARG F 497 -21.86 -57.31 -37.83
CA ARG F 497 -22.57 -56.62 -38.91
C ARG F 497 -23.18 -57.62 -39.88
N GLU F 498 -22.43 -58.66 -40.24
CA GLU F 498 -22.96 -59.69 -41.13
C GLU F 498 -24.15 -60.42 -40.53
N PHE F 499 -24.19 -60.61 -39.21
CA PHE F 499 -25.35 -61.23 -38.58
C PHE F 499 -26.53 -60.27 -38.51
N LEU F 500 -26.26 -58.96 -38.40
CA LEU F 500 -27.36 -58.00 -38.30
C LEU F 500 -28.13 -57.87 -39.60
N THR F 501 -27.47 -57.98 -40.75
CA THR F 501 -28.13 -57.91 -42.05
C THR F 501 -29.14 -59.02 -42.27
N ARG F 502 -29.05 -60.12 -41.52
CA ARG F 502 -29.96 -61.25 -41.70
C ARG F 502 -31.34 -60.98 -41.10
N ASN F 503 -31.50 -59.89 -40.36
CA ASN F 503 -32.80 -59.51 -39.81
C ASN F 503 -33.19 -58.13 -40.34
N PRO F 504 -34.43 -57.95 -40.79
CA PRO F 504 -34.80 -56.66 -41.39
C PRO F 504 -34.94 -55.53 -40.37
N ALA F 505 -35.42 -55.84 -39.17
CA ALA F 505 -35.58 -54.83 -38.13
C ALA F 505 -34.37 -54.81 -37.19
N TRP F 506 -33.31 -54.15 -37.65
CA TRP F 506 -32.10 -53.97 -36.87
C TRP F 506 -31.48 -52.60 -37.02
N ARG F 507 -32.18 -51.63 -37.60
CA ARG F 507 -31.61 -50.28 -37.79
C ARG F 507 -32.33 -49.25 -36.94
N LYS F 508 -32.76 -49.65 -35.74
CA LYS F 508 -33.44 -48.76 -34.80
C LYS F 508 -32.81 -48.88 -33.42
N ALA F 509 -31.58 -49.39 -33.37
CA ALA F 509 -30.85 -49.59 -32.13
C ALA F 509 -29.93 -48.40 -31.88
N VAL F 510 -29.04 -48.56 -30.90
CA VAL F 510 -28.04 -47.55 -30.57
C VAL F 510 -26.66 -48.15 -30.84
N PHE F 511 -25.63 -47.32 -30.66
CA PHE F 511 -24.25 -47.73 -30.86
C PHE F 511 -23.45 -47.56 -29.58
N ILE F 512 -23.49 -48.58 -28.72
CA ILE F 512 -22.79 -48.50 -27.45
C ILE F 512 -21.65 -49.52 -27.43
N SER F 513 -20.51 -49.07 -26.89
CA SER F 513 -19.28 -49.88 -26.92
C SER F 513 -18.41 -49.56 -25.72
N PRO F 514 -17.55 -50.49 -25.32
CA PRO F 514 -16.61 -50.20 -24.21
C PRO F 514 -15.71 -49.00 -24.50
N TYR F 515 -15.32 -48.80 -25.76
CA TYR F 515 -14.44 -47.70 -26.13
C TYR F 515 -15.20 -46.73 -27.02
N ASN F 516 -15.03 -45.44 -26.74
CA ASN F 516 -15.74 -44.41 -27.50
C ASN F 516 -15.16 -44.22 -28.90
N SER F 517 -13.84 -44.30 -29.06
CA SER F 517 -13.24 -44.08 -30.36
C SER F 517 -13.64 -45.16 -31.36
N GLN F 518 -13.74 -46.40 -30.92
CA GLN F 518 -14.07 -47.51 -31.83
C GLN F 518 -15.43 -47.30 -32.47
N ASN F 519 -16.48 -47.15 -31.65
CA ASN F 519 -17.83 -46.96 -32.19
C ASN F 519 -17.94 -45.64 -32.94
N ALA F 520 -17.23 -44.60 -32.51
CA ALA F 520 -17.27 -43.34 -33.23
C ALA F 520 -16.72 -43.49 -34.65
N VAL F 521 -15.59 -44.19 -34.78
CA VAL F 521 -15.04 -44.44 -36.11
C VAL F 521 -15.97 -45.33 -36.92
N ALA F 522 -16.53 -46.37 -36.30
CA ALA F 522 -17.36 -47.32 -37.03
C ALA F 522 -18.71 -46.72 -37.43
N SER F 523 -19.12 -45.63 -36.79
CA SER F 523 -20.40 -45.00 -37.13
C SER F 523 -20.29 -44.11 -38.36
N LYS F 524 -19.07 -43.81 -38.82
CA LYS F 524 -18.92 -42.91 -39.96
C LYS F 524 -19.34 -43.58 -41.26
N ILE F 525 -19.43 -44.91 -41.28
CA ILE F 525 -19.85 -45.63 -42.47
C ILE F 525 -21.12 -46.45 -42.26
N LEU F 526 -21.67 -46.50 -41.04
CA LEU F 526 -22.99 -47.06 -40.81
C LEU F 526 -24.02 -45.97 -40.52
N GLY F 527 -23.62 -44.88 -39.87
CA GLY F 527 -24.54 -43.82 -39.55
C GLY F 527 -25.36 -44.09 -38.30
N LEU F 528 -24.68 -44.33 -37.18
CA LEU F 528 -25.37 -44.58 -35.92
C LEU F 528 -24.92 -43.57 -34.87
N PRO F 529 -25.82 -43.16 -33.96
CA PRO F 529 -25.45 -42.15 -32.98
C PRO F 529 -24.39 -42.65 -32.03
N THR F 530 -23.52 -41.74 -31.60
CA THR F 530 -22.44 -42.08 -30.69
C THR F 530 -22.97 -42.33 -29.29
N GLN F 531 -22.48 -43.38 -28.64
CA GLN F 531 -22.81 -43.67 -27.26
C GLN F 531 -21.60 -44.31 -26.59
N THR F 532 -21.57 -44.24 -25.26
CA THR F 532 -20.43 -44.71 -24.47
C THR F 532 -20.94 -45.45 -23.25
N VAL F 533 -20.00 -45.94 -22.43
CA VAL F 533 -20.37 -46.69 -21.23
C VAL F 533 -19.91 -46.02 -19.94
N ASP F 534 -20.78 -45.24 -19.28
CA ASP F 534 -20.45 -44.75 -17.94
C ASP F 534 -21.45 -45.27 -16.92
N SER F 535 -22.76 -45.11 -17.21
CA SER F 535 -23.81 -45.69 -16.38
C SER F 535 -25.12 -45.61 -17.17
N SER F 536 -25.72 -46.77 -17.44
CA SER F 536 -27.03 -46.83 -18.09
C SER F 536 -28.11 -46.65 -17.03
N GLN F 537 -28.22 -45.42 -16.54
CA GLN F 537 -29.10 -45.11 -15.42
C GLN F 537 -30.56 -45.05 -15.86
N GLY F 538 -31.38 -45.97 -15.35
CA GLY F 538 -32.81 -45.95 -15.60
C GLY F 538 -33.21 -45.84 -17.05
N SER F 539 -32.43 -46.42 -17.96
CA SER F 539 -32.63 -46.28 -19.40
C SER F 539 -32.66 -47.68 -20.00
N GLU F 540 -33.86 -48.24 -20.14
CA GLU F 540 -34.04 -49.58 -20.69
C GLU F 540 -34.65 -49.48 -22.07
N TYR F 541 -34.07 -50.20 -23.02
CA TYR F 541 -34.53 -50.22 -24.40
C TYR F 541 -34.43 -51.64 -24.94
N ASP F 542 -35.11 -51.88 -26.07
CA ASP F 542 -35.24 -53.25 -26.57
C ASP F 542 -33.98 -53.70 -27.28
N TYR F 543 -33.58 -53.00 -28.33
CA TYR F 543 -32.44 -53.40 -29.14
C TYR F 543 -31.17 -52.77 -28.62
N VAL F 544 -30.05 -53.49 -28.74
CA VAL F 544 -28.75 -53.02 -28.27
C VAL F 544 -27.67 -53.92 -28.85
N ILE F 545 -26.49 -53.35 -29.08
CA ILE F 545 -25.34 -54.09 -29.56
C ILE F 545 -24.24 -53.98 -28.50
N PHE F 546 -23.90 -55.10 -27.89
CA PHE F 546 -22.94 -55.08 -26.79
C PHE F 546 -21.58 -55.59 -27.20
N THR F 547 -20.53 -55.05 -26.60
CA THR F 547 -19.19 -55.48 -26.92
C THR F 547 -18.36 -55.45 -25.65
N GLN F 548 -17.09 -55.82 -25.75
CA GLN F 548 -16.21 -55.79 -24.60
C GLN F 548 -14.82 -55.33 -25.01
N THR F 549 -13.79 -56.03 -24.55
CA THR F 549 -12.39 -55.71 -24.93
C THR F 549 -11.88 -54.37 -24.40
N THR F 550 -10.66 -54.40 -23.87
CA THR F 550 -9.84 -55.62 -23.88
C THR F 550 -10.27 -56.57 -22.80
N GLU F 551 -10.82 -57.71 -23.21
CA GLU F 551 -11.29 -58.71 -22.26
C GLU F 551 -10.23 -59.04 -21.22
N THR F 552 -9.32 -59.94 -21.58
CA THR F 552 -8.23 -60.35 -20.68
C THR F 552 -8.11 -59.53 -19.40
N ALA F 553 -7.88 -58.22 -19.52
CA ALA F 553 -7.66 -57.40 -18.34
C ALA F 553 -8.75 -56.37 -18.06
N HIS F 554 -9.22 -55.69 -19.10
CA HIS F 554 -10.21 -54.64 -18.91
C HIS F 554 -11.64 -55.16 -18.98
N SER F 555 -11.90 -56.19 -19.79
CA SER F 555 -13.25 -56.71 -19.96
C SER F 555 -13.44 -58.07 -19.30
N CYS F 556 -12.57 -59.03 -19.57
CA CYS F 556 -12.69 -60.36 -18.98
C CYS F 556 -11.83 -60.51 -17.73
N ASN F 557 -12.25 -59.86 -16.65
CA ASN F 557 -11.61 -60.02 -15.35
C ASN F 557 -12.57 -60.56 -14.30
N VAL F 558 -13.72 -59.92 -14.11
CA VAL F 558 -14.75 -60.37 -13.19
C VAL F 558 -16.10 -59.97 -13.78
N ASN F 559 -17.20 -60.37 -13.14
CA ASN F 559 -18.52 -60.07 -13.66
C ASN F 559 -18.89 -58.62 -13.39
N ARG F 560 -18.12 -57.69 -13.94
CA ARG F 560 -18.38 -56.27 -13.73
C ARG F 560 -19.70 -55.83 -14.38
N PHE F 561 -20.17 -56.59 -15.37
CA PHE F 561 -21.35 -56.19 -16.11
C PHE F 561 -22.41 -57.27 -16.14
N ASN F 562 -22.58 -58.00 -15.04
CA ASN F 562 -23.64 -59.01 -14.97
C ASN F 562 -25.02 -58.38 -14.80
N VAL F 563 -25.18 -57.49 -13.83
CA VAL F 563 -26.45 -56.80 -13.64
C VAL F 563 -26.76 -55.91 -14.83
N ALA F 564 -25.72 -55.31 -15.43
CA ALA F 564 -25.92 -54.38 -16.55
C ALA F 564 -26.51 -55.06 -17.78
N ILE F 565 -26.49 -56.38 -17.85
CA ILE F 565 -27.12 -57.09 -18.97
C ILE F 565 -28.62 -56.81 -19.01
N THR F 566 -29.26 -56.65 -17.86
CA THR F 566 -30.70 -56.45 -17.84
C THR F 566 -31.08 -55.04 -18.27
N ARG F 567 -31.05 -54.76 -19.58
CA ARG F 567 -31.69 -53.55 -20.08
C ARG F 567 -32.81 -53.89 -21.06
N ALA F 568 -32.66 -55.00 -21.79
CA ALA F 568 -33.61 -55.40 -22.80
C ALA F 568 -34.87 -55.99 -22.16
N LYS F 569 -35.83 -56.37 -22.99
CA LYS F 569 -37.10 -56.90 -22.52
C LYS F 569 -37.45 -58.26 -23.12
N VAL F 570 -37.02 -58.54 -24.35
CA VAL F 570 -37.38 -59.79 -25.00
C VAL F 570 -36.13 -60.49 -25.53
N GLY F 571 -34.96 -59.89 -25.28
CA GLY F 571 -33.71 -60.52 -25.67
C GLY F 571 -32.57 -59.55 -25.85
N ILE F 572 -31.33 -60.01 -25.59
CA ILE F 572 -30.15 -59.18 -25.68
C ILE F 572 -29.11 -59.88 -26.54
N LEU F 573 -28.07 -59.13 -26.91
CA LEU F 573 -26.96 -59.64 -27.69
C LEU F 573 -25.68 -59.37 -26.93
N CYS F 574 -25.05 -60.45 -26.49
CA CYS F 574 -23.84 -60.37 -25.68
C CYS F 574 -22.90 -61.51 -26.04
N ILE F 575 -21.96 -61.27 -26.97
CA ILE F 575 -20.99 -62.29 -27.34
C ILE F 575 -19.92 -62.38 -26.27
N MET F 576 -19.32 -63.56 -26.14
CA MET F 576 -18.22 -63.78 -25.19
C MET F 576 -17.26 -64.78 -25.80
N SER F 577 -15.99 -64.69 -25.42
CA SER F 577 -14.94 -65.52 -25.99
C SER F 577 -14.40 -66.55 -25.01
N ASP F 578 -14.97 -66.65 -23.81
CA ASP F 578 -14.50 -67.56 -22.78
C ASP F 578 -15.50 -68.69 -22.58
N ARG F 579 -15.17 -69.60 -21.68
CA ARG F 579 -15.95 -70.81 -21.43
C ARG F 579 -16.34 -70.92 -19.94
N ASP F 580 -16.69 -69.81 -19.34
CA ASP F 580 -17.08 -69.82 -17.93
C ASP F 580 -18.51 -69.35 -17.70
N LEU F 581 -19.09 -68.62 -18.65
CA LEU F 581 -20.45 -68.09 -18.48
C LEU F 581 -21.42 -68.72 -19.47
N TYR F 582 -21.00 -69.80 -20.14
CA TYR F 582 -21.87 -70.52 -21.05
C TYR F 582 -21.91 -72.00 -20.74
N ASP F 583 -21.34 -72.45 -19.61
CA ASP F 583 -21.33 -73.86 -19.27
C ASP F 583 -22.74 -74.44 -19.17
N LYS F 584 -23.69 -73.63 -18.73
CA LYS F 584 -25.09 -74.04 -18.66
C LYS F 584 -26.03 -73.01 -19.28
N LEU F 585 -25.53 -71.84 -19.65
CA LEU F 585 -26.34 -70.85 -20.33
C LEU F 585 -26.73 -71.37 -21.71
N GLN F 586 -27.94 -71.01 -22.15
CA GLN F 586 -28.50 -71.63 -23.35
C GLN F 586 -28.80 -70.62 -24.46
N PHE F 587 -27.88 -69.70 -24.71
CA PHE F 587 -28.01 -68.85 -25.88
C PHE F 587 -27.98 -69.69 -27.15
N THR F 588 -28.90 -69.42 -28.05
CA THR F 588 -29.01 -70.15 -29.31
C THR F 588 -27.67 -70.19 -30.04
N SER F 589 -27.11 -71.39 -30.19
CA SER F 589 -25.81 -71.56 -30.83
C SER F 589 -26.02 -71.77 -32.33
N LEU F 590 -25.26 -71.04 -33.13
CA LEU F 590 -25.29 -71.20 -34.58
C LEU F 590 -23.88 -71.06 -35.14
N GLU F 591 -23.68 -71.55 -36.36
CA GLU F 591 -22.37 -71.54 -36.98
C GLU F 591 -22.27 -70.43 -38.02
N ILE F 592 -21.06 -69.91 -38.19
CA ILE F 592 -20.79 -68.83 -39.14
C ILE F 592 -21.00 -69.34 -40.56
N PRO F 593 -21.31 -68.45 -41.53
CA PRO F 593 -21.46 -68.90 -42.92
C PRO F 593 -20.13 -69.32 -43.54
N ASN G 1 -5.76 63.54 23.29
CA ASN G 1 -4.65 64.43 23.33
C ASN G 1 -3.38 63.69 23.16
N ASN G 2 -3.08 63.25 21.96
CA ASN G 2 -1.79 62.63 21.75
C ASN G 2 -0.84 63.76 21.54
N GLU G 3 0.18 63.87 22.36
CA GLU G 3 1.12 64.96 22.30
C GLU G 3 2.44 64.40 21.88
N LEU G 4 3.21 65.13 21.06
CA LEU G 4 4.49 64.64 20.56
C LEU G 4 5.63 65.07 21.48
N SER G 5 6.43 64.15 22.08
CA SER G 5 7.48 64.55 23.01
C SER G 5 6.90 65.39 24.15
N PRO G 6 6.15 64.78 25.08
CA PRO G 6 5.62 65.56 26.22
C PRO G 6 6.69 66.06 27.17
N VAL G 7 7.92 65.59 27.04
CA VAL G 7 9.07 66.12 27.77
C VAL G 7 10.14 66.48 26.75
N ALA G 8 10.82 67.60 26.98
CA ALA G 8 11.77 68.13 26.01
C ALA G 8 13.06 67.33 26.07
N LEU G 9 13.98 67.64 25.15
CA LEU G 9 15.29 67.00 25.10
C LEU G 9 16.35 68.07 25.28
N ARG G 10 17.61 67.64 25.24
CA ARG G 10 18.73 68.54 25.49
C ARG G 10 19.95 68.09 24.70
N GLN G 11 21.10 68.65 25.11
CA GLN G 11 22.42 68.29 24.61
C GLN G 11 22.67 68.81 23.20
N MET G 12 23.82 69.44 23.00
CA MET G 12 24.30 69.80 21.67
C MET G 12 25.80 69.91 21.94
N SER G 13 26.62 69.22 21.14
CA SER G 13 28.04 69.16 21.38
C SER G 13 28.73 68.42 20.23
N CYS G 14 30.06 68.41 20.28
CA CYS G 14 30.90 67.60 19.42
C CYS G 14 30.89 68.03 17.94
N ALA G 15 31.12 67.08 17.04
CA ALA G 15 31.31 67.37 15.63
C ALA G 15 30.79 66.21 14.80
N ALA G 16 31.11 66.20 13.50
CA ALA G 16 30.62 65.18 12.60
C ALA G 16 31.52 65.55 11.43
N GLY G 17 31.24 65.00 10.25
CA GLY G 17 32.05 65.30 9.09
C GLY G 17 31.38 65.77 7.82
N THR G 18 32.15 66.32 6.91
CA THR G 18 31.57 66.87 5.72
C THR G 18 32.11 66.09 4.57
N THR G 19 33.40 65.81 4.63
CA THR G 19 33.99 64.98 3.61
C THR G 19 34.03 63.60 4.19
N GLN G 20 33.37 62.66 3.52
CA GLN G 20 33.38 61.30 3.99
C GLN G 20 34.77 61.06 4.48
N THR G 21 35.74 61.47 3.69
CA THR G 21 37.12 61.31 4.09
C THR G 21 37.50 62.28 5.22
N ALA G 22 37.42 63.59 4.97
CA ALA G 22 37.87 64.58 5.96
C ALA G 22 37.38 64.39 7.37
N CYS G 23 36.25 65.01 7.70
CA CYS G 23 35.80 64.95 9.07
C CYS G 23 37.05 65.07 9.89
N THR G 24 37.99 65.89 9.43
CA THR G 24 39.28 66.01 10.10
C THR G 24 39.21 66.05 11.63
N ASP G 25 38.64 67.12 12.20
CA ASP G 25 38.43 67.12 13.63
C ASP G 25 37.14 67.84 14.03
N ASP G 26 36.62 68.68 13.13
CA ASP G 26 35.51 69.59 13.44
C ASP G 26 34.73 69.85 12.16
N ASN G 27 33.56 69.25 12.05
CA ASN G 27 32.67 69.50 10.92
C ASN G 27 31.23 69.35 11.39
N ALA G 28 30.42 70.38 11.15
CA ALA G 28 29.00 70.41 11.49
C ALA G 28 28.75 70.18 12.97
N LEU G 29 27.50 69.94 13.33
CA LEU G 29 27.09 69.81 14.73
C LEU G 29 26.04 68.71 14.85
N ALA G 30 26.08 67.99 15.97
CA ALA G 30 25.07 66.97 16.23
C ALA G 30 24.06 67.48 17.24
N TYR G 31 22.81 67.03 17.04
CA TYR G 31 21.72 67.52 17.87
C TYR G 31 20.83 66.54 18.66
N TYR G 32 20.88 66.58 19.99
CA TYR G 32 19.94 65.84 20.88
C TYR G 32 20.01 64.39 21.26
N ASN G 33 19.13 64.04 22.18
CA ASN G 33 19.05 62.68 22.68
C ASN G 33 20.33 62.04 23.03
N THR G 34 20.70 62.19 24.29
CA THR G 34 21.84 61.47 24.75
C THR G 34 21.37 60.09 24.46
N THR G 35 20.07 59.88 24.56
CA THR G 35 19.47 58.57 24.30
C THR G 35 19.82 57.66 25.43
N LYS G 36 18.83 57.38 26.25
CA LYS G 36 19.06 56.55 27.39
C LYS G 36 19.99 55.41 27.04
N GLY G 37 19.68 54.66 25.99
CA GLY G 37 20.49 53.51 25.63
C GLY G 37 21.95 53.77 25.89
N GLY G 38 22.44 54.91 25.41
CA GLY G 38 23.83 55.27 25.62
C GLY G 38 23.92 56.58 24.92
N ARG G 39 24.36 56.56 23.68
CA ARG G 39 24.31 57.80 22.89
C ARG G 39 23.76 57.57 21.49
N PHE G 40 22.60 58.16 21.21
CA PHE G 40 21.95 58.08 19.90
C PHE G 40 21.49 59.49 19.54
N VAL G 41 22.29 60.19 18.74
CA VAL G 41 21.94 61.54 18.31
C VAL G 41 20.88 61.44 17.22
N LEU G 42 19.78 62.19 17.39
CA LEU G 42 18.65 62.05 16.48
C LEU G 42 18.90 62.81 15.18
N ALA G 43 19.33 64.05 15.27
CA ALA G 43 19.42 64.90 14.08
C ALA G 43 20.75 65.63 14.03
N LEU G 44 20.97 66.30 12.90
CA LEU G 44 22.22 66.97 12.59
C LEU G 44 21.94 68.26 11.84
N LEU G 45 22.86 69.21 11.98
CA LEU G 45 22.73 70.52 11.37
C LEU G 45 24.11 70.90 10.84
N SER G 46 24.22 72.07 10.22
CA SER G 46 25.50 72.49 9.67
C SER G 46 25.47 73.99 9.43
N ASP G 47 26.65 74.60 9.47
CA ASP G 47 26.84 75.95 9.00
C ASP G 47 27.12 76.02 7.51
N LEU G 48 27.35 74.89 6.86
CA LEU G 48 27.71 74.80 5.46
C LEU G 48 26.61 74.07 4.70
N GLN G 49 26.88 73.77 3.43
CA GLN G 49 25.93 73.10 2.54
C GLN G 49 26.63 71.98 1.77
N ASP G 50 27.51 71.24 2.45
CA ASP G 50 28.18 70.11 1.82
C ASP G 50 28.58 69.07 2.87
N LEU G 51 27.83 67.98 2.94
CA LEU G 51 28.08 66.92 3.92
C LEU G 51 27.56 65.61 3.37
N LYS G 52 28.47 64.70 3.01
CA LYS G 52 28.09 63.41 2.45
C LYS G 52 28.04 62.41 3.58
N TRP G 53 29.15 62.10 4.24
CA TRP G 53 29.16 61.25 5.41
C TRP G 53 29.59 62.09 6.62
N ALA G 54 29.66 61.46 7.80
CA ALA G 54 30.07 62.16 9.00
C ALA G 54 30.54 61.18 10.06
N ARG G 55 31.83 61.23 10.41
CA ARG G 55 32.38 60.37 11.46
C ARG G 55 32.13 60.99 12.82
N PHE G 56 30.88 60.99 13.28
CA PHE G 56 30.53 61.65 14.52
C PHE G 56 31.05 60.83 15.71
N PRO G 57 31.88 61.42 16.58
CA PRO G 57 32.40 60.67 17.73
C PRO G 57 31.31 60.15 18.66
N LYS G 58 31.59 59.04 19.35
CA LYS G 58 30.64 58.43 20.27
C LYS G 58 31.46 57.81 21.40
N SER G 59 30.77 57.16 22.32
CA SER G 59 31.37 56.67 23.57
C SER G 59 32.25 55.46 23.26
N ASP G 60 32.88 54.91 24.32
CA ASP G 60 33.76 53.83 24.26
C ASP G 60 34.96 54.11 23.32
N GLY G 61 35.43 53.16 22.54
CA GLY G 61 36.68 53.30 21.87
C GLY G 61 36.32 53.29 20.41
N THR G 62 35.38 52.45 20.02
CA THR G 62 34.94 52.36 18.65
C THR G 62 33.79 53.36 18.82
N GLY G 63 34.07 54.61 18.48
CA GLY G 63 33.04 55.65 18.60
C GLY G 63 32.97 56.06 17.13
N THR G 64 34.07 55.89 16.40
CA THR G 64 34.15 56.25 14.98
C THR G 64 33.10 55.44 14.22
N ILE G 65 32.26 56.11 13.45
CA ILE G 65 31.23 55.45 12.67
C ILE G 65 30.75 56.44 11.62
N TYR G 66 30.17 55.94 10.54
CA TYR G 66 29.82 56.77 9.39
C TYR G 66 28.35 57.14 9.70
N THR G 67 28.12 58.27 10.36
CA THR G 67 26.79 58.79 10.61
C THR G 67 26.44 59.65 9.39
N GLU G 68 26.16 58.99 8.28
CA GLU G 68 25.92 59.68 7.01
C GLU G 68 24.60 60.43 7.04
N LEU G 69 24.30 61.13 5.94
CA LEU G 69 23.16 62.04 5.90
C LEU G 69 22.34 61.70 4.66
N GLU G 70 21.37 62.56 4.36
CA GLU G 70 20.47 62.39 3.22
C GLU G 70 20.11 63.77 2.67
N PRO G 71 19.36 63.87 1.57
CA PRO G 71 18.93 65.18 1.07
C PRO G 71 18.35 66.05 2.17
N PRO G 72 18.84 67.28 2.32
CA PRO G 72 18.41 68.11 3.45
C PRO G 72 17.18 68.95 3.18
N CYS G 73 16.85 69.79 4.18
CA CYS G 73 15.83 70.83 4.07
C CYS G 73 16.28 72.03 4.90
N ARG G 74 16.47 73.17 4.27
CA ARG G 74 17.04 74.32 4.96
C ARG G 74 15.94 75.26 5.45
N PHE G 75 16.27 76.03 6.47
CA PHE G 75 15.35 77.00 7.06
C PHE G 75 16.10 78.29 7.34
N VAL G 76 15.35 79.39 7.44
CA VAL G 76 15.95 80.66 7.81
C VAL G 76 16.61 80.58 9.18
N THR G 77 15.99 79.86 10.12
CA THR G 77 16.54 79.60 11.46
C THR G 77 17.13 80.85 12.10
N ASP G 78 16.38 81.94 12.09
CA ASP G 78 16.83 83.21 12.62
C ASP G 78 17.34 83.07 14.05
N THR G 79 18.64 83.27 14.23
CA THR G 79 19.22 83.34 15.57
C THR G 79 18.69 84.60 16.23
N PRO G 80 18.45 84.59 17.56
CA PRO G 80 17.98 85.81 18.23
C PRO G 80 18.90 87.00 17.99
N LYS G 81 20.20 86.73 17.90
CA LYS G 81 21.18 87.76 17.60
C LYS G 81 21.00 88.31 16.19
N GLY G 82 20.71 87.43 15.23
CA GLY G 82 20.48 87.84 13.85
C GLY G 82 20.22 86.68 12.92
N PRO G 83 20.22 86.95 11.61
CA PRO G 83 19.93 85.88 10.65
C PRO G 83 21.09 84.92 10.45
N LYS G 84 20.80 83.65 10.20
CA LYS G 84 21.83 82.66 9.96
C LYS G 84 21.25 81.42 9.27
N VAL G 85 21.73 81.12 8.06
CA VAL G 85 21.18 80.01 7.30
C VAL G 85 21.83 78.70 7.77
N LYS G 86 20.99 77.68 7.95
CA LYS G 86 21.46 76.39 8.48
C LYS G 86 20.71 75.28 7.74
N TYR G 87 21.47 74.45 7.02
CA TYR G 87 20.89 73.31 6.31
C TYR G 87 20.79 72.11 7.23
N LEU G 88 19.59 71.55 7.36
CA LEU G 88 19.31 70.44 8.27
C LEU G 88 19.24 69.12 7.49
N TYR G 89 20.32 68.36 7.53
CA TYR G 89 20.27 66.95 7.18
C TYR G 89 19.85 66.14 8.39
N PHE G 90 19.05 65.10 8.16
CA PHE G 90 18.63 64.20 9.21
C PHE G 90 19.50 62.94 9.16
N ILE G 91 19.73 62.35 10.33
CA ILE G 91 20.48 61.10 10.43
C ILE G 91 19.84 60.08 9.49
N LYS G 92 20.65 59.43 8.66
CA LYS G 92 20.13 58.46 7.70
C LYS G 92 19.40 57.34 8.43
N GLY G 93 18.16 57.08 8.03
CA GLY G 93 17.37 56.03 8.64
C GLY G 93 16.51 56.45 9.80
N LEU G 94 16.26 57.74 9.96
CA LEU G 94 15.40 58.21 11.05
C LEU G 94 13.94 57.96 10.72
N ASN G 95 13.15 57.68 11.75
CA ASN G 95 11.74 57.40 11.57
C ASN G 95 10.89 58.60 11.98
N ASN G 96 9.66 58.63 11.48
CA ASN G 96 8.81 59.81 11.54
C ASN G 96 8.55 60.30 12.97
N LEU G 97 8.70 59.44 13.96
CA LEU G 97 8.50 59.90 15.33
C LEU G 97 9.66 60.76 15.80
N ASN G 98 10.90 60.31 15.56
CA ASN G 98 12.06 61.06 16.00
C ASN G 98 12.17 62.40 15.30
N ARG G 99 11.89 62.43 14.00
CA ARG G 99 11.86 63.70 13.27
C ARG G 99 10.75 64.59 13.71
N GLY G 100 9.81 64.09 14.51
CA GLY G 100 8.78 64.93 15.06
C GLY G 100 9.24 65.60 16.33
N MET G 101 9.87 64.82 17.22
CA MET G 101 10.43 65.39 18.44
C MET G 101 11.49 66.43 18.12
N VAL G 102 12.40 66.11 17.21
CA VAL G 102 13.47 67.03 16.84
C VAL G 102 12.89 68.34 16.34
N LEU G 103 12.00 68.26 15.34
CA LEU G 103 11.37 69.43 14.75
C LEU G 103 10.60 70.23 15.78
N GLY G 104 9.90 69.55 16.69
CA GLY G 104 9.14 70.25 17.72
C GLY G 104 10.00 71.02 18.67
N SER G 105 11.16 70.46 19.03
CA SER G 105 12.05 71.10 19.98
C SER G 105 12.80 72.30 19.40
N LEU G 106 13.32 72.18 18.16
CA LEU G 106 14.18 73.23 17.63
C LEU G 106 13.40 74.28 16.85
N ALA G 107 12.06 74.18 16.83
CA ALA G 107 11.26 75.18 16.13
C ALA G 107 10.33 75.91 17.09
N ALA G 108 9.57 75.15 17.89
CA ALA G 108 8.60 75.74 18.80
C ALA G 108 9.28 76.43 19.97
N THR G 109 10.43 75.89 20.40
CA THR G 109 11.18 76.46 21.51
C THR G 109 12.33 77.35 21.04
N VAL G 110 12.54 77.47 19.73
CA VAL G 110 13.63 78.28 19.18
C VAL G 110 12.96 79.31 18.27
N ARG G 111 13.73 80.28 17.77
CA ARG G 111 13.20 81.39 16.97
C ARG G 111 13.33 81.01 15.48
N LEU G 112 12.22 80.57 14.90
CA LEU G 112 12.14 80.26 13.48
C LEU G 112 10.85 80.82 12.90
N GLN G 113 10.95 81.33 11.67
CA GLN G 113 9.79 81.88 10.99
C GLN G 113 9.58 81.20 9.66
#